data_7YVO
#
_entry.id   7YVO
#
_cell.length_a   1.00
_cell.length_b   1.00
_cell.length_c   1.00
_cell.angle_alpha   90.00
_cell.angle_beta   90.00
_cell.angle_gamma   90.00
#
_symmetry.space_group_name_H-M   'P 1'
#
loop_
_entity.id
_entity.type
_entity.pdbx_description
1 polymer 'Spike glycoprotein'
2 polymer 'TH132 Fab light chain'
3 polymer 'TH132 Fab heavy chain'
4 polymer 'TH27 Fab light chain'
5 polymer 'TH27 Fab heavy chain'
6 non-polymer 2-acetamido-2-deoxy-beta-D-glucopyranose
#
loop_
_entity_poly.entity_id
_entity_poly.type
_entity_poly.pdbx_seq_one_letter_code
_entity_poly.pdbx_strand_id
1 'polypeptide(L)'
;MFVFLVLLPLVSSQCVNLITRTQLPPAYTNSFTRGVYYPDKVFRSSVLHSTQDLFLPFFSNVTWFHAIHVSGTNGTKRFD
NPVLPFNDGVYFASTEKSNIIRGWIFGTTLDSKTQSLLIVNNATNVVIKVCEFQFCNDPFLDVYYHKNNKSWMESEFRVY
SSANNCTFEYVSQPFLMDLEGKQGNFKNLREFVFKNIDGYFKIYSKHTPINLGRDLPQGFSALEPLVDLPIGINITRFQT
LLALHRSYLTPGDSSSGWTAGAAAYYVGYLQPRTFLLKYNENGTITDAVDCALDPLSETKCTLKSFTVEKGIYQTSNFRV
QPTESIVRFPNITNLCPFDEVFNATRFASVYAWNRKRISNCVADYSVLYNFAPFFAFKCYGVSPTKLNDLCFTNVYADSF
VIRGNEVSQIAPGQTGNIADYNYKLPDDFTGCVIAWNSNKLDSKVGGNYNYRYRLFRKSNLKPFERDISTEIYQAGNKPC
NGVAGVNCYFPLQSYGFRPTYGVGHQPYRVVVLSFELLHAPATVCGPKKSTNLVKNKCVNFNFNGLTGTGVLTESNKKFL
PFQQFGRDIADTTDAVRDPQTLEILDITPCSFGGVSVITPGTNTSNQVAVLYQGVNCTEVPVAIHADQLTPTWRVYSTGS
NVFQTRAGCLIGAEYVNSSYECDIPIGAGICASYQTQTKSHGSASSVASQSIIAYTMSLGAENSVAYSNNSIAIPTNFTI
SVTTEILPVSMTKTSVDCTMYICGDSTECSNLLLQYGSFCTQLKRALTGIAVEQDKNTQEVFAQVKQIYKTPPIKYFGGF
NFSQILPDPSKPSKRSPIEDLLFNKVTLADAGFIKQYGDCLGDIAARDLICAQKFNGLTVLPPLLTDEMIAQYTSALLAG
TITSGWTFGAGPALQIPFPMQMAYRFNGIGVTQNVLYENQKLIANQFNSAIGKIQDSLSSTPSALGKLQDVVNHNAQALN
TLVKQLSSKFGAISSVLNDILSRLDPPEAEVQIDRLITGRLQSLQTYVTQQLIRAAEIRASANLAATKMSECVLGQSKRV
DFCGKGYHLMSFPQSAPHGVVFLHVTYVPAQEKNFTTAPAICHDGKAHFPREGVFVSNGTHWFVTQRNFYEPQIITTDNT
FVSGNCDVVIGIVNNTVYDPLQPELDSFKEELDKYFKNHTSPDVDLGDISGINASVVNIQKEIDRLNEVAKNLNESLIDL
QELGKYEQGSGYIPEAPRDGQAYVRKDGEWVFLSTFLSGLEVLFQGPGGWSHPQFEKGGGSGGGSGGSAWSHPQFEKGGS
HHHHHHHH
;
A,B,C
2 'polypeptide(L)'
;ERVMTQSPATLSVSPGERATLSCRASESVSSDLAWYQQKPGQAPRLLIYGASTRATGIPARFSGSGSGTEFTLTISSLQS
EDSAVYYCQQYNNWPPGYTFGQGTKLEIK
;
H,J
3 'polypeptide(L)'
;EVQLVESGGGLVQPGGSLRLSCAASGITVSRNYMSWVRQAPGKGLEWVSVMFAGGSTFYADSVKGRFTISRDNSKNTLYL
QMNSLRAEDTAVYYCARDLGVVGATDYWGQGTLVTVSS
;
I,K
4 'polypeptide(L)'
;QSVLTQSPSASGTPGQRVTISCSGSRSNIGSNFVYWFHQLPGTAPKLLIHSNDQRPSGVPDRFSGSNSGTSASLAISGLR
SEDEADYYCAAWDDSLSSWVFGGGTKLTVL
;
L,N
5 'polypeptide(L)'
;QITLKESGLTLVRPTQTLTLTCTFSGFSLINSGVGVGWIRQPPGKALEWLALIYWDDDKRYNPSLRSRLTISKATSKNQV
VLTMTNMDPVDTATYYCTHRGPGHNTPIYFEFWGQGALVTVSS
;
M,O
#
loop_
_chem_comp.id
_chem_comp.type
_chem_comp.name
_chem_comp.formula
NAG D-saccharide, beta linking 2-acetamido-2-deoxy-beta-D-glucopyranose 'C8 H15 N O6'
#
# COMPACT_ATOMS: atom_id res chain seq x y z
N ALA A 27 8.77 38.51 -31.65
CA ALA A 27 7.41 38.99 -31.50
C ALA A 27 6.61 38.06 -30.59
N TYR A 28 5.29 38.26 -30.54
CA TYR A 28 4.43 37.43 -29.72
C TYR A 28 3.04 37.41 -30.32
N THR A 29 2.30 36.34 -30.03
CA THR A 29 0.93 36.27 -30.49
C THR A 29 0.22 35.18 -29.70
N ASN A 30 -0.97 35.48 -29.22
CA ASN A 30 -1.72 34.51 -28.45
C ASN A 30 -2.13 33.37 -29.36
N SER A 31 -2.01 32.16 -28.87
CA SER A 31 -2.47 31.02 -29.62
C SER A 31 -3.93 30.80 -29.34
N PHE A 32 -4.73 30.81 -30.39
CA PHE A 32 -6.17 30.63 -30.25
C PHE A 32 -6.45 29.16 -30.06
N THR A 33 -7.67 28.73 -30.34
CA THR A 33 -8.02 27.33 -30.11
C THR A 33 -7.41 26.46 -31.19
N ARG A 34 -6.13 26.17 -31.02
CA ARG A 34 -5.36 25.36 -31.95
C ARG A 34 -4.53 24.40 -31.15
N GLY A 35 -3.86 23.48 -31.81
CA GLY A 35 -2.96 22.57 -31.13
C GLY A 35 -3.55 21.30 -30.56
N VAL A 36 -4.87 21.11 -30.62
CA VAL A 36 -5.44 19.88 -30.11
C VAL A 36 -5.15 18.70 -31.05
N TYR A 37 -4.94 17.53 -30.48
CA TYR A 37 -4.61 16.37 -31.29
C TYR A 37 -5.25 15.12 -30.71
N TYR A 38 -5.41 14.12 -31.55
CA TYR A 38 -5.97 12.86 -31.09
C TYR A 38 -4.98 12.13 -30.21
N PRO A 39 -5.25 11.94 -28.97
CA PRO A 39 -4.22 11.40 -28.08
C PRO A 39 -4.14 9.88 -28.00
N ASP A 40 -5.19 9.14 -28.33
CA ASP A 40 -5.17 7.72 -28.01
C ASP A 40 -5.54 6.77 -29.13
N LYS A 41 -5.73 7.25 -30.35
CA LYS A 41 -6.06 6.42 -31.52
C LYS A 41 -7.19 5.43 -31.23
N VAL A 42 -8.13 5.82 -30.41
CA VAL A 42 -9.26 4.96 -30.10
C VAL A 42 -10.52 5.62 -30.61
N PHE A 43 -11.34 4.87 -31.32
CA PHE A 43 -12.53 5.45 -31.89
C PHE A 43 -13.59 5.63 -30.85
N ARG A 44 -14.27 6.78 -30.89
CA ARG A 44 -15.41 7.07 -30.04
C ARG A 44 -16.37 7.90 -30.83
N SER A 45 -17.66 7.72 -30.61
CA SER A 45 -18.66 8.36 -31.44
C SER A 45 -19.61 9.18 -30.59
N SER A 46 -19.80 10.44 -30.99
CA SER A 46 -20.78 11.30 -30.35
C SER A 46 -20.68 11.24 -28.83
N VAL A 47 -19.51 11.61 -28.31
CA VAL A 47 -19.30 11.51 -26.87
C VAL A 47 -18.30 12.55 -26.40
N LEU A 48 -18.37 12.87 -25.12
CA LEU A 48 -17.45 13.80 -24.50
C LEU A 48 -16.45 13.03 -23.68
N HIS A 49 -15.19 13.43 -23.73
CA HIS A 49 -14.19 12.69 -23.00
C HIS A 49 -13.20 13.65 -22.35
N SER A 50 -12.83 13.38 -21.11
CA SER A 50 -11.88 14.23 -20.41
C SER A 50 -10.55 13.52 -20.27
N THR A 51 -9.47 14.20 -20.64
CA THR A 51 -8.15 13.59 -20.64
C THR A 51 -7.12 14.52 -20.03
N GLN A 52 -6.19 13.99 -19.25
CA GLN A 52 -5.10 14.80 -18.71
C GLN A 52 -3.82 14.53 -19.50
N ASP A 53 -3.38 15.49 -20.28
CA ASP A 53 -2.20 15.28 -21.09
C ASP A 53 -1.55 16.62 -21.40
N LEU A 54 -0.46 16.58 -22.13
CA LEU A 54 0.29 17.79 -22.47
C LEU A 54 -0.34 18.48 -23.65
N PHE A 55 -1.03 19.56 -23.41
CA PHE A 55 -1.67 20.30 -24.47
C PHE A 55 -1.12 21.72 -24.57
N LEU A 56 -1.54 22.41 -25.62
CA LEU A 56 -1.21 23.82 -25.76
C LEU A 56 -2.33 24.64 -25.17
N PRO A 57 -2.13 25.29 -24.04
CA PRO A 57 -3.21 26.07 -23.43
C PRO A 57 -3.77 27.10 -24.38
N PHE A 58 -5.08 27.24 -24.36
CA PHE A 58 -5.68 28.20 -25.26
C PHE A 58 -5.30 29.61 -24.89
N PHE A 59 -5.31 30.48 -25.90
CA PHE A 59 -5.07 31.89 -25.71
C PHE A 59 -3.71 32.16 -25.08
N SER A 60 -2.77 31.27 -25.29
CA SER A 60 -1.44 31.52 -24.79
C SER A 60 -0.62 32.15 -25.90
N ASN A 61 0.31 33.01 -25.53
CA ASN A 61 1.11 33.67 -26.54
C ASN A 61 2.17 32.71 -27.05
N VAL A 62 2.52 32.83 -28.32
CA VAL A 62 3.49 31.94 -28.91
C VAL A 62 4.50 32.78 -29.65
N THR A 63 5.76 32.37 -29.60
CA THR A 63 6.80 33.11 -30.30
C THR A 63 6.64 33.03 -31.80
N TRP A 64 6.97 34.11 -32.48
CA TRP A 64 6.76 34.21 -33.91
C TRP A 64 8.10 34.53 -34.57
N PHE A 65 8.46 33.83 -35.63
CA PHE A 65 9.72 34.11 -36.30
C PHE A 65 9.50 34.22 -37.80
N HIS A 66 10.43 34.91 -38.43
CA HIS A 66 10.36 35.17 -39.85
C HIS A 66 11.50 34.50 -40.62
N ALA A 67 11.18 34.15 -41.87
CA ALA A 67 12.09 33.45 -42.76
C ALA A 67 12.57 34.42 -43.81
N ILE A 68 13.27 35.47 -43.37
CA ILE A 68 13.85 36.42 -44.31
C ILE A 68 15.35 36.19 -44.32
N HIS A 69 16.02 36.48 -43.21
CA HIS A 69 17.42 36.13 -43.08
C HIS A 69 17.74 36.15 -41.59
N VAL A 70 18.68 35.30 -41.21
CA VAL A 70 19.21 35.18 -39.86
C VAL A 70 18.34 35.76 -38.74
N ASP A 80 21.60 31.38 -38.63
CA ASP A 80 20.44 32.15 -39.02
C ASP A 80 19.29 32.02 -38.01
N ASN A 81 19.06 30.81 -37.48
CA ASN A 81 17.95 30.63 -36.57
C ASN A 81 18.49 30.13 -35.25
N PRO A 82 18.05 30.71 -34.15
CA PRO A 82 18.56 30.32 -32.84
C PRO A 82 18.00 29.00 -32.35
N VAL A 83 18.73 28.40 -31.42
CA VAL A 83 18.35 27.13 -30.85
C VAL A 83 17.27 27.40 -29.80
N LEU A 84 16.26 26.56 -29.74
CA LEU A 84 15.17 26.71 -28.79
C LEU A 84 15.09 25.46 -27.94
N PRO A 85 14.95 25.57 -26.64
CA PRO A 85 14.95 24.35 -25.82
C PRO A 85 13.69 23.54 -26.04
N PHE A 86 13.80 22.24 -25.80
CA PHE A 86 12.69 21.29 -25.90
C PHE A 86 12.22 20.94 -24.50
N ASN A 87 11.41 21.82 -23.91
CA ASN A 87 11.04 21.60 -22.52
C ASN A 87 10.30 20.27 -22.40
N ASP A 88 9.16 20.17 -23.04
CA ASP A 88 8.35 18.95 -22.98
C ASP A 88 7.68 18.63 -24.31
N GLY A 89 7.71 19.51 -25.29
CA GLY A 89 6.97 19.27 -26.50
C GLY A 89 6.70 20.56 -27.22
N VAL A 90 6.77 20.55 -28.53
CA VAL A 90 6.73 21.78 -29.29
C VAL A 90 5.60 21.73 -30.28
N TYR A 91 4.92 22.84 -30.42
CA TYR A 91 3.87 23.00 -31.41
C TYR A 91 4.40 23.96 -32.46
N PHE A 92 4.71 23.44 -33.61
CA PHE A 92 5.35 24.17 -34.70
C PHE A 92 4.39 24.44 -35.84
N ALA A 93 4.01 25.68 -36.05
CA ALA A 93 3.16 25.98 -37.18
C ALA A 93 3.90 26.82 -38.20
N SER A 94 3.57 26.65 -39.47
CA SER A 94 4.26 27.42 -40.51
C SER A 94 3.33 27.78 -41.65
N THR A 95 3.32 29.05 -42.01
CA THR A 95 2.56 29.50 -43.16
C THR A 95 3.54 29.97 -44.23
N GLU A 96 3.64 29.19 -45.30
CA GLU A 96 4.62 29.50 -46.33
C GLU A 96 4.05 28.97 -47.65
N LYS A 97 4.65 29.43 -48.74
CA LYS A 97 4.20 29.02 -50.06
C LYS A 97 5.35 28.67 -51.00
N SER A 98 6.53 28.33 -50.47
CA SER A 98 7.65 28.01 -51.34
C SER A 98 8.47 26.81 -50.89
N ASN A 99 8.00 26.03 -49.91
CA ASN A 99 8.74 24.89 -49.40
C ASN A 99 10.13 25.30 -48.93
N ILE A 100 10.16 26.42 -48.20
CA ILE A 100 11.41 26.96 -47.70
C ILE A 100 11.86 26.28 -46.41
N ILE A 101 10.93 25.77 -45.62
CA ILE A 101 11.24 25.07 -44.38
C ILE A 101 11.21 23.58 -44.63
N ARG A 102 12.31 22.89 -44.32
CA ARG A 102 12.43 21.53 -44.79
C ARG A 102 12.86 20.50 -43.76
N GLY A 103 13.16 20.87 -42.51
CA GLY A 103 13.58 19.83 -41.59
C GLY A 103 13.90 20.35 -40.20
N TRP A 104 14.40 19.44 -39.36
CA TRP A 104 14.72 19.72 -37.97
C TRP A 104 15.98 18.98 -37.55
N ILE A 105 16.51 19.39 -36.41
CA ILE A 105 17.65 18.73 -35.80
C ILE A 105 17.48 18.76 -34.30
N PHE A 106 17.63 17.63 -33.66
CA PHE A 106 17.44 17.57 -32.23
C PHE A 106 18.60 16.90 -31.56
N GLY A 107 18.61 16.99 -30.25
CA GLY A 107 19.63 16.34 -29.45
C GLY A 107 19.99 17.14 -28.23
N THR A 108 20.89 16.53 -27.44
CA THR A 108 21.49 17.13 -26.25
C THR A 108 22.72 17.97 -26.58
N THR A 109 23.23 17.87 -27.79
CA THR A 109 24.36 18.66 -28.23
C THR A 109 24.50 18.50 -29.73
N LEU A 110 25.07 19.50 -30.38
CA LEU A 110 25.31 19.44 -31.82
C LEU A 110 26.58 18.68 -32.19
N ASP A 111 27.42 18.36 -31.22
CA ASP A 111 28.64 17.66 -31.58
C ASP A 111 28.32 16.18 -31.76
N SER A 112 29.29 15.46 -32.30
CA SER A 112 29.08 14.04 -32.51
C SER A 112 29.25 13.25 -31.24
N LYS A 113 29.40 13.95 -30.11
CA LYS A 113 29.61 13.34 -28.81
C LYS A 113 28.41 12.55 -28.30
N THR A 114 27.25 12.63 -28.96
CA THR A 114 26.07 11.89 -28.53
C THR A 114 25.25 11.52 -29.75
N GLN A 115 24.47 10.45 -29.64
CA GLN A 115 23.70 10.00 -30.80
C GLN A 115 22.54 10.96 -30.97
N SER A 116 22.85 12.14 -31.49
CA SER A 116 21.88 13.17 -31.77
C SER A 116 20.92 12.71 -32.86
N LEU A 117 19.90 13.51 -33.13
CA LEU A 117 18.87 13.09 -34.06
C LEU A 117 18.74 14.10 -35.19
N LEU A 118 18.36 13.62 -36.36
CA LEU A 118 18.20 14.48 -37.52
C LEU A 118 16.94 14.07 -38.25
N ILE A 119 16.17 15.04 -38.71
CA ILE A 119 14.99 14.76 -39.53
C ILE A 119 14.99 15.66 -40.75
N VAL A 120 15.01 15.06 -41.94
CA VAL A 120 15.12 15.84 -43.15
C VAL A 120 14.09 15.43 -44.18
N ASN A 121 13.29 16.38 -44.60
CA ASN A 121 12.34 16.15 -45.67
C ASN A 121 13.06 16.44 -46.97
N ASN A 122 12.40 16.16 -48.08
CA ASN A 122 13.02 16.33 -49.39
C ASN A 122 11.90 16.36 -50.41
N ALA A 123 12.26 16.63 -51.65
CA ALA A 123 11.27 16.68 -52.70
C ALA A 123 10.65 15.33 -52.95
N THR A 124 11.33 14.27 -52.55
CA THR A 124 10.87 12.92 -52.81
C THR A 124 10.28 12.23 -51.60
N ASN A 125 10.85 12.42 -50.42
CA ASN A 125 10.45 11.63 -49.27
C ASN A 125 11.05 12.23 -48.01
N VAL A 126 10.63 11.70 -46.91
CA VAL A 126 11.21 12.02 -45.63
C VAL A 126 12.28 11.02 -45.29
N VAL A 127 13.37 11.51 -44.72
CA VAL A 127 14.50 10.74 -44.25
C VAL A 127 14.71 11.04 -42.79
N ILE A 128 14.57 10.04 -41.95
CA ILE A 128 14.74 10.16 -40.52
C ILE A 128 15.99 9.40 -40.10
N LYS A 129 16.82 10.02 -39.26
CA LYS A 129 18.09 9.40 -38.95
C LYS A 129 18.45 9.68 -37.51
N VAL A 130 19.16 8.74 -36.89
CA VAL A 130 19.75 8.96 -35.57
C VAL A 130 21.19 8.50 -35.66
N CYS A 131 22.10 9.45 -35.91
CA CYS A 131 23.44 9.00 -36.25
C CYS A 131 24.60 9.75 -35.60
N GLU A 132 24.36 10.63 -34.62
CA GLU A 132 25.45 11.27 -33.91
C GLU A 132 26.37 12.01 -34.86
N PHE A 133 25.83 12.55 -35.94
CA PHE A 133 26.62 13.29 -36.89
C PHE A 133 26.96 14.64 -36.32
N GLN A 134 28.26 14.97 -36.26
CA GLN A 134 28.63 16.27 -35.73
C GLN A 134 28.18 17.28 -36.76
N PHE A 135 27.57 18.33 -36.29
CA PHE A 135 26.99 19.33 -37.15
C PHE A 135 27.88 20.55 -37.23
N CYS A 136 27.55 21.43 -38.17
CA CYS A 136 28.33 22.63 -38.25
C CYS A 136 27.90 23.59 -37.16
N ASN A 137 28.55 24.75 -37.10
CA ASN A 137 28.14 25.73 -36.10
C ASN A 137 26.69 26.14 -36.31
N ASP A 138 26.23 26.09 -37.55
CA ASP A 138 24.87 26.39 -37.96
C ASP A 138 24.38 25.33 -38.91
N PRO A 139 23.08 25.07 -38.92
CA PRO A 139 22.57 24.13 -39.91
C PRO A 139 22.80 24.71 -41.29
N PHE A 140 23.35 23.90 -42.16
CA PHE A 140 23.65 24.35 -43.50
C PHE A 140 22.39 24.70 -44.28
N LEU A 141 22.47 25.76 -45.08
CA LEU A 141 21.37 26.15 -45.96
C LEU A 141 21.78 25.73 -47.37
N ASP A 142 21.16 24.67 -47.85
CA ASP A 142 21.43 24.14 -49.17
C ASP A 142 21.06 25.07 -50.32
N PHE A 157 25.93 21.31 -52.67
CA PHE A 157 25.51 22.08 -51.51
C PHE A 157 24.28 21.47 -50.88
N ARG A 158 24.26 20.15 -50.75
CA ARG A 158 23.11 19.46 -50.17
C ARG A 158 23.28 19.09 -48.71
N VAL A 159 24.49 18.98 -48.17
CA VAL A 159 24.69 18.56 -46.79
C VAL A 159 25.94 19.21 -46.22
N TYR A 160 25.93 19.43 -44.90
CA TYR A 160 27.12 19.94 -44.22
C TYR A 160 27.08 19.51 -42.76
N SER A 161 27.84 18.48 -42.44
CA SER A 161 27.93 17.94 -41.09
C SER A 161 29.10 16.97 -41.08
N SER A 162 29.55 16.64 -39.89
CA SER A 162 30.68 15.75 -39.73
C SER A 162 30.23 14.29 -39.75
N ALA A 163 31.14 13.39 -39.44
CA ALA A 163 30.88 11.95 -39.46
C ALA A 163 29.76 11.54 -38.51
N ASN A 164 29.28 10.32 -38.73
CA ASN A 164 28.15 9.73 -38.04
C ASN A 164 28.47 8.30 -37.63
N ASN A 165 27.75 7.81 -36.63
CA ASN A 165 27.83 6.42 -36.17
C ASN A 165 26.43 5.85 -36.02
N CYS A 166 25.67 6.04 -37.09
CA CYS A 166 24.22 5.86 -37.09
C CYS A 166 23.82 4.53 -36.46
N THR A 167 22.71 4.58 -35.74
CA THR A 167 22.10 3.37 -35.23
C THR A 167 20.72 3.08 -35.81
N PHE A 168 20.04 4.08 -36.36
CA PHE A 168 18.73 3.83 -36.93
C PHE A 168 18.48 4.82 -38.05
N GLU A 169 17.78 4.35 -39.07
CA GLU A 169 17.44 5.17 -40.21
C GLU A 169 16.11 4.70 -40.75
N TYR A 170 15.39 5.61 -41.37
CA TYR A 170 14.03 5.36 -41.76
C TYR A 170 13.70 6.28 -42.93
N VAL A 171 12.74 5.88 -43.74
CA VAL A 171 12.37 6.67 -44.90
C VAL A 171 10.90 6.48 -45.15
N SER A 172 10.25 7.50 -45.68
CA SER A 172 8.82 7.37 -45.95
C SER A 172 8.36 8.50 -46.87
N GLN A 173 7.07 8.48 -47.17
CA GLN A 173 6.51 9.45 -48.08
C GLN A 173 6.69 10.87 -47.56
N PRO A 174 6.69 11.86 -48.46
CA PRO A 174 6.93 13.25 -48.05
C PRO A 174 5.72 13.91 -47.40
N PHE A 175 6.01 14.98 -46.65
CA PHE A 175 5.00 15.84 -46.01
C PHE A 175 4.50 16.98 -46.90
N LEU A 176 4.06 16.71 -48.12
CA LEU A 176 3.66 17.83 -48.98
C LEU A 176 2.35 17.57 -49.71
N LYS A 187 -1.33 30.41 -48.09
CA LYS A 187 -2.62 29.88 -47.64
C LYS A 187 -2.52 28.48 -47.06
N ASN A 188 -1.44 27.75 -47.30
CA ASN A 188 -1.33 26.42 -46.71
C ASN A 188 -0.68 26.55 -45.34
N LEU A 189 -1.43 26.20 -44.30
CA LEU A 189 -0.94 26.21 -42.92
C LEU A 189 -0.51 24.82 -42.49
N ARG A 190 0.79 24.57 -42.38
CA ARG A 190 1.26 23.28 -41.89
C ARG A 190 1.47 23.30 -40.39
N GLU A 191 0.92 22.34 -39.67
CA GLU A 191 1.05 22.30 -38.22
C GLU A 191 1.64 20.97 -37.80
N PHE A 192 2.49 21.01 -36.77
CA PHE A 192 3.18 19.83 -36.28
C PHE A 192 3.31 19.87 -34.78
N VAL A 193 3.24 18.72 -34.15
CA VAL A 193 3.47 18.62 -32.71
C VAL A 193 4.48 17.53 -32.47
N PHE A 194 5.56 17.87 -31.77
CA PHE A 194 6.62 16.95 -31.49
C PHE A 194 6.61 16.69 -29.99
N LYS A 195 6.56 15.43 -29.62
CA LYS A 195 6.46 15.05 -28.22
C LYS A 195 7.38 13.86 -27.99
N ASN A 196 8.06 13.84 -26.86
CA ASN A 196 8.95 12.71 -26.63
C ASN A 196 9.01 12.43 -25.13
N ILE A 197 8.27 11.43 -24.68
CA ILE A 197 8.12 11.16 -23.26
C ILE A 197 8.55 9.74 -22.90
N ASP A 198 8.00 8.75 -23.57
CA ASP A 198 8.12 7.36 -23.15
C ASP A 198 9.22 6.59 -23.86
N GLY A 199 10.33 7.21 -24.16
CA GLY A 199 11.29 6.47 -24.93
C GLY A 199 10.96 6.48 -26.39
N TYR A 200 9.85 7.11 -26.75
CA TYR A 200 9.42 7.24 -28.12
C TYR A 200 9.30 8.72 -28.42
N PHE A 201 9.55 9.06 -29.64
CA PHE A 201 9.39 10.42 -30.10
C PHE A 201 8.25 10.38 -31.10
N LYS A 202 7.21 11.18 -30.86
CA LYS A 202 5.99 11.06 -31.61
C LYS A 202 5.72 12.36 -32.33
N ILE A 203 5.16 12.23 -33.52
CA ILE A 203 4.85 13.36 -34.36
C ILE A 203 3.40 13.31 -34.75
N TYR A 204 2.73 14.46 -34.64
CA TYR A 204 1.38 14.61 -35.14
C TYR A 204 1.39 15.77 -36.11
N SER A 205 0.47 15.78 -37.05
CA SER A 205 0.58 16.80 -38.06
C SER A 205 -0.74 17.07 -38.74
N LYS A 206 -0.78 18.18 -39.47
CA LYS A 206 -1.95 18.55 -40.24
C LYS A 206 -1.65 19.65 -41.25
N HIS A 207 -2.25 19.58 -42.43
CA HIS A 207 -2.05 20.53 -43.51
C HIS A 207 -3.38 21.19 -43.87
N THR A 208 -3.46 22.52 -43.73
CA THR A 208 -4.79 23.09 -43.92
C THR A 208 -4.83 24.29 -44.85
N PRO A 209 -5.94 24.46 -45.56
CA PRO A 209 -6.16 25.67 -46.36
C PRO A 209 -6.23 26.92 -45.48
N ILE A 210 -6.20 28.08 -46.14
CA ILE A 210 -6.32 29.38 -45.46
C ILE A 210 -7.10 30.31 -46.39
N ASP A 215 -2.08 34.71 -40.80
CA ASP A 215 -2.31 34.76 -39.36
C ASP A 215 -2.90 33.46 -38.90
N LEU A 216 -2.87 33.19 -37.62
CA LEU A 216 -3.47 31.95 -37.22
C LEU A 216 -4.98 32.12 -37.26
N PRO A 217 -5.70 31.25 -37.93
CA PRO A 217 -7.14 31.36 -37.96
C PRO A 217 -7.72 30.87 -36.65
N GLN A 218 -8.92 31.30 -36.36
CA GLN A 218 -9.61 30.83 -35.16
C GLN A 218 -10.27 29.49 -35.31
N GLY A 219 -10.26 28.88 -36.49
CA GLY A 219 -10.97 27.64 -36.70
C GLY A 219 -10.34 26.47 -35.95
N PHE A 220 -11.21 25.57 -35.50
CA PHE A 220 -10.81 24.37 -34.79
C PHE A 220 -10.51 23.20 -35.73
N SER A 221 -9.41 22.49 -35.45
CA SER A 221 -8.99 21.34 -36.24
C SER A 221 -7.94 20.56 -35.47
N ALA A 222 -8.11 19.25 -35.36
CA ALA A 222 -7.23 18.40 -34.58
C ALA A 222 -6.10 17.76 -35.38
N LEU A 223 -4.97 17.54 -34.70
CA LEU A 223 -3.82 16.89 -35.29
C LEU A 223 -3.93 15.38 -35.14
N GLU A 224 -3.47 14.66 -36.13
CA GLU A 224 -3.49 13.21 -36.24
C GLU A 224 -2.13 12.62 -36.00
N PRO A 225 -2.06 11.47 -35.35
CA PRO A 225 -0.76 10.84 -35.09
C PRO A 225 -0.09 10.48 -36.38
N LEU A 226 1.08 11.05 -36.60
CA LEU A 226 1.76 10.77 -37.84
C LEU A 226 2.76 9.63 -37.70
N VAL A 227 3.69 9.75 -36.78
CA VAL A 227 4.70 8.69 -36.64
C VAL A 227 5.08 8.52 -35.18
N ASP A 228 5.39 7.29 -34.81
CA ASP A 228 5.85 6.97 -33.46
C ASP A 228 7.21 6.30 -33.46
N LEU A 229 8.20 7.03 -33.23
CA LEU A 229 9.49 6.36 -33.34
C LEU A 229 9.94 5.85 -31.97
N PRO A 230 10.64 4.72 -31.98
CA PRO A 230 11.14 4.09 -30.77
C PRO A 230 12.47 4.60 -30.26
N ILE A 231 13.12 5.53 -30.97
CA ILE A 231 14.43 5.99 -30.58
C ILE A 231 14.41 6.57 -29.16
N GLY A 232 15.39 6.16 -28.35
CA GLY A 232 15.39 6.67 -27.00
C GLY A 232 16.39 7.76 -26.69
N ILE A 233 16.77 8.56 -27.68
CA ILE A 233 17.71 9.65 -27.45
C ILE A 233 17.12 10.73 -26.56
N ASN A 234 17.94 11.28 -25.67
CA ASN A 234 17.47 12.36 -24.80
C ASN A 234 17.50 13.65 -25.62
N ILE A 235 16.35 14.05 -26.13
CA ILE A 235 16.25 15.28 -26.90
C ILE A 235 16.06 16.46 -25.95
N THR A 236 16.93 17.46 -26.05
CA THR A 236 16.81 18.67 -25.24
C THR A 236 16.85 19.97 -26.03
N ARG A 237 17.44 19.99 -27.20
CA ARG A 237 17.47 21.19 -27.99
C ARG A 237 17.03 20.91 -29.41
N PHE A 238 16.60 21.95 -30.09
CA PHE A 238 16.09 21.78 -31.44
C PHE A 238 16.30 23.00 -32.31
N GLN A 239 16.36 22.76 -33.62
CA GLN A 239 16.62 23.77 -34.63
C GLN A 239 15.74 23.49 -35.82
N THR A 240 15.77 24.39 -36.80
CA THR A 240 14.97 24.23 -38.01
C THR A 240 15.94 24.10 -39.18
N LEU A 241 15.47 23.60 -40.31
CA LEU A 241 16.34 23.46 -41.46
C LEU A 241 15.77 24.17 -42.68
N LEU A 242 16.58 25.01 -43.30
CA LEU A 242 16.13 25.74 -44.48
C LEU A 242 16.96 25.32 -45.70
N ALA A 243 16.53 25.79 -46.85
CA ALA A 243 17.23 25.53 -48.10
C ALA A 243 17.01 26.70 -49.04
N LEU A 244 17.80 26.74 -50.11
CA LEU A 244 17.66 27.78 -51.12
C LEU A 244 18.52 27.43 -52.34
N HIS A 245 18.03 27.84 -53.51
CA HIS A 245 18.70 27.59 -54.78
C HIS A 245 19.79 28.60 -55.08
N ARG A 246 20.95 28.06 -55.45
CA ARG A 246 22.10 28.82 -55.89
C ARG A 246 22.41 29.88 -54.84
N SER A 247 22.45 29.40 -53.62
CA SER A 247 22.73 30.19 -52.45
C SER A 247 24.13 29.84 -51.98
N TYR A 248 24.86 30.80 -51.45
CA TYR A 248 26.15 30.37 -50.98
C TYR A 248 25.97 29.51 -49.74
N LEU A 249 26.94 28.64 -49.49
CA LEU A 249 26.81 27.71 -48.39
C LEU A 249 28.15 27.66 -47.72
N THR A 250 28.15 27.83 -46.41
CA THR A 250 29.34 27.75 -45.60
C THR A 250 29.03 27.08 -44.28
N PRO A 251 30.00 26.39 -43.67
CA PRO A 251 29.74 25.85 -42.33
C PRO A 251 29.40 26.95 -41.33
N GLY A 252 29.98 28.14 -41.50
CA GLY A 252 29.69 29.28 -40.65
C GLY A 252 29.53 30.58 -41.42
N ASP A 253 28.52 31.38 -41.07
CA ASP A 253 28.27 32.64 -41.75
C ASP A 253 27.75 33.65 -40.73
N SER A 254 27.83 34.93 -41.10
CA SER A 254 27.39 36.02 -40.26
C SER A 254 25.89 36.17 -40.38
N SER A 255 25.35 37.28 -39.88
CA SER A 255 23.91 37.48 -39.94
C SER A 255 23.45 37.97 -41.29
N SER A 256 24.36 37.96 -42.27
CA SER A 256 24.01 38.37 -43.62
C SER A 256 23.11 37.35 -44.28
N GLY A 257 23.47 36.06 -44.18
CA GLY A 257 22.63 35.04 -44.76
C GLY A 257 22.55 35.14 -46.27
N TRP A 258 21.50 34.52 -46.81
CA TRP A 258 21.19 34.51 -48.23
C TRP A 258 19.71 34.80 -48.43
N THR A 259 19.38 35.31 -49.61
CA THR A 259 18.00 35.68 -49.89
C THR A 259 17.12 34.43 -49.88
N ALA A 260 15.85 34.64 -49.51
CA ALA A 260 14.89 33.55 -49.49
C ALA A 260 13.50 34.15 -49.57
N GLY A 261 12.52 33.30 -49.86
CA GLY A 261 11.15 33.75 -49.95
C GLY A 261 10.58 34.12 -48.60
N ALA A 262 9.54 34.95 -48.64
CA ALA A 262 8.86 35.35 -47.42
C ALA A 262 8.11 34.18 -46.80
N ALA A 263 8.40 33.90 -45.53
CA ALA A 263 7.75 32.81 -44.82
C ALA A 263 7.92 33.03 -43.34
N ALA A 264 7.12 32.31 -42.55
CA ALA A 264 7.18 32.50 -41.12
C ALA A 264 6.64 31.27 -40.42
N TYR A 265 7.08 31.13 -39.18
CA TYR A 265 6.69 30.01 -38.36
C TYR A 265 6.54 30.40 -36.90
N TYR A 266 5.52 29.86 -36.26
CA TYR A 266 5.23 30.14 -34.86
C TYR A 266 5.62 28.93 -34.04
N VAL A 267 5.93 29.17 -32.76
CA VAL A 267 6.36 28.13 -31.85
C VAL A 267 5.58 28.22 -30.55
N GLY A 268 5.09 27.09 -30.05
CA GLY A 268 4.39 27.04 -28.78
C GLY A 268 4.80 25.84 -27.96
N TYR A 269 4.65 25.96 -26.65
CA TYR A 269 5.05 24.92 -25.70
C TYR A 269 3.88 24.22 -25.03
N LEU A 270 3.93 22.89 -25.01
CA LEU A 270 2.90 22.10 -24.38
C LEU A 270 3.08 22.14 -22.87
N GLN A 271 1.98 21.93 -22.16
CA GLN A 271 1.90 21.94 -20.72
C GLN A 271 0.94 20.88 -20.24
N PRO A 272 1.13 20.36 -19.04
CA PRO A 272 0.17 19.39 -18.48
C PRO A 272 -1.17 20.05 -18.17
N ARG A 273 -2.22 19.64 -18.88
CA ARG A 273 -3.55 20.22 -18.73
C ARG A 273 -4.60 19.13 -18.78
N THR A 274 -5.79 19.48 -18.33
CA THR A 274 -6.95 18.61 -18.44
C THR A 274 -7.91 19.16 -19.48
N PHE A 275 -8.18 18.40 -20.52
CA PHE A 275 -8.99 18.89 -21.61
C PHE A 275 -10.26 18.10 -21.76
N LEU A 276 -11.34 18.77 -22.09
CA LEU A 276 -12.60 18.12 -22.41
C LEU A 276 -12.78 18.10 -23.92
N LEU A 277 -12.66 16.94 -24.54
CA LEU A 277 -12.71 16.75 -25.97
C LEU A 277 -14.08 16.28 -26.41
N LYS A 278 -14.57 16.79 -27.52
CA LYS A 278 -15.86 16.37 -28.04
C LYS A 278 -15.69 15.58 -29.32
N TYR A 279 -16.13 14.34 -29.32
CA TYR A 279 -16.09 13.52 -30.52
C TYR A 279 -17.44 13.51 -31.19
N ASN A 280 -17.41 13.58 -32.51
CA ASN A 280 -18.60 13.55 -33.32
C ASN A 280 -18.94 12.12 -33.66
N GLU A 281 -19.98 11.96 -34.48
CA GLU A 281 -20.46 10.65 -34.84
C GLU A 281 -19.49 9.87 -35.68
N ASN A 282 -18.51 10.53 -36.26
CA ASN A 282 -17.55 9.81 -37.07
C ASN A 282 -16.23 9.66 -36.37
N GLY A 283 -16.16 10.01 -35.10
CA GLY A 283 -14.95 9.77 -34.38
C GLY A 283 -13.93 10.86 -34.54
N THR A 284 -14.34 12.06 -34.94
CA THR A 284 -13.43 13.17 -35.10
C THR A 284 -13.74 14.25 -34.09
N ILE A 285 -12.70 14.87 -33.59
CA ILE A 285 -12.86 15.91 -32.60
C ILE A 285 -13.33 17.17 -33.28
N THR A 286 -14.41 17.73 -32.78
CA THR A 286 -14.91 18.97 -33.32
C THR A 286 -14.77 20.14 -32.36
N ASP A 287 -14.75 19.89 -31.06
CA ASP A 287 -14.63 21.00 -30.12
C ASP A 287 -13.82 20.53 -28.93
N ALA A 288 -13.36 21.50 -28.18
CA ALA A 288 -12.58 21.17 -26.99
C ALA A 288 -12.74 22.30 -26.01
N VAL A 289 -12.61 21.96 -24.74
CA VAL A 289 -12.76 22.92 -23.68
C VAL A 289 -11.56 22.82 -22.77
N ASP A 290 -10.91 23.95 -22.55
CA ASP A 290 -9.79 23.97 -21.63
C ASP A 290 -10.33 24.00 -20.21
N CYS A 291 -10.06 22.95 -19.45
CA CYS A 291 -10.68 22.86 -18.14
C CYS A 291 -10.22 23.94 -17.17
N ALA A 292 -9.09 24.58 -17.40
CA ALA A 292 -8.59 25.51 -16.40
C ALA A 292 -8.38 26.91 -16.94
N LEU A 293 -9.17 27.29 -17.93
CA LEU A 293 -8.97 28.62 -18.48
C LEU A 293 -9.65 29.64 -17.61
N ASP A 294 -10.94 29.54 -17.49
CA ASP A 294 -11.70 30.51 -16.73
C ASP A 294 -12.80 29.78 -16.00
N PRO A 295 -13.51 30.43 -15.09
CA PRO A 295 -14.53 29.70 -14.34
C PRO A 295 -15.61 29.09 -15.19
N LEU A 296 -16.03 29.75 -16.24
CA LEU A 296 -17.07 29.15 -17.04
C LEU A 296 -16.61 27.87 -17.68
N SER A 297 -15.39 27.86 -18.19
CA SER A 297 -14.90 26.62 -18.76
C SER A 297 -14.81 25.56 -17.71
N GLU A 298 -14.42 25.94 -16.50
CA GLU A 298 -14.31 24.93 -15.47
C GLU A 298 -15.65 24.35 -15.12
N THR A 299 -16.69 25.16 -15.14
CA THR A 299 -17.99 24.60 -14.84
C THR A 299 -18.40 23.62 -15.91
N LYS A 300 -18.18 23.98 -17.17
CA LYS A 300 -18.47 23.03 -18.21
C LYS A 300 -17.72 21.75 -17.97
N CYS A 301 -16.47 21.88 -17.58
CA CYS A 301 -15.64 20.71 -17.42
C CYS A 301 -16.15 19.84 -16.29
N THR A 302 -16.78 20.40 -15.28
CA THR A 302 -17.29 19.51 -14.26
C THR A 302 -18.55 18.84 -14.75
N LEU A 303 -19.49 19.61 -15.27
CA LEU A 303 -20.73 18.97 -15.65
C LEU A 303 -20.60 18.11 -16.88
N LYS A 304 -19.46 18.13 -17.55
CA LYS A 304 -19.29 17.35 -18.76
C LYS A 304 -20.38 17.67 -19.76
N SER A 305 -20.57 18.96 -20.00
CA SER A 305 -21.59 19.39 -20.94
C SER A 305 -21.21 20.75 -21.48
N PHE A 306 -21.28 20.91 -22.78
CA PHE A 306 -20.90 22.19 -23.30
C PHE A 306 -21.89 23.29 -22.98
N THR A 307 -23.13 22.96 -22.68
CA THR A 307 -24.14 23.94 -22.32
C THR A 307 -24.59 23.77 -20.88
N VAL A 308 -24.35 24.77 -20.05
CA VAL A 308 -24.78 24.77 -18.66
C VAL A 308 -25.97 25.69 -18.48
N GLU A 309 -26.97 25.22 -17.77
CA GLU A 309 -28.19 25.96 -17.52
C GLU A 309 -28.01 26.92 -16.36
N LYS A 310 -28.99 27.78 -16.21
CA LYS A 310 -28.97 28.75 -15.13
C LYS A 310 -28.90 28.07 -13.79
N GLY A 311 -27.97 28.51 -12.94
CA GLY A 311 -27.87 27.96 -11.60
C GLY A 311 -26.51 28.29 -11.02
N ILE A 312 -26.25 27.72 -9.86
CA ILE A 312 -25.01 27.90 -9.14
C ILE A 312 -24.32 26.55 -8.96
N TYR A 313 -23.03 26.49 -9.25
CA TYR A 313 -22.28 25.25 -9.21
C TYR A 313 -20.99 25.45 -8.44
N GLN A 314 -20.69 24.54 -7.53
CA GLN A 314 -19.45 24.56 -6.78
C GLN A 314 -18.35 23.78 -7.48
N THR A 315 -17.44 24.48 -8.13
CA THR A 315 -16.48 23.79 -8.95
C THR A 315 -15.31 23.22 -8.17
N SER A 316 -14.69 24.01 -7.30
CA SER A 316 -13.46 23.55 -6.67
C SER A 316 -13.24 24.27 -5.35
N ASN A 317 -12.04 24.13 -4.81
CA ASN A 317 -11.68 24.77 -3.56
C ASN A 317 -10.38 25.50 -3.70
N PHE A 318 -10.22 26.53 -2.89
CA PHE A 318 -8.97 27.26 -2.93
C PHE A 318 -8.44 27.28 -1.51
N ARG A 319 -7.13 27.46 -1.39
CA ARG A 319 -6.50 27.50 -0.08
C ARG A 319 -5.22 28.30 -0.19
N VAL A 320 -5.21 29.44 0.51
CA VAL A 320 -4.03 30.36 0.44
C VAL A 320 -2.79 29.54 0.83
N GLN A 321 -1.73 29.65 0.03
CA GLN A 321 -0.52 28.85 0.30
C GLN A 321 0.37 29.60 1.29
N PRO A 322 1.18 28.90 2.10
CA PRO A 322 2.13 29.54 3.00
C PRO A 322 3.13 30.34 2.22
N THR A 323 3.41 31.54 2.71
CA THR A 323 4.34 32.43 2.04
C THR A 323 5.77 32.31 2.54
N GLU A 324 5.99 31.63 3.66
CA GLU A 324 7.32 31.55 4.24
C GLU A 324 7.42 30.34 5.14
N SER A 325 8.65 29.97 5.49
CA SER A 325 8.87 28.91 6.45
C SER A 325 9.84 29.40 7.51
N ILE A 326 9.52 29.19 8.78
CA ILE A 326 10.38 29.67 9.86
C ILE A 326 10.60 28.57 10.88
N VAL A 327 11.77 28.56 11.49
CA VAL A 327 12.12 27.60 12.53
C VAL A 327 12.56 28.36 13.76
N ARG A 328 12.24 27.81 14.93
CA ARG A 328 12.54 28.50 16.18
C ARG A 328 13.29 27.59 17.14
N PHE A 329 14.18 28.18 17.90
CA PHE A 329 15.03 27.51 18.85
C PHE A 329 15.45 28.40 19.99
N PRO A 330 15.19 27.96 21.18
CA PRO A 330 15.47 28.70 22.41
C PRO A 330 16.57 29.75 22.33
N ASN A 331 16.40 30.88 23.01
CA ASN A 331 17.51 31.87 23.06
C ASN A 331 18.54 31.37 24.08
N ILE A 332 19.16 30.21 23.84
CA ILE A 332 20.10 29.60 24.83
C ILE A 332 21.54 30.06 24.55
N THR A 333 22.52 29.41 25.18
CA THR A 333 23.94 29.85 25.15
C THR A 333 24.87 28.67 25.50
N ASN A 334 24.88 28.25 26.77
CA ASN A 334 25.71 27.10 27.24
C ASN A 334 27.03 27.01 26.44
N LEU A 335 28.06 27.74 26.88
CA LEU A 335 29.35 27.69 26.20
C LEU A 335 30.23 26.88 27.13
N CYS A 336 30.14 25.55 27.00
CA CYS A 336 30.86 24.64 27.88
C CYS A 336 32.37 24.71 27.62
N PRO A 337 33.20 24.08 28.50
CA PRO A 337 34.63 24.38 28.50
C PRO A 337 35.30 23.86 27.26
N PHE A 338 35.35 24.73 26.26
CA PHE A 338 36.13 24.49 25.07
C PHE A 338 37.35 25.40 25.00
N ASP A 339 37.19 26.66 25.41
CA ASP A 339 38.30 27.60 25.50
C ASP A 339 39.14 27.41 26.77
N GLU A 340 38.97 26.27 27.46
CA GLU A 340 39.75 25.97 28.64
C GLU A 340 40.51 24.68 28.43
N VAL A 341 40.42 24.16 27.21
CA VAL A 341 41.21 23.03 26.76
C VAL A 341 42.10 23.45 25.61
N PHE A 342 41.82 24.63 25.04
CA PHE A 342 42.54 25.15 23.91
C PHE A 342 43.29 26.41 24.28
N ASN A 343 42.92 27.05 25.38
CA ASN A 343 43.59 28.22 25.88
C ASN A 343 44.23 27.88 27.21
N ALA A 344 44.44 26.58 27.44
CA ALA A 344 45.03 26.10 28.67
C ALA A 344 46.46 26.62 28.83
N THR A 345 46.79 27.02 30.06
CA THR A 345 48.13 27.53 30.33
C THR A 345 49.21 26.47 30.17
N ARG A 346 49.05 25.32 30.84
CA ARG A 346 50.07 24.28 30.79
C ARG A 346 49.48 22.95 30.37
N PHE A 347 50.13 22.32 29.41
CA PHE A 347 49.69 21.04 28.90
C PHE A 347 50.36 19.90 29.65
N ALA A 348 49.69 18.77 29.67
CA ALA A 348 50.18 17.57 30.33
C ALA A 348 51.25 16.90 29.48
N SER A 349 51.88 15.89 30.06
CA SER A 349 52.92 15.21 29.31
C SER A 349 52.25 14.18 28.39
N VAL A 350 53.05 13.57 27.53
CA VAL A 350 52.48 12.61 26.57
C VAL A 350 51.87 11.45 27.32
N TYR A 351 52.56 10.99 28.36
CA TYR A 351 52.18 9.85 29.17
C TYR A 351 51.30 10.23 30.35
N ALA A 352 50.89 11.49 30.44
CA ALA A 352 50.10 11.95 31.57
C ALA A 352 48.99 12.86 31.10
N TRP A 353 48.38 12.53 29.97
CA TRP A 353 47.34 13.35 29.37
C TRP A 353 46.23 13.62 30.38
N ASN A 354 45.62 14.80 30.24
CA ASN A 354 44.61 15.30 31.17
C ASN A 354 43.22 14.97 30.67
N ARG A 355 42.73 13.79 31.02
CA ARG A 355 41.42 13.39 30.58
C ARG A 355 40.36 14.28 31.19
N LYS A 356 39.31 14.55 30.43
CA LYS A 356 38.22 15.39 30.87
C LYS A 356 36.99 14.96 30.09
N ARG A 357 35.82 15.25 30.62
CA ARG A 357 34.62 15.04 29.84
C ARG A 357 33.90 16.35 29.66
N ILE A 358 33.31 16.54 28.49
CA ILE A 358 32.57 17.76 28.16
C ILE A 358 31.26 17.27 27.58
N SER A 359 30.23 17.24 28.41
CA SER A 359 28.91 16.85 28.00
C SER A 359 27.94 17.87 28.54
N ASN A 360 26.66 17.60 28.35
CA ASN A 360 25.57 18.43 28.84
C ASN A 360 25.84 19.89 28.50
N CYS A 361 25.93 20.16 27.21
CA CYS A 361 26.16 21.52 26.79
C CYS A 361 25.77 21.63 25.33
N VAL A 362 25.37 22.83 24.93
CA VAL A 362 25.13 23.11 23.52
C VAL A 362 26.48 23.45 22.90
N ALA A 363 27.07 22.47 22.25
CA ALA A 363 28.46 22.51 21.88
C ALA A 363 28.50 23.09 20.48
N ASP A 364 29.27 24.14 20.29
CA ASP A 364 29.42 24.73 18.98
C ASP A 364 30.82 24.34 18.57
N TYR A 365 30.90 23.42 17.63
CA TYR A 365 32.22 22.96 17.25
C TYR A 365 32.87 23.88 16.26
N SER A 366 32.31 25.06 16.05
CA SER A 366 32.92 26.05 15.16
C SER A 366 33.46 27.25 15.93
N VAL A 367 33.38 27.24 17.26
CA VAL A 367 34.06 28.26 18.04
C VAL A 367 35.54 27.98 18.09
N LEU A 368 35.91 26.74 17.81
CA LEU A 368 37.31 26.36 17.75
C LEU A 368 38.04 27.18 16.71
N TYR A 369 37.42 27.33 15.55
CA TYR A 369 38.11 27.78 14.35
C TYR A 369 38.62 29.21 14.47
N ASN A 370 38.05 29.99 15.39
CA ASN A 370 38.52 31.34 15.67
C ASN A 370 39.70 31.38 16.64
N PHE A 371 40.22 30.23 17.06
CA PHE A 371 41.29 30.21 18.06
C PHE A 371 42.65 30.45 17.44
N ALA A 372 43.06 29.59 16.52
CA ALA A 372 44.47 29.49 16.15
C ALA A 372 44.56 28.95 14.73
N PRO A 373 45.76 28.84 14.12
CA PRO A 373 45.83 28.29 12.75
C PRO A 373 45.43 26.84 12.63
N PHE A 374 45.33 26.12 13.74
CA PHE A 374 44.91 24.73 13.76
C PHE A 374 45.74 23.91 12.77
N PHE A 375 47.02 23.78 13.11
CA PHE A 375 47.96 23.04 12.26
C PHE A 375 47.46 21.66 11.88
N ALA A 376 47.07 20.86 12.85
CA ALA A 376 46.57 19.51 12.64
C ALA A 376 45.10 19.47 13.05
N PHE A 377 44.22 19.32 12.06
CA PHE A 377 42.80 19.20 12.35
C PHE A 377 42.17 18.31 11.29
N LYS A 378 41.92 17.06 11.67
CA LYS A 378 41.30 16.01 10.87
C LYS A 378 40.48 15.15 11.81
N CYS A 379 39.24 14.83 11.47
CA CYS A 379 38.41 14.09 12.41
C CYS A 379 38.07 12.68 11.96
N TYR A 380 38.10 11.75 12.93
CA TYR A 380 37.85 10.33 12.71
C TYR A 380 36.51 9.97 13.32
N GLY A 381 35.68 9.27 12.55
CA GLY A 381 34.40 8.80 13.01
C GLY A 381 33.29 9.82 12.85
N VAL A 382 33.65 11.07 12.58
CA VAL A 382 32.73 12.21 12.46
C VAL A 382 33.41 13.24 11.58
N SER A 383 32.65 13.86 10.71
CA SER A 383 33.28 14.83 9.83
C SER A 383 33.47 16.13 10.62
N PRO A 384 34.57 16.85 10.37
CA PRO A 384 34.77 18.12 11.10
C PRO A 384 33.73 19.15 10.71
N THR A 385 33.30 19.13 9.46
CA THR A 385 32.28 20.05 8.98
C THR A 385 30.96 19.80 9.70
N LYS A 386 30.60 18.53 9.83
CA LYS A 386 29.34 18.12 10.44
C LYS A 386 29.51 17.82 11.92
N LEU A 387 30.41 18.53 12.57
CA LEU A 387 30.61 18.29 13.98
C LEU A 387 29.60 19.11 14.79
N ASN A 388 29.54 20.41 14.51
CA ASN A 388 28.73 21.32 15.31
C ASN A 388 27.29 20.85 15.43
N ASP A 389 26.80 20.13 14.44
CA ASP A 389 25.40 19.73 14.50
C ASP A 389 25.21 18.37 15.16
N LEU A 390 26.10 17.43 14.88
CA LEU A 390 25.88 16.08 15.36
C LEU A 390 25.96 16.07 16.89
N CYS A 391 25.32 15.09 17.51
CA CYS A 391 25.27 15.03 18.96
C CYS A 391 25.99 13.78 19.46
N PHE A 392 26.44 13.84 20.71
CA PHE A 392 27.34 12.85 21.25
C PHE A 392 26.95 12.51 22.69
N THR A 393 27.47 11.38 23.16
CA THR A 393 27.18 10.98 24.52
C THR A 393 28.04 11.77 25.49
N ASN A 394 29.36 11.58 25.39
CA ASN A 394 30.36 12.19 26.24
C ASN A 394 31.60 12.51 25.44
N VAL A 395 32.05 13.76 25.53
CA VAL A 395 33.17 14.26 24.75
C VAL A 395 34.34 14.41 25.70
N TYR A 396 35.37 13.61 25.48
CA TYR A 396 36.57 13.63 26.29
C TYR A 396 37.66 14.41 25.60
N ALA A 397 38.49 15.07 26.41
CA ALA A 397 39.54 15.92 25.88
C ALA A 397 40.82 15.59 26.61
N ASP A 398 41.86 15.28 25.84
CA ASP A 398 43.17 14.93 26.38
C ASP A 398 44.14 15.95 25.80
N SER A 399 44.86 16.64 26.67
CA SER A 399 45.74 17.71 26.25
C SER A 399 47.17 17.40 26.69
N PHE A 400 48.11 17.56 25.78
CA PHE A 400 49.52 17.33 26.11
C PHE A 400 50.40 17.95 25.04
N VAL A 401 51.70 17.69 25.13
CA VAL A 401 52.71 18.27 24.27
C VAL A 401 53.67 17.19 23.85
N ILE A 402 54.05 17.21 22.57
CA ILE A 402 54.96 16.22 22.02
C ILE A 402 56.04 16.94 21.22
N ARG A 403 56.91 16.16 20.59
CA ARG A 403 57.93 16.74 19.74
C ARG A 403 57.37 17.01 18.35
N GLY A 404 58.22 17.53 17.47
CA GLY A 404 57.78 17.92 16.15
C GLY A 404 57.51 16.75 15.24
N ASN A 405 58.52 15.88 15.08
CA ASN A 405 58.48 14.78 14.13
C ASN A 405 57.73 13.57 14.65
N GLU A 406 56.96 13.73 15.72
CA GLU A 406 56.21 12.63 16.29
C GLU A 406 54.72 12.90 16.23
N VAL A 407 54.32 14.01 15.63
CA VAL A 407 52.91 14.35 15.52
C VAL A 407 52.21 13.36 14.62
N SER A 408 52.94 12.71 13.72
CA SER A 408 52.33 11.73 12.86
C SER A 408 51.88 10.50 13.63
N GLN A 409 52.43 10.28 14.83
CA GLN A 409 52.14 9.06 15.56
C GLN A 409 50.81 9.08 16.29
N ILE A 410 50.16 10.23 16.40
CA ILE A 410 48.85 10.33 17.06
C ILE A 410 47.73 10.10 16.05
N ALA A 411 47.36 8.84 15.83
CA ALA A 411 46.31 8.54 14.88
C ALA A 411 45.68 7.20 15.27
N PRO A 412 44.44 6.94 14.85
CA PRO A 412 43.77 5.69 15.25
C PRO A 412 44.46 4.49 14.63
N GLY A 413 44.95 3.61 15.49
CA GLY A 413 45.51 2.37 15.03
C GLY A 413 46.95 2.49 14.55
N GLN A 414 47.60 3.61 14.85
CA GLN A 414 48.93 3.90 14.35
C GLN A 414 49.96 3.53 15.42
N THR A 415 50.98 2.79 15.00
CA THR A 415 52.02 2.33 15.91
C THR A 415 53.25 3.22 15.78
N GLY A 416 53.98 3.34 16.88
CA GLY A 416 55.15 4.19 16.90
C GLY A 416 55.90 4.05 18.21
N ASN A 417 56.33 5.17 18.79
CA ASN A 417 56.94 5.16 20.10
C ASN A 417 56.19 5.97 21.13
N ILE A 418 55.47 7.02 20.72
CA ILE A 418 54.56 7.70 21.65
C ILE A 418 53.19 7.09 21.54
N ALA A 419 52.87 6.45 20.41
CA ALA A 419 51.58 5.83 20.19
C ALA A 419 51.56 4.43 20.79
N ASP A 420 52.68 3.72 20.66
CA ASP A 420 52.78 2.36 21.14
C ASP A 420 53.25 2.26 22.58
N TYR A 421 53.82 3.33 23.12
CA TYR A 421 54.34 3.25 24.47
C TYR A 421 53.56 4.02 25.54
N ASN A 422 53.13 5.25 25.28
CA ASN A 422 52.46 6.01 26.33
C ASN A 422 51.12 6.67 25.99
N TYR A 423 50.64 6.58 24.76
CA TYR A 423 49.31 7.09 24.47
C TYR A 423 48.81 6.43 23.19
N LYS A 424 47.69 5.72 23.28
CA LYS A 424 47.19 4.90 22.18
C LYS A 424 45.68 5.14 22.10
N LEU A 425 45.19 5.39 20.89
CA LEU A 425 43.76 5.61 20.70
C LEU A 425 43.15 4.50 19.86
N PRO A 426 41.87 4.18 20.06
CA PRO A 426 41.32 2.94 19.51
C PRO A 426 41.25 2.95 17.99
N ASP A 427 40.86 1.79 17.46
CA ASP A 427 40.63 1.65 16.03
C ASP A 427 39.19 2.06 15.69
N ASP A 428 38.27 1.87 16.63
CA ASP A 428 36.89 2.29 16.51
C ASP A 428 36.69 3.68 17.11
N PHE A 429 37.74 4.50 17.06
CA PHE A 429 37.73 5.82 17.65
C PHE A 429 36.74 6.76 16.98
N THR A 430 36.02 7.50 17.81
CA THR A 430 35.13 8.53 17.34
C THR A 430 35.49 9.81 18.09
N GLY A 431 35.79 10.85 17.32
CA GLY A 431 36.38 12.07 17.85
C GLY A 431 37.38 12.65 16.86
N CYS A 432 38.40 13.34 17.37
CA CYS A 432 39.55 13.72 16.55
C CYS A 432 40.61 14.43 17.37
N VAL A 433 41.74 14.66 16.71
CA VAL A 433 42.95 15.17 17.33
C VAL A 433 43.26 16.52 16.69
N ILE A 434 43.77 17.44 17.49
CA ILE A 434 44.04 18.80 17.06
C ILE A 434 45.38 19.21 17.64
N ALA A 435 46.34 19.48 16.77
CA ALA A 435 47.69 19.80 17.19
C ALA A 435 48.19 21.11 16.62
N TRP A 436 48.70 21.98 17.49
CA TRP A 436 49.22 23.27 17.09
C TRP A 436 50.57 23.45 17.77
N ASN A 437 51.61 23.61 16.94
CA ASN A 437 52.97 23.81 17.41
C ASN A 437 52.98 24.90 18.47
N SER A 438 53.50 24.59 19.65
CA SER A 438 53.59 25.61 20.69
C SER A 438 54.97 25.46 21.33
N ASN A 439 55.90 26.25 20.83
CA ASN A 439 57.25 26.34 21.34
C ASN A 439 57.56 27.77 21.77
N LYS A 440 56.55 28.63 21.86
CA LYS A 440 56.73 29.96 22.40
C LYS A 440 56.55 29.99 23.89
N LEU A 441 55.92 28.94 24.42
CA LEU A 441 55.63 28.77 25.82
C LEU A 441 56.16 27.44 26.30
N ASP A 442 56.82 26.69 25.44
CA ASP A 442 57.26 25.33 25.70
C ASP A 442 58.74 25.09 25.45
N SER A 443 59.41 25.89 24.63
CA SER A 443 60.82 25.70 24.31
C SER A 443 61.61 26.74 25.08
N LYS A 444 62.54 26.27 25.91
CA LYS A 444 63.38 27.18 26.67
C LYS A 444 64.80 27.17 26.12
N VAL A 445 65.52 28.24 26.41
CA VAL A 445 66.90 28.33 25.96
C VAL A 445 67.69 27.43 26.90
N GLY A 446 68.18 26.32 26.37
CA GLY A 446 68.92 25.36 27.17
C GLY A 446 68.28 23.99 27.18
N GLY A 447 67.01 23.91 26.80
CA GLY A 447 66.31 22.63 26.80
C GLY A 447 65.21 22.59 27.83
N ASN A 448 63.96 22.52 27.38
CA ASN A 448 62.84 22.46 28.30
C ASN A 448 62.68 21.00 28.69
N TYR A 449 63.29 20.63 29.81
CA TYR A 449 63.20 19.26 30.30
C TYR A 449 61.98 19.09 31.20
N ASN A 450 60.82 19.27 30.57
CA ASN A 450 59.54 19.12 31.23
C ASN A 450 58.61 18.17 30.51
N TYR A 451 58.77 18.00 29.21
CA TYR A 451 57.99 17.07 28.40
C TYR A 451 58.85 15.87 28.06
N ARG A 452 58.33 14.70 28.39
CA ARG A 452 58.96 13.42 28.20
C ARG A 452 58.08 12.53 27.33
N TYR A 453 58.60 11.34 27.08
CA TYR A 453 57.94 10.35 26.23
C TYR A 453 58.51 9.00 26.58
N ARG A 454 57.62 8.05 26.81
CA ARG A 454 58.06 6.70 27.08
C ARG A 454 58.81 6.15 25.88
N LEU A 455 60.10 5.89 26.08
CA LEU A 455 60.97 5.33 25.05
C LEU A 455 61.15 3.83 25.23
N PHE A 456 61.07 3.37 26.48
CA PHE A 456 61.22 1.97 26.83
C PHE A 456 60.00 1.54 27.60
N ARG A 457 59.58 0.29 27.39
CA ARG A 457 58.44 -0.26 28.10
C ARG A 457 58.52 -1.78 27.92
N LYS A 458 57.46 -2.49 28.27
CA LYS A 458 57.47 -3.94 28.12
C LYS A 458 56.73 -4.36 26.87
N SER A 459 55.51 -3.85 26.69
CA SER A 459 54.69 -4.12 25.52
C SER A 459 53.92 -2.85 25.19
N ASN A 460 53.01 -2.96 24.21
CA ASN A 460 52.15 -1.85 23.84
C ASN A 460 51.04 -1.67 24.88
N LEU A 461 50.36 -0.54 24.78
CA LEU A 461 49.29 -0.19 25.70
C LEU A 461 47.97 -0.20 24.94
N LYS A 462 46.88 -0.38 25.69
CA LYS A 462 45.57 -0.38 25.07
C LYS A 462 45.14 1.06 24.82
N PRO A 463 44.15 1.26 23.95
CA PRO A 463 43.69 2.62 23.66
C PRO A 463 43.23 3.37 24.89
N PHE A 464 43.63 4.64 24.98
CA PHE A 464 43.28 5.52 26.09
C PHE A 464 43.70 4.92 27.41
N GLU A 465 44.90 4.38 27.41
CA GLU A 465 45.56 3.77 28.55
C GLU A 465 46.64 4.72 28.99
N ARG A 466 46.48 5.31 30.17
CA ARG A 466 47.44 6.29 30.65
C ARG A 466 48.20 5.66 31.80
N ASP A 467 49.52 5.79 31.77
CA ASP A 467 50.38 5.24 32.80
C ASP A 467 51.37 6.31 33.24
N ILE A 468 51.68 6.28 34.52
CA ILE A 468 52.51 7.30 35.15
C ILE A 468 53.80 6.72 35.73
N SER A 469 53.85 5.41 35.94
CA SER A 469 54.98 4.73 36.57
C SER A 469 56.32 5.23 36.07
N THR A 470 57.23 5.50 37.01
CA THR A 470 58.56 6.02 36.71
C THR A 470 59.64 5.14 37.35
N GLU A 471 59.39 3.83 37.39
CA GLU A 471 60.38 2.87 37.87
C GLU A 471 61.54 2.76 36.90
N ILE A 472 62.66 2.21 37.39
CA ILE A 472 63.81 1.97 36.52
C ILE A 472 63.58 0.71 35.72
N TYR A 473 63.71 0.81 34.40
CA TYR A 473 63.40 -0.29 33.50
C TYR A 473 64.37 -1.45 33.81
N GLN A 474 63.95 -2.67 33.47
CA GLN A 474 64.78 -3.82 33.77
C GLN A 474 66.07 -3.80 32.93
N ALA A 475 66.91 -4.80 33.20
CA ALA A 475 68.10 -5.12 32.44
C ALA A 475 68.20 -6.62 32.27
N GLY A 476 67.08 -7.25 31.94
CA GLY A 476 67.05 -8.67 31.71
C GLY A 476 67.14 -9.40 33.04
N ASN A 477 68.29 -9.33 33.68
CA ASN A 477 68.43 -9.74 35.07
C ASN A 477 67.94 -8.63 36.00
N LYS A 478 68.15 -8.83 37.30
CA LYS A 478 67.88 -7.87 38.37
C LYS A 478 68.54 -6.53 38.06
N PRO A 479 67.77 -5.43 37.95
CA PRO A 479 68.33 -4.21 37.36
C PRO A 479 69.26 -3.43 38.27
N CYS A 480 69.64 -2.25 37.80
CA CYS A 480 70.48 -1.29 38.53
C CYS A 480 69.60 -0.36 39.36
N ASN A 481 68.86 -0.94 40.30
CA ASN A 481 67.93 -0.19 41.13
C ASN A 481 68.59 1.07 41.69
N GLY A 482 68.12 2.23 41.22
CA GLY A 482 68.65 3.50 41.68
C GLY A 482 70.07 3.82 41.26
N VAL A 483 70.58 3.21 40.18
CA VAL A 483 71.92 3.51 39.70
C VAL A 483 72.05 3.37 38.18
N ALA A 484 73.26 3.64 37.68
CA ALA A 484 73.68 3.60 36.28
C ALA A 484 74.64 2.43 36.04
N GLY A 485 74.92 2.19 34.75
CA GLY A 485 75.81 1.12 34.33
C GLY A 485 75.76 0.81 32.86
N VAL A 486 75.89 -0.47 32.46
CA VAL A 486 76.06 -0.80 31.05
C VAL A 486 74.83 -0.41 30.23
N ASN A 487 73.70 -1.07 30.44
CA ASN A 487 72.47 -0.67 29.77
C ASN A 487 71.37 -0.72 30.81
N CYS A 488 71.36 0.23 31.72
CA CYS A 488 70.26 0.31 32.67
C CYS A 488 69.56 1.62 32.34
N TYR A 489 68.63 1.55 31.41
CA TYR A 489 68.01 2.74 30.83
C TYR A 489 66.54 2.93 31.20
N PHE A 490 66.26 4.02 31.89
CA PHE A 490 64.94 4.49 32.30
C PHE A 490 63.99 4.48 31.11
N PRO A 491 62.69 4.24 31.32
CA PRO A 491 61.77 4.08 30.19
C PRO A 491 61.34 5.42 29.63
N LEU A 492 61.28 6.42 30.48
CA LEU A 492 60.86 7.74 30.06
C LEU A 492 62.10 8.56 29.68
N GLN A 493 61.94 9.44 28.71
CA GLN A 493 63.02 10.31 28.27
C GLN A 493 62.48 11.68 27.93
N SER A 494 63.17 12.72 28.38
CA SER A 494 62.68 14.06 28.16
C SER A 494 62.99 14.51 26.74
N TYR A 495 62.12 15.39 26.25
CA TYR A 495 62.28 15.96 24.91
C TYR A 495 63.39 17.00 24.93
N GLY A 496 63.33 17.92 25.89
CA GLY A 496 64.33 18.95 26.03
C GLY A 496 64.30 19.93 24.89
N PHE A 497 63.22 20.70 24.82
CA PHE A 497 63.07 21.66 23.75
C PHE A 497 63.88 22.91 24.02
N ARG A 498 64.46 23.44 22.97
CA ARG A 498 65.23 24.67 22.98
C ARG A 498 64.91 25.41 21.70
N PRO A 499 65.14 26.73 21.66
CA PRO A 499 64.77 27.48 20.46
C PRO A 499 65.76 27.34 19.33
N THR A 500 66.66 26.36 19.42
CA THR A 500 67.57 26.02 18.35
C THR A 500 67.23 24.71 17.68
N TYR A 501 66.24 23.97 18.20
CA TYR A 501 65.82 22.74 17.56
C TYR A 501 65.15 23.06 16.23
N GLY A 502 65.33 22.17 15.27
CA GLY A 502 64.60 22.30 14.05
C GLY A 502 63.11 22.08 14.29
N VAL A 503 62.32 22.44 13.28
CA VAL A 503 60.88 22.34 13.41
C VAL A 503 60.44 20.91 13.65
N GLY A 504 61.28 19.94 13.28
CA GLY A 504 60.96 18.55 13.55
C GLY A 504 61.12 18.18 15.01
N HIS A 505 61.86 18.97 15.76
CA HIS A 505 62.12 18.70 17.17
C HIS A 505 61.44 19.71 18.09
N GLN A 506 60.44 20.46 17.57
CA GLN A 506 59.76 21.46 18.38
C GLN A 506 58.51 20.90 19.05
N PRO A 507 58.15 21.48 20.19
CA PRO A 507 56.95 21.05 20.92
C PRO A 507 55.66 21.43 20.21
N TYR A 508 54.67 20.55 20.37
CA TYR A 508 53.35 20.72 19.80
C TYR A 508 52.30 20.43 20.87
N ARG A 509 51.38 21.37 21.08
CA ARG A 509 50.27 21.15 22.00
C ARG A 509 49.16 20.45 21.22
N VAL A 510 48.45 19.56 21.90
CA VAL A 510 47.53 18.66 21.23
C VAL A 510 46.36 18.35 22.15
N VAL A 511 45.17 18.37 21.57
CA VAL A 511 43.94 18.02 22.27
C VAL A 511 43.24 16.95 21.46
N VAL A 512 42.77 15.91 22.16
CA VAL A 512 42.09 14.79 21.54
C VAL A 512 40.69 14.72 22.12
N LEU A 513 39.69 14.71 21.25
CA LEU A 513 38.30 14.62 21.67
C LEU A 513 37.80 13.23 21.31
N SER A 514 37.25 12.55 22.29
CA SER A 514 36.70 11.21 22.16
C SER A 514 35.21 11.35 22.30
N PHE A 515 34.47 10.98 21.28
CA PHE A 515 33.04 11.16 21.34
C PHE A 515 32.43 9.82 21.70
N GLU A 516 31.12 9.84 21.89
CA GLU A 516 30.39 8.59 21.96
C GLU A 516 29.06 8.79 21.27
N LEU A 517 28.72 7.78 20.51
CA LEU A 517 27.56 7.75 19.64
C LEU A 517 26.69 6.58 19.95
N LEU A 518 27.20 5.62 20.71
CA LEU A 518 26.48 4.42 21.08
C LEU A 518 25.62 4.74 22.29
N HIS A 519 24.32 4.52 22.16
CA HIS A 519 23.38 4.81 23.24
C HIS A 519 23.53 6.26 23.68
N ALA A 520 23.29 7.19 22.72
CA ALA A 520 23.69 8.45 23.31
C ALA A 520 22.51 9.28 23.83
N PRO A 521 22.68 9.80 25.05
CA PRO A 521 21.72 10.77 25.61
C PRO A 521 22.11 12.16 25.15
N ALA A 522 21.65 12.64 23.99
CA ALA A 522 22.22 13.86 23.41
C ALA A 522 22.38 14.97 24.43
N THR A 523 23.64 15.31 24.69
CA THR A 523 24.03 16.22 25.75
C THR A 523 25.02 17.28 25.25
N VAL A 524 25.76 16.95 24.21
CA VAL A 524 26.79 17.83 23.68
C VAL A 524 26.72 17.97 22.15
N CYS A 525 26.08 19.05 21.69
CA CYS A 525 25.99 19.34 20.23
C CYS A 525 25.43 20.76 20.04
N GLY A 526 25.38 21.27 18.80
CA GLY A 526 24.94 22.67 18.58
C GLY A 526 23.95 22.83 17.43
N PRO A 527 22.63 22.92 17.68
CA PRO A 527 21.64 23.18 16.65
C PRO A 527 21.18 24.64 16.66
N LYS A 528 20.13 24.96 17.43
CA LYS A 528 19.65 26.36 17.57
C LYS A 528 19.40 26.98 16.20
N LYS A 529 19.88 28.21 15.97
CA LYS A 529 19.63 28.91 14.68
C LYS A 529 18.15 29.26 14.63
N SER A 530 17.76 30.36 15.28
CA SER A 530 16.32 30.70 15.36
C SER A 530 15.91 31.63 14.23
N THR A 531 15.48 31.08 13.10
CA THR A 531 14.96 31.94 12.04
C THR A 531 14.07 33.04 12.61
N ASN A 532 14.48 34.29 12.42
CA ASN A 532 13.71 35.43 12.90
C ASN A 532 12.22 35.30 12.63
N LEU A 533 11.44 35.70 13.64
CA LEU A 533 10.00 35.45 13.67
C LEU A 533 9.20 36.35 12.74
N VAL A 534 8.17 35.77 12.11
CA VAL A 534 7.22 36.49 11.25
C VAL A 534 5.80 36.26 11.75
N LYS A 535 4.97 37.29 11.76
CA LYS A 535 3.61 37.18 12.25
C LYS A 535 2.59 37.59 11.20
N ASN A 536 1.36 37.09 11.37
CA ASN A 536 0.20 37.46 10.56
C ASN A 536 0.24 37.00 9.11
N LYS A 537 1.01 36.00 8.76
CA LYS A 537 0.97 35.48 7.41
C LYS A 537 0.95 33.98 7.53
N CYS A 538 0.14 33.29 6.73
CA CYS A 538 0.19 31.85 6.89
C CYS A 538 1.55 31.39 6.43
N VAL A 539 2.28 30.85 7.38
CA VAL A 539 3.70 30.57 7.29
C VAL A 539 3.95 29.19 7.85
N ASN A 540 4.96 28.51 7.32
CA ASN A 540 5.38 27.25 7.90
C ASN A 540 6.25 27.50 9.12
N PHE A 541 5.87 26.95 10.25
CA PHE A 541 6.60 27.20 11.48
C PHE A 541 7.12 25.88 12.03
N ASN A 542 8.25 25.98 12.72
CA ASN A 542 8.84 24.87 13.46
C ASN A 542 9.33 25.42 14.79
N PHE A 543 8.47 25.36 15.79
CA PHE A 543 8.77 25.88 17.11
C PHE A 543 9.36 24.78 17.95
N ASN A 544 10.67 24.78 18.05
CA ASN A 544 11.39 23.87 18.93
C ASN A 544 11.01 22.42 18.69
N GLY A 545 10.66 22.09 17.45
CA GLY A 545 10.28 20.74 17.06
C GLY A 545 8.83 20.62 16.66
N LEU A 546 7.97 21.49 17.16
CA LEU A 546 6.58 21.44 16.78
C LEU A 546 6.46 22.06 15.41
N THR A 547 6.08 21.27 14.41
CA THR A 547 5.99 21.78 13.06
C THR A 547 4.55 21.90 12.61
N GLY A 548 4.23 23.01 11.95
CA GLY A 548 2.89 23.19 11.43
C GLY A 548 2.86 24.41 10.54
N THR A 549 1.66 24.76 10.09
CA THR A 549 1.50 25.92 9.22
C THR A 549 0.31 26.74 9.68
N GLY A 550 0.39 28.04 9.49
CA GLY A 550 -0.72 28.86 9.93
C GLY A 550 -0.28 30.27 10.19
N VAL A 551 -1.25 31.08 10.60
CA VAL A 551 -1.01 32.46 10.95
C VAL A 551 -0.82 32.53 12.45
N LEU A 552 0.20 33.27 12.87
CA LEU A 552 0.56 33.44 14.27
C LEU A 552 0.04 34.78 14.75
N THR A 553 -0.60 34.79 15.91
CA THR A 553 -1.20 36.01 16.40
C THR A 553 -0.90 36.18 17.87
N GLU A 554 -0.83 37.42 18.32
CA GLU A 554 -0.61 37.63 19.74
C GLU A 554 -1.74 37.03 20.57
N SER A 555 -1.35 36.21 21.51
CA SER A 555 -2.17 35.43 22.43
C SER A 555 -2.61 36.27 23.61
N ASN A 556 -3.65 35.81 24.26
CA ASN A 556 -4.11 36.45 25.48
C ASN A 556 -4.21 35.43 26.62
N LYS A 557 -3.70 34.21 26.44
CA LYS A 557 -3.82 33.18 27.46
C LYS A 557 -2.53 32.96 28.24
N LYS A 558 -2.72 32.71 29.53
CA LYS A 558 -1.65 32.58 30.51
C LYS A 558 -1.21 31.12 30.57
N PHE A 559 -0.17 30.78 29.86
CA PHE A 559 0.40 29.45 29.99
C PHE A 559 1.07 29.34 31.36
N LEU A 560 0.90 28.21 32.03
CA LEU A 560 1.63 28.08 33.28
C LEU A 560 3.10 27.88 32.95
N PRO A 561 3.98 28.32 33.85
CA PRO A 561 5.40 28.42 33.50
C PRO A 561 6.04 27.14 33.08
N PHE A 562 5.48 26.00 33.38
CA PHE A 562 6.11 24.80 32.91
C PHE A 562 5.46 24.29 31.65
N GLN A 563 4.45 25.01 31.15
CA GLN A 563 3.72 24.58 29.97
C GLN A 563 4.24 25.28 28.73
N GLN A 564 4.22 24.54 27.64
CA GLN A 564 4.72 24.96 26.35
C GLN A 564 3.69 24.87 25.24
N PHE A 565 2.59 24.20 25.45
CA PHE A 565 1.66 23.95 24.38
C PHE A 565 0.24 24.28 24.78
N GLY A 566 -0.56 24.48 23.78
CA GLY A 566 -1.99 24.66 23.98
C GLY A 566 -2.77 23.83 22.99
N ARG A 567 -3.88 23.28 23.45
CA ARG A 567 -4.67 22.41 22.61
C ARG A 567 -6.11 22.74 22.83
N ASP A 568 -6.87 22.71 21.76
CA ASP A 568 -8.31 22.77 21.89
C ASP A 568 -8.83 21.36 21.98
N ILE A 569 -10.15 21.21 21.87
CA ILE A 569 -10.72 19.89 21.88
C ILE A 569 -10.18 19.17 20.65
N ALA A 570 -10.01 17.87 20.78
CA ALA A 570 -9.56 17.02 19.68
C ALA A 570 -8.12 17.33 19.31
N ASP A 571 -7.31 17.64 20.33
CA ASP A 571 -5.86 17.75 20.21
C ASP A 571 -5.40 18.71 19.11
N THR A 572 -6.20 19.67 18.69
CA THR A 572 -5.71 20.58 17.68
C THR A 572 -4.76 21.56 18.35
N THR A 573 -3.50 21.53 17.95
CA THR A 573 -2.51 22.39 18.60
C THR A 573 -2.88 23.83 18.31
N ASP A 574 -3.34 24.51 19.35
CA ASP A 574 -3.78 25.88 19.22
C ASP A 574 -2.77 26.95 19.54
N ALA A 575 -1.79 26.69 20.39
CA ALA A 575 -0.90 27.79 20.75
C ALA A 575 0.46 27.28 21.14
N VAL A 576 1.43 28.19 21.14
CA VAL A 576 2.80 27.84 21.51
C VAL A 576 3.47 29.06 22.08
N ARG A 577 4.40 28.83 22.99
CA ARG A 577 5.17 29.90 23.60
C ARG A 577 6.54 29.95 22.93
N ASP A 578 7.02 31.14 22.71
CA ASP A 578 8.26 31.27 21.99
C ASP A 578 9.41 30.71 22.78
N PRO A 579 10.25 29.87 22.20
CA PRO A 579 11.41 29.40 22.93
C PRO A 579 12.46 30.47 23.08
N GLN A 580 12.25 31.64 22.48
CA GLN A 580 13.17 32.74 22.58
C GLN A 580 12.63 33.81 23.52
N THR A 581 11.44 34.33 23.26
CA THR A 581 10.90 35.35 24.13
C THR A 581 9.80 34.83 25.02
N LEU A 582 9.43 33.56 24.89
CA LEU A 582 8.48 32.94 25.80
C LEU A 582 7.12 33.58 25.71
N GLU A 583 6.90 34.32 24.64
CA GLU A 583 5.60 34.89 24.40
C GLU A 583 4.67 33.86 23.81
N ILE A 584 3.42 33.92 24.21
CA ILE A 584 2.41 33.00 23.72
C ILE A 584 1.86 33.50 22.40
N LEU A 585 1.74 32.61 21.43
CA LEU A 585 1.21 32.92 20.12
C LEU A 585 0.15 31.91 19.80
N ASP A 586 -0.89 32.40 19.16
CA ASP A 586 -2.02 31.65 18.68
C ASP A 586 -1.81 31.22 17.24
N ILE A 587 -2.25 30.02 16.93
CA ILE A 587 -2.10 29.45 15.61
C ILE A 587 -3.47 29.29 14.99
N THR A 588 -3.64 29.82 13.79
CA THR A 588 -4.88 29.63 13.08
C THR A 588 -4.59 29.14 11.67
N PRO A 589 -5.27 28.10 11.22
CA PRO A 589 -5.00 27.58 9.87
C PRO A 589 -5.36 28.62 8.85
N CYS A 590 -4.46 28.84 7.89
CA CYS A 590 -4.77 29.89 6.93
C CYS A 590 -6.03 29.56 6.15
N SER A 591 -6.65 30.62 5.67
CA SER A 591 -7.97 30.57 5.05
C SER A 591 -8.05 29.59 3.90
N PHE A 592 -9.17 28.90 3.84
CA PHE A 592 -9.45 27.95 2.79
C PHE A 592 -10.95 27.87 2.64
N GLY A 593 -11.39 27.35 1.52
CA GLY A 593 -12.83 27.25 1.34
C GLY A 593 -13.18 26.83 -0.07
N GLY A 594 -14.47 26.63 -0.25
CA GLY A 594 -15.01 26.24 -1.52
C GLY A 594 -15.36 27.44 -2.35
N VAL A 595 -15.37 27.25 -3.66
CA VAL A 595 -15.66 28.31 -4.59
C VAL A 595 -16.83 27.88 -5.47
N SER A 596 -17.77 28.77 -5.69
CA SER A 596 -18.93 28.44 -6.50
C SER A 596 -19.12 29.43 -7.63
N VAL A 597 -19.74 28.97 -8.70
CA VAL A 597 -19.96 29.78 -9.89
C VAL A 597 -21.44 30.08 -10.06
N ILE A 598 -21.75 31.34 -10.29
CA ILE A 598 -23.10 31.81 -10.57
C ILE A 598 -23.23 32.06 -12.06
N THR A 599 -24.17 31.40 -12.72
CA THR A 599 -24.32 31.58 -14.14
C THR A 599 -25.77 31.70 -14.58
N PRO A 600 -26.08 32.63 -15.46
CA PRO A 600 -27.44 32.75 -15.98
C PRO A 600 -27.75 31.82 -17.13
N GLY A 601 -26.89 30.88 -17.46
CA GLY A 601 -27.18 29.96 -18.54
C GLY A 601 -26.29 30.22 -19.73
N THR A 602 -25.71 29.16 -20.30
CA THR A 602 -24.86 29.35 -21.48
C THR A 602 -25.64 29.98 -22.58
N ASN A 603 -26.89 29.62 -22.67
CA ASN A 603 -27.69 30.07 -23.78
C ASN A 603 -28.18 31.49 -23.58
N THR A 604 -28.09 32.00 -22.37
CA THR A 604 -28.38 33.41 -22.17
C THR A 604 -27.17 34.31 -22.35
N SER A 605 -26.06 33.98 -21.70
CA SER A 605 -24.87 34.81 -21.80
C SER A 605 -23.70 34.13 -21.15
N ASN A 606 -22.51 34.55 -21.53
CA ASN A 606 -21.31 33.97 -20.95
C ASN A 606 -20.88 34.65 -19.69
N GLN A 607 -21.53 35.72 -19.28
CA GLN A 607 -21.12 36.38 -18.06
C GLN A 607 -21.22 35.42 -16.89
N VAL A 608 -20.42 35.65 -15.86
CA VAL A 608 -20.37 34.73 -14.74
C VAL A 608 -19.95 35.47 -13.48
N ALA A 609 -20.48 35.06 -12.33
CA ALA A 609 -20.06 35.64 -11.05
C ALA A 609 -19.52 34.57 -10.12
N VAL A 610 -18.56 34.91 -9.29
CA VAL A 610 -17.86 33.93 -8.46
C VAL A 610 -18.08 34.17 -6.99
N LEU A 611 -18.37 33.12 -6.24
CA LEU A 611 -18.61 33.21 -4.81
C LEU A 611 -17.58 32.40 -4.03
N TYR A 612 -16.71 33.08 -3.29
CA TYR A 612 -15.80 32.42 -2.37
C TYR A 612 -16.52 32.28 -1.05
N GLN A 613 -16.78 31.06 -0.65
CA GLN A 613 -17.73 30.90 0.45
C GLN A 613 -17.25 31.26 1.84
N GLY A 614 -16.32 30.52 2.38
CA GLY A 614 -15.99 30.82 3.75
C GLY A 614 -14.84 31.76 3.92
N VAL A 615 -14.89 32.99 3.41
CA VAL A 615 -13.72 33.87 3.51
C VAL A 615 -14.18 35.29 3.44
N ASN A 616 -13.33 36.18 3.90
CA ASN A 616 -13.52 37.59 3.71
C ASN A 616 -12.60 38.08 2.62
N CYS A 617 -13.13 38.92 1.75
CA CYS A 617 -12.36 39.40 0.62
C CYS A 617 -11.10 40.09 1.03
N THR A 618 -10.90 40.36 2.31
CA THR A 618 -9.67 41.05 2.62
C THR A 618 -8.48 40.21 2.23
N GLU A 619 -8.67 38.93 1.92
CA GLU A 619 -7.57 38.05 1.54
C GLU A 619 -7.92 37.22 0.31
N VAL A 620 -8.66 37.79 -0.63
CA VAL A 620 -9.00 37.01 -1.81
C VAL A 620 -7.79 36.61 -2.68
N ASN A 641 -16.42 43.76 -9.89
CA ASN A 641 -16.77 44.41 -8.65
C ASN A 641 -16.68 43.48 -7.46
N VAL A 642 -16.66 44.02 -6.25
CA VAL A 642 -16.50 43.22 -5.05
C VAL A 642 -17.60 43.52 -4.05
N PHE A 643 -18.07 42.47 -3.39
CA PHE A 643 -19.11 42.60 -2.40
C PHE A 643 -18.93 41.59 -1.28
N GLN A 644 -19.29 41.97 -0.08
CA GLN A 644 -19.17 41.09 1.08
C GLN A 644 -20.55 40.64 1.48
N THR A 645 -20.70 39.37 1.85
CA THR A 645 -21.98 38.86 2.32
C THR A 645 -21.73 37.99 3.52
N ARG A 646 -22.79 37.71 4.25
CA ARG A 646 -22.62 36.79 5.36
C ARG A 646 -22.24 35.42 4.85
N ALA A 647 -22.49 35.14 3.59
CA ALA A 647 -22.10 33.87 3.02
C ALA A 647 -20.69 33.84 2.45
N GLY A 648 -20.03 34.97 2.27
CA GLY A 648 -18.70 34.94 1.75
C GLY A 648 -18.47 36.11 0.84
N CYS A 649 -17.35 36.15 0.15
CA CYS A 649 -17.08 37.29 -0.70
C CYS A 649 -17.48 36.98 -2.12
N LEU A 650 -18.29 37.86 -2.68
CA LEU A 650 -18.87 37.71 -3.99
C LEU A 650 -18.21 38.66 -4.97
N ILE A 651 -17.80 38.14 -6.09
CA ILE A 651 -17.13 38.92 -7.11
C ILE A 651 -17.88 38.85 -8.42
N GLY A 652 -18.01 39.98 -9.07
CA GLY A 652 -18.65 40.02 -10.36
C GLY A 652 -20.08 40.46 -10.38
N ALA A 653 -20.67 40.81 -9.25
CA ALA A 653 -22.05 41.25 -9.28
C ALA A 653 -22.21 42.44 -8.36
N GLU A 654 -23.06 43.36 -8.78
CA GLU A 654 -23.30 44.57 -8.02
C GLU A 654 -24.55 44.48 -7.18
N TYR A 655 -24.44 44.99 -5.97
CA TYR A 655 -25.51 44.93 -5.01
C TYR A 655 -26.52 46.03 -5.27
N VAL A 656 -27.78 45.68 -5.37
CA VAL A 656 -28.81 46.68 -5.57
C VAL A 656 -29.73 46.67 -4.37
N ASN A 657 -30.27 47.84 -4.05
CA ASN A 657 -31.15 47.93 -2.89
C ASN A 657 -32.54 47.39 -3.16
N SER A 658 -32.88 47.16 -4.40
CA SER A 658 -34.19 46.68 -4.77
C SER A 658 -34.37 45.21 -4.41
N SER A 659 -35.57 44.85 -3.99
CA SER A 659 -35.88 43.47 -3.63
C SER A 659 -36.79 42.80 -4.65
N TYR A 660 -36.48 41.55 -4.99
CA TYR A 660 -37.22 40.79 -5.98
C TYR A 660 -37.47 39.37 -5.52
N GLU A 661 -38.33 38.71 -6.25
CA GLU A 661 -38.59 37.28 -6.12
C GLU A 661 -37.37 36.51 -6.54
N CYS A 662 -36.84 35.66 -5.67
CA CYS A 662 -35.53 35.09 -5.90
C CYS A 662 -35.51 33.89 -6.82
N ASP A 663 -34.47 33.82 -7.65
CA ASP A 663 -34.29 32.71 -8.57
C ASP A 663 -32.96 32.01 -8.45
N ILE A 664 -31.88 32.72 -8.15
CA ILE A 664 -30.63 32.00 -7.93
C ILE A 664 -30.28 32.19 -6.47
N PRO A 665 -30.51 31.19 -5.63
CA PRO A 665 -30.27 31.35 -4.21
C PRO A 665 -28.79 31.32 -3.88
N ILE A 666 -28.30 32.38 -3.26
CA ILE A 666 -26.94 32.43 -2.80
C ILE A 666 -26.83 32.06 -1.36
N GLY A 667 -27.66 32.64 -0.51
CA GLY A 667 -27.62 32.28 0.89
C GLY A 667 -27.78 33.45 1.80
N ALA A 668 -28.26 33.19 3.01
CA ALA A 668 -28.43 34.23 4.00
C ALA A 668 -29.30 35.33 3.45
N GLY A 669 -30.33 34.93 2.74
CA GLY A 669 -31.25 35.89 2.20
C GLY A 669 -30.79 36.63 0.97
N ILE A 670 -29.63 36.33 0.42
CA ILE A 670 -29.17 37.04 -0.75
C ILE A 670 -29.40 36.17 -1.96
N CYS A 671 -29.76 36.78 -3.09
CA CYS A 671 -30.00 36.06 -4.32
C CYS A 671 -29.32 36.79 -5.46
N ALA A 672 -29.46 36.26 -6.67
CA ALA A 672 -28.88 36.92 -7.83
C ALA A 672 -29.69 36.66 -9.08
N SER A 673 -29.58 37.55 -10.05
CA SER A 673 -30.30 37.37 -11.31
C SER A 673 -29.72 38.26 -12.40
N TYR A 674 -30.11 37.99 -13.64
CA TYR A 674 -29.67 38.77 -14.78
C TYR A 674 -30.51 40.04 -14.90
N GLN A 675 -29.86 41.20 -14.83
CA GLN A 675 -30.56 42.47 -14.81
C GLN A 675 -31.35 42.75 -16.08
N THR A 676 -30.66 42.88 -17.20
CA THR A 676 -31.27 43.22 -18.47
C THR A 676 -31.96 44.57 -18.37
N GLN A 690 -28.24 43.03 -18.92
CA GLN A 690 -26.88 43.27 -19.33
C GLN A 690 -25.91 43.09 -18.19
N SER A 691 -26.39 42.67 -17.02
CA SER A 691 -25.50 42.48 -15.89
C SER A 691 -26.11 41.53 -14.89
N ILE A 692 -25.27 41.00 -14.02
CA ILE A 692 -25.71 40.11 -12.95
C ILE A 692 -25.77 40.90 -11.66
N ILE A 693 -26.94 40.98 -11.05
CA ILE A 693 -27.19 41.75 -9.86
C ILE A 693 -27.54 40.85 -8.70
N ALA A 694 -26.96 41.13 -7.55
CA ALA A 694 -27.31 40.46 -6.31
C ALA A 694 -28.18 41.37 -5.47
N TYR A 695 -29.17 40.79 -4.79
CA TYR A 695 -30.11 41.60 -4.04
C TYR A 695 -30.72 40.77 -2.93
N THR A 696 -31.36 41.44 -1.99
CA THR A 696 -32.07 40.74 -0.93
C THR A 696 -33.47 40.32 -1.36
N MET A 697 -33.89 39.15 -0.90
CA MET A 697 -35.15 38.59 -1.30
C MET A 697 -36.33 39.43 -0.83
N SER A 698 -37.39 39.40 -1.62
CA SER A 698 -38.68 39.96 -1.25
C SER A 698 -39.66 38.83 -1.02
N LEU A 699 -40.32 38.82 0.12
CA LEU A 699 -41.25 37.76 0.45
C LEU A 699 -42.65 37.99 -0.07
N GLY A 700 -42.84 38.77 -1.11
CA GLY A 700 -44.18 38.98 -1.61
C GLY A 700 -44.74 40.35 -1.23
N ALA A 701 -45.92 40.63 -1.78
CA ALA A 701 -46.58 41.91 -1.56
C ALA A 701 -47.23 41.99 -0.20
N GLU A 702 -47.40 43.21 0.28
CA GLU A 702 -48.04 43.46 1.55
C GLU A 702 -49.52 43.73 1.38
N ASN A 703 -50.34 42.97 2.06
CA ASN A 703 -51.78 43.14 1.97
C ASN A 703 -52.33 43.38 3.36
N SER A 704 -52.70 44.61 3.67
CA SER A 704 -53.25 44.94 4.99
C SER A 704 -54.77 44.81 4.96
N VAL A 705 -55.27 43.60 5.20
CA VAL A 705 -56.71 43.41 5.19
C VAL A 705 -57.36 44.31 6.22
N ALA A 706 -58.43 44.98 5.82
CA ALA A 706 -59.11 45.94 6.69
C ALA A 706 -59.96 45.26 7.75
N TYR A 707 -59.42 45.03 8.91
CA TYR A 707 -60.23 44.47 9.97
C TYR A 707 -61.09 45.53 10.61
N SER A 708 -62.22 45.13 11.15
CA SER A 708 -63.09 46.04 11.86
C SER A 708 -64.03 45.18 12.67
N ASN A 709 -64.52 45.71 13.76
CA ASN A 709 -65.40 44.84 14.51
C ASN A 709 -66.77 44.64 13.92
N ASN A 710 -67.17 45.27 12.84
CA ASN A 710 -68.53 44.95 12.42
C ASN A 710 -68.66 44.81 10.92
N SER A 711 -67.57 44.64 10.19
CA SER A 711 -67.61 44.54 8.74
C SER A 711 -67.33 43.13 8.27
N ILE A 712 -67.95 42.76 7.17
CA ILE A 712 -67.82 41.43 6.56
C ILE A 712 -67.61 41.54 5.08
N ALA A 713 -66.73 40.72 4.54
CA ALA A 713 -66.54 40.64 3.11
C ALA A 713 -67.03 39.31 2.60
N ILE A 714 -67.95 39.33 1.65
CA ILE A 714 -68.55 38.10 1.10
C ILE A 714 -68.36 38.00 -0.40
N PRO A 715 -68.04 36.84 -0.93
CA PRO A 715 -67.81 36.72 -2.36
C PRO A 715 -69.12 36.66 -3.11
N THR A 716 -69.16 37.29 -4.27
CA THR A 716 -70.33 37.20 -5.11
C THR A 716 -70.17 36.34 -6.35
N ASN A 717 -69.00 35.84 -6.68
CA ASN A 717 -68.88 35.02 -7.86
C ASN A 717 -67.81 34.00 -7.60
N PHE A 718 -67.60 33.09 -8.53
CA PHE A 718 -66.64 32.05 -8.22
C PHE A 718 -65.88 31.71 -9.47
N THR A 719 -64.91 30.82 -9.31
CA THR A 719 -64.13 30.32 -10.41
C THR A 719 -63.57 28.99 -10.02
N ILE A 720 -63.73 27.99 -10.87
CA ILE A 720 -63.26 26.66 -10.58
C ILE A 720 -61.99 26.39 -11.36
N SER A 721 -60.96 25.92 -10.68
CA SER A 721 -59.70 25.74 -11.35
C SER A 721 -59.27 24.29 -11.30
N VAL A 722 -58.23 23.98 -12.08
CA VAL A 722 -57.67 22.64 -12.18
C VAL A 722 -56.18 22.67 -11.91
N THR A 723 -55.74 21.87 -10.98
CA THR A 723 -54.33 21.82 -10.61
C THR A 723 -53.73 20.44 -10.81
N THR A 724 -52.53 20.38 -11.35
CA THR A 724 -51.85 19.12 -11.63
C THR A 724 -50.83 18.81 -10.57
N GLU A 725 -50.91 17.64 -9.98
CA GLU A 725 -49.92 17.19 -9.01
C GLU A 725 -49.26 15.91 -9.47
N ILE A 726 -47.93 15.84 -9.42
CA ILE A 726 -47.19 14.70 -9.93
C ILE A 726 -46.56 13.93 -8.79
N LEU A 727 -46.54 12.61 -8.89
CA LEU A 727 -45.95 11.81 -7.85
C LEU A 727 -45.27 10.56 -8.39
N PRO A 728 -44.03 10.31 -8.02
CA PRO A 728 -43.36 9.09 -8.44
C PRO A 728 -43.85 7.90 -7.68
N VAL A 729 -43.90 6.76 -8.35
CA VAL A 729 -44.44 5.58 -7.72
C VAL A 729 -43.47 4.41 -7.61
N SER A 730 -42.54 4.27 -8.53
CA SER A 730 -41.71 3.08 -8.48
C SER A 730 -40.44 3.33 -9.26
N MET A 731 -39.50 2.41 -9.14
CA MET A 731 -38.24 2.55 -9.83
C MET A 731 -37.88 1.24 -10.52
N THR A 732 -36.80 1.28 -11.28
CA THR A 732 -36.37 0.12 -12.05
C THR A 732 -35.89 -1.00 -11.17
N LYS A 733 -36.38 -2.21 -11.40
CA LYS A 733 -35.92 -3.35 -10.66
C LYS A 733 -34.61 -3.84 -11.22
N THR A 734 -33.63 -4.02 -10.36
CA THR A 734 -32.30 -4.40 -10.80
C THR A 734 -31.86 -5.68 -10.13
N SER A 735 -31.20 -6.55 -10.87
CA SER A 735 -30.58 -7.73 -10.30
C SER A 735 -29.13 -7.81 -10.71
N VAL A 736 -28.29 -8.30 -9.82
CA VAL A 736 -26.84 -8.34 -10.05
C VAL A 736 -26.30 -9.72 -9.79
N ASP A 737 -25.36 -10.14 -10.62
CA ASP A 737 -24.62 -11.39 -10.42
C ASP A 737 -23.30 -11.11 -9.74
N CYS A 738 -23.14 -11.58 -8.51
CA CYS A 738 -21.98 -11.20 -7.73
C CYS A 738 -20.67 -11.59 -8.41
N THR A 739 -20.44 -12.87 -8.62
CA THR A 739 -19.14 -13.29 -9.12
C THR A 739 -18.80 -12.68 -10.47
N MET A 740 -19.76 -12.61 -11.38
CA MET A 740 -19.44 -12.04 -12.68
C MET A 740 -18.95 -10.63 -12.53
N TYR A 741 -19.73 -9.81 -11.84
CA TYR A 741 -19.28 -8.45 -11.67
C TYR A 741 -17.93 -8.43 -11.02
N ILE A 742 -17.67 -9.35 -10.11
CA ILE A 742 -16.42 -9.27 -9.38
C ILE A 742 -15.26 -9.59 -10.30
N CYS A 743 -15.24 -10.79 -10.85
CA CYS A 743 -14.06 -11.13 -11.62
C CYS A 743 -14.32 -11.95 -12.86
N GLY A 744 -15.32 -11.59 -13.63
CA GLY A 744 -15.44 -12.02 -15.01
C GLY A 744 -14.92 -13.40 -15.37
N ASP A 745 -15.36 -14.42 -14.65
CA ASP A 745 -15.05 -15.79 -15.00
C ASP A 745 -13.54 -16.06 -15.07
N SER A 746 -12.89 -15.91 -13.94
CA SER A 746 -11.51 -16.28 -13.72
C SER A 746 -11.57 -17.31 -12.62
N THR A 747 -11.00 -18.48 -12.85
CA THR A 747 -11.12 -19.51 -11.83
C THR A 747 -10.42 -19.11 -10.55
N GLU A 748 -9.19 -18.61 -10.67
CA GLU A 748 -8.47 -18.23 -9.46
C GLU A 748 -9.19 -17.17 -8.68
N CYS A 749 -9.92 -16.30 -9.36
CA CYS A 749 -10.60 -15.28 -8.58
C CYS A 749 -11.78 -15.85 -7.84
N SER A 750 -12.49 -16.81 -8.41
CA SER A 750 -13.57 -17.37 -7.64
C SER A 750 -13.00 -18.11 -6.44
N ASN A 751 -11.89 -18.80 -6.65
CA ASN A 751 -11.24 -19.49 -5.57
C ASN A 751 -10.86 -18.56 -4.45
N LEU A 752 -10.53 -17.32 -4.76
CA LEU A 752 -10.18 -16.40 -3.69
C LEU A 752 -11.40 -15.73 -3.11
N LEU A 753 -12.43 -15.61 -3.90
CA LEU A 753 -13.64 -14.97 -3.44
C LEU A 753 -14.32 -15.85 -2.43
N LEU A 754 -14.11 -17.15 -2.54
CA LEU A 754 -14.65 -18.05 -1.53
C LEU A 754 -14.20 -17.72 -0.12
N GLN A 755 -13.17 -16.91 0.03
CA GLN A 755 -12.70 -16.62 1.37
C GLN A 755 -13.46 -15.51 2.04
N TYR A 756 -14.33 -14.82 1.34
CA TYR A 756 -14.96 -13.72 2.03
C TYR A 756 -16.26 -14.10 2.68
N GLY A 757 -16.92 -15.17 2.26
CA GLY A 757 -18.12 -15.59 2.95
C GLY A 757 -19.32 -15.50 2.06
N SER A 758 -20.43 -15.10 2.65
CA SER A 758 -21.70 -15.08 1.98
C SER A 758 -22.18 -13.68 1.69
N PHE A 759 -21.24 -12.76 1.46
CA PHE A 759 -21.62 -11.40 1.15
C PHE A 759 -22.50 -11.30 -0.09
N CYS A 760 -22.11 -11.97 -1.17
CA CYS A 760 -22.94 -11.79 -2.34
C CYS A 760 -24.32 -12.35 -2.14
N THR A 761 -24.45 -13.45 -1.42
CA THR A 761 -25.78 -13.96 -1.14
C THR A 761 -26.59 -12.90 -0.41
N GLN A 762 -25.99 -12.31 0.60
CA GLN A 762 -26.72 -11.35 1.39
C GLN A 762 -27.20 -10.18 0.56
N LEU A 763 -26.32 -9.62 -0.25
CA LEU A 763 -26.76 -8.49 -1.05
C LEU A 763 -27.82 -8.92 -2.05
N LYS A 764 -27.67 -10.09 -2.63
CA LYS A 764 -28.66 -10.54 -3.59
C LYS A 764 -30.01 -10.58 -2.93
N ARG A 765 -30.05 -11.04 -1.70
CA ARG A 765 -31.31 -11.05 -0.99
C ARG A 765 -31.85 -9.65 -0.87
N ALA A 766 -30.99 -8.71 -0.56
CA ALA A 766 -31.49 -7.35 -0.42
C ALA A 766 -32.13 -6.86 -1.70
N LEU A 767 -31.49 -7.12 -2.82
CA LEU A 767 -32.02 -6.60 -4.07
C LEU A 767 -33.34 -7.25 -4.43
N THR A 768 -33.46 -8.55 -4.22
CA THR A 768 -34.74 -9.15 -4.52
C THR A 768 -35.83 -8.52 -3.68
N GLY A 769 -35.52 -8.21 -2.43
CA GLY A 769 -36.52 -7.54 -1.63
C GLY A 769 -36.95 -6.23 -2.24
N ILE A 770 -36.00 -5.48 -2.76
CA ILE A 770 -36.38 -4.22 -3.39
C ILE A 770 -37.29 -4.45 -4.57
N ALA A 771 -36.98 -5.43 -5.40
CA ALA A 771 -37.79 -5.62 -6.59
C ALA A 771 -39.22 -5.96 -6.22
N VAL A 772 -39.40 -6.91 -5.33
CA VAL A 772 -40.76 -7.25 -5.00
C VAL A 772 -41.47 -6.07 -4.41
N GLU A 773 -40.73 -5.21 -3.74
CA GLU A 773 -41.38 -4.06 -3.17
C GLU A 773 -41.92 -3.17 -4.26
N GLN A 774 -41.17 -2.99 -5.33
CA GLN A 774 -41.65 -2.11 -6.40
C GLN A 774 -42.96 -2.61 -6.94
N ASP A 775 -43.04 -3.90 -7.21
CA ASP A 775 -44.31 -4.38 -7.72
C ASP A 775 -45.43 -4.14 -6.74
N LYS A 776 -45.18 -4.37 -5.46
CA LYS A 776 -46.26 -4.14 -4.53
C LYS A 776 -46.70 -2.69 -4.52
N ASN A 777 -45.77 -1.76 -4.72
CA ASN A 777 -46.19 -0.36 -4.73
C ASN A 777 -47.16 -0.11 -5.84
N THR A 778 -46.83 -0.53 -7.05
CA THR A 778 -47.81 -0.31 -8.11
C THR A 778 -49.14 -0.94 -7.78
N GLN A 779 -49.09 -2.14 -7.22
CA GLN A 779 -50.33 -2.81 -6.90
C GLN A 779 -51.16 -1.97 -5.99
N GLU A 780 -50.55 -1.52 -4.91
CA GLU A 780 -51.25 -0.77 -3.92
C GLU A 780 -51.83 0.51 -4.47
N VAL A 781 -51.15 1.15 -5.38
CA VAL A 781 -51.70 2.40 -5.83
C VAL A 781 -52.87 2.18 -6.74
N PHE A 782 -52.69 1.36 -7.77
CA PHE A 782 -53.67 1.35 -8.82
C PHE A 782 -54.78 0.32 -8.65
N ALA A 783 -54.46 -0.87 -8.17
CA ALA A 783 -55.43 -1.96 -8.12
C ALA A 783 -56.38 -1.83 -6.94
N GLN A 784 -57.02 -0.69 -6.87
CA GLN A 784 -58.00 -0.48 -5.82
C GLN A 784 -59.40 -0.89 -6.22
N VAL A 785 -59.76 -0.66 -7.44
CA VAL A 785 -61.08 -1.03 -7.90
C VAL A 785 -61.14 -2.51 -8.24
N LYS A 786 -62.28 -3.13 -8.01
CA LYS A 786 -62.38 -4.55 -8.26
C LYS A 786 -62.86 -4.90 -9.66
N GLN A 787 -63.77 -4.13 -10.22
CA GLN A 787 -64.35 -4.41 -11.53
C GLN A 787 -64.00 -3.37 -12.56
N ILE A 788 -63.70 -3.82 -13.77
CA ILE A 788 -63.32 -2.90 -14.82
C ILE A 788 -64.60 -2.29 -15.38
N TYR A 789 -64.91 -1.07 -14.99
CA TYR A 789 -66.09 -0.39 -15.47
C TYR A 789 -65.89 0.18 -16.86
N LYS A 790 -66.81 -0.06 -17.76
CA LYS A 790 -66.70 0.50 -19.10
C LYS A 790 -67.50 1.78 -19.22
N THR A 791 -67.03 2.68 -20.03
CA THR A 791 -67.69 3.96 -20.30
C THR A 791 -68.82 3.79 -21.31
N PRO A 792 -69.97 4.42 -21.09
CA PRO A 792 -71.05 4.32 -22.05
C PRO A 792 -70.66 4.95 -23.38
N PRO A 793 -71.31 4.56 -24.47
CA PRO A 793 -70.93 5.11 -25.77
C PRO A 793 -71.40 6.53 -26.04
N ILE A 794 -72.64 6.87 -25.71
CA ILE A 794 -73.12 8.24 -25.93
C ILE A 794 -72.50 9.09 -24.83
N LYS A 795 -71.43 9.79 -25.18
CA LYS A 795 -70.64 10.52 -24.20
C LYS A 795 -71.15 11.94 -23.96
N TYR A 796 -72.39 12.06 -23.55
CA TYR A 796 -72.94 13.38 -23.21
C TYR A 796 -73.25 13.45 -21.73
N PHE A 797 -72.59 14.37 -21.04
CA PHE A 797 -72.71 14.51 -19.60
C PHE A 797 -73.15 15.91 -19.20
N GLY A 798 -74.07 16.49 -19.92
CA GLY A 798 -74.52 17.78 -19.48
C GLY A 798 -73.51 18.88 -19.68
N GLY A 799 -72.93 18.94 -20.86
CA GLY A 799 -72.00 19.99 -21.20
C GLY A 799 -70.56 19.76 -20.82
N PHE A 800 -70.27 18.92 -19.86
CA PHE A 800 -68.88 18.75 -19.51
C PHE A 800 -68.18 17.99 -20.63
N ASN A 801 -66.96 18.38 -20.95
CA ASN A 801 -66.22 17.79 -22.06
C ASN A 801 -64.99 17.04 -21.56
N PHE A 802 -65.12 15.74 -21.36
CA PHE A 802 -64.04 14.90 -20.91
C PHE A 802 -63.19 14.31 -22.00
N SER A 803 -63.25 14.81 -23.22
CA SER A 803 -62.49 14.17 -24.27
C SER A 803 -61.00 14.14 -23.99
N GLN A 804 -60.48 15.10 -23.26
CA GLN A 804 -59.06 15.12 -23.05
C GLN A 804 -58.55 14.04 -22.11
N ILE A 805 -59.39 13.43 -21.32
CA ILE A 805 -58.87 12.45 -20.37
C ILE A 805 -59.34 11.06 -20.64
N LEU A 806 -60.44 10.88 -21.34
CA LEU A 806 -60.89 9.55 -21.60
C LEU A 806 -59.98 8.90 -22.62
N PRO A 807 -59.90 7.59 -22.64
CA PRO A 807 -59.01 6.95 -23.58
C PRO A 807 -59.44 7.22 -25.00
N ASP A 808 -58.44 7.33 -25.85
CA ASP A 808 -58.64 7.63 -27.25
C ASP A 808 -58.78 6.34 -28.03
N PRO A 809 -59.94 6.03 -28.60
CA PRO A 809 -60.05 4.81 -29.39
C PRO A 809 -59.23 4.85 -30.64
N SER A 810 -58.85 6.05 -31.08
CA SER A 810 -58.08 6.20 -32.31
C SER A 810 -56.69 5.61 -32.17
N LYS A 811 -55.92 6.09 -31.22
CA LYS A 811 -54.57 5.60 -31.07
C LYS A 811 -54.59 4.14 -30.63
N PRO A 812 -53.59 3.37 -31.05
CA PRO A 812 -53.59 1.95 -30.67
C PRO A 812 -53.29 1.74 -29.21
N SER A 813 -52.46 2.59 -28.60
CA SER A 813 -52.12 2.44 -27.20
C SER A 813 -53.29 2.74 -26.29
N LYS A 814 -54.32 3.40 -26.81
CA LYS A 814 -55.54 3.69 -26.09
C LYS A 814 -55.30 4.54 -24.86
N ARG A 815 -54.35 5.45 -24.97
CA ARG A 815 -54.10 6.37 -23.88
C ARG A 815 -54.77 7.68 -24.21
N SER A 816 -55.22 8.37 -23.19
CA SER A 816 -55.82 9.66 -23.43
C SER A 816 -54.79 10.57 -24.04
N PRO A 817 -55.20 11.66 -24.64
CA PRO A 817 -54.21 12.57 -25.18
C PRO A 817 -53.27 13.12 -24.13
N ILE A 818 -53.76 13.44 -22.95
CA ILE A 818 -52.84 13.93 -21.94
C ILE A 818 -51.81 12.86 -21.59
N GLU A 819 -52.24 11.62 -21.53
CA GLU A 819 -51.30 10.56 -21.22
C GLU A 819 -50.25 10.45 -22.30
N ASP A 820 -50.66 10.60 -23.55
CA ASP A 820 -49.68 10.55 -24.61
C ASP A 820 -48.69 11.68 -24.48
N LEU A 821 -49.17 12.86 -24.15
CA LEU A 821 -48.26 13.96 -23.94
C LEU A 821 -47.25 13.62 -22.87
N LEU A 822 -47.72 12.97 -21.82
CA LEU A 822 -46.80 12.55 -20.78
C LEU A 822 -45.77 11.57 -21.27
N PHE A 823 -46.18 10.61 -22.08
CA PHE A 823 -45.21 9.64 -22.53
C PHE A 823 -44.16 10.26 -23.40
N ASN A 824 -44.51 11.28 -24.13
CA ASN A 824 -43.48 11.82 -24.97
C ASN A 824 -42.63 12.81 -24.23
N LYS A 825 -43.17 13.44 -23.20
CA LYS A 825 -42.42 14.47 -22.52
C LYS A 825 -41.26 13.88 -21.74
N VAL A 826 -41.35 12.65 -21.28
CA VAL A 826 -40.27 12.09 -20.49
C VAL A 826 -39.67 10.95 -21.26
N THR A 827 -38.34 10.96 -21.34
CA THR A 827 -37.56 9.94 -22.02
C THR A 827 -36.32 9.65 -21.19
N LEU A 828 -35.59 8.62 -21.59
CA LEU A 828 -34.36 8.24 -20.89
C LEU A 828 -33.25 9.28 -21.08
N PHE A 855 -23.51 -5.79 -20.77
CA PHE A 855 -23.41 -5.50 -19.35
C PHE A 855 -22.42 -6.40 -18.68
N ASN A 856 -22.31 -6.27 -17.37
CA ASN A 856 -21.38 -7.11 -16.64
C ASN A 856 -22.07 -7.88 -15.55
N GLY A 857 -23.21 -8.48 -15.82
CA GLY A 857 -23.89 -9.18 -14.77
C GLY A 857 -25.00 -8.37 -14.16
N LEU A 858 -25.36 -7.25 -14.79
CA LEU A 858 -26.41 -6.37 -14.32
C LEU A 858 -27.59 -6.53 -15.25
N THR A 859 -28.76 -6.78 -14.66
CA THR A 859 -30.00 -6.96 -15.46
C THR A 859 -31.15 -6.18 -14.82
N VAL A 860 -31.88 -5.40 -15.62
CA VAL A 860 -33.05 -4.65 -15.08
C VAL A 860 -34.32 -5.44 -15.39
N LEU A 861 -34.86 -6.14 -14.38
CA LEU A 861 -36.07 -6.98 -14.60
C LEU A 861 -37.22 -6.10 -15.10
N PRO A 862 -38.15 -6.62 -15.95
CA PRO A 862 -39.27 -5.84 -16.39
C PRO A 862 -40.30 -5.75 -15.29
N PRO A 863 -41.20 -4.78 -15.35
CA PRO A 863 -42.24 -4.68 -14.34
C PRO A 863 -43.30 -5.72 -14.55
N LEU A 864 -44.05 -6.01 -13.49
CA LEU A 864 -45.11 -6.98 -13.63
C LEU A 864 -46.29 -6.46 -14.42
N LEU A 865 -46.77 -5.28 -14.11
CA LEU A 865 -47.87 -4.68 -14.84
C LEU A 865 -47.39 -3.92 -16.05
N THR A 866 -47.83 -4.31 -17.23
CA THR A 866 -47.38 -3.57 -18.37
C THR A 866 -48.04 -2.21 -18.40
N ASP A 867 -47.54 -1.33 -19.24
CA ASP A 867 -48.14 -0.01 -19.32
C ASP A 867 -49.57 -0.12 -19.74
N GLU A 868 -49.86 -1.06 -20.62
CA GLU A 868 -51.21 -1.20 -21.09
C GLU A 868 -52.14 -1.53 -19.94
N MET A 869 -51.73 -2.42 -19.06
CA MET A 869 -52.66 -2.77 -18.00
C MET A 869 -52.88 -1.61 -17.06
N ILE A 870 -51.85 -0.82 -16.79
CA ILE A 870 -52.05 0.33 -15.94
C ILE A 870 -53.00 1.31 -16.57
N ALA A 871 -52.86 1.54 -17.86
CA ALA A 871 -53.78 2.47 -18.48
C ALA A 871 -55.18 1.93 -18.39
N GLN A 872 -55.33 0.62 -18.46
CA GLN A 872 -56.65 0.07 -18.35
C GLN A 872 -57.23 0.33 -16.97
N TYR A 873 -56.43 0.15 -15.94
CA TYR A 873 -56.95 0.43 -14.61
C TYR A 873 -57.39 1.86 -14.49
N THR A 874 -56.58 2.76 -14.98
CA THR A 874 -56.94 4.16 -14.87
C THR A 874 -58.23 4.45 -15.59
N SER A 875 -58.41 3.89 -16.77
CA SER A 875 -59.66 4.15 -17.45
C SER A 875 -60.82 3.63 -16.63
N ALA A 876 -60.62 2.52 -15.95
CA ALA A 876 -61.70 2.02 -15.12
C ALA A 876 -62.05 3.01 -14.04
N LEU A 877 -61.05 3.54 -13.38
CA LEU A 877 -61.37 4.49 -12.31
C LEU A 877 -62.12 5.67 -12.87
N LEU A 878 -61.72 6.17 -14.03
CA LEU A 878 -62.44 7.29 -14.58
C LEU A 878 -63.88 6.96 -14.86
N ALA A 879 -64.15 5.82 -15.48
CA ALA A 879 -65.54 5.53 -15.76
C ALA A 879 -66.32 5.44 -14.49
N GLY A 880 -65.75 4.82 -13.48
CA GLY A 880 -66.45 4.70 -12.23
C GLY A 880 -66.80 6.05 -11.65
N THR A 881 -65.82 6.94 -11.57
CA THR A 881 -66.11 8.22 -10.96
C THR A 881 -67.04 9.05 -11.80
N ILE A 882 -67.08 8.85 -13.10
CA ILE A 882 -67.94 9.72 -13.88
C ILE A 882 -69.36 9.27 -13.77
N THR A 883 -69.59 7.98 -13.62
CA THR A 883 -70.95 7.52 -13.65
C THR A 883 -71.53 7.23 -12.30
N SER A 884 -70.72 7.08 -11.27
CA SER A 884 -71.23 6.61 -10.01
C SER A 884 -70.80 7.41 -8.81
N GLY A 885 -69.91 8.38 -9.00
CA GLY A 885 -69.48 9.25 -7.89
C GLY A 885 -68.56 8.56 -6.92
N TRP A 886 -68.90 8.58 -5.64
CA TRP A 886 -68.09 7.87 -4.63
C TRP A 886 -68.66 6.46 -4.47
N THR A 887 -69.94 6.28 -4.71
CA THR A 887 -70.57 4.98 -4.48
C THR A 887 -69.65 3.86 -4.88
N PHE A 888 -69.06 3.90 -6.07
CA PHE A 888 -68.32 2.74 -6.49
C PHE A 888 -67.14 2.48 -5.60
N GLY A 889 -66.83 3.37 -4.71
CA GLY A 889 -65.74 3.13 -3.82
C GLY A 889 -66.15 2.51 -2.52
N ALA A 890 -67.44 2.54 -2.21
CA ALA A 890 -67.94 1.99 -0.98
C ALA A 890 -68.67 0.68 -1.13
N GLY A 891 -68.93 0.23 -2.34
CA GLY A 891 -69.65 -0.99 -2.56
C GLY A 891 -70.20 -1.06 -3.96
N PRO A 892 -71.45 -1.42 -4.11
CA PRO A 892 -72.02 -1.54 -5.45
C PRO A 892 -72.11 -0.18 -6.12
N ALA A 893 -71.63 -0.09 -7.35
CA ALA A 893 -71.66 1.17 -8.08
C ALA A 893 -73.08 1.54 -8.46
N LEU A 894 -73.55 2.70 -8.00
CA LEU A 894 -74.86 3.22 -8.31
C LEU A 894 -74.80 4.39 -9.27
N GLN A 895 -75.45 4.28 -10.42
CA GLN A 895 -75.43 5.35 -11.41
C GLN A 895 -76.22 6.57 -11.00
N ILE A 896 -75.70 7.74 -11.34
CA ILE A 896 -76.35 9.00 -11.02
C ILE A 896 -76.06 10.06 -12.08
N PRO A 897 -77.03 10.83 -12.52
CA PRO A 897 -76.78 11.86 -13.51
C PRO A 897 -75.67 12.79 -13.08
N PHE A 898 -74.81 13.16 -14.00
CA PHE A 898 -73.66 13.95 -13.59
C PHE A 898 -73.93 15.31 -13.01
N PRO A 899 -74.84 16.12 -13.51
CA PRO A 899 -75.11 17.36 -12.80
C PRO A 899 -75.58 17.13 -11.40
N MET A 900 -76.40 16.14 -11.12
CA MET A 900 -76.75 15.97 -9.72
C MET A 900 -75.56 15.57 -8.91
N GLN A 901 -74.64 14.85 -9.49
CA GLN A 901 -73.49 14.49 -8.70
C GLN A 901 -72.74 15.74 -8.33
N MET A 902 -72.55 16.62 -9.27
CA MET A 902 -71.85 17.82 -8.88
C MET A 902 -72.64 18.66 -7.90
N ALA A 903 -73.95 18.61 -7.94
CA ALA A 903 -74.69 19.37 -6.95
C ALA A 903 -74.42 18.82 -5.57
N TYR A 904 -74.41 17.51 -5.44
CA TYR A 904 -73.99 16.90 -4.20
C TYR A 904 -72.68 17.48 -3.73
N ARG A 905 -71.71 17.53 -4.62
CA ARG A 905 -70.42 17.99 -4.13
C ARG A 905 -70.48 19.44 -3.70
N PHE A 906 -71.25 20.25 -4.38
CA PHE A 906 -71.40 21.62 -3.93
C PHE A 906 -71.88 21.66 -2.50
N ASN A 907 -72.93 20.91 -2.19
CA ASN A 907 -73.28 20.83 -0.78
C ASN A 907 -72.12 20.43 0.05
N GLY A 908 -71.28 19.57 -0.48
CA GLY A 908 -70.16 19.15 0.30
C GLY A 908 -69.30 20.30 0.76
N ILE A 909 -69.20 21.34 -0.03
CA ILE A 909 -68.43 22.49 0.42
C ILE A 909 -69.31 23.60 0.96
N GLY A 910 -70.52 23.30 1.35
CA GLY A 910 -71.28 24.35 2.01
C GLY A 910 -71.95 25.35 1.12
N VAL A 911 -72.14 25.08 -0.15
CA VAL A 911 -72.86 25.96 -1.05
C VAL A 911 -74.14 25.28 -1.43
N THR A 912 -75.24 25.99 -1.34
CA THR A 912 -76.52 25.36 -1.60
C THR A 912 -76.59 24.91 -3.03
N GLN A 913 -77.21 23.76 -3.24
CA GLN A 913 -77.19 23.17 -4.55
C GLN A 913 -77.93 23.97 -5.60
N ASN A 914 -78.85 24.83 -5.23
CA ASN A 914 -79.48 25.59 -6.28
C ASN A 914 -78.48 26.42 -7.03
N VAL A 915 -77.39 26.78 -6.37
CA VAL A 915 -76.36 27.54 -7.06
C VAL A 915 -75.84 26.81 -8.27
N LEU A 916 -75.81 25.50 -8.23
CA LEU A 916 -75.31 24.82 -9.41
C LEU A 916 -76.34 24.78 -10.52
N TYR A 917 -77.59 24.57 -10.20
CA TYR A 917 -78.53 24.46 -11.28
C TYR A 917 -78.73 25.77 -11.98
N GLU A 918 -78.40 26.86 -11.37
CA GLU A 918 -78.63 28.09 -12.06
C GLU A 918 -77.45 28.54 -12.89
N ASN A 919 -76.35 27.87 -12.80
CA ASN A 919 -75.18 28.30 -13.54
C ASN A 919 -74.57 27.10 -14.21
N GLN A 920 -75.38 26.11 -14.52
CA GLN A 920 -74.84 24.93 -15.12
C GLN A 920 -74.03 25.26 -16.36
N LYS A 921 -74.59 26.07 -17.24
CA LYS A 921 -73.88 26.35 -18.48
C LYS A 921 -72.54 27.01 -18.19
N LEU A 922 -72.57 28.06 -17.39
CA LEU A 922 -71.35 28.78 -17.10
C LEU A 922 -70.32 27.91 -16.44
N ILE A 923 -70.74 27.07 -15.51
CA ILE A 923 -69.76 26.27 -14.82
C ILE A 923 -69.11 25.32 -15.80
N ALA A 924 -69.93 24.76 -16.68
CA ALA A 924 -69.38 23.81 -17.61
C ALA A 924 -68.36 24.49 -18.50
N ASN A 925 -68.64 25.71 -18.93
CA ASN A 925 -67.67 26.39 -19.77
C ASN A 925 -66.36 26.62 -19.05
N GLN A 926 -66.43 27.02 -17.79
CA GLN A 926 -65.17 27.27 -17.10
C GLN A 926 -64.37 26.00 -17.00
N PHE A 927 -65.05 24.90 -16.70
CA PHE A 927 -64.33 23.65 -16.57
C PHE A 927 -63.70 23.24 -17.88
N ASN A 928 -64.43 23.38 -18.97
CA ASN A 928 -63.85 22.97 -20.23
C ASN A 928 -62.62 23.79 -20.54
N SER A 929 -62.69 25.10 -20.37
CA SER A 929 -61.53 25.89 -20.68
C SER A 929 -60.34 25.52 -19.81
N ALA A 930 -60.57 25.26 -18.53
CA ALA A 930 -59.42 24.92 -17.69
C ALA A 930 -58.78 23.63 -18.16
N ILE A 931 -59.59 22.64 -18.50
CA ILE A 931 -58.98 21.41 -18.95
C ILE A 931 -58.19 21.66 -20.20
N GLY A 932 -58.67 22.57 -21.04
CA GLY A 932 -57.95 22.82 -22.26
C GLY A 932 -56.61 23.47 -21.98
N LYS A 933 -56.57 24.37 -21.02
CA LYS A 933 -55.29 25.00 -20.78
C LYS A 933 -54.30 24.07 -20.12
N ILE A 934 -54.76 22.98 -19.52
CA ILE A 934 -53.82 22.07 -18.87
C ILE A 934 -52.78 21.53 -19.83
N GLN A 935 -53.22 21.06 -20.98
CA GLN A 935 -52.25 20.44 -21.87
C GLN A 935 -51.22 21.44 -22.34
N ASP A 936 -51.66 22.63 -22.68
CA ASP A 936 -50.71 23.64 -23.10
C ASP A 936 -49.73 23.92 -21.98
N SER A 937 -50.21 23.96 -20.75
CA SER A 937 -49.31 24.25 -19.65
C SER A 937 -48.25 23.18 -19.51
N LEU A 938 -48.65 21.92 -19.59
CA LEU A 938 -47.66 20.87 -19.46
C LEU A 938 -46.64 20.95 -20.58
N SER A 939 -47.08 21.32 -21.77
CA SER A 939 -46.14 21.36 -22.88
C SER A 939 -45.22 22.56 -22.79
N SER A 940 -45.75 23.69 -22.34
CA SER A 940 -44.95 24.89 -22.26
C SER A 940 -44.08 24.91 -21.03
N THR A 941 -44.48 24.24 -19.97
CA THR A 941 -43.67 24.23 -18.79
C THR A 941 -42.39 23.46 -19.12
N PRO A 942 -41.25 24.01 -18.84
CA PRO A 942 -40.00 23.33 -19.21
C PRO A 942 -39.62 22.22 -18.26
N SER A 943 -39.96 22.37 -16.99
CA SER A 943 -39.54 21.42 -15.98
C SER A 943 -40.71 21.03 -15.10
N ALA A 944 -41.83 20.73 -15.73
CA ALA A 944 -42.95 20.28 -14.94
C ALA A 944 -42.78 18.86 -14.46
N LEU A 945 -42.12 18.02 -15.25
CA LEU A 945 -41.97 16.62 -14.93
C LEU A 945 -40.64 16.35 -14.26
N GLY A 946 -40.17 17.29 -13.47
CA GLY A 946 -38.86 17.16 -12.89
C GLY A 946 -38.69 15.89 -12.08
N LYS A 947 -39.71 15.51 -11.33
CA LYS A 947 -39.51 14.40 -10.43
C LYS A 947 -39.31 13.08 -11.14
N LEU A 948 -40.20 12.74 -12.05
CA LEU A 948 -40.04 11.46 -12.72
C LEU A 948 -38.74 11.42 -13.50
N GLN A 949 -38.44 12.51 -14.18
CA GLN A 949 -37.22 12.56 -14.95
C GLN A 949 -36.04 12.33 -14.04
N ASP A 950 -36.14 12.84 -12.83
CA ASP A 950 -35.05 12.71 -11.89
C ASP A 950 -34.87 11.27 -11.45
N VAL A 951 -35.97 10.57 -11.26
CA VAL A 951 -35.84 9.17 -10.87
C VAL A 951 -35.07 8.43 -11.93
N VAL A 952 -35.46 8.63 -13.17
CA VAL A 952 -34.82 7.89 -14.24
C VAL A 952 -33.33 8.22 -14.26
N ASN A 953 -33.01 9.50 -14.17
CA ASN A 953 -31.62 9.88 -14.28
C ASN A 953 -30.79 9.32 -13.15
N HIS A 954 -31.34 9.30 -11.95
CA HIS A 954 -30.55 8.77 -10.85
C HIS A 954 -30.22 7.33 -11.09
N ASN A 955 -31.20 6.55 -11.48
CA ASN A 955 -30.87 5.15 -11.69
C ASN A 955 -29.83 4.97 -12.78
N ALA A 956 -30.00 5.67 -13.90
CA ALA A 956 -29.04 5.50 -14.98
C ALA A 956 -27.66 5.88 -14.53
N GLN A 957 -27.54 6.97 -13.82
CA GLN A 957 -26.23 7.41 -13.39
C GLN A 957 -25.62 6.44 -12.40
N ALA A 958 -26.43 5.88 -11.52
CA ALA A 958 -25.87 4.95 -10.56
C ALA A 958 -25.26 3.77 -11.28
N LEU A 959 -26.01 3.19 -12.20
CA LEU A 959 -25.41 2.07 -12.90
C LEU A 959 -24.18 2.49 -13.66
N ASN A 960 -24.20 3.68 -14.24
CA ASN A 960 -23.04 4.10 -14.99
C ASN A 960 -21.81 4.16 -14.12
N THR A 961 -21.93 4.77 -12.97
CA THR A 961 -20.74 4.83 -12.16
C THR A 961 -20.33 3.45 -11.69
N LEU A 962 -21.29 2.58 -11.44
CA LEU A 962 -20.88 1.26 -10.99
C LEU A 962 -20.09 0.52 -12.06
N VAL A 963 -20.53 0.61 -13.30
CA VAL A 963 -19.78 -0.09 -14.33
C VAL A 963 -18.47 0.60 -14.61
N LYS A 964 -18.46 1.91 -14.54
CA LYS A 964 -17.22 2.57 -14.88
C LYS A 964 -16.17 2.28 -13.86
N GLN A 965 -16.57 2.09 -12.63
CA GLN A 965 -15.58 1.85 -11.61
C GLN A 965 -14.84 0.53 -11.79
N LEU A 966 -15.19 -0.27 -12.79
CA LEU A 966 -14.36 -1.47 -12.94
C LEU A 966 -12.99 -1.14 -13.46
N SER A 967 -12.81 -0.02 -14.12
CA SER A 967 -11.51 0.30 -14.65
C SER A 967 -10.53 0.74 -13.59
N SER A 968 -10.99 1.20 -12.44
CA SER A 968 -10.04 1.66 -11.45
C SER A 968 -9.15 0.52 -10.96
N LYS A 969 -7.91 0.87 -10.65
CA LYS A 969 -6.94 -0.08 -10.17
C LYS A 969 -6.96 -0.26 -8.67
N PHE A 970 -7.44 0.69 -7.90
CA PHE A 970 -7.53 0.53 -6.46
C PHE A 970 -6.19 0.23 -5.83
N GLY A 971 -5.12 0.60 -6.47
CA GLY A 971 -3.80 0.32 -5.95
C GLY A 971 -3.14 -0.87 -6.57
N ALA A 972 -3.88 -1.70 -7.30
CA ALA A 972 -3.25 -2.83 -7.94
C ALA A 972 -2.43 -2.33 -9.11
N ILE A 973 -1.47 -3.14 -9.54
CA ILE A 973 -0.62 -2.74 -10.63
C ILE A 973 -1.33 -2.64 -11.97
N SER A 974 -2.53 -3.19 -12.10
CA SER A 974 -3.26 -3.03 -13.35
C SER A 974 -4.72 -3.36 -13.14
N SER A 975 -5.56 -2.87 -14.04
CA SER A 975 -6.98 -3.02 -13.84
C SER A 975 -7.52 -4.31 -14.43
N VAL A 976 -6.94 -4.81 -15.49
CA VAL A 976 -7.45 -6.06 -16.04
C VAL A 976 -6.78 -7.22 -15.34
N LEU A 977 -7.57 -8.20 -14.95
CA LEU A 977 -6.98 -9.31 -14.22
C LEU A 977 -6.07 -10.16 -15.08
N ASN A 978 -6.35 -10.26 -16.37
CA ASN A 978 -5.57 -11.18 -17.20
C ASN A 978 -4.11 -10.81 -17.18
N ASP A 979 -3.81 -9.53 -17.37
CA ASP A 979 -2.42 -9.11 -17.30
C ASP A 979 -1.86 -9.40 -15.92
N ILE A 980 -2.66 -9.13 -14.89
CA ILE A 980 -2.21 -9.35 -13.53
C ILE A 980 -1.74 -10.76 -13.36
N LEU A 981 -2.51 -11.70 -13.88
CA LEU A 981 -2.13 -13.10 -13.74
C LEU A 981 -1.10 -13.51 -14.75
N SER A 982 -0.84 -12.69 -15.76
CA SER A 982 0.11 -13.09 -16.78
C SER A 982 1.52 -12.70 -16.39
N ARG A 983 1.75 -11.43 -16.10
CA ARG A 983 3.10 -10.94 -15.89
C ARG A 983 3.51 -11.05 -14.43
N LEU A 984 3.03 -12.06 -13.73
CA LEU A 984 3.44 -12.16 -12.34
C LEU A 984 3.30 -13.59 -11.86
N ASP A 985 4.16 -13.96 -10.92
CA ASP A 985 4.07 -15.29 -10.36
C ASP A 985 2.84 -15.38 -9.50
N PRO A 986 2.33 -16.58 -9.27
CA PRO A 986 1.09 -16.73 -8.51
C PRO A 986 1.20 -16.17 -7.10
N PRO A 987 2.29 -16.41 -6.39
CA PRO A 987 2.34 -15.89 -5.02
C PRO A 987 2.15 -14.40 -4.96
N GLU A 988 2.75 -13.65 -5.87
CA GLU A 988 2.55 -12.20 -5.86
C GLU A 988 1.24 -11.81 -6.52
N ALA A 989 0.79 -12.59 -7.50
CA ALA A 989 -0.50 -12.28 -8.09
C ALA A 989 -1.60 -12.34 -7.05
N GLU A 990 -1.42 -13.14 -6.00
CA GLU A 990 -2.44 -13.18 -4.96
C GLU A 990 -2.65 -11.82 -4.34
N VAL A 991 -1.56 -11.20 -3.90
CA VAL A 991 -1.74 -9.92 -3.25
C VAL A 991 -2.10 -8.87 -4.26
N GLN A 992 -1.79 -9.07 -5.52
CA GLN A 992 -2.28 -8.10 -6.47
C GLN A 992 -3.74 -8.27 -6.79
N ILE A 993 -4.30 -9.44 -6.54
CA ILE A 993 -5.72 -9.63 -6.79
C ILE A 993 -6.57 -9.32 -5.59
N ASP A 994 -6.02 -9.42 -4.39
CA ASP A 994 -6.76 -9.00 -3.21
C ASP A 994 -7.29 -7.60 -3.34
N ARG A 995 -6.47 -6.68 -3.82
CA ARG A 995 -6.94 -5.31 -3.92
C ARG A 995 -8.12 -5.21 -4.84
N LEU A 996 -8.03 -5.80 -6.02
CA LEU A 996 -9.14 -5.69 -6.93
C LEU A 996 -10.39 -6.26 -6.31
N ILE A 997 -10.27 -7.41 -5.68
CA ILE A 997 -11.44 -8.00 -5.08
C ILE A 997 -12.05 -7.05 -4.09
N THR A 998 -11.27 -6.58 -3.13
CA THR A 998 -11.86 -5.75 -2.09
C THR A 998 -12.42 -4.47 -2.65
N GLY A 999 -11.73 -3.87 -3.60
CA GLY A 999 -12.22 -2.61 -4.11
C GLY A 999 -13.52 -2.78 -4.84
N ARG A 1000 -13.61 -3.79 -5.68
CA ARG A 1000 -14.85 -3.96 -6.41
C ARG A 1000 -15.95 -4.36 -5.47
N LEU A 1001 -15.62 -5.11 -4.45
CA LEU A 1001 -16.64 -5.50 -3.50
C LEU A 1001 -17.18 -4.32 -2.75
N GLN A 1002 -16.31 -3.44 -2.32
CA GLN A 1002 -16.79 -2.27 -1.61
C GLN A 1002 -17.63 -1.38 -2.50
N SER A 1003 -17.24 -1.23 -3.75
CA SER A 1003 -18.03 -0.39 -4.64
C SER A 1003 -19.42 -0.95 -4.77
N LEU A 1004 -19.51 -2.25 -4.94
CA LEU A 1004 -20.81 -2.86 -5.08
C LEU A 1004 -21.61 -2.67 -3.81
N GLN A 1005 -20.93 -2.74 -2.68
CA GLN A 1005 -21.64 -2.60 -1.42
C GLN A 1005 -22.26 -1.24 -1.27
N THR A 1006 -21.51 -0.20 -1.60
CA THR A 1006 -22.10 1.12 -1.52
C THR A 1006 -23.27 1.25 -2.44
N TYR A 1007 -23.14 0.69 -3.64
CA TYR A 1007 -24.26 0.80 -4.55
C TYR A 1007 -25.50 0.22 -3.93
N VAL A 1008 -25.37 -0.92 -3.30
CA VAL A 1008 -26.56 -1.54 -2.75
C VAL A 1008 -27.14 -0.69 -1.65
N THR A 1009 -26.30 -0.08 -0.84
CA THR A 1009 -26.88 0.74 0.21
C THR A 1009 -27.63 1.92 -0.34
N GLN A 1010 -27.06 2.58 -1.34
CA GLN A 1010 -27.77 3.70 -1.92
C GLN A 1010 -29.12 3.26 -2.42
N GLN A 1011 -29.17 2.07 -3.01
CA GLN A 1011 -30.45 1.65 -3.51
C GLN A 1011 -31.42 1.41 -2.39
N LEU A 1012 -30.95 0.94 -1.25
CA LEU A 1012 -31.92 0.74 -0.18
C LEU A 1012 -32.51 2.04 0.25
N ILE A 1013 -31.68 3.05 0.42
CA ILE A 1013 -32.22 4.32 0.87
C ILE A 1013 -33.20 4.89 -0.13
N ARG A 1014 -32.82 4.89 -1.40
CA ARG A 1014 -33.77 5.45 -2.33
C ARG A 1014 -35.05 4.66 -2.36
N ALA A 1015 -34.97 3.37 -2.14
CA ALA A 1015 -36.20 2.60 -2.18
C ALA A 1015 -37.11 2.96 -1.04
N ALA A 1016 -36.53 3.21 0.12
CA ALA A 1016 -37.38 3.63 1.22
C ALA A 1016 -38.06 4.95 0.90
N GLU A 1017 -37.32 5.89 0.36
CA GLU A 1017 -37.95 7.15 0.02
C GLU A 1017 -39.08 6.98 -0.97
N ILE A 1018 -38.84 6.18 -2.01
CA ILE A 1018 -39.88 6.06 -3.01
C ILE A 1018 -41.07 5.40 -2.43
N ARG A 1019 -40.88 4.48 -1.52
CA ARG A 1019 -42.02 3.86 -0.91
C ARG A 1019 -42.83 4.84 -0.11
N ALA A 1020 -42.17 5.72 0.61
CA ALA A 1020 -42.95 6.73 1.31
C ALA A 1020 -43.80 7.51 0.33
N SER A 1021 -43.21 7.92 -0.77
CA SER A 1021 -43.99 8.66 -1.75
C SER A 1021 -45.15 7.84 -2.27
N ALA A 1022 -44.94 6.55 -2.47
CA ALA A 1022 -46.00 5.76 -3.04
C ALA A 1022 -47.15 5.61 -2.08
N ASN A 1023 -46.84 5.47 -0.80
CA ASN A 1023 -47.92 5.44 0.16
C ASN A 1023 -48.72 6.71 0.11
N LEU A 1024 -48.03 7.83 0.01
CA LEU A 1024 -48.77 9.07 -0.11
C LEU A 1024 -49.66 9.06 -1.33
N ALA A 1025 -49.16 8.52 -2.43
CA ALA A 1025 -49.99 8.50 -3.63
C ALA A 1025 -51.21 7.63 -3.42
N ALA A 1026 -51.06 6.52 -2.74
CA ALA A 1026 -52.21 5.66 -2.56
C ALA A 1026 -53.25 6.36 -1.74
N THR A 1027 -52.82 7.03 -0.69
CA THR A 1027 -53.78 7.77 0.10
C THR A 1027 -54.47 8.80 -0.73
N LYS A 1028 -53.74 9.51 -1.57
CA LYS A 1028 -54.41 10.53 -2.36
C LYS A 1028 -55.42 9.91 -3.27
N MET A 1029 -55.08 8.81 -3.91
CA MET A 1029 -56.08 8.11 -4.70
C MET A 1029 -57.32 7.87 -3.90
N SER A 1030 -57.20 7.17 -2.80
CA SER A 1030 -58.40 6.82 -2.06
C SER A 1030 -59.18 8.05 -1.69
N GLU A 1031 -58.53 9.05 -1.12
CA GLU A 1031 -59.32 10.12 -0.55
C GLU A 1031 -59.76 11.13 -1.56
N CYS A 1032 -58.95 11.48 -2.53
CA CYS A 1032 -59.41 12.51 -3.42
C CYS A 1032 -60.19 11.94 -4.58
N VAL A 1033 -59.81 10.79 -5.09
CA VAL A 1033 -60.50 10.28 -6.25
C VAL A 1033 -61.79 9.60 -5.87
N LEU A 1034 -61.73 8.67 -4.96
CA LEU A 1034 -62.90 7.92 -4.57
C LEU A 1034 -63.81 8.64 -3.64
N GLY A 1035 -63.62 9.92 -3.40
CA GLY A 1035 -64.50 10.62 -2.51
C GLY A 1035 -64.22 12.08 -2.55
N GLN A 1036 -64.63 12.77 -1.51
CA GLN A 1036 -64.42 14.20 -1.45
C GLN A 1036 -63.81 14.50 -0.11
N SER A 1037 -62.73 15.25 -0.10
CA SER A 1037 -62.01 15.47 1.13
C SER A 1037 -62.21 16.85 1.69
N LYS A 1038 -62.43 16.92 2.98
CA LYS A 1038 -62.48 18.20 3.64
C LYS A 1038 -61.13 18.64 4.17
N ARG A 1039 -60.09 17.84 4.01
CA ARG A 1039 -58.79 18.28 4.49
C ARG A 1039 -58.32 19.45 3.66
N VAL A 1040 -57.92 20.52 4.30
CA VAL A 1040 -57.59 21.72 3.55
C VAL A 1040 -56.26 21.56 2.85
N ASP A 1041 -56.25 21.85 1.57
CA ASP A 1041 -55.02 21.87 0.82
C ASP A 1041 -54.35 20.53 0.84
N PHE A 1042 -55.15 19.49 0.76
CA PHE A 1042 -54.61 18.17 0.55
C PHE A 1042 -54.78 17.82 -0.91
N CYS A 1043 -56.01 17.89 -1.39
CA CYS A 1043 -56.28 17.66 -2.79
C CYS A 1043 -56.34 18.98 -3.54
N GLY A 1044 -55.25 19.73 -3.55
CA GLY A 1044 -55.19 20.98 -4.27
C GLY A 1044 -55.58 22.19 -3.45
N LYS A 1045 -55.19 23.36 -3.95
CA LYS A 1045 -55.44 24.60 -3.25
C LYS A 1045 -56.86 25.08 -3.52
N GLY A 1046 -57.65 25.23 -2.47
CA GLY A 1046 -59.02 25.65 -2.59
C GLY A 1046 -59.97 24.59 -2.09
N TYR A 1047 -61.23 24.92 -2.11
CA TYR A 1047 -62.25 23.98 -1.71
C TYR A 1047 -62.32 22.84 -2.72
N HIS A 1048 -62.03 21.64 -2.29
CA HIS A 1048 -61.91 20.52 -3.21
C HIS A 1048 -63.25 20.04 -3.74
N LEU A 1049 -63.33 19.84 -5.05
CA LEU A 1049 -64.48 19.20 -5.66
C LEU A 1049 -64.20 17.76 -6.04
N MET A 1050 -63.22 17.52 -6.89
CA MET A 1050 -62.96 16.12 -7.26
C MET A 1050 -61.59 15.99 -7.90
N SER A 1051 -61.22 14.77 -8.25
CA SER A 1051 -59.90 14.59 -8.83
C SER A 1051 -59.91 13.43 -9.81
N PHE A 1052 -59.11 13.55 -10.86
CA PHE A 1052 -58.99 12.54 -11.90
C PHE A 1052 -57.56 12.09 -11.99
N PRO A 1053 -57.28 10.79 -12.01
CA PRO A 1053 -55.92 10.32 -12.14
C PRO A 1053 -55.49 10.11 -13.57
N GLN A 1054 -54.20 10.29 -13.81
CA GLN A 1054 -53.67 9.95 -15.12
C GLN A 1054 -52.35 9.24 -14.98
N SER A 1055 -52.18 8.17 -15.73
CA SER A 1055 -50.98 7.38 -15.63
C SER A 1055 -49.79 8.10 -16.23
N ALA A 1056 -48.61 7.82 -15.70
CA ALA A 1056 -47.35 8.36 -16.18
C ALA A 1056 -46.32 7.27 -16.10
N PRO A 1057 -45.18 7.42 -16.78
CA PRO A 1057 -44.19 6.33 -16.78
C PRO A 1057 -43.81 5.81 -15.42
N HIS A 1058 -43.74 6.62 -14.40
CA HIS A 1058 -43.41 5.99 -13.14
C HIS A 1058 -44.21 6.56 -12.01
N GLY A 1059 -45.35 7.15 -12.30
CA GLY A 1059 -46.11 7.75 -11.24
C GLY A 1059 -47.47 8.16 -11.76
N VAL A 1060 -48.12 8.99 -10.99
CA VAL A 1060 -49.44 9.45 -11.34
C VAL A 1060 -49.49 10.96 -11.36
N VAL A 1061 -50.44 11.48 -12.10
CA VAL A 1061 -50.68 12.91 -12.14
C VAL A 1061 -52.14 13.16 -11.83
N PHE A 1062 -52.41 13.73 -10.68
CA PHE A 1062 -53.76 13.99 -10.24
C PHE A 1062 -54.21 15.35 -10.74
N LEU A 1063 -55.38 15.40 -11.34
CA LEU A 1063 -55.97 16.64 -11.80
C LEU A 1063 -57.02 17.16 -10.82
N HIS A 1064 -56.59 17.79 -9.74
CA HIS A 1064 -57.55 18.26 -8.77
C HIS A 1064 -58.42 19.38 -9.28
N VAL A 1065 -59.74 19.25 -9.17
CA VAL A 1065 -60.70 20.29 -9.49
C VAL A 1065 -61.19 20.95 -8.22
N THR A 1066 -60.89 22.22 -8.06
CA THR A 1066 -61.15 23.00 -6.86
C THR A 1066 -62.04 24.19 -7.14
N TYR A 1067 -62.81 24.60 -6.16
CA TYR A 1067 -63.70 25.74 -6.23
C TYR A 1067 -63.11 26.92 -5.49
N VAL A 1068 -62.98 28.07 -6.14
CA VAL A 1068 -62.36 29.24 -5.55
C VAL A 1068 -63.27 30.46 -5.66
N PRO A 1069 -63.63 31.11 -4.58
CA PRO A 1069 -64.45 32.31 -4.65
C PRO A 1069 -63.74 33.50 -5.24
N ALA A 1070 -64.52 34.52 -5.59
CA ALA A 1070 -63.97 35.74 -6.13
C ALA A 1070 -65.00 36.85 -6.10
N GLN A 1071 -64.54 38.06 -6.38
CA GLN A 1071 -65.37 39.27 -6.40
C GLN A 1071 -66.05 39.55 -5.06
N GLU A 1072 -65.25 39.73 -4.02
CA GLU A 1072 -65.83 39.96 -2.70
C GLU A 1072 -66.40 41.35 -2.59
N LYS A 1073 -67.19 41.57 -1.55
CA LYS A 1073 -67.84 42.84 -1.34
C LYS A 1073 -68.03 43.12 0.14
N ASN A 1074 -67.99 44.39 0.52
CA ASN A 1074 -68.15 44.80 1.89
C ASN A 1074 -69.60 44.81 2.33
N PHE A 1075 -69.81 44.54 3.61
CA PHE A 1075 -71.14 44.55 4.17
C PHE A 1075 -70.99 44.87 5.64
N THR A 1076 -72.05 45.35 6.23
CA THR A 1076 -72.09 45.59 7.66
C THR A 1076 -72.89 44.49 8.33
N THR A 1077 -72.42 44.01 9.46
CA THR A 1077 -73.06 42.85 10.06
C THR A 1077 -73.26 42.98 11.54
N ALA A 1078 -74.12 42.13 12.08
CA ALA A 1078 -74.36 42.04 13.50
C ALA A 1078 -74.62 40.61 13.93
N PRO A 1079 -74.24 40.24 15.14
CA PRO A 1079 -74.38 38.84 15.54
C PRO A 1079 -75.78 38.40 15.85
N ALA A 1080 -76.72 39.28 16.14
CA ALA A 1080 -78.04 38.79 16.52
C ALA A 1080 -79.04 39.89 16.36
N ILE A 1081 -80.31 39.53 16.30
CA ILE A 1081 -81.36 40.52 16.18
C ILE A 1081 -82.19 40.53 17.46
N CYS A 1082 -82.57 41.70 17.93
CA CYS A 1082 -83.41 41.77 19.10
C CYS A 1082 -84.79 42.17 18.64
N HIS A 1083 -85.75 41.30 18.86
CA HIS A 1083 -87.10 41.62 18.47
C HIS A 1083 -88.01 41.11 19.55
N ASP A 1084 -88.96 41.93 19.95
CA ASP A 1084 -89.88 41.54 20.99
C ASP A 1084 -89.13 41.20 22.26
N GLY A 1085 -87.95 41.76 22.41
CA GLY A 1085 -87.18 41.55 23.61
C GLY A 1085 -86.37 40.28 23.63
N LYS A 1086 -86.49 39.44 22.64
CA LYS A 1086 -85.70 38.23 22.62
C LYS A 1086 -84.77 38.23 21.42
N ALA A 1087 -83.64 37.55 21.59
CA ALA A 1087 -82.58 37.53 20.59
C ALA A 1087 -82.80 36.42 19.59
N HIS A 1088 -82.53 36.73 18.33
CA HIS A 1088 -82.60 35.79 17.25
C HIS A 1088 -81.23 35.57 16.65
N PHE A 1089 -80.92 34.34 16.33
CA PHE A 1089 -79.66 34.00 15.68
C PHE A 1089 -79.99 33.26 14.42
N PRO A 1090 -79.14 33.28 13.42
CA PRO A 1090 -79.48 32.62 12.17
C PRO A 1090 -79.16 31.16 12.24
N ARG A 1091 -80.05 30.35 11.69
CA ARG A 1091 -79.79 28.92 11.65
C ARG A 1091 -78.56 28.64 10.84
N GLU A 1092 -78.49 29.22 9.67
CA GLU A 1092 -77.29 29.10 8.87
C GLU A 1092 -77.04 30.37 8.09
N GLY A 1093 -75.83 30.87 8.15
CA GLY A 1093 -75.47 32.06 7.46
C GLY A 1093 -75.18 33.20 8.39
N VAL A 1094 -75.23 34.40 7.85
CA VAL A 1094 -74.86 35.59 8.59
C VAL A 1094 -75.84 36.68 8.31
N PHE A 1095 -76.05 37.51 9.32
CA PHE A 1095 -76.85 38.71 9.19
C PHE A 1095 -76.05 39.76 8.47
N VAL A 1096 -76.46 40.12 7.28
CA VAL A 1096 -75.74 41.07 6.46
C VAL A 1096 -76.62 42.27 6.21
N SER A 1097 -76.08 43.44 6.42
CA SER A 1097 -76.81 44.65 6.09
C SER A 1097 -76.19 45.39 4.94
N ASN A 1098 -77.03 45.88 4.04
CA ASN A 1098 -76.52 46.59 2.87
C ASN A 1098 -76.70 48.08 3.01
N GLY A 1099 -76.71 48.57 4.24
CA GLY A 1099 -76.80 50.00 4.39
C GLY A 1099 -78.12 50.37 5.02
N THR A 1100 -79.20 49.72 4.58
CA THR A 1100 -80.52 50.04 5.08
C THR A 1100 -81.35 48.86 5.46
N HIS A 1101 -81.06 47.68 4.97
CA HIS A 1101 -81.89 46.55 5.24
C HIS A 1101 -81.05 45.41 5.74
N TRP A 1102 -81.66 44.56 6.54
CA TRP A 1102 -80.96 43.43 7.07
C TRP A 1102 -81.42 42.17 6.35
N PHE A 1103 -80.49 41.26 6.11
CA PHE A 1103 -80.77 40.01 5.43
C PHE A 1103 -79.98 38.89 6.07
N VAL A 1104 -80.35 37.69 5.72
CA VAL A 1104 -79.62 36.50 6.09
C VAL A 1104 -79.02 35.92 4.83
N THR A 1105 -77.79 35.44 4.91
CA THR A 1105 -77.20 34.89 3.70
C THR A 1105 -76.24 33.77 4.01
N GLN A 1106 -76.21 32.77 3.13
CA GLN A 1106 -75.26 31.69 3.32
C GLN A 1106 -73.86 32.27 3.27
N ARG A 1107 -72.94 31.59 3.92
CA ARG A 1107 -71.66 32.20 4.19
C ARG A 1107 -70.82 32.36 2.92
N ASN A 1108 -70.80 31.37 2.05
CA ASN A 1108 -69.85 31.38 0.95
C ASN A 1108 -70.35 31.92 -0.37
N PHE A 1109 -71.53 32.52 -0.44
CA PHE A 1109 -71.94 33.07 -1.71
C PHE A 1109 -73.07 34.04 -1.46
N TYR A 1110 -72.95 35.23 -1.99
CA TYR A 1110 -73.93 36.24 -1.67
C TYR A 1110 -75.29 35.90 -2.24
N GLU A 1111 -76.26 35.63 -1.38
CA GLU A 1111 -77.63 35.38 -1.83
C GLU A 1111 -78.57 35.84 -0.73
N PRO A 1112 -78.84 37.12 -0.66
CA PRO A 1112 -79.61 37.66 0.46
C PRO A 1112 -81.04 37.21 0.48
N GLN A 1113 -81.55 36.97 1.67
CA GLN A 1113 -82.93 36.62 1.88
C GLN A 1113 -83.55 37.38 3.04
N ILE A 1114 -84.86 37.49 3.01
CA ILE A 1114 -85.61 38.12 4.08
C ILE A 1114 -85.53 37.32 5.36
N ILE A 1115 -85.37 38.01 6.46
CA ILE A 1115 -85.29 37.40 7.78
C ILE A 1115 -86.66 36.93 8.22
N THR A 1116 -86.81 35.63 8.44
CA THR A 1116 -88.12 35.14 8.84
C THR A 1116 -87.93 34.22 10.01
N THR A 1117 -89.04 33.83 10.59
CA THR A 1117 -88.96 32.91 11.69
C THR A 1117 -88.46 31.55 11.23
N ASP A 1118 -88.42 31.33 9.94
CA ASP A 1118 -88.03 30.01 9.48
C ASP A 1118 -86.53 29.82 9.51
N ASN A 1119 -85.76 30.84 9.21
CA ASN A 1119 -84.32 30.68 9.12
C ASN A 1119 -83.58 31.22 10.32
N THR A 1120 -84.25 31.39 11.45
CA THR A 1120 -83.61 31.89 12.65
C THR A 1120 -84.20 31.19 13.85
N PHE A 1121 -83.44 31.13 14.91
CA PHE A 1121 -83.93 30.53 16.14
C PHE A 1121 -83.65 31.44 17.32
N VAL A 1122 -84.45 31.30 18.33
CA VAL A 1122 -84.47 32.22 19.45
C VAL A 1122 -83.77 31.64 20.65
N SER A 1123 -83.17 32.49 21.47
CA SER A 1123 -82.55 32.05 22.70
C SER A 1123 -82.47 33.19 23.71
N GLY A 1124 -83.35 33.16 24.70
CA GLY A 1124 -83.29 34.10 25.80
C GLY A 1124 -83.55 35.56 25.48
N ASN A 1125 -83.62 36.39 26.50
CA ASN A 1125 -83.88 37.79 26.28
C ASN A 1125 -82.69 38.46 25.63
N CYS A 1126 -82.93 39.65 25.11
CA CYS A 1126 -82.00 40.29 24.19
C CYS A 1126 -81.15 41.35 24.86
N ASP A 1127 -80.79 41.18 26.11
CA ASP A 1127 -79.89 42.14 26.71
C ASP A 1127 -78.50 41.61 27.05
N VAL A 1128 -78.25 40.31 26.95
CA VAL A 1128 -76.92 39.85 27.31
C VAL A 1128 -75.91 39.82 26.16
N VAL A 1129 -76.35 39.59 24.94
CA VAL A 1129 -75.40 39.52 23.84
C VAL A 1129 -74.92 40.91 23.47
N ILE A 1130 -73.68 41.01 23.10
CA ILE A 1130 -73.08 42.29 22.77
C ILE A 1130 -73.19 42.55 21.28
N GLY A 1131 -73.49 43.78 20.92
CA GLY A 1131 -73.62 44.14 19.53
C GLY A 1131 -74.93 43.77 18.88
N ILE A 1132 -75.95 43.47 19.68
CA ILE A 1132 -77.23 43.10 19.13
C ILE A 1132 -77.90 44.33 18.53
N VAL A 1133 -78.71 44.13 17.50
CA VAL A 1133 -79.38 45.23 16.84
C VAL A 1133 -80.86 44.96 16.83
N ASN A 1134 -81.62 45.92 16.32
CA ASN A 1134 -83.06 45.83 16.36
C ASN A 1134 -83.57 45.67 14.94
N ASN A 1135 -84.57 44.83 14.77
CA ASN A 1135 -85.16 44.78 13.45
C ASN A 1135 -86.37 43.88 13.46
N THR A 1136 -87.18 44.02 12.44
CA THR A 1136 -88.39 43.24 12.28
C THR A 1136 -88.10 41.83 11.79
N VAL A 1137 -88.67 40.84 12.45
CA VAL A 1137 -88.52 39.45 12.04
C VAL A 1137 -89.86 38.97 11.52
N TYR A 1138 -90.07 38.97 10.21
CA TYR A 1138 -91.40 38.65 9.72
C TYR A 1138 -91.81 37.24 10.04
N ASP A 1139 -93.10 37.07 10.35
CA ASP A 1139 -93.75 35.80 10.60
C ASP A 1139 -94.76 35.45 9.54
N PRO A 1140 -94.60 34.36 8.82
CA PRO A 1140 -95.53 34.03 7.74
C PRO A 1140 -96.97 33.75 8.16
N LEU A 1141 -97.27 33.48 9.44
CA LEU A 1141 -98.65 33.15 9.82
C LEU A 1141 -99.57 34.35 9.79
N GLN A 1142 -99.05 35.55 9.95
CA GLN A 1142 -99.93 36.72 9.94
C GLN A 1142 -100.60 36.89 8.59
N PRO A 1143 -99.90 36.87 7.47
CA PRO A 1143 -100.59 37.03 6.18
C PRO A 1143 -101.74 36.07 5.93
N GLU A 1144 -101.78 34.87 6.52
CA GLU A 1144 -102.94 34.03 6.22
C GLU A 1144 -104.19 34.65 6.81
N LEU A 1145 -104.12 35.10 8.07
CA LEU A 1145 -105.22 35.82 8.71
C LEU A 1145 -106.57 35.10 8.65
N ASP A 1146 -106.62 33.87 9.12
CA ASP A 1146 -107.90 33.16 9.06
C ASP A 1146 -108.86 33.68 10.12
N ALA B 27 2.32 0.58 60.35
CA ALA B 27 0.98 1.10 60.53
C ALA B 27 0.30 1.29 59.18
N TYR B 28 -0.85 1.96 59.17
CA TYR B 28 -1.58 2.19 57.93
C TYR B 28 -2.39 3.46 58.04
N THR B 29 -2.67 4.05 56.89
CA THR B 29 -3.54 5.20 56.81
C THR B 29 -3.97 5.37 55.36
N ASN B 30 -5.27 5.52 55.15
CA ASN B 30 -5.80 5.65 53.82
C ASN B 30 -5.38 6.96 53.21
N SER B 31 -5.00 6.89 51.96
CA SER B 31 -4.67 8.09 51.23
C SER B 31 -5.94 8.63 50.61
N PHE B 32 -6.26 9.86 50.90
CA PHE B 32 -7.47 10.37 50.29
C PHE B 32 -7.15 10.74 48.87
N THR B 33 -7.94 11.61 48.29
CA THR B 33 -7.78 11.98 46.90
C THR B 33 -6.56 12.90 46.75
N ARG B 34 -5.39 12.27 46.71
CA ARG B 34 -4.13 12.97 46.69
C ARG B 34 -3.28 12.30 45.64
N GLY B 35 -2.12 12.87 45.35
CA GLY B 35 -1.20 12.25 44.43
C GLY B 35 -1.37 12.59 42.96
N VAL B 36 -2.38 13.35 42.58
CA VAL B 36 -2.52 13.73 41.18
C VAL B 36 -1.48 14.78 40.80
N TYR B 37 -0.99 14.70 39.56
CA TYR B 37 0.02 15.64 39.08
C TYR B 37 -0.22 15.96 37.61
N TYR B 38 0.32 17.08 37.17
CA TYR B 38 0.18 17.46 35.77
C TYR B 38 0.98 16.53 34.90
N PRO B 39 0.39 15.77 34.05
CA PRO B 39 1.15 14.75 33.34
C PRO B 39 1.82 15.18 32.04
N ASP B 40 1.35 16.22 31.34
CA ASP B 40 1.86 16.46 29.99
C ASP B 40 2.30 17.88 29.66
N LYS B 41 2.32 18.79 30.64
CA LYS B 41 2.74 20.19 30.45
C LYS B 41 2.14 20.83 29.22
N VAL B 42 0.92 20.46 28.87
CA VAL B 42 0.24 21.06 27.74
C VAL B 42 -0.96 21.78 28.30
N PHE B 43 -1.14 23.01 27.90
CA PHE B 43 -2.21 23.81 28.45
C PHE B 43 -3.55 23.43 27.85
N ARG B 44 -4.56 23.35 28.70
CA ARG B 44 -5.93 23.13 28.28
C ARG B 44 -6.80 23.92 29.22
N SER B 45 -7.88 24.48 28.73
CA SER B 45 -8.68 25.37 29.55
C SER B 45 -10.11 24.89 29.64
N SER B 46 -10.60 24.80 30.87
CA SER B 46 -11.99 24.47 31.14
C SER B 46 -12.44 23.28 30.30
N VAL B 47 -11.77 22.16 30.50
CA VAL B 47 -12.08 20.98 29.70
C VAL B 47 -11.75 19.75 30.50
N LEU B 48 -12.38 18.63 30.14
CA LEU B 48 -12.12 17.38 30.81
C LEU B 48 -11.26 16.49 29.93
N HIS B 49 -10.33 15.80 30.54
CA HIS B 49 -9.45 14.95 29.77
C HIS B 49 -9.25 13.64 30.48
N SER B 50 -9.28 12.53 29.75
CA SER B 50 -9.11 11.21 30.33
C SER B 50 -7.74 10.66 29.98
N THR B 51 -7.00 10.17 30.96
CA THR B 51 -5.65 9.69 30.72
C THR B 51 -5.40 8.38 31.44
N GLN B 52 -4.72 7.45 30.79
CA GLN B 52 -4.30 6.20 31.41
C GLN B 52 -2.82 6.23 31.75
N ASP B 53 -2.49 6.29 33.04
CA ASP B 53 -1.08 6.36 33.43
C ASP B 53 -0.94 5.82 34.84
N LEU B 54 0.29 5.83 35.34
CA LEU B 54 0.60 5.29 36.67
C LEU B 54 0.27 6.33 37.71
N PHE B 55 -0.83 6.17 38.40
CA PHE B 55 -1.25 7.11 39.41
C PHE B 55 -1.36 6.42 40.76
N LEU B 56 -1.63 7.21 41.78
CA LEU B 56 -1.89 6.66 43.09
C LEU B 56 -3.39 6.43 43.29
N PRO B 57 -3.86 5.20 43.34
CA PRO B 57 -5.30 4.94 43.48
C PRO B 57 -5.86 5.59 44.73
N PHE B 58 -7.06 6.14 44.61
CA PHE B 58 -7.67 6.84 45.72
C PHE B 58 -8.05 5.91 46.87
N PHE B 59 -8.07 6.50 48.06
CA PHE B 59 -8.49 5.82 49.26
C PHE B 59 -7.70 4.59 49.59
N SER B 60 -6.46 4.52 49.16
CA SER B 60 -5.68 3.38 49.52
C SER B 60 -4.86 3.72 50.76
N ASN B 61 -4.64 2.72 51.60
CA ASN B 61 -3.88 2.95 52.80
C ASN B 61 -2.41 2.98 52.44
N VAL B 62 -1.64 3.78 53.18
CA VAL B 62 -0.23 3.98 52.87
C VAL B 62 0.57 3.77 54.14
N THR B 63 1.76 3.21 53.99
CA THR B 63 2.57 2.98 55.17
C THR B 63 2.95 4.30 55.79
N TRP B 64 2.99 4.31 57.10
CA TRP B 64 3.22 5.52 57.88
C TRP B 64 4.43 5.24 58.74
N PHE B 65 5.38 6.16 58.76
CA PHE B 65 6.53 5.98 59.61
C PHE B 65 6.78 7.26 60.37
N HIS B 66 7.46 7.13 61.51
CA HIS B 66 7.71 8.27 62.37
C HIS B 66 9.21 8.57 62.47
N ALA B 67 9.50 9.86 62.67
CA ALA B 67 10.87 10.35 62.72
C ALA B 67 11.26 10.69 64.14
N ILE B 68 11.26 9.70 65.01
CA ILE B 68 11.73 9.87 66.38
C ILE B 68 13.07 9.15 66.49
N HIS B 69 13.03 7.84 66.32
CA HIS B 69 14.17 6.96 66.30
C HIS B 69 13.71 5.72 65.57
N VAL B 70 14.67 5.09 64.89
CA VAL B 70 14.48 3.84 64.17
C VAL B 70 13.04 3.46 63.88
N ASP B 80 18.54 2.17 61.01
CA ASP B 80 17.37 2.73 61.69
C ASP B 80 16.10 2.61 60.84
N ASN B 81 16.21 2.87 59.53
CA ASN B 81 15.03 2.85 58.72
C ASN B 81 15.22 1.79 57.63
N PRO B 82 14.22 0.95 57.39
CA PRO B 82 14.39 -0.12 56.40
C PRO B 82 14.32 0.36 54.97
N VAL B 83 14.94 -0.41 54.11
CA VAL B 83 14.98 -0.10 52.69
C VAL B 83 13.69 -0.62 52.08
N LEU B 84 13.15 0.12 51.14
CA LEU B 84 11.91 -0.27 50.51
C LEU B 84 12.10 -0.42 49.02
N PRO B 85 11.53 -1.44 48.40
CA PRO B 85 11.76 -1.64 46.97
C PRO B 85 11.06 -0.54 46.19
N PHE B 86 11.57 -0.31 44.99
CA PHE B 86 11.02 0.69 44.10
C PHE B 86 10.19 -0.02 43.05
N ASN B 87 8.96 -0.36 43.41
CA ASN B 87 8.15 -1.17 42.53
C ASN B 87 7.94 -0.44 41.22
N ASP B 88 7.25 0.69 41.27
CA ASP B 88 7.03 1.44 40.04
C ASP B 88 7.07 2.94 40.21
N GLY B 89 7.09 3.47 41.42
CA GLY B 89 7.00 4.90 41.58
C GLY B 89 6.45 5.18 42.96
N VAL B 90 6.96 6.19 43.62
CA VAL B 90 6.62 6.37 45.01
C VAL B 90 6.03 7.73 45.26
N TYR B 91 5.00 7.78 46.08
CA TYR B 91 4.40 9.03 46.44
C TYR B 91 4.79 9.25 47.88
N PHE B 92 5.67 10.21 48.12
CA PHE B 92 6.26 10.49 49.42
C PHE B 92 5.70 11.79 50.00
N ALA B 93 4.88 11.71 51.04
CA ALA B 93 4.43 12.96 51.66
C ALA B 93 4.96 13.12 53.07
N SER B 94 5.29 14.36 53.45
CA SER B 94 5.80 14.57 54.79
C SER B 94 5.39 15.94 55.31
N THR B 95 4.82 15.99 56.50
CA THR B 95 4.53 17.26 57.15
C THR B 95 5.43 17.37 58.39
N GLU B 96 6.41 18.25 58.31
CA GLU B 96 7.37 18.41 59.39
C GLU B 96 7.80 19.86 59.33
N LYS B 97 8.43 20.34 60.40
CA LYS B 97 8.80 21.75 60.45
C LYS B 97 10.21 21.97 60.98
N SER B 98 11.10 20.99 60.84
CA SER B 98 12.45 21.18 61.35
C SER B 98 13.54 20.73 60.39
N ASN B 99 13.21 20.43 59.14
CA ASN B 99 14.22 20.00 58.15
C ASN B 99 15.02 18.80 58.65
N ILE B 100 14.32 17.85 59.24
CA ILE B 100 15.04 16.71 59.80
C ILE B 100 15.37 15.71 58.73
N ILE B 101 14.53 15.61 57.73
CA ILE B 101 14.74 14.74 56.59
C ILE B 101 15.31 15.57 55.46
N ARG B 102 16.43 15.14 54.93
CA ARG B 102 17.21 16.00 54.07
C ARG B 102 17.61 15.40 52.74
N GLY B 103 17.26 14.16 52.44
CA GLY B 103 17.64 13.63 51.15
C GLY B 103 17.20 12.21 50.95
N TRP B 104 17.60 11.67 49.81
CA TRP B 104 17.23 10.33 49.42
C TRP B 104 18.40 9.67 48.72
N ILE B 105 18.28 8.36 48.59
CA ILE B 105 19.24 7.56 47.86
C ILE B 105 18.48 6.48 47.12
N PHE B 106 18.78 6.31 45.85
CA PHE B 106 18.11 5.33 45.02
C PHE B 106 19.15 4.45 44.36
N GLY B 107 18.69 3.36 43.77
CA GLY B 107 19.59 2.49 43.07
C GLY B 107 19.16 1.04 43.21
N THR B 108 19.92 0.19 42.56
CA THR B 108 19.72 -1.24 42.62
C THR B 108 20.43 -1.88 43.83
N THR B 109 21.34 -1.17 44.47
CA THR B 109 22.03 -1.67 45.66
C THR B 109 22.75 -0.50 46.32
N LEU B 110 22.96 -0.61 47.62
CA LEU B 110 23.65 0.46 48.34
C LEU B 110 25.16 0.36 48.22
N ASP B 111 25.67 -0.76 47.72
CA ASP B 111 27.09 -0.96 47.58
C ASP B 111 27.58 -0.23 46.34
N SER B 112 28.88 -0.15 46.19
CA SER B 112 29.42 0.53 45.04
C SER B 112 29.35 -0.33 43.80
N LYS B 113 28.73 -1.49 43.90
CA LYS B 113 28.62 -2.46 42.81
C LYS B 113 27.77 -1.96 41.65
N THR B 114 27.07 -0.84 41.78
CA THR B 114 26.25 -0.29 40.71
C THR B 114 26.23 1.22 40.87
N GLN B 115 26.04 1.93 39.75
CA GLN B 115 26.06 3.39 39.75
C GLN B 115 24.76 3.88 40.36
N SER B 116 24.68 3.80 41.69
CA SER B 116 23.50 4.28 42.38
C SER B 116 23.33 5.79 42.26
N LEU B 117 22.23 6.29 42.82
CA LEU B 117 21.84 7.68 42.69
C LEU B 117 21.75 8.31 44.07
N LEU B 118 22.03 9.59 44.13
CA LEU B 118 21.99 10.35 45.37
C LEU B 118 21.31 11.68 45.10
N ILE B 119 20.39 12.07 45.99
CA ILE B 119 19.79 13.39 45.93
C ILE B 119 19.79 13.98 47.31
N VAL B 120 20.45 15.12 47.48
CA VAL B 120 20.57 15.69 48.80
C VAL B 120 20.19 17.15 48.75
N ASN B 121 19.19 17.50 49.53
CA ASN B 121 18.81 18.88 49.61
C ASN B 121 19.65 19.51 50.69
N ASN B 122 19.54 20.82 50.81
CA ASN B 122 20.32 21.53 51.81
C ASN B 122 19.69 22.90 51.97
N ALA B 123 20.16 23.64 52.97
CA ALA B 123 19.63 24.98 53.19
C ALA B 123 20.00 25.88 52.02
N THR B 124 21.00 25.49 51.25
CA THR B 124 21.50 26.28 50.14
C THR B 124 21.05 25.79 48.79
N ASN B 125 21.01 24.48 48.57
CA ASN B 125 20.74 24.00 47.23
C ASN B 125 20.48 22.52 47.24
N VAL B 126 20.04 22.04 46.11
CA VAL B 126 19.92 20.62 45.85
C VAL B 126 21.17 20.20 45.10
N VAL B 127 21.70 19.05 45.47
CA VAL B 127 22.84 18.40 44.83
C VAL B 127 22.44 17.01 44.40
N ILE B 128 22.49 16.76 43.11
CA ILE B 128 22.14 15.47 42.54
C ILE B 128 23.38 14.82 41.93
N LYS B 129 23.59 13.54 42.24
CA LYS B 129 24.80 12.86 41.81
C LYS B 129 24.51 11.40 41.47
N VAL B 130 25.26 10.84 40.54
CA VAL B 130 25.16 9.41 40.23
C VAL B 130 26.56 8.80 40.19
N CYS B 131 27.00 8.21 41.30
CA CYS B 131 28.38 7.76 41.39
C CYS B 131 28.67 6.41 42.02
N GLU B 132 27.67 5.55 42.28
CA GLU B 132 27.98 4.21 42.76
C GLU B 132 28.81 4.18 44.04
N PHE B 133 28.63 5.13 44.94
CA PHE B 133 29.40 5.08 46.18
C PHE B 133 28.83 4.02 47.12
N GLN B 134 29.67 3.09 47.56
CA GLN B 134 29.17 2.08 48.50
C GLN B 134 28.89 2.74 49.83
N PHE B 135 27.72 2.48 50.38
CA PHE B 135 27.30 3.11 51.61
C PHE B 135 27.44 2.16 52.78
N CYS B 136 27.23 2.72 53.96
CA CYS B 136 27.36 1.96 55.18
C CYS B 136 26.11 1.11 55.36
N ASN B 137 26.07 0.32 56.44
CA ASN B 137 24.90 -0.52 56.69
C ASN B 137 23.65 0.32 56.85
N ASP B 138 23.80 1.54 57.30
CA ASP B 138 22.67 2.44 57.45
C ASP B 138 23.09 3.78 56.89
N PRO B 139 22.16 4.55 56.35
CA PRO B 139 22.55 5.88 55.90
C PRO B 139 23.02 6.65 57.11
N PHE B 140 24.15 7.30 56.95
CA PHE B 140 24.73 8.03 58.05
C PHE B 140 23.80 9.14 58.52
N LEU B 141 23.77 9.36 59.81
CA LEU B 141 22.95 10.41 60.39
C LEU B 141 23.91 11.53 60.72
N ASP B 142 23.80 12.62 59.98
CA ASP B 142 24.67 13.76 60.12
C ASP B 142 24.56 14.38 61.51
N PHE B 157 30.36 14.76 60.67
CA PHE B 157 29.24 13.89 60.35
C PHE B 157 28.54 14.30 59.08
N ARG B 158 29.28 14.66 58.03
CA ARG B 158 28.57 15.09 56.84
C ARG B 158 28.44 14.04 55.74
N VAL B 159 29.30 13.02 55.68
CA VAL B 159 29.21 12.03 54.60
C VAL B 159 29.68 10.66 55.07
N TYR B 160 29.12 9.62 54.45
CA TYR B 160 29.54 8.24 54.71
C TYR B 160 29.18 7.44 53.47
N SER B 161 30.17 7.14 52.64
CA SER B 161 29.97 6.38 51.42
C SER B 161 31.34 5.97 50.92
N SER B 162 31.37 4.96 50.06
CA SER B 162 32.63 4.48 49.51
C SER B 162 33.02 5.26 48.26
N ALA B 163 34.04 4.73 47.58
CA ALA B 163 34.54 5.35 46.36
C ALA B 163 33.46 5.44 45.31
N ASN B 164 33.73 6.26 44.30
CA ASN B 164 32.75 6.60 43.30
C ASN B 164 33.31 6.52 41.88
N ASN B 165 32.40 6.39 40.93
CA ASN B 165 32.69 6.43 39.50
C ASN B 165 31.71 7.38 38.84
N CYS B 166 31.55 8.54 39.48
CA CYS B 166 30.45 9.44 39.15
C CYS B 166 30.37 9.73 37.67
N THR B 167 29.15 9.76 37.15
CA THR B 167 28.90 10.15 35.78
C THR B 167 28.05 11.40 35.62
N PHE B 168 27.26 11.80 36.61
CA PHE B 168 26.46 13.01 36.47
C PHE B 168 26.26 13.66 37.81
N GLU B 169 26.23 14.99 37.79
CA GLU B 169 26.03 15.84 38.95
C GLU B 169 25.33 17.11 38.50
N TYR B 170 24.55 17.67 39.41
CA TYR B 170 23.66 18.77 39.12
C TYR B 170 23.35 19.50 40.42
N VAL B 171 23.02 20.77 40.31
CA VAL B 171 22.73 21.58 41.49
C VAL B 171 21.73 22.64 41.13
N SER B 172 20.90 23.02 42.11
CA SER B 172 19.91 24.06 41.86
C SER B 172 19.33 24.54 43.19
N GLN B 173 18.38 25.48 43.10
CA GLN B 173 17.81 26.09 44.29
C GLN B 173 17.20 25.04 45.23
N PRO B 174 17.09 25.37 46.51
CA PRO B 174 16.60 24.38 47.49
C PRO B 174 15.10 24.14 47.43
N PHE B 175 14.69 22.98 47.93
CA PHE B 175 13.27 22.63 48.04
C PHE B 175 12.64 23.11 49.34
N LEU B 176 12.80 24.38 49.71
CA LEU B 176 12.27 24.83 50.99
C LEU B 176 11.53 26.15 50.91
N LYS B 187 4.38 21.61 60.06
CA LYS B 187 3.02 21.91 59.63
C LYS B 187 2.97 22.07 58.11
N ASN B 188 4.12 22.27 57.49
CA ASN B 188 4.15 22.41 56.04
C ASN B 188 4.27 21.03 55.44
N LEU B 189 3.30 20.69 54.60
CA LEU B 189 3.25 19.39 53.95
C LEU B 189 3.94 19.45 52.60
N ARG B 190 5.12 18.86 52.51
CA ARG B 190 5.82 18.74 51.25
C ARG B 190 5.41 17.40 50.65
N GLU B 191 5.01 17.43 49.39
CA GLU B 191 4.54 16.23 48.72
C GLU B 191 5.43 15.99 47.51
N PHE B 192 5.73 14.73 47.22
CA PHE B 192 6.64 14.43 46.13
C PHE B 192 6.20 13.17 45.42
N VAL B 193 6.39 13.13 44.12
CA VAL B 193 6.12 11.93 43.36
C VAL B 193 7.38 11.63 42.59
N PHE B 194 7.91 10.42 42.76
CA PHE B 194 9.13 10.03 42.11
C PHE B 194 8.82 8.93 41.12
N LYS B 195 9.22 9.14 39.87
CA LYS B 195 8.91 8.20 38.81
C LYS B 195 10.12 8.05 37.90
N ASN B 196 10.41 6.85 37.45
CA ASN B 196 11.58 6.72 36.56
C ASN B 196 11.29 5.54 35.64
N ILE B 197 10.86 5.84 34.42
CA ILE B 197 10.38 4.83 33.50
C ILE B 197 11.16 4.82 32.18
N ASP B 198 11.23 5.96 31.50
CA ASP B 198 11.73 6.02 30.12
C ASP B 198 13.18 6.44 30.04
N GLY B 199 14.04 5.99 30.95
CA GLY B 199 15.38 6.50 30.89
C GLY B 199 15.51 7.84 31.55
N TYR B 200 14.42 8.38 32.03
CA TYR B 200 14.42 9.64 32.74
C TYR B 200 13.85 9.41 34.12
N PHE B 201 14.33 10.16 35.09
CA PHE B 201 13.79 10.09 36.43
C PHE B 201 13.15 11.44 36.69
N LYS B 202 11.88 11.44 37.04
CA LYS B 202 11.07 12.64 37.09
C LYS B 202 10.57 12.85 38.49
N ILE B 203 10.50 14.11 38.87
CA ILE B 203 10.07 14.50 40.19
C ILE B 203 8.93 15.48 40.07
N TYR B 204 7.90 15.29 40.87
CA TYR B 204 6.86 16.29 40.99
C TYR B 204 6.73 16.66 42.45
N SER B 205 6.27 17.86 42.73
CA SER B 205 6.30 18.28 44.11
C SER B 205 5.29 19.37 44.36
N LYS B 206 5.02 19.60 45.63
CA LYS B 206 4.09 20.65 46.05
C LYS B 206 4.25 20.93 47.53
N HIS B 207 4.14 22.20 47.91
CA HIS B 207 4.30 22.60 49.31
C HIS B 207 3.05 23.30 49.82
N THR B 208 2.41 22.73 50.84
CA THR B 208 1.15 23.33 51.24
C THR B 208 1.09 23.54 52.74
N PRO B 209 0.44 24.62 53.17
CA PRO B 209 0.15 24.85 54.59
C PRO B 209 -0.77 23.79 55.17
N ILE B 210 -0.87 23.81 56.50
CA ILE B 210 -1.77 22.93 57.23
C ILE B 210 -2.29 23.69 58.45
N ASP B 215 -1.34 14.05 59.68
CA ASP B 215 -2.12 13.09 58.90
C ASP B 215 -2.31 13.64 57.51
N LEU B 216 -2.70 12.80 56.58
CA LEU B 216 -2.89 13.32 55.24
C LEU B 216 -4.19 14.12 55.16
N PRO B 217 -4.15 15.33 54.65
CA PRO B 217 -5.36 16.13 54.54
C PRO B 217 -6.19 15.69 53.35
N GLN B 218 -7.46 16.05 53.40
CA GLN B 218 -8.37 15.74 52.31
C GLN B 218 -8.30 16.71 51.15
N GLY B 219 -7.51 17.77 51.24
CA GLY B 219 -7.52 18.78 50.20
C GLY B 219 -6.94 18.30 48.89
N PHE B 220 -7.54 18.78 47.79
CA PHE B 220 -7.06 18.48 46.46
C PHE B 220 -6.02 19.48 46.00
N SER B 221 -4.94 18.98 45.40
CA SER B 221 -3.87 19.82 44.87
C SER B 221 -2.96 18.98 43.99
N ALA B 222 -2.65 19.46 42.79
CA ALA B 222 -1.87 18.66 41.87
C ALA B 222 -0.40 18.98 42.02
N LEU B 223 0.43 17.98 41.76
CA LEU B 223 1.87 18.18 41.80
C LEU B 223 2.39 18.70 40.48
N GLU B 224 3.31 19.48 40.55
CA GLU B 224 3.84 20.09 39.36
C GLU B 224 5.16 19.47 38.96
N PRO B 225 5.42 19.34 37.67
CA PRO B 225 6.68 18.76 37.21
C PRO B 225 7.83 19.61 37.68
N LEU B 226 8.70 19.05 38.50
CA LEU B 226 9.81 19.81 39.01
C LEU B 226 11.04 19.59 38.16
N VAL B 227 11.50 18.36 38.01
CA VAL B 227 12.69 18.09 37.22
C VAL B 227 12.53 16.77 36.49
N ASP B 228 13.10 16.72 35.29
CA ASP B 228 13.12 15.51 34.47
C ASP B 228 14.56 15.13 34.09
N LEU B 229 15.12 14.26 34.76
CA LEU B 229 16.52 14.00 34.50
C LEU B 229 16.68 12.88 33.47
N PRO B 230 17.72 12.96 32.65
CA PRO B 230 17.93 11.97 31.58
C PRO B 230 18.68 10.73 32.02
N ILE B 231 19.14 10.68 33.26
CA ILE B 231 19.95 9.58 33.73
C ILE B 231 19.17 8.29 33.58
N GLY B 232 19.82 7.27 33.03
CA GLY B 232 19.14 6.00 32.83
C GLY B 232 19.48 4.86 33.76
N ILE B 233 19.87 5.16 35.00
CA ILE B 233 20.20 4.09 35.92
C ILE B 233 18.96 3.27 36.25
N ASN B 234 19.13 1.96 36.33
CA ASN B 234 18.07 1.03 36.71
C ASN B 234 17.92 1.03 38.23
N ILE B 235 16.99 1.82 38.75
CA ILE B 235 16.73 1.95 40.18
C ILE B 235 15.76 0.89 40.67
N THR B 236 16.12 0.17 41.73
CA THR B 236 15.21 -0.81 42.29
C THR B 236 14.92 -0.66 43.78
N ARG B 237 15.82 -0.06 44.56
CA ARG B 237 15.58 0.13 45.97
C ARG B 237 15.85 1.57 46.36
N PHE B 238 15.26 1.99 47.46
CA PHE B 238 15.42 3.37 47.84
C PHE B 238 15.33 3.55 49.35
N GLN B 239 15.96 4.62 49.85
CA GLN B 239 16.01 4.95 51.27
C GLN B 239 15.96 6.45 51.44
N THR B 240 15.87 6.88 52.69
CA THR B 240 15.82 8.30 53.03
C THR B 240 17.06 8.73 53.79
N LEU B 241 17.27 10.05 53.88
CA LEU B 241 18.45 10.58 54.55
C LEU B 241 18.09 11.56 55.67
N LEU B 242 18.68 11.34 56.84
CA LEU B 242 18.45 12.17 58.01
C LEU B 242 19.74 12.86 58.45
N ALA B 243 19.61 13.82 59.37
CA ALA B 243 20.78 14.55 59.89
C ALA B 243 20.47 15.00 61.31
N LEU B 244 21.50 15.51 62.02
CA LEU B 244 21.27 16.02 63.36
C LEU B 244 22.49 16.78 63.87
N HIS B 245 22.25 17.80 64.71
CA HIS B 245 23.34 18.60 65.27
C HIS B 245 24.00 17.95 66.48
N ARG B 246 25.33 17.92 66.44
CA ARG B 246 26.17 17.41 67.52
C ARG B 246 25.74 15.99 67.87
N SER B 247 25.57 15.21 66.83
CA SER B 247 25.19 13.82 66.92
C SER B 247 26.38 12.97 66.54
N TYR B 248 26.54 11.86 67.22
CA TYR B 248 27.62 10.97 66.83
C TYR B 248 27.27 10.28 65.53
N LEU B 249 28.30 9.81 64.84
CA LEU B 249 28.09 9.18 63.54
C LEU B 249 28.94 7.92 63.49
N THR B 250 28.30 6.82 63.13
CA THR B 250 28.93 5.53 62.96
C THR B 250 28.28 4.84 61.79
N PRO B 251 29.00 3.97 61.09
CA PRO B 251 28.36 3.22 60.00
C PRO B 251 27.20 2.39 60.49
N GLY B 252 27.29 1.86 61.71
CA GLY B 252 26.23 1.06 62.30
C GLY B 252 25.91 1.31 63.75
N ASP B 253 24.61 1.35 64.09
CA ASP B 253 24.16 1.56 65.45
C ASP B 253 22.88 0.72 65.59
N SER B 254 22.51 0.45 66.83
CA SER B 254 21.34 -0.36 67.11
C SER B 254 20.08 0.50 66.97
N SER B 255 18.96 0.01 67.47
CA SER B 255 17.72 0.75 67.34
C SER B 255 17.62 1.89 68.33
N SER B 256 18.71 2.17 69.04
CA SER B 256 18.76 3.31 69.95
C SER B 256 18.72 4.61 69.18
N GLY B 257 19.53 4.71 68.11
CA GLY B 257 19.49 5.92 67.33
C GLY B 257 20.01 7.13 68.06
N TRP B 258 19.59 8.29 67.55
CA TRP B 258 19.94 9.58 68.10
C TRP B 258 18.68 10.43 68.18
N THR B 259 18.70 11.39 69.09
CA THR B 259 17.52 12.20 69.32
C THR B 259 17.16 13.00 68.09
N ALA B 260 15.86 13.25 67.92
CA ALA B 260 15.38 14.05 66.80
C ALA B 260 13.98 14.57 67.14
N GLY B 261 13.57 15.57 66.38
CA GLY B 261 12.25 16.14 66.55
C GLY B 261 11.15 15.19 66.11
N ALA B 262 9.95 15.43 66.62
CA ALA B 262 8.79 14.65 66.23
C ALA B 262 8.44 14.96 64.77
N ALA B 263 8.41 13.92 63.94
CA ALA B 263 8.10 14.08 62.52
C ALA B 263 7.71 12.72 61.99
N ALA B 264 7.14 12.72 60.79
CA ALA B 264 6.68 11.47 60.21
C ALA B 264 6.60 11.61 58.71
N TYR B 265 6.61 10.47 58.03
CA TYR B 265 6.54 10.50 56.58
C TYR B 265 5.69 9.32 56.11
N TYR B 266 4.85 9.58 55.12
CA TYR B 266 4.01 8.53 54.59
C TYR B 266 4.54 8.12 53.22
N VAL B 267 4.29 6.87 52.86
CA VAL B 267 4.75 6.30 51.60
C VAL B 267 3.63 5.52 50.92
N GLY B 268 3.48 5.75 49.61
CA GLY B 268 2.52 5.01 48.82
C GLY B 268 3.09 4.58 47.49
N TYR B 269 2.50 3.51 46.95
CA TYR B 269 2.92 2.90 45.68
C TYR B 269 1.91 3.14 44.56
N LEU B 270 2.41 3.56 43.41
CA LEU B 270 1.63 3.84 42.22
C LEU B 270 1.19 2.58 41.48
N GLN B 271 0.13 2.72 40.71
CA GLN B 271 -0.46 1.66 39.91
C GLN B 271 -0.95 2.24 38.59
N PRO B 272 -1.01 1.45 37.53
CA PRO B 272 -1.59 1.91 36.27
C PRO B 272 -3.11 2.07 36.37
N ARG B 273 -3.60 3.29 36.22
CA ARG B 273 -5.02 3.58 36.37
C ARG B 273 -5.47 4.55 35.29
N THR B 274 -6.79 4.66 35.15
CA THR B 274 -7.43 5.61 34.25
C THR B 274 -8.06 6.74 35.03
N PHE B 275 -7.62 7.96 34.80
CA PHE B 275 -8.08 9.10 35.58
C PHE B 275 -8.78 10.09 34.67
N LEU B 276 -9.86 10.66 35.14
CA LEU B 276 -10.53 11.75 34.45
C LEU B 276 -10.21 13.07 35.13
N LEU B 277 -9.43 13.91 34.47
CA LEU B 277 -8.95 15.17 35.02
C LEU B 277 -9.75 16.35 34.52
N LYS B 278 -9.98 17.31 35.41
CA LYS B 278 -10.70 18.52 35.06
C LYS B 278 -9.79 19.73 35.07
N TYR B 279 -9.65 20.39 33.93
CA TYR B 279 -8.86 21.60 33.83
C TYR B 279 -9.77 22.81 33.91
N ASN B 280 -9.32 23.82 34.62
CA ASN B 280 -10.06 25.05 34.81
C ASN B 280 -9.76 26.01 33.69
N GLU B 281 -10.33 27.21 33.81
CA GLU B 281 -10.17 28.23 32.80
C GLU B 281 -8.76 28.72 32.71
N ASN B 282 -7.96 28.48 33.74
CA ASN B 282 -6.59 28.92 33.75
C ASN B 282 -5.65 27.77 33.52
N GLY B 283 -6.15 26.59 33.19
CA GLY B 283 -5.22 25.56 32.89
C GLY B 283 -4.71 24.83 34.09
N THR B 284 -5.42 24.89 35.22
CA THR B 284 -4.97 24.17 36.40
C THR B 284 -5.96 23.07 36.72
N ILE B 285 -5.43 21.94 37.16
CA ILE B 285 -6.29 20.83 37.50
C ILE B 285 -6.96 21.10 38.82
N THR B 286 -8.27 21.00 38.84
CA THR B 286 -8.98 21.21 40.08
C THR B 286 -9.62 19.96 40.63
N ASP B 287 -10.00 19.01 39.78
CA ASP B 287 -10.62 17.80 40.27
C ASP B 287 -10.22 16.63 39.41
N ALA B 288 -10.44 15.44 39.96
CA ALA B 288 -10.10 14.24 39.25
C ALA B 288 -11.03 13.14 39.69
N VAL B 289 -11.25 12.20 38.81
CA VAL B 289 -12.15 11.10 39.06
C VAL B 289 -11.44 9.81 38.75
N ASP B 290 -11.43 8.91 39.71
CA ASP B 290 -10.85 7.60 39.51
C ASP B 290 -11.82 6.77 38.71
N CYS B 291 -11.45 6.42 37.50
CA CYS B 291 -12.39 5.73 36.63
C CYS B 291 -12.74 4.35 37.15
N ALA B 292 -11.95 3.77 38.04
CA ALA B 292 -12.20 2.40 38.44
C ALA B 292 -12.39 2.24 39.94
N LEU B 293 -12.86 3.27 40.62
CA LEU B 293 -13.05 3.11 42.06
C LEU B 293 -14.38 2.44 42.35
N ASP B 294 -15.46 3.04 41.93
CA ASP B 294 -16.79 2.53 42.23
C ASP B 294 -17.67 2.72 41.02
N PRO B 295 -18.86 2.13 40.99
CA PRO B 295 -19.69 2.26 39.81
C PRO B 295 -20.06 3.67 39.46
N LEU B 296 -20.35 4.51 40.43
CA LEU B 296 -20.72 5.87 40.08
C LEU B 296 -19.59 6.58 39.39
N SER B 297 -18.38 6.39 39.89
CA SER B 297 -17.25 6.99 39.23
C SER B 297 -17.10 6.45 37.84
N GLU B 298 -17.36 5.17 37.66
CA GLU B 298 -17.19 4.63 36.32
C GLU B 298 -18.17 5.20 35.34
N THR B 299 -19.40 5.44 35.77
CA THR B 299 -20.31 6.04 34.82
C THR B 299 -19.87 7.45 34.50
N LYS B 300 -19.43 8.19 35.52
CA LYS B 300 -18.93 9.52 35.23
C LYS B 300 -17.84 9.46 34.21
N CYS B 301 -16.95 8.51 34.37
CA CYS B 301 -15.83 8.40 33.46
C CYS B 301 -16.33 8.06 32.08
N THR B 302 -17.44 7.37 31.99
CA THR B 302 -17.94 7.06 30.66
C THR B 302 -18.56 8.28 30.02
N LEU B 303 -19.53 8.90 30.68
CA LEU B 303 -20.17 10.09 30.16
C LEU B 303 -19.24 11.29 30.07
N LYS B 304 -18.03 11.20 30.59
CA LYS B 304 -17.14 12.35 30.58
C LYS B 304 -17.81 13.56 31.21
N SER B 305 -18.37 13.36 32.40
CA SER B 305 -19.04 14.45 33.09
C SER B 305 -19.08 14.20 34.57
N PHE B 306 -18.74 15.22 35.34
CA PHE B 306 -18.74 15.06 36.77
C PHE B 306 -20.16 14.96 37.30
N THR B 307 -21.14 15.46 36.55
CA THR B 307 -22.54 15.41 36.94
C THR B 307 -23.32 14.52 35.99
N VAL B 308 -23.87 13.42 36.51
CA VAL B 308 -24.71 12.51 35.75
C VAL B 308 -26.16 12.67 36.18
N GLU B 309 -27.06 12.74 35.20
CA GLU B 309 -28.47 12.93 35.53
C GLU B 309 -29.13 11.61 35.88
N LYS B 310 -30.33 11.72 36.41
CA LYS B 310 -31.08 10.54 36.78
C LYS B 310 -31.33 9.66 35.57
N GLY B 311 -31.06 8.38 35.71
CA GLY B 311 -31.29 7.48 34.61
C GLY B 311 -30.51 6.20 34.79
N ILE B 312 -30.52 5.39 33.74
CA ILE B 312 -29.82 4.12 33.70
C ILE B 312 -28.78 4.17 32.61
N TYR B 313 -27.58 3.73 32.91
CA TYR B 313 -26.48 3.79 31.96
C TYR B 313 -25.82 2.44 31.86
N GLN B 314 -25.54 2.03 30.64
CA GLN B 314 -24.85 0.77 30.41
C GLN B 314 -23.36 0.95 30.49
N THR B 315 -22.77 0.64 31.62
CA THR B 315 -21.38 0.97 31.76
C THR B 315 -20.44 -0.07 31.17
N SER B 316 -20.58 -1.35 31.49
CA SER B 316 -19.48 -2.22 31.04
C SER B 316 -19.92 -3.67 30.97
N ASN B 317 -18.97 -4.58 30.86
CA ASN B 317 -19.27 -6.00 30.87
C ASN B 317 -18.41 -6.76 31.85
N PHE B 318 -18.94 -7.87 32.35
CA PHE B 318 -18.20 -8.70 33.27
C PHE B 318 -18.18 -10.10 32.70
N ARG B 319 -17.16 -10.88 33.07
CA ARG B 319 -17.04 -12.27 32.61
C ARG B 319 -16.20 -13.02 33.60
N VAL B 320 -16.77 -14.06 34.22
CA VAL B 320 -16.05 -14.82 35.23
C VAL B 320 -14.81 -15.47 34.64
N GLN B 321 -13.70 -15.34 35.33
CA GLN B 321 -12.43 -15.83 34.83
C GLN B 321 -12.24 -17.32 35.08
N PRO B 322 -11.41 -17.97 34.27
CA PRO B 322 -11.14 -19.38 34.49
C PRO B 322 -10.39 -19.55 35.80
N THR B 323 -10.79 -20.52 36.57
CA THR B 323 -10.15 -20.74 37.85
C THR B 323 -9.00 -21.72 37.79
N GLU B 324 -8.85 -22.46 36.70
CA GLU B 324 -7.82 -23.49 36.64
C GLU B 324 -7.50 -23.79 35.18
N SER B 325 -6.37 -24.48 34.95
CA SER B 325 -6.00 -24.93 33.61
C SER B 325 -5.66 -26.41 33.59
N ILE B 326 -6.19 -27.14 32.61
CA ILE B 326 -6.01 -28.59 32.49
C ILE B 326 -5.66 -28.94 31.05
N VAL B 327 -4.85 -29.98 30.93
CA VAL B 327 -4.44 -30.61 29.69
C VAL B 327 -4.83 -32.07 29.79
N ARG B 328 -5.34 -32.64 28.72
CA ARG B 328 -5.87 -33.98 28.77
C ARG B 328 -5.34 -34.79 27.62
N PHE B 329 -4.49 -35.75 27.91
CA PHE B 329 -3.91 -36.57 26.87
C PHE B 329 -3.93 -38.06 27.16
N PRO B 330 -3.83 -38.86 26.12
CA PRO B 330 -3.75 -40.32 26.23
C PRO B 330 -2.46 -40.71 26.91
N ASN B 331 -2.15 -42.00 26.93
CA ASN B 331 -0.90 -42.52 27.50
C ASN B 331 -0.20 -43.02 26.26
N ILE B 332 0.11 -42.01 25.47
CA ILE B 332 0.70 -42.13 24.13
C ILE B 332 2.14 -42.59 24.19
N THR B 333 2.96 -41.93 25.01
CA THR B 333 4.41 -42.09 25.17
C THR B 333 5.17 -42.98 24.18
N ASN B 334 6.44 -43.28 24.44
CA ASN B 334 7.34 -44.00 23.54
C ASN B 334 7.74 -43.09 22.38
N LEU B 335 9.02 -42.79 22.34
CA LEU B 335 9.58 -41.79 21.44
C LEU B 335 9.47 -42.18 19.97
N CYS B 336 9.56 -41.15 19.12
CA CYS B 336 9.49 -41.29 17.67
C CYS B 336 10.81 -41.75 17.08
N PRO B 337 10.77 -42.23 15.83
CA PRO B 337 12.01 -42.61 15.13
C PRO B 337 12.81 -41.44 14.60
N PHE B 338 12.51 -40.24 15.03
CA PHE B 338 13.20 -39.07 14.55
C PHE B 338 14.72 -39.19 14.62
N ASP B 339 15.24 -39.75 15.70
CA ASP B 339 16.70 -39.85 15.82
C ASP B 339 17.33 -40.61 14.66
N GLU B 340 16.75 -41.75 14.27
CA GLU B 340 17.37 -42.53 13.20
C GLU B 340 17.32 -41.78 11.87
N VAL B 341 16.17 -41.20 11.53
CA VAL B 341 16.05 -40.52 10.26
C VAL B 341 16.88 -39.25 10.24
N PHE B 342 17.17 -38.71 11.41
CA PHE B 342 18.01 -37.54 11.46
C PHE B 342 19.47 -37.91 11.31
N ASN B 343 19.86 -38.98 11.99
CA ASN B 343 21.25 -39.33 12.15
C ASN B 343 21.76 -40.19 11.01
N ALA B 344 20.87 -40.93 10.34
CA ALA B 344 21.29 -41.85 9.30
C ALA B 344 22.07 -41.13 8.20
N THR B 345 21.44 -40.15 7.56
CA THR B 345 22.05 -39.37 6.49
C THR B 345 22.45 -40.22 5.29
N ARG B 346 21.85 -41.40 5.18
CA ARG B 346 22.13 -42.35 4.09
C ARG B 346 21.46 -41.94 2.79
N PHE B 347 20.70 -40.85 2.79
CA PHE B 347 19.95 -40.38 1.62
C PHE B 347 20.93 -39.74 0.65
N ALA B 348 21.76 -40.60 0.07
CA ALA B 348 22.91 -40.21 -0.72
C ALA B 348 22.56 -39.33 -1.92
N SER B 349 21.31 -39.31 -2.36
CA SER B 349 20.98 -38.48 -3.50
C SER B 349 19.61 -37.84 -3.33
N VAL B 350 19.46 -36.64 -3.89
CA VAL B 350 18.18 -35.94 -3.80
C VAL B 350 17.13 -36.66 -4.65
N TYR B 351 17.53 -37.19 -5.81
CA TYR B 351 16.60 -37.89 -6.67
C TYR B 351 15.98 -39.06 -5.94
N ALA B 352 14.66 -39.19 -6.01
CA ALA B 352 14.00 -40.32 -5.37
C ALA B 352 14.38 -40.32 -3.89
N TRP B 353 14.15 -39.19 -3.27
CA TRP B 353 14.48 -39.00 -1.87
C TRP B 353 13.47 -39.69 -0.99
N ASN B 354 13.79 -39.77 0.29
CA ASN B 354 13.00 -40.65 1.12
C ASN B 354 11.91 -39.87 1.83
N ARG B 355 10.73 -40.43 1.80
CA ARG B 355 9.59 -39.93 2.53
C ARG B 355 9.31 -40.86 3.68
N LYS B 356 9.07 -40.30 4.84
CA LYS B 356 8.76 -41.10 6.00
C LYS B 356 7.49 -40.54 6.62
N ARG B 357 6.70 -41.44 7.16
CA ARG B 357 5.47 -41.07 7.83
C ARG B 357 5.69 -41.29 9.32
N ILE B 358 5.42 -40.27 10.10
CA ILE B 358 5.62 -40.33 11.54
C ILE B 358 4.24 -40.22 12.17
N SER B 359 4.02 -41.05 13.19
CA SER B 359 2.72 -41.06 13.87
C SER B 359 2.80 -41.90 15.13
N ASN B 360 1.82 -41.68 16.00
CA ASN B 360 1.63 -42.42 17.24
C ASN B 360 2.93 -42.55 18.00
N CYS B 361 3.58 -41.41 18.19
CA CYS B 361 4.80 -41.43 18.96
C CYS B 361 5.08 -40.03 19.45
N VAL B 362 5.98 -39.94 20.41
CA VAL B 362 6.40 -38.68 20.99
C VAL B 362 7.49 -38.12 20.09
N ALA B 363 7.17 -37.04 19.39
CA ALA B 363 8.10 -36.36 18.50
C ALA B 363 8.92 -35.39 19.33
N ASP B 364 10.07 -35.86 19.79
CA ASP B 364 10.88 -35.12 20.72
C ASP B 364 11.62 -33.96 20.07
N TYR B 365 10.88 -32.94 19.68
CA TYR B 365 11.47 -31.75 19.11
C TYR B 365 12.41 -31.07 20.08
N SER B 366 12.36 -31.47 21.35
CA SER B 366 13.29 -30.95 22.32
C SER B 366 14.70 -31.46 22.04
N VAL B 367 14.82 -32.63 21.44
CA VAL B 367 16.12 -33.12 21.02
C VAL B 367 16.37 -32.72 19.58
N LEU B 368 15.33 -32.81 18.76
CA LEU B 368 15.41 -32.50 17.35
C LEU B 368 15.53 -31.01 17.17
N TYR B 369 16.53 -30.59 16.41
CA TYR B 369 16.81 -29.19 16.11
C TYR B 369 17.27 -28.51 17.38
N ASN B 370 17.82 -29.31 18.27
CA ASN B 370 18.32 -28.85 19.55
C ASN B 370 19.71 -29.39 19.78
N PHE B 371 19.94 -30.62 19.32
CA PHE B 371 21.19 -31.31 19.61
C PHE B 371 22.34 -30.62 18.88
N ALA B 372 23.53 -30.84 19.40
CA ALA B 372 24.70 -30.10 18.94
C ALA B 372 25.01 -30.31 17.46
N PRO B 373 25.05 -31.54 16.94
CA PRO B 373 25.45 -31.71 15.54
C PRO B 373 24.56 -31.00 14.56
N PHE B 374 23.40 -30.51 14.99
CA PHE B 374 22.49 -29.91 14.03
C PHE B 374 23.04 -28.56 13.56
N PHE B 375 23.21 -28.42 12.25
CA PHE B 375 23.88 -27.26 11.67
C PHE B 375 22.97 -26.05 11.50
N ALA B 376 21.75 -26.27 11.02
CA ALA B 376 20.84 -25.18 10.73
C ALA B 376 19.43 -25.76 10.68
N PHE B 377 18.45 -24.92 11.02
CA PHE B 377 17.05 -25.28 10.97
C PHE B 377 16.20 -24.02 10.93
N LYS B 378 15.05 -24.11 10.27
CA LYS B 378 14.21 -22.93 10.12
C LYS B 378 12.81 -23.39 9.78
N CYS B 379 11.80 -22.77 10.40
CA CYS B 379 10.40 -23.08 10.13
C CYS B 379 9.63 -21.93 9.53
N TYR B 380 8.65 -22.30 8.73
CA TYR B 380 7.78 -21.38 8.03
C TYR B 380 6.37 -21.78 8.42
N GLY B 381 5.55 -20.78 8.74
CA GLY B 381 4.21 -20.98 9.19
C GLY B 381 4.10 -21.20 10.70
N VAL B 382 5.13 -21.73 11.34
CA VAL B 382 5.10 -21.96 12.79
C VAL B 382 6.48 -21.71 13.38
N SER B 383 6.55 -21.13 14.58
CA SER B 383 7.87 -20.92 15.13
C SER B 383 8.42 -22.20 15.76
N PRO B 384 9.74 -22.30 15.91
CA PRO B 384 10.32 -23.56 16.42
C PRO B 384 9.95 -23.95 17.84
N THR B 385 9.94 -23.03 18.79
CA THR B 385 9.65 -23.46 20.15
C THR B 385 8.20 -23.87 20.27
N LYS B 386 7.35 -23.06 19.68
CA LYS B 386 5.93 -23.35 19.62
C LYS B 386 5.73 -24.64 18.87
N LEU B 387 6.63 -24.94 17.94
CA LEU B 387 6.62 -26.23 17.27
C LEU B 387 6.84 -27.35 18.26
N ASN B 388 7.84 -27.20 19.13
CA ASN B 388 8.01 -28.22 20.15
C ASN B 388 6.76 -28.39 20.98
N ASP B 389 6.02 -27.31 21.20
CA ASP B 389 4.83 -27.38 22.03
C ASP B 389 3.62 -27.95 21.28
N LEU B 390 3.57 -27.84 19.96
CA LEU B 390 2.36 -28.27 19.26
C LEU B 390 2.32 -29.79 19.07
N CYS B 391 1.15 -30.29 18.66
CA CYS B 391 0.99 -31.69 18.31
C CYS B 391 0.21 -31.76 17.01
N PHE B 392 0.31 -32.88 16.29
CA PHE B 392 -0.15 -32.92 14.90
C PHE B 392 -0.82 -34.24 14.59
N THR B 393 -1.36 -34.31 13.37
CA THR B 393 -1.97 -35.54 12.87
C THR B 393 -0.89 -36.56 12.52
N ASN B 394 -0.05 -36.20 11.55
CA ASN B 394 1.01 -37.07 11.05
C ASN B 394 2.06 -36.23 10.36
N VAL B 395 3.23 -36.82 10.15
CA VAL B 395 4.34 -36.08 9.56
C VAL B 395 4.78 -36.74 8.28
N TYR B 396 4.87 -35.98 7.20
CA TYR B 396 5.54 -36.42 5.97
C TYR B 396 6.91 -35.79 5.91
N ALA B 397 7.94 -36.53 6.30
CA ALA B 397 9.29 -36.01 6.32
C ALA B 397 9.98 -36.43 5.04
N ASP B 398 10.57 -35.47 4.32
CA ASP B 398 11.31 -35.78 3.11
C ASP B 398 12.76 -35.45 3.40
N SER B 399 13.60 -36.48 3.26
CA SER B 399 15.01 -36.44 3.57
C SER B 399 15.88 -36.80 2.38
N PHE B 400 16.78 -35.89 2.02
CA PHE B 400 17.70 -36.15 0.92
C PHE B 400 18.91 -35.28 1.16
N VAL B 401 19.89 -35.40 0.28
CA VAL B 401 21.07 -34.56 0.39
C VAL B 401 21.18 -33.74 -0.89
N ILE B 402 21.55 -32.49 -0.71
CA ILE B 402 21.68 -31.54 -1.80
C ILE B 402 22.97 -30.75 -1.56
N ARG B 403 23.39 -29.99 -2.56
CA ARG B 403 24.58 -29.20 -2.34
C ARG B 403 24.23 -27.88 -1.66
N GLY B 404 25.27 -27.21 -1.19
CA GLY B 404 25.09 -25.94 -0.49
C GLY B 404 24.50 -24.80 -1.30
N ASN B 405 24.75 -24.77 -2.60
CA ASN B 405 24.19 -23.72 -3.45
C ASN B 405 22.71 -23.89 -3.80
N GLU B 406 22.07 -24.97 -3.36
CA GLU B 406 20.65 -25.21 -3.62
C GLU B 406 19.77 -24.94 -2.41
N VAL B 407 20.36 -24.69 -1.24
CA VAL B 407 19.61 -24.45 -0.02
C VAL B 407 18.70 -23.25 -0.19
N SER B 408 19.09 -22.29 -1.00
CA SER B 408 18.25 -21.15 -1.28
C SER B 408 17.22 -21.43 -2.36
N GLN B 409 17.30 -22.57 -3.03
CA GLN B 409 16.32 -22.86 -4.07
C GLN B 409 15.08 -23.53 -3.51
N ILE B 410 15.18 -24.27 -2.42
CA ILE B 410 14.02 -24.90 -1.82
C ILE B 410 13.25 -23.89 -0.96
N ALA B 411 12.26 -23.23 -1.55
CA ALA B 411 11.51 -22.24 -0.81
C ALA B 411 10.11 -22.19 -1.38
N PRO B 412 9.13 -21.76 -0.60
CA PRO B 412 7.77 -21.73 -1.13
C PRO B 412 7.67 -20.79 -2.32
N GLY B 413 7.12 -21.29 -3.40
CA GLY B 413 6.86 -20.44 -4.53
C GLY B 413 8.06 -20.24 -5.43
N GLN B 414 9.24 -20.68 -5.01
CA GLN B 414 10.47 -20.55 -5.79
C GLN B 414 10.70 -21.73 -6.72
N THR B 415 11.26 -21.45 -7.89
CA THR B 415 11.59 -22.48 -8.86
C THR B 415 13.01 -23.03 -8.69
N GLY B 416 13.18 -24.25 -9.14
CA GLY B 416 14.45 -24.95 -9.05
C GLY B 416 14.37 -26.06 -10.06
N ASN B 417 15.14 -27.12 -9.81
CA ASN B 417 15.17 -28.24 -10.76
C ASN B 417 14.72 -29.56 -10.15
N ILE B 418 15.35 -30.01 -9.06
CA ILE B 418 15.07 -31.35 -8.54
C ILE B 418 13.77 -31.32 -7.78
N ALA B 419 13.42 -30.15 -7.23
CA ALA B 419 12.12 -29.99 -6.63
C ALA B 419 11.11 -29.59 -7.70
N ASP B 420 11.47 -29.85 -8.96
CA ASP B 420 10.65 -29.60 -10.13
C ASP B 420 10.66 -30.77 -11.08
N TYR B 421 11.71 -31.60 -11.05
CA TYR B 421 11.88 -32.76 -11.90
C TYR B 421 11.69 -34.12 -11.20
N ASN B 422 11.84 -34.20 -9.88
CA ASN B 422 11.60 -35.46 -9.18
C ASN B 422 10.36 -35.39 -8.29
N TYR B 423 10.33 -34.46 -7.33
CA TYR B 423 9.20 -34.16 -6.46
C TYR B 423 9.18 -32.63 -6.36
N LYS B 424 8.00 -32.02 -6.11
CA LYS B 424 7.87 -30.55 -6.16
C LYS B 424 7.19 -29.99 -4.94
N LEU B 425 7.73 -28.69 -4.40
CA LEU B 425 6.96 -28.21 -3.24
C LEU B 425 5.77 -27.31 -3.61
N PRO B 426 4.77 -27.39 -2.74
CA PRO B 426 3.51 -26.66 -2.94
C PRO B 426 3.65 -25.17 -2.74
N ASP B 427 2.71 -24.44 -3.31
CA ASP B 427 2.68 -22.99 -3.11
C ASP B 427 2.12 -22.64 -1.74
N ASP B 428 1.24 -23.48 -1.20
CA ASP B 428 0.68 -23.31 0.13
C ASP B 428 1.39 -24.17 1.19
N PHE B 429 2.67 -24.46 1.01
CA PHE B 429 3.37 -25.33 1.94
C PHE B 429 3.38 -24.73 3.33
N THR B 430 3.36 -25.59 4.35
CA THR B 430 3.54 -25.12 5.71
C THR B 430 4.35 -26.14 6.49
N GLY B 431 5.50 -25.73 7.01
CA GLY B 431 6.32 -26.66 7.75
C GLY B 431 7.67 -26.06 7.99
N CYS B 432 8.72 -26.87 7.97
CA CYS B 432 10.06 -26.34 8.11
C CYS B 432 11.09 -27.20 7.44
N VAL B 433 12.25 -26.59 7.24
CA VAL B 433 13.32 -27.24 6.51
C VAL B 433 14.56 -27.05 7.37
N ILE B 434 15.42 -28.04 7.33
CA ILE B 434 16.63 -28.06 8.13
C ILE B 434 17.78 -28.51 7.24
N ALA B 435 18.96 -27.99 7.52
CA ALA B 435 20.11 -28.28 6.68
C ALA B 435 21.29 -28.59 7.58
N TRP B 436 21.98 -29.68 7.24
CA TRP B 436 23.21 -30.13 7.86
C TRP B 436 24.31 -30.04 6.83
N ASN B 437 25.46 -29.52 7.24
CA ASN B 437 26.62 -29.59 6.37
C ASN B 437 27.25 -30.95 6.56
N SER B 438 26.99 -31.84 5.61
CA SER B 438 27.44 -33.23 5.61
C SER B 438 28.61 -33.42 4.66
N ASN B 439 29.52 -32.44 4.60
CA ASN B 439 30.61 -32.47 3.63
C ASN B 439 31.45 -33.72 3.78
N LYS B 440 31.75 -34.13 5.02
CA LYS B 440 32.64 -35.26 5.15
C LYS B 440 31.95 -36.57 4.84
N LEU B 441 30.66 -36.53 4.47
CA LEU B 441 29.94 -37.76 4.16
C LEU B 441 30.31 -38.23 2.76
N ASP B 442 30.17 -37.35 1.77
CA ASP B 442 30.38 -37.69 0.38
C ASP B 442 31.17 -36.54 -0.26
N SER B 443 32.39 -36.80 -0.68
CA SER B 443 33.18 -35.78 -1.37
C SER B 443 34.41 -36.43 -1.99
N TYR B 451 27.94 -40.13 -7.94
CA TYR B 451 26.86 -39.46 -7.22
C TYR B 451 26.01 -38.66 -8.20
N ARG B 452 24.84 -39.19 -8.55
CA ARG B 452 24.04 -38.62 -9.63
C ARG B 452 22.69 -38.11 -9.14
N TYR B 453 22.23 -37.05 -9.79
CA TYR B 453 20.94 -36.42 -9.51
C TYR B 453 20.44 -35.77 -10.80
N ARG B 454 19.39 -34.97 -10.70
CA ARG B 454 18.80 -34.35 -11.87
C ARG B 454 19.21 -32.89 -11.88
N LEU B 455 19.82 -32.50 -12.98
CA LEU B 455 20.19 -31.12 -13.23
C LEU B 455 19.57 -30.65 -14.53
N PHE B 456 18.86 -31.52 -15.24
CA PHE B 456 18.32 -31.14 -16.54
C PHE B 456 17.09 -31.96 -16.89
N ARG B 457 16.01 -31.26 -17.20
CA ARG B 457 14.84 -31.89 -17.78
C ARG B 457 13.91 -30.79 -18.24
N LYS B 458 12.95 -31.15 -19.08
CA LYS B 458 12.11 -30.17 -19.74
C LYS B 458 10.83 -29.88 -18.97
N SER B 459 10.06 -30.89 -18.66
CA SER B 459 8.74 -30.63 -18.11
C SER B 459 8.87 -30.44 -16.60
N ASN B 460 8.01 -29.59 -16.07
CA ASN B 460 7.99 -29.37 -14.63
C ASN B 460 6.93 -30.24 -14.00
N LEU B 461 7.08 -30.45 -12.71
CA LEU B 461 6.21 -31.33 -11.94
C LEU B 461 5.35 -30.58 -10.93
N LYS B 462 4.17 -31.14 -10.69
CA LYS B 462 3.22 -30.56 -9.78
C LYS B 462 3.75 -30.86 -8.39
N PRO B 463 3.22 -30.22 -7.34
CA PRO B 463 3.80 -30.47 -6.01
C PRO B 463 3.73 -31.94 -5.64
N PHE B 464 4.88 -32.46 -5.20
CA PHE B 464 5.00 -33.82 -4.69
C PHE B 464 4.57 -34.86 -5.71
N GLU B 465 4.51 -34.50 -6.99
CA GLU B 465 4.14 -35.47 -8.03
C GLU B 465 5.23 -36.39 -8.52
N PRO B 491 19.83 -35.45 -19.04
CA PRO B 491 18.92 -35.20 -17.92
C PRO B 491 19.64 -35.28 -16.57
N LEU B 492 20.26 -36.43 -16.30
CA LEU B 492 20.94 -36.65 -15.04
C LEU B 492 22.30 -35.97 -15.10
N GLN B 493 22.88 -35.76 -13.92
CA GLN B 493 24.18 -35.13 -13.84
C GLN B 493 24.81 -35.46 -12.49
N SER B 494 26.13 -35.68 -12.51
CA SER B 494 26.89 -35.98 -11.31
C SER B 494 26.93 -34.76 -10.41
N TYR B 495 26.76 -34.97 -9.11
CA TYR B 495 26.92 -33.84 -8.19
C TYR B 495 28.28 -33.18 -8.39
N GLY B 496 29.33 -33.98 -8.49
CA GLY B 496 30.71 -33.51 -8.43
C GLY B 496 31.22 -33.35 -7.01
N PHE B 497 31.01 -34.38 -6.20
CA PHE B 497 31.39 -34.34 -4.80
C PHE B 497 32.90 -34.38 -4.55
N VAL B 503 32.53 -25.88 -1.37
CA VAL B 503 31.51 -26.21 -0.38
C VAL B 503 30.15 -26.01 -1.01
N GLY B 504 30.14 -25.29 -2.13
CA GLY B 504 28.87 -25.05 -2.79
C GLY B 504 28.24 -26.33 -3.30
N HIS B 505 29.06 -27.34 -3.51
CA HIS B 505 28.66 -28.65 -4.00
C HIS B 505 29.17 -29.73 -3.07
N GLN B 506 28.93 -29.50 -1.80
CA GLN B 506 29.28 -30.52 -0.84
C GLN B 506 27.98 -30.92 -0.20
N PRO B 507 27.91 -32.17 0.27
CA PRO B 507 26.61 -32.70 0.70
C PRO B 507 26.09 -32.01 1.94
N TYR B 508 24.84 -31.59 1.84
CA TYR B 508 24.05 -31.06 2.95
C TYR B 508 22.89 -32.01 3.10
N ARG B 509 22.78 -32.59 4.27
CA ARG B 509 21.64 -33.41 4.58
C ARG B 509 20.50 -32.47 4.92
N VAL B 510 19.43 -32.52 4.15
CA VAL B 510 18.38 -31.53 4.25
C VAL B 510 17.10 -32.30 4.38
N VAL B 511 16.21 -31.74 5.18
CA VAL B 511 14.93 -32.33 5.47
C VAL B 511 13.84 -31.28 5.39
N VAL B 512 12.76 -31.63 4.72
CA VAL B 512 11.60 -30.76 4.60
C VAL B 512 10.48 -31.51 5.28
N LEU B 513 9.68 -30.79 6.05
CA LEU B 513 8.64 -31.42 6.84
C LEU B 513 7.29 -30.90 6.40
N SER B 514 6.34 -31.80 6.20
CA SER B 514 4.98 -31.39 5.88
C SER B 514 4.05 -31.90 6.95
N PHE B 515 3.29 -30.99 7.52
CA PHE B 515 2.45 -31.26 8.68
C PHE B 515 0.97 -31.29 8.30
N GLU B 516 0.24 -32.26 8.82
CA GLU B 516 -1.20 -32.24 8.66
C GLU B 516 -1.77 -31.81 10.00
N LEU B 517 -2.85 -31.03 10.00
CA LEU B 517 -3.34 -30.51 11.27
C LEU B 517 -4.83 -30.57 11.57
N LEU B 518 -5.71 -30.85 10.60
CA LEU B 518 -7.15 -30.89 10.89
C LEU B 518 -7.67 -32.21 11.46
N HIS B 519 -8.55 -32.11 12.46
CA HIS B 519 -9.10 -33.29 13.15
C HIS B 519 -7.98 -34.21 13.62
N ALA B 520 -7.18 -33.70 14.53
CA ALA B 520 -5.91 -34.36 14.83
C ALA B 520 -6.12 -35.39 15.91
N PRO B 521 -5.97 -36.65 15.59
CA PRO B 521 -5.83 -37.67 16.60
C PRO B 521 -4.34 -37.54 16.83
N ALA B 522 -4.06 -36.48 17.59
CA ALA B 522 -2.74 -35.93 17.83
C ALA B 522 -1.86 -37.11 18.15
N THR B 523 -0.91 -37.37 17.29
CA THR B 523 -0.04 -38.52 17.54
C THR B 523 1.42 -38.18 17.33
N VAL B 524 1.74 -36.92 17.10
CA VAL B 524 3.10 -36.52 16.86
C VAL B 524 3.35 -35.18 17.55
N CYS B 525 4.14 -35.20 18.64
CA CYS B 525 4.50 -34.02 19.41
C CYS B 525 5.52 -34.41 20.46
N GLY B 526 5.88 -33.47 21.34
CA GLY B 526 6.79 -33.80 22.40
C GLY B 526 6.23 -33.96 23.79
N PRO B 527 6.38 -32.89 24.55
CA PRO B 527 6.09 -32.92 25.98
C PRO B 527 4.68 -32.47 26.31
N LYS B 528 4.09 -33.12 27.30
CA LYS B 528 2.75 -32.79 27.77
C LYS B 528 2.25 -33.81 28.77
N LYS B 529 1.96 -33.40 29.99
CA LYS B 529 1.51 -34.34 30.98
C LYS B 529 0.06 -34.01 31.26
N SER B 530 -0.75 -35.04 31.42
CA SER B 530 -2.16 -34.80 31.64
C SER B 530 -2.39 -34.39 33.08
N THR B 531 -3.60 -33.89 33.32
CA THR B 531 -3.99 -33.43 34.63
C THR B 531 -5.38 -33.97 34.89
N ASN B 532 -5.66 -34.19 36.16
CA ASN B 532 -6.97 -34.67 36.53
C ASN B 532 -8.07 -33.79 35.98
N LEU B 533 -9.18 -34.42 35.63
CA LEU B 533 -10.28 -33.72 35.01
C LEU B 533 -11.01 -32.92 36.06
N VAL B 534 -11.45 -31.72 35.70
CA VAL B 534 -12.22 -30.86 36.58
C VAL B 534 -13.56 -30.58 35.92
N LYS B 535 -14.61 -30.63 36.68
CA LYS B 535 -15.92 -30.42 36.10
C LYS B 535 -16.64 -29.28 36.79
N ASN B 536 -17.54 -28.66 36.07
CA ASN B 536 -18.43 -27.63 36.58
C ASN B 536 -17.72 -26.33 36.95
N LYS B 537 -16.53 -26.07 36.41
CA LYS B 537 -15.86 -24.84 36.76
C LYS B 537 -15.25 -24.18 35.53
N CYS B 538 -15.24 -22.84 35.52
CA CYS B 538 -14.59 -22.16 34.41
C CYS B 538 -13.14 -22.57 34.38
N VAL B 539 -12.74 -23.31 33.37
CA VAL B 539 -11.42 -23.87 33.34
C VAL B 539 -10.90 -23.74 31.93
N ASN B 540 -9.61 -23.51 31.83
CA ASN B 540 -8.92 -23.55 30.56
C ASN B 540 -8.59 -25.00 30.26
N PHE B 541 -9.02 -25.49 29.12
CA PHE B 541 -8.81 -26.87 28.79
C PHE B 541 -7.99 -26.93 27.52
N ASN B 542 -7.24 -28.02 27.42
CA ASN B 542 -6.47 -28.36 26.23
C ASN B 542 -6.64 -29.85 25.99
N PHE B 543 -7.65 -30.19 25.20
CA PHE B 543 -7.98 -31.57 24.90
C PHE B 543 -7.29 -31.98 23.62
N ASN B 544 -6.18 -32.67 23.79
CA ASN B 544 -5.48 -33.26 22.67
C ASN B 544 -5.18 -32.25 21.58
N GLY B 545 -4.97 -30.98 21.97
CA GLY B 545 -4.68 -29.93 21.02
C GLY B 545 -5.78 -28.89 20.90
N LEU B 546 -7.02 -29.27 21.19
CA LEU B 546 -8.14 -28.33 21.14
C LEU B 546 -8.10 -27.48 22.39
N THR B 547 -7.85 -26.19 22.22
CA THR B 547 -7.73 -25.31 23.36
C THR B 547 -8.93 -24.40 23.49
N GLY B 548 -9.41 -24.24 24.71
CA GLY B 548 -10.54 -23.38 24.94
C GLY B 548 -10.74 -23.19 26.43
N THR B 549 -11.83 -22.52 26.77
CA THR B 549 -12.19 -22.24 28.15
C THR B 549 -13.67 -22.52 28.34
N GLY B 550 -14.04 -22.94 29.53
CA GLY B 550 -15.44 -23.22 29.74
C GLY B 550 -15.66 -24.19 30.87
N VAL B 551 -16.93 -24.50 31.08
CA VAL B 551 -17.34 -25.49 32.06
C VAL B 551 -17.55 -26.80 31.34
N LEU B 552 -17.00 -27.87 31.89
CA LEU B 552 -17.06 -29.20 31.33
C LEU B 552 -18.12 -29.98 32.09
N THR B 553 -18.97 -30.67 31.36
CA THR B 553 -20.07 -31.39 31.97
C THR B 553 -20.18 -32.78 31.37
N GLU B 554 -20.67 -33.73 32.16
CA GLU B 554 -20.90 -35.06 31.61
C GLU B 554 -21.92 -34.97 30.49
N SER B 555 -21.59 -35.58 29.36
CA SER B 555 -22.41 -35.53 28.16
C SER B 555 -23.60 -36.48 28.23
N ASN B 556 -24.61 -36.17 27.45
CA ASN B 556 -25.79 -37.01 27.38
C ASN B 556 -26.09 -37.43 25.94
N LYS B 557 -25.19 -37.17 25.00
CA LYS B 557 -25.40 -37.53 23.61
C LYS B 557 -24.62 -38.76 23.20
N LYS B 558 -25.22 -39.55 22.32
CA LYS B 558 -24.64 -40.84 21.95
C LYS B 558 -23.64 -40.55 20.85
N PHE B 559 -22.38 -40.39 21.20
CA PHE B 559 -21.38 -40.28 20.14
C PHE B 559 -21.18 -41.63 19.48
N LEU B 560 -21.15 -41.62 18.21
CA LEU B 560 -20.85 -42.88 17.57
C LEU B 560 -19.37 -43.17 17.71
N PRO B 561 -19.00 -44.44 17.73
CA PRO B 561 -17.62 -44.82 18.09
C PRO B 561 -16.57 -44.24 17.20
N PHE B 562 -16.90 -43.78 16.02
CA PHE B 562 -15.88 -43.22 15.17
C PHE B 562 -15.81 -41.72 15.29
N GLN B 563 -16.64 -41.12 16.13
CA GLN B 563 -16.70 -39.69 16.29
C GLN B 563 -15.88 -39.21 17.47
N GLN B 564 -15.27 -38.04 17.29
CA GLN B 564 -14.40 -37.42 18.27
C GLN B 564 -14.83 -36.03 18.67
N PHE B 565 -15.73 -35.41 17.94
CA PHE B 565 -16.13 -34.04 18.20
C PHE B 565 -17.63 -33.94 18.15
N GLY B 566 -18.15 -32.91 18.76
CA GLY B 566 -19.57 -32.62 18.66
C GLY B 566 -19.71 -31.15 18.37
N ARG B 567 -20.68 -30.80 17.55
CA ARG B 567 -20.83 -29.41 17.16
C ARG B 567 -22.29 -29.05 17.18
N ASP B 568 -22.57 -27.84 17.61
CA ASP B 568 -23.90 -27.32 17.44
C ASP B 568 -23.95 -26.58 16.13
N ILE B 569 -25.03 -25.84 15.92
CA ILE B 569 -25.15 -25.05 14.72
C ILE B 569 -24.01 -24.03 14.71
N ALA B 570 -23.54 -23.70 13.52
CA ALA B 570 -22.52 -22.67 13.34
C ALA B 570 -21.17 -23.10 13.92
N ASP B 571 -20.85 -24.36 13.76
CA ASP B 571 -19.53 -24.90 14.09
C ASP B 571 -19.08 -24.64 15.51
N THR B 572 -19.98 -24.39 16.45
CA THR B 572 -19.52 -24.20 17.80
C THR B 572 -19.20 -25.57 18.39
N THR B 573 -17.93 -25.82 18.73
CA THR B 573 -17.58 -27.13 19.26
C THR B 573 -18.28 -27.31 20.58
N ASP B 574 -19.27 -28.15 20.61
CA ASP B 574 -20.08 -28.35 21.78
C ASP B 574 -19.61 -29.48 22.68
N ALA B 575 -18.91 -30.47 22.16
CA ALA B 575 -18.55 -31.60 22.99
C ALA B 575 -17.27 -32.24 22.50
N VAL B 576 -16.67 -33.05 23.37
CA VAL B 576 -15.41 -33.71 23.08
C VAL B 576 -15.35 -35.00 23.87
N ARG B 577 -14.70 -36.01 23.32
CA ARG B 577 -14.47 -37.27 24.00
C ARG B 577 -13.05 -37.27 24.55
N ASP B 578 -12.88 -37.82 25.72
CA ASP B 578 -11.61 -37.70 26.40
C ASP B 578 -10.52 -38.44 25.64
N PRO B 579 -9.37 -37.81 25.41
CA PRO B 579 -8.27 -38.54 24.81
C PRO B 579 -7.63 -39.50 25.77
N GLN B 580 -8.05 -39.49 27.02
CA GLN B 580 -7.49 -40.40 27.98
C GLN B 580 -8.49 -41.49 28.34
N THR B 581 -9.67 -41.13 28.85
CA THR B 581 -10.65 -42.14 29.22
C THR B 581 -11.82 -42.21 28.27
N LEU B 582 -11.84 -41.36 27.26
CA LEU B 582 -12.83 -41.42 26.20
C LEU B 582 -14.25 -41.11 26.63
N GLU B 583 -14.45 -40.48 27.76
CA GLU B 583 -15.81 -40.09 28.09
C GLU B 583 -16.19 -38.84 27.32
N ILE B 584 -17.45 -38.77 26.91
CA ILE B 584 -17.96 -37.64 26.18
C ILE B 584 -18.27 -36.52 27.16
N LEU B 585 -17.87 -35.32 26.82
CA LEU B 585 -18.04 -34.15 27.67
C LEU B 585 -18.66 -33.01 26.89
N ASP B 586 -19.54 -32.29 27.56
CA ASP B 586 -20.18 -31.11 27.05
C ASP B 586 -19.40 -29.88 27.48
N ILE B 587 -19.27 -28.91 26.60
CA ILE B 587 -18.56 -27.67 26.85
C ILE B 587 -19.55 -26.53 26.80
N THR B 588 -19.61 -25.74 27.86
CA THR B 588 -20.44 -24.56 27.83
C THR B 588 -19.66 -23.34 28.27
N PRO B 589 -19.70 -22.23 27.54
CA PRO B 589 -18.95 -21.05 27.94
C PRO B 589 -19.55 -20.49 29.21
N CYS B 590 -18.72 -20.27 30.21
CA CYS B 590 -19.28 -19.74 31.44
C CYS B 590 -19.80 -18.32 31.28
N SER B 591 -20.70 -17.99 32.21
CA SER B 591 -21.51 -16.79 32.20
C SER B 591 -20.70 -15.51 32.05
N PHE B 592 -21.26 -14.62 31.26
CA PHE B 592 -20.73 -13.31 31.01
C PHE B 592 -21.91 -12.43 30.67
N GLY B 593 -21.72 -11.13 30.71
CA GLY B 593 -22.84 -10.28 30.39
C GLY B 593 -22.53 -8.83 30.65
N GLY B 594 -23.49 -8.00 30.27
CA GLY B 594 -23.36 -6.57 30.45
C GLY B 594 -23.88 -6.12 31.79
N VAL B 595 -23.32 -5.03 32.27
CA VAL B 595 -23.66 -4.45 33.55
C VAL B 595 -24.04 -3.00 33.36
N SER B 596 -25.13 -2.60 34.01
CA SER B 596 -25.65 -1.24 33.94
C SER B 596 -25.82 -0.64 35.33
N VAL B 597 -25.74 0.67 35.39
CA VAL B 597 -25.83 1.40 36.64
C VAL B 597 -27.11 2.20 36.69
N ILE B 598 -27.83 2.10 37.80
CA ILE B 598 -29.03 2.85 38.08
C ILE B 598 -28.70 3.95 39.06
N THR B 599 -28.99 5.19 38.69
CA THR B 599 -28.67 6.32 39.55
C THR B 599 -29.81 7.30 39.65
N PRO B 600 -30.13 7.80 40.84
CA PRO B 600 -31.17 8.79 40.98
C PRO B 600 -30.73 10.20 40.66
N GLY B 601 -29.55 10.38 40.10
CA GLY B 601 -29.13 11.72 39.79
C GLY B 601 -27.99 12.14 40.66
N THR B 602 -26.96 12.75 40.07
CA THR B 602 -25.84 13.21 40.85
C THR B 602 -26.28 14.20 41.88
N ASN B 603 -27.27 14.98 41.55
CA ASN B 603 -27.73 16.06 42.37
C ASN B 603 -28.63 15.62 43.52
N THR B 604 -29.18 14.42 43.47
CA THR B 604 -29.87 14.01 44.67
C THR B 604 -28.95 13.29 45.64
N SER B 605 -28.20 12.32 45.16
CA SER B 605 -27.36 11.55 46.05
C SER B 605 -26.46 10.64 45.26
N ASN B 606 -25.43 10.17 45.92
CA ASN B 606 -24.51 9.26 45.29
C ASN B 606 -24.91 7.80 45.32
N GLN B 607 -25.98 7.43 45.99
CA GLN B 607 -26.33 6.02 45.98
C GLN B 607 -26.62 5.52 44.57
N VAL B 608 -26.40 4.23 44.35
CA VAL B 608 -26.53 3.62 43.02
C VAL B 608 -26.92 2.17 43.20
N ALA B 609 -27.68 1.66 42.25
CA ALA B 609 -28.00 0.23 42.20
C ALA B 609 -27.50 -0.37 40.91
N VAL B 610 -27.06 -1.61 40.96
CA VAL B 610 -26.38 -2.21 39.83
C VAL B 610 -27.17 -3.36 39.27
N LEU B 611 -27.27 -3.42 37.96
CA LEU B 611 -28.02 -4.46 37.28
C LEU B 611 -27.12 -5.32 36.41
N TYR B 612 -26.95 -6.58 36.78
CA TYR B 612 -26.28 -7.54 35.92
C TYR B 612 -27.32 -8.16 35.03
N GLN B 613 -27.23 -7.92 33.73
CA GLN B 613 -28.36 -8.24 32.88
C GLN B 613 -28.64 -9.69 32.56
N GLY B 614 -27.75 -10.32 31.83
CA GLY B 614 -28.09 -11.66 31.41
C GLY B 614 -27.55 -12.72 32.34
N VAL B 615 -27.94 -12.68 33.61
CA VAL B 615 -27.42 -13.66 34.55
C VAL B 615 -28.34 -13.76 35.74
N ASN B 616 -28.24 -14.86 36.46
CA ASN B 616 -28.90 -14.95 37.75
C ASN B 616 -27.86 -14.90 38.85
N CYS B 617 -28.20 -14.17 39.91
CA CYS B 617 -27.29 -13.95 41.02
C CYS B 617 -26.77 -15.21 41.65
N THR B 618 -27.33 -16.37 41.33
CA THR B 618 -26.81 -17.53 42.02
C THR B 618 -25.35 -17.73 41.66
N GLU B 619 -24.87 -17.03 40.65
CA GLU B 619 -23.51 -17.12 40.14
C GLU B 619 -22.91 -15.75 39.87
N VAL B 620 -23.23 -14.76 40.69
CA VAL B 620 -22.68 -13.45 40.47
C VAL B 620 -21.16 -13.53 40.61
N ASN B 641 -28.95 -5.09 49.01
CA ASN B 641 -29.98 -6.10 48.87
C ASN B 641 -29.93 -6.74 47.51
N VAL B 642 -30.55 -7.90 47.34
CA VAL B 642 -30.51 -8.61 46.07
C VAL B 642 -31.92 -8.97 45.66
N PHE B 643 -32.19 -8.89 44.36
CA PHE B 643 -33.47 -9.22 43.79
C PHE B 643 -33.27 -9.85 42.42
N GLN B 644 -34.10 -10.82 42.08
CA GLN B 644 -34.00 -11.48 40.79
C GLN B 644 -35.17 -11.04 39.93
N THR B 645 -34.92 -10.76 38.66
CA THR B 645 -35.97 -10.36 37.76
C THR B 645 -35.82 -11.03 36.43
N ARG B 646 -36.87 -10.97 35.62
CA ARG B 646 -36.76 -11.50 34.28
C ARG B 646 -35.73 -10.74 33.49
N ALA B 647 -35.38 -9.54 33.91
CA ALA B 647 -34.34 -8.82 33.20
C ALA B 647 -32.95 -9.09 33.71
N GLY B 648 -32.79 -9.71 34.85
CA GLY B 648 -31.46 -10.00 35.35
C GLY B 648 -31.42 -9.85 36.83
N CYS B 649 -30.23 -9.89 37.39
CA CYS B 649 -30.11 -9.77 38.84
C CYS B 649 -29.83 -8.34 39.21
N LEU B 650 -30.64 -7.80 40.11
CA LEU B 650 -30.57 -6.42 40.53
C LEU B 650 -30.03 -6.39 41.95
N ILE B 651 -29.01 -5.58 42.17
CA ILE B 651 -28.38 -5.48 43.47
C ILE B 651 -28.41 -4.05 43.98
N GLY B 652 -28.73 -3.90 45.24
CA GLY B 652 -28.74 -2.60 45.85
C GLY B 652 -30.08 -1.93 45.95
N ALA B 653 -31.15 -2.58 45.57
CA ALA B 653 -32.44 -1.94 45.64
C ALA B 653 -33.42 -2.94 46.20
N GLU B 654 -34.35 -2.48 47.00
CA GLU B 654 -35.30 -3.36 47.63
C GLU B 654 -36.63 -3.36 46.91
N TYR B 655 -37.20 -4.54 46.76
CA TYR B 655 -38.47 -4.65 46.08
C TYR B 655 -39.58 -4.32 47.04
N VAL B 656 -40.43 -3.42 46.63
CA VAL B 656 -41.59 -3.01 47.40
C VAL B 656 -42.83 -3.37 46.61
N ASN B 657 -43.90 -3.72 47.31
CA ASN B 657 -45.17 -4.11 46.72
C ASN B 657 -46.00 -2.96 46.20
N SER B 658 -45.67 -1.73 46.53
CA SER B 658 -46.51 -0.65 46.07
C SER B 658 -46.30 -0.48 44.58
N SER B 659 -47.35 -0.11 43.89
CA SER B 659 -47.25 0.10 42.46
C SER B 659 -47.26 1.59 42.20
N TYR B 660 -46.37 2.06 41.34
CA TYR B 660 -46.27 3.47 41.07
C TYR B 660 -46.10 3.73 39.59
N GLU B 661 -46.25 5.00 39.25
CA GLU B 661 -45.95 5.53 37.92
C GLU B 661 -44.46 5.46 37.66
N CYS B 662 -44.05 4.81 36.58
CA CYS B 662 -42.64 4.49 36.41
C CYS B 662 -41.81 5.64 35.91
N ASP B 663 -40.57 5.74 36.43
CA ASP B 663 -39.63 6.77 36.03
C ASP B 663 -38.29 6.25 35.56
N ILE B 664 -37.77 5.17 36.13
CA ILE B 664 -36.54 4.60 35.59
C ILE B 664 -36.91 3.24 35.05
N PRO B 665 -36.99 3.07 33.75
CA PRO B 665 -37.42 1.78 33.22
C PRO B 665 -36.32 0.76 33.35
N ILE B 666 -36.59 -0.33 34.04
CA ILE B 666 -35.62 -1.39 34.11
C ILE B 666 -35.90 -2.45 33.07
N GLY B 667 -37.13 -2.88 32.97
CA GLY B 667 -37.47 -3.87 31.96
C GLY B 667 -38.40 -4.90 32.52
N ALA B 668 -39.16 -5.51 31.64
CA ALA B 668 -40.07 -6.56 32.04
C ALA B 668 -41.02 -6.03 33.09
N GLY B 669 -41.46 -4.80 32.91
CA GLY B 669 -42.39 -4.21 33.82
C GLY B 669 -41.83 -3.71 35.12
N ILE B 670 -40.55 -3.82 35.36
CA ILE B 670 -40.00 -3.35 36.62
C ILE B 670 -39.32 -2.02 36.44
N CYS B 671 -39.44 -1.15 37.45
CA CYS B 671 -38.85 0.17 37.40
C CYS B 671 -38.17 0.46 38.73
N ALA B 672 -37.60 1.65 38.87
CA ALA B 672 -36.95 1.99 40.13
C ALA B 672 -37.05 3.48 40.41
N SER B 673 -36.95 3.84 41.69
CA SER B 673 -37.02 5.25 42.05
C SER B 673 -36.44 5.48 43.44
N TYR B 674 -36.21 6.75 43.76
CA TYR B 674 -35.68 7.13 45.07
C TYR B 674 -36.83 7.14 46.07
N GLN B 675 -36.73 6.36 47.13
CA GLN B 675 -37.84 6.23 48.07
C GLN B 675 -38.19 7.54 48.75
N THR B 676 -37.28 8.07 49.55
CA THR B 676 -37.49 9.30 50.31
C THR B 676 -38.65 9.11 51.28
N GLN B 690 -34.70 8.14 50.61
CA GLN B 690 -33.55 7.74 51.38
C GLN B 690 -33.07 6.37 50.93
N SER B 691 -33.71 5.82 49.91
CA SER B 691 -33.33 4.52 49.41
C SER B 691 -33.81 4.37 47.97
N ILE B 692 -33.23 3.40 47.27
CA ILE B 692 -33.65 3.09 45.92
C ILE B 692 -34.54 1.86 45.94
N ILE B 693 -35.77 2.00 45.49
CA ILE B 693 -36.76 0.94 45.51
C ILE B 693 -37.10 0.52 44.10
N ALA B 694 -37.19 -0.78 43.87
CA ALA B 694 -37.67 -1.30 42.62
C ALA B 694 -39.10 -1.77 42.79
N TYR B 695 -39.94 -1.54 41.78
CA TYR B 695 -41.35 -1.87 41.95
C TYR B 695 -41.96 -2.12 40.59
N THR B 696 -43.14 -2.71 40.59
CA THR B 696 -43.87 -2.94 39.35
C THR B 696 -44.63 -1.72 38.89
N MET B 697 -44.69 -1.53 37.58
CA MET B 697 -45.34 -0.35 37.04
C MET B 697 -46.82 -0.35 37.34
N SER B 698 -47.38 0.84 37.47
CA SER B 698 -48.82 1.03 37.57
C SER B 698 -49.33 1.68 36.32
N LEU B 699 -50.34 1.09 35.70
CA LEU B 699 -50.85 1.68 34.48
C LEU B 699 -51.88 2.76 34.72
N GLY B 700 -51.91 3.36 35.88
CA GLY B 700 -52.89 4.39 36.15
C GLY B 700 -54.03 3.91 37.02
N ALA B 701 -54.90 4.85 37.37
CA ALA B 701 -56.04 4.60 38.23
C ALA B 701 -57.19 3.90 37.52
N GLU B 702 -57.99 3.20 38.30
CA GLU B 702 -59.15 2.49 37.79
C GLU B 702 -60.42 3.32 37.89
N ASN B 703 -61.10 3.47 36.77
CA ASN B 703 -62.34 4.22 36.71
C ASN B 703 -63.42 3.31 36.16
N SER B 704 -64.32 2.83 37.01
CA SER B 704 -65.40 1.95 36.56
C SER B 704 -66.62 2.80 36.20
N VAL B 705 -66.64 3.30 34.97
CA VAL B 705 -67.75 4.12 34.52
C VAL B 705 -69.05 3.34 34.63
N ALA B 706 -70.07 3.99 35.18
CA ALA B 706 -71.36 3.36 35.42
C ALA B 706 -72.21 3.23 34.17
N TYR B 707 -72.14 2.08 33.51
CA TYR B 707 -73.00 1.88 32.36
C TYR B 707 -74.38 1.49 32.80
N SER B 708 -75.35 1.82 31.98
CA SER B 708 -76.71 1.41 32.28
C SER B 708 -77.51 1.55 31.00
N ASN B 709 -78.53 0.73 30.86
CA ASN B 709 -79.22 0.86 29.60
C ASN B 709 -80.08 2.09 29.47
N ASN B 710 -80.22 2.94 30.46
CA ASN B 710 -81.06 4.08 30.16
C ASN B 710 -80.53 5.38 30.74
N SER B 711 -79.26 5.45 31.14
CA SER B 711 -78.70 6.64 31.75
C SER B 711 -77.72 7.35 30.83
N ILE B 712 -77.70 8.67 30.91
CA ILE B 712 -76.85 9.56 30.13
C ILE B 712 -76.18 10.58 31.00
N ALA B 713 -74.93 10.86 30.76
CA ALA B 713 -74.23 11.92 31.46
C ALA B 713 -73.92 13.04 30.48
N ILE B 714 -74.36 14.25 30.78
CA ILE B 714 -74.12 15.38 29.89
C ILE B 714 -73.36 16.51 30.57
N PRO B 715 -72.40 17.14 29.91
CA PRO B 715 -71.63 18.19 30.55
C PRO B 715 -72.37 19.51 30.61
N THR B 716 -72.21 20.20 31.73
CA THR B 716 -72.78 21.52 31.89
C THR B 716 -71.80 22.68 31.81
N ASN B 717 -70.50 22.45 31.74
CA ASN B 717 -69.59 23.58 31.66
C ASN B 717 -68.39 23.14 30.84
N PHE B 718 -67.52 24.07 30.53
CA PHE B 718 -66.40 23.72 29.68
C PHE B 718 -65.17 24.47 30.12
N THR B 719 -64.05 24.17 29.48
CA THR B 719 -62.79 24.84 29.74
C THR B 719 -61.99 24.72 28.47
N ILE B 720 -61.45 25.82 27.99
CA ILE B 720 -60.64 25.78 26.78
C ILE B 720 -59.17 25.85 27.16
N SER B 721 -58.39 24.94 26.64
CA SER B 721 -57.00 24.88 27.05
C SER B 721 -56.09 25.06 25.85
N VAL B 722 -54.81 25.24 26.13
CA VAL B 722 -53.80 25.42 25.09
C VAL B 722 -52.66 24.45 25.30
N THR B 723 -52.33 23.68 24.30
CA THR B 723 -51.23 22.75 24.42
C THR B 723 -50.18 23.00 23.35
N THR B 724 -48.92 22.90 23.72
CA THR B 724 -47.80 23.17 22.83
C THR B 724 -47.18 21.92 22.26
N GLU B 725 -47.04 21.87 20.95
CA GLU B 725 -46.42 20.76 20.24
C GLU B 725 -45.22 21.24 19.46
N ILE B 726 -44.08 20.56 19.58
CA ILE B 726 -42.82 21.00 18.98
C ILE B 726 -42.44 20.06 17.84
N LEU B 727 -41.87 20.61 16.78
CA LEU B 727 -41.46 19.78 15.67
C LEU B 727 -40.21 20.31 15.02
N PRO B 728 -39.20 19.48 14.85
CA PRO B 728 -38.00 19.89 14.13
C PRO B 728 -38.24 19.91 12.65
N VAL B 729 -37.60 20.87 11.98
CA VAL B 729 -37.80 21.04 10.55
C VAL B 729 -36.55 20.87 9.72
N SER B 730 -35.39 21.15 10.26
CA SER B 730 -34.23 21.08 9.39
C SER B 730 -32.98 20.89 10.22
N MET B 731 -31.87 20.63 9.53
CA MET B 731 -30.62 20.43 10.22
C MET B 731 -29.54 21.25 9.54
N THR B 732 -28.37 21.27 10.15
CA THR B 732 -27.28 22.08 9.63
C THR B 732 -26.77 21.54 8.32
N LYS B 733 -26.63 22.40 7.35
CA LYS B 733 -26.08 22.00 6.07
C LYS B 733 -24.57 21.91 6.14
N THR B 734 -24.02 20.80 5.72
CA THR B 734 -22.59 20.55 5.82
C THR B 734 -21.97 20.25 4.48
N SER B 735 -20.79 20.78 4.23
CA SER B 735 -20.01 20.43 3.05
C SER B 735 -18.61 20.04 3.47
N VAL B 736 -18.04 19.09 2.76
CA VAL B 736 -16.73 18.54 3.08
C VAL B 736 -15.86 18.54 1.85
N ASP B 737 -14.59 18.84 2.03
CA ASP B 737 -13.60 18.76 0.97
C ASP B 737 -12.90 17.42 1.08
N CYS B 738 -13.10 16.58 0.08
CA CYS B 738 -12.63 15.22 0.16
C CYS B 738 -11.12 15.20 0.34
N THR B 739 -10.38 15.71 -0.63
CA THR B 739 -8.94 15.57 -0.59
C THR B 739 -8.30 16.18 0.64
N MET B 740 -8.75 17.35 1.06
CA MET B 740 -8.14 17.92 2.24
C MET B 740 -8.32 17.02 3.42
N TYR B 741 -9.54 16.59 3.69
CA TYR B 741 -9.71 15.69 4.81
C TYR B 741 -8.88 14.46 4.66
N ILE B 742 -8.70 13.99 3.43
CA ILE B 742 -8.00 12.73 3.30
C ILE B 742 -6.55 12.94 3.66
N CYS B 743 -5.86 13.79 2.93
CA CYS B 743 -4.46 13.92 3.22
C CYS B 743 -3.93 15.32 3.09
N GLY B 744 -4.67 16.28 3.61
CA GLY B 744 -4.12 17.60 3.92
C GLY B 744 -3.05 18.14 3.00
N ASP B 745 -3.31 18.18 1.72
CA ASP B 745 -2.44 18.82 0.74
C ASP B 745 -1.03 18.21 0.78
N SER B 746 -0.98 16.94 0.44
CA SER B 746 0.26 16.20 0.23
C SER B 746 0.22 15.71 -1.18
N THR B 747 1.24 16.01 -1.97
CA THR B 747 1.17 15.61 -3.36
C THR B 747 1.15 14.10 -3.53
N GLU B 748 2.02 13.39 -2.83
CA GLU B 748 2.08 11.96 -3.01
C GLU B 748 0.76 11.31 -2.66
N CYS B 749 0.05 11.86 -1.69
CA CYS B 749 -1.20 11.22 -1.35
C CYS B 749 -2.28 11.50 -2.37
N SER B 750 -2.31 12.67 -2.94
CA SER B 750 -3.32 12.87 -3.97
C SER B 750 -3.01 12.03 -5.19
N ASN B 751 -1.73 11.95 -5.53
CA ASN B 751 -1.30 11.14 -6.64
C ASN B 751 -1.71 9.70 -6.43
N LEU B 752 -1.75 9.28 -5.19
CA LEU B 752 -2.10 7.91 -4.89
C LEU B 752 -3.59 7.71 -4.78
N LEU B 753 -4.30 8.75 -4.39
CA LEU B 753 -5.73 8.63 -4.25
C LEU B 753 -6.38 8.61 -5.60
N LEU B 754 -5.74 9.20 -6.58
CA LEU B 754 -6.32 9.16 -7.91
C LEU B 754 -6.60 7.76 -8.40
N GLN B 755 -6.04 6.75 -7.78
CA GLN B 755 -6.30 5.43 -8.29
C GLN B 755 -7.57 4.83 -7.76
N TYR B 756 -8.25 5.50 -6.84
CA TYR B 756 -9.38 4.84 -6.22
C TYR B 756 -10.68 5.06 -6.96
N GLY B 757 -10.77 6.08 -7.80
CA GLY B 757 -11.96 6.28 -8.60
C GLY B 757 -12.63 7.57 -8.25
N SER B 758 -13.94 7.55 -8.29
CA SER B 758 -14.74 8.75 -8.13
C SER B 758 -15.49 8.73 -6.82
N PHE B 759 -14.94 8.10 -5.81
CA PHE B 759 -15.64 8.07 -4.54
C PHE B 759 -15.91 9.45 -3.99
N CYS B 760 -14.90 10.30 -3.94
CA CYS B 760 -15.20 11.59 -3.33
C CYS B 760 -16.17 12.39 -4.17
N THR B 761 -16.11 12.30 -5.49
CA THR B 761 -17.09 13.01 -6.27
C THR B 761 -18.48 12.59 -5.86
N GLN B 762 -18.66 11.29 -5.73
CA GLN B 762 -19.96 10.78 -5.35
C GLN B 762 -20.37 11.32 -4.00
N LEU B 763 -19.43 11.36 -3.06
CA LEU B 763 -19.80 11.84 -1.74
C LEU B 763 -20.24 13.28 -1.81
N LYS B 764 -19.51 14.08 -2.56
CA LYS B 764 -19.89 15.47 -2.65
C LYS B 764 -21.27 15.61 -3.21
N ARG B 765 -21.60 14.79 -4.20
CA ARG B 765 -22.93 14.88 -4.74
C ARG B 765 -23.98 14.58 -3.68
N ALA B 766 -23.73 13.57 -2.87
CA ALA B 766 -24.74 13.24 -1.87
C ALA B 766 -24.93 14.39 -0.91
N LEU B 767 -23.85 15.01 -0.48
CA LEU B 767 -24.01 16.06 0.51
C LEU B 767 -24.71 17.27 -0.06
N THR B 768 -24.42 17.63 -1.29
CA THR B 768 -25.16 18.75 -1.86
C THR B 768 -26.63 18.43 -1.91
N GLY B 769 -26.97 17.17 -2.21
CA GLY B 769 -28.37 16.84 -2.20
C GLY B 769 -28.99 17.08 -0.85
N ILE B 770 -28.29 16.72 0.21
CA ILE B 770 -28.84 16.97 1.53
C ILE B 770 -29.05 18.45 1.77
N ALA B 771 -28.10 19.28 1.39
CA ALA B 771 -28.24 20.70 1.70
C ALA B 771 -29.45 21.29 1.01
N VAL B 772 -29.58 21.05 -0.28
CA VAL B 772 -30.73 21.63 -0.96
C VAL B 772 -32.00 21.08 -0.35
N GLU B 773 -31.94 19.87 0.16
CA GLU B 773 -33.13 19.32 0.77
C GLU B 773 -33.54 20.13 1.98
N GLN B 774 -32.58 20.53 2.79
CA GLN B 774 -32.92 21.33 3.97
C GLN B 774 -33.63 22.59 3.58
N ASP B 775 -33.10 23.26 2.58
CA ASP B 775 -33.75 24.50 2.17
C ASP B 775 -35.16 24.25 1.72
N LYS B 776 -35.37 23.19 0.96
CA LYS B 776 -36.72 22.94 0.52
C LYS B 776 -37.64 22.65 1.67
N ASN B 777 -37.15 22.01 2.73
CA ASN B 777 -38.05 21.74 3.85
C ASN B 777 -38.57 23.02 4.45
N THR B 778 -37.68 23.95 4.73
CA THR B 778 -38.17 25.20 5.26
C THR B 778 -39.17 25.83 4.32
N GLN B 779 -38.90 25.78 3.03
CA GLN B 779 -39.80 26.39 2.10
C GLN B 779 -41.19 25.84 2.25
N GLU B 780 -41.29 24.52 2.17
CA GLU B 780 -42.59 23.87 2.23
C GLU B 780 -43.33 24.14 3.51
N VAL B 781 -42.64 24.27 4.63
CA VAL B 781 -43.39 24.46 5.85
C VAL B 781 -43.92 25.87 5.92
N PHE B 782 -43.05 26.84 5.75
CA PHE B 782 -43.47 28.19 6.09
C PHE B 782 -44.05 28.98 4.95
N ALA B 783 -43.51 28.88 3.74
CA ALA B 783 -43.93 29.74 2.65
C ALA B 783 -45.23 29.26 2.03
N GLN B 784 -46.24 29.13 2.86
CA GLN B 784 -47.53 28.71 2.35
C GLN B 784 -48.37 29.89 1.94
N VAL B 785 -48.28 30.96 2.65
CA VAL B 785 -49.05 32.14 2.34
C VAL B 785 -48.38 32.93 1.23
N LYS B 786 -49.17 33.56 0.40
CA LYS B 786 -48.61 34.27 -0.72
C LYS B 786 -48.31 35.73 -0.42
N GLN B 787 -49.16 36.40 0.34
CA GLN B 787 -49.02 37.81 0.65
C GLN B 787 -48.76 38.08 2.12
N ILE B 788 -47.90 39.05 2.40
CA ILE B 788 -47.56 39.36 3.77
C ILE B 788 -48.69 40.21 4.36
N TYR B 789 -49.56 39.61 5.13
CA TYR B 789 -50.66 40.36 5.73
C TYR B 789 -50.21 41.15 6.94
N LYS B 790 -50.59 42.41 7.02
CA LYS B 790 -50.21 43.24 8.15
C LYS B 790 -51.33 43.27 9.18
N THR B 791 -50.96 43.35 10.43
CA THR B 791 -51.91 43.43 11.54
C THR B 791 -52.43 44.86 11.69
N PRO B 792 -53.72 45.07 11.89
CA PRO B 792 -54.23 46.42 12.08
C PRO B 792 -53.68 47.04 13.34
N PRO B 793 -53.67 48.37 13.43
CA PRO B 793 -53.10 49.00 14.63
C PRO B 793 -53.96 48.94 15.88
N ILE B 794 -55.26 49.18 15.79
CA ILE B 794 -56.11 49.12 16.98
C ILE B 794 -56.29 47.64 17.29
N LYS B 795 -55.53 47.15 18.24
CA LYS B 795 -55.49 45.74 18.57
C LYS B 795 -56.53 45.31 19.60
N TYR B 796 -57.79 45.57 19.28
CA TYR B 796 -58.89 45.14 20.12
C TYR B 796 -59.72 44.10 19.40
N PHE B 797 -59.79 42.90 19.96
CA PHE B 797 -60.49 41.81 19.33
C PHE B 797 -61.54 41.22 20.23
N GLY B 798 -62.26 42.05 20.93
CA GLY B 798 -63.31 41.50 21.75
C GLY B 798 -62.81 40.78 22.96
N GLY B 799 -61.88 41.38 23.67
CA GLY B 799 -61.38 40.80 24.88
C GLY B 799 -60.24 39.83 24.74
N PHE B 800 -60.06 39.24 23.58
CA PHE B 800 -58.97 38.30 23.48
C PHE B 800 -57.67 39.06 23.51
N ASN B 801 -56.67 38.53 24.18
CA ASN B 801 -55.39 39.21 24.38
C ASN B 801 -54.27 38.45 23.69
N PHE B 802 -53.95 38.83 22.47
CA PHE B 802 -52.90 38.19 21.72
C PHE B 802 -51.54 38.79 21.93
N SER B 803 -51.33 39.61 22.94
CA SER B 803 -50.04 40.26 23.04
C SER B 803 -48.90 39.28 23.13
N GLN B 804 -49.12 38.11 23.67
CA GLN B 804 -47.99 37.22 23.84
C GLN B 804 -47.47 36.64 22.55
N ILE B 805 -48.24 36.67 21.49
CA ILE B 805 -47.78 36.05 20.26
C ILE B 805 -47.56 37.02 19.14
N LEU B 806 -48.18 38.18 19.16
CA LEU B 806 -47.94 39.09 18.08
C LEU B 806 -46.55 39.69 18.21
N PRO B 807 -45.97 40.13 17.11
CA PRO B 807 -44.61 40.67 17.20
C PRO B 807 -44.54 41.93 18.01
N ASP B 808 -43.42 42.07 18.71
CA ASP B 808 -43.13 43.20 19.56
C ASP B 808 -42.35 44.25 18.81
N PRO B 809 -42.89 45.43 18.53
CA PRO B 809 -42.12 46.42 17.80
C PRO B 809 -40.95 46.93 18.59
N SER B 810 -40.95 46.73 19.90
CA SER B 810 -39.87 47.25 20.73
C SER B 810 -38.55 46.55 20.40
N LYS B 811 -38.51 45.23 20.53
CA LYS B 811 -37.27 44.56 20.26
C LYS B 811 -36.91 44.67 18.79
N PRO B 812 -35.62 44.74 18.48
CA PRO B 812 -35.22 44.83 17.07
C PRO B 812 -35.47 43.55 16.33
N SER B 813 -35.36 42.43 17.02
CA SER B 813 -35.54 41.15 16.36
C SER B 813 -36.97 40.97 15.92
N LYS B 814 -37.88 41.77 16.45
CA LYS B 814 -39.27 41.76 16.06
C LYS B 814 -39.89 40.42 16.32
N ARG B 815 -39.46 39.75 17.36
CA ARG B 815 -40.04 38.48 17.71
C ARG B 815 -41.00 38.67 18.86
N SER B 816 -42.05 37.88 18.85
CA SER B 816 -42.97 37.90 19.93
C SER B 816 -42.24 37.47 21.18
N PRO B 817 -42.79 37.75 22.35
CA PRO B 817 -42.12 37.31 23.56
C PRO B 817 -41.93 35.83 23.67
N ILE B 818 -42.92 35.03 23.30
CA ILE B 818 -42.72 33.59 23.38
C ILE B 818 -41.59 33.16 22.48
N GLU B 819 -41.48 33.77 21.33
CA GLU B 819 -40.42 33.44 20.43
C GLU B 819 -39.08 33.74 21.05
N ASP B 820 -38.98 34.83 21.77
CA ASP B 820 -37.74 35.15 22.45
C ASP B 820 -37.41 34.10 23.47
N LEU B 821 -38.41 33.68 24.23
CA LEU B 821 -38.14 32.65 25.20
C LEU B 821 -37.61 31.41 24.53
N LEU B 822 -38.14 31.07 23.37
CA LEU B 822 -37.62 29.91 22.67
C LEU B 822 -36.18 30.10 22.27
N PHE B 823 -35.84 31.28 21.78
CA PHE B 823 -34.47 31.47 21.36
C PHE B 823 -33.51 31.42 22.52
N ASN B 824 -33.93 31.84 23.68
CA ASN B 824 -32.97 31.79 24.76
C ASN B 824 -32.90 30.43 25.39
N LYS B 825 -33.98 29.67 25.34
CA LYS B 825 -33.97 28.39 26.02
C LYS B 825 -33.03 27.40 25.37
N VAL B 826 -32.81 27.53 24.08
CA VAL B 826 -31.95 26.59 23.37
C VAL B 826 -30.73 27.34 22.89
N THR B 827 -29.57 26.75 23.11
CA THR B 827 -28.31 27.30 22.69
C THR B 827 -27.41 26.18 22.18
N LEU B 828 -26.29 26.56 21.59
CA LEU B 828 -25.34 25.61 21.06
C LEU B 828 -24.66 24.84 22.18
N PHE B 855 -10.75 24.00 11.15
CA PHE B 855 -11.47 22.82 10.73
C PHE B 855 -10.52 22.04 9.86
N ASN B 856 -10.99 20.94 9.31
CA ASN B 856 -10.10 20.19 8.44
C ASN B 856 -10.76 19.99 7.10
N GLY B 857 -11.34 21.02 6.53
CA GLY B 857 -12.00 20.84 5.27
C GLY B 857 -13.48 20.67 5.44
N LEU B 858 -13.99 20.89 6.64
CA LEU B 858 -15.41 20.76 6.94
C LEU B 858 -15.99 22.14 7.13
N THR B 859 -17.07 22.43 6.41
CA THR B 859 -17.74 23.75 6.52
C THR B 859 -19.26 23.54 6.67
N VAL B 860 -19.91 24.36 7.49
CA VAL B 860 -21.39 24.26 7.64
C VAL B 860 -22.01 25.48 6.95
N LEU B 861 -22.62 25.28 5.78
CA LEU B 861 -23.19 26.40 4.99
C LEU B 861 -24.32 27.06 5.77
N PRO B 862 -24.61 28.38 5.58
CA PRO B 862 -25.69 29.03 6.24
C PRO B 862 -27.00 28.68 5.58
N PRO B 863 -28.11 28.83 6.28
CA PRO B 863 -29.41 28.56 5.67
C PRO B 863 -29.80 29.68 4.73
N LEU B 864 -30.73 29.37 3.83
CA LEU B 864 -31.15 30.37 2.88
C LEU B 864 -32.04 31.44 3.51
N LEU B 865 -33.04 31.04 4.25
CA LEU B 865 -33.91 31.98 4.93
C LEU B 865 -33.34 32.34 6.28
N THR B 866 -33.06 33.61 6.49
CA THR B 866 -32.54 33.94 7.78
C THR B 866 -33.63 33.83 8.82
N ASP B 867 -33.24 33.86 10.07
CA ASP B 867 -34.23 33.74 11.12
C ASP B 867 -35.23 34.87 11.03
N GLU B 868 -34.74 36.04 10.70
CA GLU B 868 -35.63 37.17 10.62
C GLU B 868 -36.73 36.95 9.60
N MET B 869 -36.39 36.41 8.45
CA MET B 869 -37.44 36.26 7.46
C MET B 869 -38.44 35.23 7.88
N ILE B 870 -38.00 34.20 8.57
CA ILE B 870 -38.96 33.23 9.04
C ILE B 870 -39.91 33.86 10.02
N ALA B 871 -39.41 34.70 10.90
CA ALA B 871 -40.33 35.34 11.81
C ALA B 871 -41.31 36.18 11.06
N GLN B 872 -40.88 36.77 9.97
CA GLN B 872 -41.83 37.54 9.19
C GLN B 872 -42.93 36.66 8.62
N TYR B 873 -42.56 35.49 8.13
CA TYR B 873 -43.61 34.61 7.61
C TYR B 873 -44.59 34.26 8.68
N THR B 874 -44.09 33.95 9.85
CA THR B 874 -44.98 33.58 10.93
C THR B 874 -45.93 34.71 11.29
N SER B 875 -45.42 35.92 11.36
CA SER B 875 -46.35 37.00 11.67
C SER B 875 -47.39 37.14 10.61
N ALA B 876 -47.04 36.90 9.35
CA ALA B 876 -48.05 36.99 8.32
C ALA B 876 -49.14 35.98 8.55
N LEU B 877 -48.77 34.76 8.87
CA LEU B 877 -49.81 33.78 9.11
C LEU B 877 -50.69 34.17 10.25
N LEU B 878 -50.12 34.70 11.32
CA LEU B 878 -50.96 35.09 12.45
C LEU B 878 -51.93 36.16 12.04
N ALA B 879 -51.47 37.17 11.35
CA ALA B 879 -52.39 38.23 10.98
C ALA B 879 -53.50 37.68 10.11
N GLY B 880 -53.15 36.81 9.18
CA GLY B 880 -54.17 36.26 8.34
C GLY B 880 -55.23 35.52 9.14
N THR B 881 -54.80 34.64 10.02
CA THR B 881 -55.77 33.87 10.76
C THR B 881 -56.56 34.70 11.73
N ILE B 882 -56.02 35.82 12.19
CA ILE B 882 -56.78 36.57 13.15
C ILE B 882 -57.81 37.41 12.47
N THR B 883 -57.54 37.87 11.28
CA THR B 883 -58.48 38.80 10.69
C THR B 883 -59.38 38.15 9.67
N SER B 884 -59.05 36.95 9.20
CA SER B 884 -59.82 36.32 8.10
C SER B 884 -60.40 34.99 8.55
N GLY B 885 -59.56 34.06 8.98
CA GLY B 885 -60.03 32.76 9.46
C GLY B 885 -59.46 31.65 8.61
N TRP B 886 -60.31 30.90 7.92
CA TRP B 886 -59.80 29.89 6.98
C TRP B 886 -59.73 30.56 5.61
N THR B 887 -60.58 31.56 5.40
CA THR B 887 -60.67 32.18 4.07
C THR B 887 -59.29 32.40 3.47
N PHE B 888 -58.37 33.05 4.19
CA PHE B 888 -57.14 33.39 3.52
C PHE B 888 -56.39 32.18 3.05
N GLY B 889 -56.81 30.99 3.42
CA GLY B 889 -56.10 29.83 2.96
C GLY B 889 -56.69 29.23 1.71
N ALA B 890 -57.90 29.64 1.37
CA ALA B 890 -58.58 29.13 0.19
C ALA B 890 -58.62 30.12 -0.94
N GLY B 891 -58.19 31.35 -0.74
CA GLY B 891 -58.20 32.35 -1.77
C GLY B 891 -58.08 33.75 -1.20
N PRO B 892 -58.90 34.67 -1.67
CA PRO B 892 -58.81 36.05 -1.19
C PRO B 892 -59.25 36.13 0.27
N ALA B 893 -58.43 36.77 1.10
CA ALA B 893 -58.74 36.89 2.51
C ALA B 893 -59.91 37.83 2.75
N LEU B 894 -60.96 37.32 3.39
CA LEU B 894 -62.14 38.11 3.72
C LEU B 894 -62.19 38.42 5.21
N GLN B 895 -62.23 39.69 5.57
CA GLN B 895 -62.24 40.05 6.99
C GLN B 895 -63.56 39.72 7.67
N ILE B 896 -63.47 39.30 8.92
CA ILE B 896 -64.64 38.94 9.71
C ILE B 896 -64.38 39.26 11.18
N PRO B 897 -65.31 39.84 11.91
CA PRO B 897 -65.09 40.11 13.32
C PRO B 897 -64.70 38.87 14.08
N PHE B 898 -63.74 39.01 14.98
CA PHE B 898 -63.24 37.81 15.64
C PHE B 898 -64.23 37.06 16.49
N PRO B 899 -65.08 37.66 17.27
CA PRO B 899 -66.06 36.84 17.96
C PRO B 899 -66.92 36.07 16.99
N MET B 900 -67.32 36.63 15.87
CA MET B 900 -68.09 35.80 14.98
C MET B 900 -67.28 34.67 14.43
N GLN B 901 -65.99 34.86 14.25
CA GLN B 901 -65.23 33.74 13.77
C GLN B 901 -65.25 32.64 14.79
N MET B 902 -65.06 32.98 16.04
CA MET B 902 -65.11 31.90 16.99
C MET B 902 -66.49 31.29 17.09
N ALA B 903 -67.52 32.04 16.81
CA ALA B 903 -68.83 31.41 16.84
C ALA B 903 -68.94 30.36 15.76
N TYR B 904 -68.48 30.69 14.57
CA TYR B 904 -68.38 29.69 13.53
C TYR B 904 -67.65 28.46 14.01
N ARG B 905 -66.50 28.63 14.64
CA ARG B 905 -65.79 27.43 15.04
C ARG B 905 -66.55 26.61 16.07
N PHE B 906 -67.25 27.29 16.97
CA PHE B 906 -68.09 26.53 17.89
C PHE B 906 -69.06 25.67 17.13
N ASN B 907 -69.75 26.24 16.16
CA ASN B 907 -70.57 25.39 15.31
C ASN B 907 -69.79 24.25 14.77
N GLY B 908 -68.56 24.49 14.44
CA GLY B 908 -67.77 23.42 13.89
C GLY B 908 -67.67 22.22 14.80
N ILE B 909 -67.66 22.44 16.10
CA ILE B 909 -67.60 21.31 17.00
C ILE B 909 -68.98 20.93 17.55
N GLY B 910 -70.04 21.31 16.87
CA GLY B 910 -71.33 20.82 17.31
C GLY B 910 -71.97 21.53 18.48
N VAL B 911 -71.54 22.73 18.81
CA VAL B 911 -72.16 23.53 19.86
C VAL B 911 -72.77 24.75 19.22
N THR B 912 -74.03 25.03 19.53
CA THR B 912 -74.69 26.14 18.88
C THR B 912 -74.07 27.46 19.28
N GLN B 913 -74.06 28.38 18.33
CA GLN B 913 -73.34 29.62 18.50
C GLN B 913 -73.89 30.51 19.59
N ASN B 914 -75.14 30.37 19.98
CA ASN B 914 -75.57 31.23 21.06
C ASN B 914 -74.75 30.99 22.29
N VAL B 915 -74.25 29.77 22.46
CA VAL B 915 -73.44 29.50 23.61
C VAL B 915 -72.24 30.41 23.67
N LEU B 916 -71.73 30.83 22.54
CA LEU B 916 -70.58 31.71 22.65
C LEU B 916 -70.97 33.11 23.02
N TYR B 917 -72.05 33.64 22.48
CA TYR B 917 -72.33 35.02 22.79
C TYR B 917 -72.73 35.22 24.21
N GLU B 918 -73.14 34.18 24.88
CA GLU B 918 -73.57 34.37 26.24
C GLU B 918 -72.45 34.17 27.21
N ASN B 919 -71.30 33.76 26.75
CA ASN B 919 -70.21 33.54 27.66
C ASN B 919 -68.97 34.16 27.08
N GLN B 920 -69.15 35.19 26.27
CA GLN B 920 -68.01 35.83 25.66
C GLN B 920 -67.01 36.26 26.70
N LYS B 921 -67.47 36.92 27.75
CA LYS B 921 -66.52 37.43 28.73
C LYS B 921 -65.75 36.29 29.35
N LEU B 922 -66.46 35.29 29.81
CA LEU B 922 -65.80 34.19 30.46
C LEU B 922 -64.86 33.47 29.51
N ILE B 923 -65.25 33.29 28.27
CA ILE B 923 -64.37 32.57 27.37
C ILE B 923 -63.10 33.36 27.15
N ALA B 924 -63.23 34.65 27.00
CA ALA B 924 -62.03 35.42 26.77
C ALA B 924 -61.10 35.31 27.96
N ASN B 925 -61.65 35.35 29.15
CA ASN B 925 -60.79 35.22 30.31
C ASN B 925 -60.10 33.88 30.35
N GLN B 926 -60.81 32.81 30.04
CA GLN B 926 -60.14 31.53 30.11
C GLN B 926 -59.01 31.46 29.12
N PHE B 927 -59.25 31.99 27.94
CA PHE B 927 -58.22 31.97 26.94
C PHE B 927 -57.01 32.77 27.36
N ASN B 928 -57.23 33.93 27.92
CA ASN B 928 -56.10 34.74 28.34
C ASN B 928 -55.30 34.05 29.41
N SER B 929 -55.97 33.47 30.38
CA SER B 929 -55.21 32.81 31.43
C SER B 929 -54.39 31.67 30.89
N ALA B 930 -54.94 30.90 29.96
CA ALA B 930 -54.15 29.80 29.43
C ALA B 930 -52.94 30.30 28.71
N ILE B 931 -53.11 31.35 27.92
CA ILE B 931 -51.93 31.84 27.22
C ILE B 931 -50.89 32.30 28.19
N GLY B 932 -51.33 32.86 29.30
CA GLY B 932 -50.35 33.32 30.27
C GLY B 932 -49.60 32.18 30.91
N LYS B 933 -50.30 31.09 31.19
CA LYS B 933 -49.58 30.00 31.83
C LYS B 933 -48.65 29.29 30.86
N ILE B 934 -48.86 29.44 29.57
CA ILE B 934 -47.98 28.75 28.63
C ILE B 934 -46.54 29.17 28.79
N GLN B 935 -46.29 30.47 28.87
CA GLN B 935 -44.89 30.88 28.91
C GLN B 935 -44.23 30.41 30.18
N ASP B 936 -44.93 30.51 31.30
CA ASP B 936 -44.35 30.03 32.53
C ASP B 936 -44.04 28.55 32.41
N SER B 937 -44.93 27.80 31.78
CA SER B 937 -44.67 26.38 31.64
C SER B 937 -43.42 26.12 30.82
N LEU B 938 -43.27 26.82 29.71
CA LEU B 938 -42.07 26.59 28.91
C LEU B 938 -40.83 26.95 29.68
N SER B 939 -40.91 27.99 30.49
CA SER B 939 -39.70 28.39 31.19
C SER B 939 -39.37 27.45 32.33
N SER B 940 -40.39 26.94 33.01
CA SER B 940 -40.16 26.07 34.14
C SER B 940 -39.84 24.67 33.69
N THR B 941 -40.32 24.27 32.54
CA THR B 941 -40.04 22.94 32.08
C THR B 941 -38.56 22.85 31.79
N PRO B 942 -37.87 21.88 32.31
CA PRO B 942 -36.44 21.80 32.10
C PRO B 942 -36.06 21.21 30.75
N SER B 943 -36.86 20.28 30.25
CA SER B 943 -36.53 19.56 29.03
C SER B 943 -37.74 19.50 28.11
N ALA B 944 -38.40 20.63 27.94
CA ALA B 944 -39.52 20.66 27.02
C ALA B 944 -39.06 20.65 25.58
N LEU B 945 -37.90 21.23 25.29
CA LEU B 945 -37.38 21.33 23.94
C LEU B 945 -36.41 20.22 23.63
N GLY B 946 -36.65 19.04 24.15
CA GLY B 946 -35.70 17.98 23.93
C GLY B 946 -35.42 17.71 22.48
N LYS B 947 -36.42 17.81 21.63
CA LYS B 947 -36.20 17.40 20.26
C LYS B 947 -35.24 18.31 19.52
N LEU B 948 -35.45 19.61 19.56
CA LEU B 948 -34.54 20.47 18.83
C LEU B 948 -33.14 20.38 19.38
N GLN B 949 -33.03 20.37 20.69
CA GLN B 949 -31.73 20.27 21.31
C GLN B 949 -31.05 18.98 20.90
N ASP B 950 -31.83 17.94 20.76
CA ASP B 950 -31.26 16.65 20.40
C ASP B 950 -30.75 16.67 18.98
N VAL B 951 -31.46 17.33 18.09
CA VAL B 951 -30.97 17.40 16.73
C VAL B 951 -29.61 18.04 16.71
N VAL B 952 -29.50 19.16 17.41
CA VAL B 952 -28.23 19.86 17.40
C VAL B 952 -27.13 18.99 17.95
N ASN B 953 -27.40 18.30 19.05
CA ASN B 953 -26.33 17.52 19.65
C ASN B 953 -25.91 16.37 18.77
N HIS B 954 -26.84 15.73 18.09
CA HIS B 954 -26.45 14.63 17.24
C HIS B 954 -25.54 15.11 16.15
N ASN B 955 -25.91 16.20 15.51
CA ASN B 955 -25.06 16.67 14.44
C ASN B 955 -23.67 17.05 14.96
N ALA B 956 -23.61 17.76 16.08
CA ALA B 956 -22.33 18.19 16.59
C ALA B 956 -21.44 17.01 16.90
N GLN B 957 -22.01 16.00 17.53
CA GLN B 957 -21.21 14.84 17.88
C GLN B 957 -20.72 14.12 16.65
N ALA B 958 -21.52 14.06 15.61
CA ALA B 958 -21.05 13.40 14.41
C ALA B 958 -19.79 14.06 13.91
N LEU B 959 -19.82 15.38 13.78
CA LEU B 959 -18.60 16.02 13.31
C LEU B 959 -17.45 15.80 14.26
N ASN B 960 -17.72 15.84 15.56
CA ASN B 960 -16.61 15.73 16.48
C ASN B 960 -15.91 14.40 16.30
N THR B 961 -16.68 13.33 16.24
CA THR B 961 -16.01 12.05 16.09
C THR B 961 -15.31 11.98 14.75
N LEU B 962 -15.86 12.62 13.73
CA LEU B 962 -15.17 12.58 12.46
C LEU B 962 -13.82 13.22 12.56
N VAL B 963 -13.72 14.31 13.29
CA VAL B 963 -12.43 14.96 13.40
C VAL B 963 -11.47 14.15 14.24
N LYS B 964 -11.96 13.53 15.30
CA LYS B 964 -11.01 12.80 16.13
C LYS B 964 -10.48 11.60 15.41
N GLN B 965 -11.27 11.02 14.54
CA GLN B 965 -10.77 9.81 13.92
C GLN B 965 -9.54 10.05 13.07
N LEU B 966 -9.07 11.28 12.93
CA LEU B 966 -7.83 11.41 12.19
C LEU B 966 -6.65 10.90 12.97
N SER B 967 -6.74 10.84 14.27
CA SER B 967 -5.59 10.40 15.02
C SER B 967 -5.37 8.91 14.94
N SER B 968 -6.39 8.13 14.58
CA SER B 968 -6.18 6.70 14.55
C SER B 968 -5.12 6.32 13.53
N LYS B 969 -4.38 5.27 13.84
CA LYS B 969 -3.35 4.78 12.95
C LYS B 969 -3.87 3.80 11.93
N PHE B 970 -4.97 3.13 12.21
CA PHE B 970 -5.57 2.20 11.27
C PHE B 970 -4.62 1.11 10.86
N GLY B 971 -3.62 0.80 11.66
CA GLY B 971 -2.69 -0.22 11.29
C GLY B 971 -1.42 0.31 10.70
N ALA B 972 -1.40 1.58 10.34
CA ALA B 972 -0.20 2.14 9.79
C ALA B 972 0.81 2.35 10.89
N ILE B 973 2.07 2.43 10.49
CA ILE B 973 3.14 2.59 11.45
C ILE B 973 3.09 3.94 12.13
N SER B 974 2.36 4.91 11.59
CA SER B 974 2.27 6.20 12.27
C SER B 974 1.09 6.96 11.71
N SER B 975 0.61 7.93 12.47
CA SER B 975 -0.60 8.61 12.10
C SER B 975 -0.39 9.84 11.23
N VAL B 976 0.73 10.54 11.37
CA VAL B 976 0.96 11.74 10.58
C VAL B 976 1.56 11.32 9.26
N LEU B 977 1.05 11.89 8.19
CA LEU B 977 1.53 11.49 6.88
C LEU B 977 2.96 11.94 6.60
N ASN B 978 3.36 13.11 7.10
CA ASN B 978 4.68 13.62 6.77
C ASN B 978 5.77 12.73 7.31
N ASP B 979 5.65 12.28 8.55
CA ASP B 979 6.65 11.38 9.09
C ASP B 979 6.75 10.16 8.22
N ILE B 980 5.60 9.64 7.78
CA ILE B 980 5.61 8.50 6.88
C ILE B 980 6.48 8.82 5.70
N LEU B 981 6.37 10.04 5.21
CA LEU B 981 7.15 10.44 4.06
C LEU B 981 8.60 10.72 4.41
N SER B 982 8.93 10.82 5.68
CA SER B 982 10.32 11.11 6.04
C SER B 982 11.13 9.85 6.23
N ARG B 983 10.68 8.96 7.11
CA ARG B 983 11.48 7.82 7.54
C ARG B 983 11.21 6.58 6.72
N LEU B 984 10.93 6.72 5.43
CA LEU B 984 10.74 5.54 4.63
C LEU B 984 11.02 5.80 3.17
N ASP B 985 11.49 4.76 2.52
CA ASP B 985 11.72 4.85 1.11
C ASP B 985 10.36 4.90 0.46
N PRO B 986 10.26 5.43 -0.75
CA PRO B 986 8.96 5.59 -1.38
C PRO B 986 8.26 4.25 -1.55
N PRO B 987 8.96 3.18 -1.93
CA PRO B 987 8.23 1.93 -2.12
C PRO B 987 7.50 1.47 -0.88
N GLU B 988 8.11 1.57 0.29
CA GLU B 988 7.38 1.14 1.48
C GLU B 988 6.44 2.21 2.01
N ALA B 989 6.79 3.48 1.86
CA ALA B 989 5.85 4.51 2.29
C ALA B 989 4.56 4.44 1.52
N GLU B 990 4.61 3.95 0.28
CA GLU B 990 3.36 3.79 -0.45
C GLU B 990 2.41 2.87 0.27
N VAL B 991 2.88 1.68 0.63
CA VAL B 991 1.95 0.80 1.28
C VAL B 991 1.64 1.25 2.67
N GLN B 992 2.48 2.08 3.26
CA GLN B 992 2.08 2.60 4.56
C GLN B 992 1.09 3.74 4.43
N ILE B 993 1.00 4.36 3.26
CA ILE B 993 0.01 5.41 3.08
C ILE B 993 -1.29 4.86 2.56
N ASP B 994 -1.26 3.73 1.88
CA ASP B 994 -2.49 3.10 1.51
C ASP B 994 -3.40 2.88 2.69
N ARG B 995 -2.86 2.40 3.80
CA ARG B 995 -3.73 2.11 4.92
C ARG B 995 -4.44 3.36 5.40
N LEU B 996 -3.68 4.43 5.60
CA LEU B 996 -4.35 5.63 6.09
C LEU B 996 -5.40 6.07 5.10
N ILE B 997 -5.08 6.02 3.82
CA ILE B 997 -6.07 6.43 2.85
C ILE B 997 -7.34 5.63 3.01
N THR B 998 -7.23 4.32 3.01
CA THR B 998 -8.43 3.51 3.07
C THR B 998 -9.19 3.72 4.37
N GLY B 999 -8.47 3.84 5.47
CA GLY B 999 -9.16 3.97 6.73
C GLY B 999 -9.91 5.27 6.83
N ARG B 1000 -9.26 6.35 6.44
CA ARG B 1000 -9.92 7.62 6.54
C ARG B 1000 -11.05 7.70 5.54
N LEU B 1001 -10.89 7.06 4.40
CA LEU B 1001 -11.97 7.05 3.45
C LEU B 1001 -13.17 6.32 3.97
N GLN B 1002 -12.95 5.19 4.63
CA GLN B 1002 -14.09 4.48 5.16
C GLN B 1002 -14.79 5.27 6.25
N SER B 1003 -14.02 5.94 7.09
CA SER B 1003 -14.65 6.71 8.14
C SER B 1003 -15.54 7.76 7.51
N LEU B 1004 -15.03 8.42 6.49
CA LEU B 1004 -15.82 9.44 5.86
C LEU B 1004 -17.07 8.84 5.24
N GLN B 1005 -16.95 7.64 4.73
CA GLN B 1005 -18.09 7.00 4.12
C GLN B 1005 -19.19 6.73 5.12
N THR B 1006 -18.81 6.24 6.29
CA THR B 1006 -19.82 6.00 7.30
C THR B 1006 -20.49 7.29 7.66
N TYR B 1007 -19.71 8.34 7.79
CA TYR B 1007 -20.33 9.60 8.18
C TYR B 1007 -21.38 10.02 7.19
N VAL B 1008 -21.07 9.95 5.91
CA VAL B 1008 -22.09 10.44 4.98
C VAL B 1008 -23.30 9.55 5.02
N THR B 1009 -23.13 8.26 5.23
CA THR B 1009 -24.32 7.44 5.27
C THR B 1009 -25.20 7.83 6.44
N GLN B 1010 -24.59 8.05 7.58
CA GLN B 1010 -25.37 8.47 8.72
C GLN B 1010 -26.12 9.74 8.41
N GLN B 1011 -25.48 10.66 7.72
CA GLN B 1011 -26.19 11.88 7.44
C GLN B 1011 -27.36 11.63 6.54
N LEU B 1012 -27.24 10.69 5.61
CA LEU B 1012 -28.39 10.43 4.77
C LEU B 1012 -29.54 9.89 5.58
N ILE B 1013 -29.25 8.98 6.47
CA ILE B 1013 -30.34 8.42 7.27
C ILE B 1013 -31.00 9.50 8.11
N ARG B 1014 -30.21 10.29 8.81
CA ARG B 1014 -30.87 11.30 9.62
C ARG B 1014 -31.64 12.26 8.75
N ALA B 1015 -31.16 12.54 7.57
CA ALA B 1015 -31.90 13.47 6.75
C ALA B 1015 -33.22 12.90 6.35
N ALA B 1016 -33.29 11.60 6.09
CA ALA B 1016 -34.57 11.02 5.80
C ALA B 1016 -35.52 11.19 6.96
N GLU B 1017 -35.04 10.95 8.16
CA GLU B 1017 -35.90 11.12 9.31
C GLU B 1017 -36.44 12.54 9.40
N ILE B 1018 -35.55 13.51 9.24
CA ILE B 1018 -35.99 14.88 9.41
C ILE B 1018 -36.95 15.25 8.32
N ARG B 1019 -36.75 14.72 7.14
CA ARG B 1019 -37.69 15.04 6.10
C ARG B 1019 -39.06 14.50 6.42
N ALA B 1020 -39.12 13.31 6.97
CA ALA B 1020 -40.43 12.83 7.37
C ALA B 1020 -41.07 13.79 8.33
N SER B 1021 -40.30 14.24 9.31
CA SER B 1021 -40.85 15.18 10.28
C SER B 1021 -41.31 16.46 9.64
N ALA B 1022 -40.58 16.95 8.67
CA ALA B 1022 -40.96 18.22 8.09
C ALA B 1022 -42.24 18.08 7.31
N ASN B 1023 -42.43 16.96 6.63
CA ASN B 1023 -43.69 16.75 5.96
C ASN B 1023 -44.82 16.75 6.95
N LEU B 1024 -44.62 16.10 8.07
CA LEU B 1024 -45.67 16.14 9.07
C LEU B 1024 -45.99 17.55 9.48
N ALA B 1025 -44.97 18.36 9.67
CA ALA B 1025 -45.22 19.72 10.09
C ALA B 1025 -45.98 20.48 9.05
N ALA B 1026 -45.67 20.26 7.78
CA ALA B 1026 -46.39 21.01 6.77
C ALA B 1026 -47.84 20.64 6.78
N THR B 1027 -48.14 19.36 6.91
CA THR B 1027 -49.54 18.98 7.01
C THR B 1027 -50.21 19.65 8.18
N LYS B 1028 -49.55 19.70 9.32
CA LYS B 1028 -50.19 20.31 10.45
C LYS B 1028 -50.44 21.77 10.21
N MET B 1029 -49.48 22.47 9.66
CA MET B 1029 -49.73 23.85 9.30
C MET B 1029 -50.97 23.97 8.46
N SER B 1030 -51.00 23.29 7.32
CA SER B 1030 -52.14 23.44 6.45
C SER B 1030 -53.42 23.12 7.17
N GLU B 1031 -53.47 22.00 7.86
CA GLU B 1031 -54.75 21.52 8.35
C GLU B 1031 -55.18 22.17 9.65
N CYS B 1032 -54.28 22.43 10.57
CA CYS B 1032 -54.74 23.00 11.82
C CYS B 1032 -54.74 24.50 11.76
N VAL B 1033 -53.77 25.13 11.13
CA VAL B 1033 -53.74 26.58 11.15
C VAL B 1033 -54.71 27.16 10.17
N LEU B 1034 -54.63 26.74 8.93
CA LEU B 1034 -55.46 27.28 7.88
C LEU B 1034 -56.85 26.75 7.88
N GLY B 1035 -57.25 26.03 8.90
CA GLY B 1035 -58.59 25.53 8.92
C GLY B 1035 -58.87 24.93 10.25
N GLN B 1036 -59.87 24.09 10.32
CA GLN B 1036 -60.25 23.47 11.57
C GLN B 1036 -60.35 22.01 11.27
N SER B 1037 -59.73 21.18 12.08
CA SER B 1037 -59.69 19.78 11.72
C SER B 1037 -60.63 18.94 12.53
N LYS B 1038 -61.32 18.05 11.86
CA LYS B 1038 -62.15 17.10 12.56
C LYS B 1038 -61.40 15.82 12.87
N ARG B 1039 -60.15 15.70 12.47
CA ARG B 1039 -59.39 14.51 12.79
C ARG B 1039 -59.16 14.49 14.28
N VAL B 1040 -59.47 13.39 14.90
CA VAL B 1040 -59.43 13.33 16.34
C VAL B 1040 -58.01 13.26 16.85
N ASP B 1041 -57.69 14.14 17.76
CA ASP B 1041 -56.44 14.08 18.45
C ASP B 1041 -55.29 14.20 17.47
N PHE B 1042 -55.47 15.06 16.48
CA PHE B 1042 -54.37 15.45 15.64
C PHE B 1042 -53.85 16.80 16.05
N CYS B 1043 -54.72 17.79 16.08
CA CYS B 1043 -54.31 19.11 16.52
C CYS B 1043 -54.62 19.27 18.01
N GLY B 1044 -53.99 18.46 18.84
CA GLY B 1044 -54.18 18.57 20.27
C GLY B 1044 -55.29 17.70 20.80
N LYS B 1045 -55.24 17.43 22.10
CA LYS B 1045 -56.21 16.56 22.75
C LYS B 1045 -57.49 17.32 23.09
N GLY B 1046 -58.59 16.89 22.53
CA GLY B 1046 -59.88 17.53 22.73
C GLY B 1046 -60.42 18.06 21.43
N TYR B 1047 -61.59 18.62 21.51
CA TYR B 1047 -62.23 19.21 20.34
C TYR B 1047 -61.46 20.44 19.88
N HIS B 1048 -60.91 20.38 18.68
CA HIS B 1048 -60.04 21.42 18.18
C HIS B 1048 -60.76 22.67 17.73
N LEU B 1049 -60.28 23.84 18.18
CA LEU B 1049 -60.76 25.13 17.72
C LEU B 1049 -59.84 25.80 16.71
N MET B 1050 -58.58 26.02 17.06
CA MET B 1050 -57.65 26.66 16.13
C MET B 1050 -56.23 26.45 16.63
N SER B 1051 -55.27 26.94 15.88
CA SER B 1051 -53.90 26.74 16.30
C SER B 1051 -53.03 27.90 15.86
N PHE B 1052 -52.00 28.21 16.64
CA PHE B 1052 -51.11 29.31 16.31
C PHE B 1052 -49.68 28.84 16.13
N PRO B 1053 -48.98 29.23 15.08
CA PRO B 1053 -47.60 28.80 14.89
C PRO B 1053 -46.60 29.73 15.53
N GLN B 1054 -45.48 29.18 15.97
CA GLN B 1054 -44.42 30.03 16.49
C GLN B 1054 -43.07 29.51 16.00
N SER B 1055 -42.21 30.39 15.53
CA SER B 1055 -40.93 29.95 15.04
C SER B 1055 -40.00 29.50 16.16
N ALA B 1056 -39.09 28.60 15.82
CA ALA B 1056 -38.07 28.09 16.73
C ALA B 1056 -36.78 27.95 15.95
N PRO B 1057 -35.64 27.81 16.63
CA PRO B 1057 -34.37 27.73 15.91
C PRO B 1057 -34.34 26.71 14.78
N HIS B 1058 -34.96 25.57 14.94
CA HIS B 1058 -34.92 24.62 13.85
C HIS B 1058 -36.25 23.94 13.67
N GLY B 1059 -37.33 24.56 14.10
CA GLY B 1059 -38.61 23.92 13.98
C GLY B 1059 -39.71 24.88 14.29
N VAL B 1060 -40.88 24.33 14.52
CA VAL B 1060 -42.05 25.10 14.82
C VAL B 1060 -42.65 24.64 16.12
N VAL B 1061 -43.39 25.54 16.74
CA VAL B 1061 -44.09 25.26 17.97
C VAL B 1061 -45.53 25.64 17.77
N PHE B 1062 -46.41 24.66 17.73
CA PHE B 1062 -47.81 24.89 17.52
C PHE B 1062 -48.52 25.05 18.85
N LEU B 1063 -49.32 26.09 18.95
CA LEU B 1063 -50.16 26.39 20.10
C LEU B 1063 -51.61 25.97 19.82
N HIS B 1064 -51.91 24.71 20.00
CA HIS B 1064 -53.27 24.25 19.78
C HIS B 1064 -54.23 24.75 20.83
N VAL B 1065 -55.35 25.34 20.40
CA VAL B 1065 -56.44 25.76 21.28
C VAL B 1065 -57.57 24.76 21.21
N THR B 1066 -57.88 24.13 22.32
CA THR B 1066 -58.84 23.06 22.38
C THR B 1066 -59.98 23.36 23.32
N TYR B 1067 -61.16 22.81 23.03
CA TYR B 1067 -62.35 22.95 23.85
C TYR B 1067 -62.57 21.65 24.59
N VAL B 1068 -62.69 21.68 25.91
CA VAL B 1068 -62.84 20.48 26.72
C VAL B 1068 -64.04 20.59 27.64
N PRO B 1069 -64.99 19.67 27.59
CA PRO B 1069 -66.12 19.71 28.52
C PRO B 1069 -65.76 19.35 29.94
N ALA B 1070 -66.68 19.68 30.85
CA ALA B 1070 -66.51 19.38 32.26
C ALA B 1070 -67.83 19.58 32.98
N GLN B 1071 -67.88 19.16 34.24
CA GLN B 1071 -69.05 19.27 35.10
C GLN B 1071 -70.26 18.52 34.56
N GLU B 1072 -70.12 17.22 34.41
CA GLU B 1072 -71.19 16.41 33.88
C GLU B 1072 -72.28 16.19 34.92
N LYS B 1073 -73.41 15.68 34.45
CA LYS B 1073 -74.54 15.44 35.32
C LYS B 1073 -75.32 14.25 34.78
N ASN B 1074 -75.90 13.46 35.68
CA ASN B 1074 -76.66 12.28 35.31
C ASN B 1074 -78.07 12.60 34.85
N PHE B 1075 -78.59 11.79 33.95
CA PHE B 1075 -79.92 11.98 33.43
C PHE B 1075 -80.45 10.63 32.99
N THR B 1076 -81.76 10.54 32.91
CA THR B 1076 -82.44 9.37 32.38
C THR B 1076 -82.97 9.64 30.99
N THR B 1077 -82.84 8.69 30.08
CA THR B 1077 -83.21 8.96 28.69
C THR B 1077 -83.98 7.83 28.07
N ALA B 1078 -84.60 8.12 26.94
CA ALA B 1078 -85.29 7.13 26.14
C ALA B 1078 -85.06 7.46 24.67
N PRO B 1079 -85.04 6.45 23.81
CA PRO B 1079 -84.72 6.71 22.41
C PRO B 1079 -85.81 7.37 21.62
N ALA B 1080 -87.04 7.35 22.06
CA ALA B 1080 -88.09 7.95 21.25
C ALA B 1080 -89.28 8.23 22.15
N ILE B 1081 -90.14 9.09 21.70
CA ILE B 1081 -91.33 9.40 22.48
C ILE B 1081 -92.54 8.90 21.73
N CYS B 1082 -93.49 8.32 22.43
CA CYS B 1082 -94.67 7.82 21.76
C CYS B 1082 -95.83 8.74 22.04
N HIS B 1083 -96.35 9.34 20.99
CA HIS B 1083 -97.50 10.21 21.15
C HIS B 1083 -98.44 9.92 20.02
N ASP B 1084 -99.73 9.82 20.31
CA ASP B 1084 -100.72 9.51 19.30
C ASP B 1084 -100.39 8.23 18.60
N GLY B 1085 -99.66 7.36 19.26
CA GLY B 1085 -99.38 6.09 18.67
C GLY B 1085 -98.23 6.13 17.69
N LYS B 1086 -97.67 7.29 17.44
CA LYS B 1086 -96.55 7.36 16.52
C LYS B 1086 -95.32 7.80 17.28
N ALA B 1087 -94.19 7.35 16.78
CA ALA B 1087 -92.92 7.58 17.43
C ALA B 1087 -92.31 8.88 16.99
N HIS B 1088 -91.74 9.60 17.93
CA HIS B 1088 -91.05 10.83 17.63
C HIS B 1088 -89.60 10.66 17.97
N PHE B 1089 -88.75 11.18 17.13
CA PHE B 1089 -87.33 11.16 17.35
C PHE B 1089 -86.84 12.59 17.29
N PRO B 1090 -85.74 12.91 17.94
CA PRO B 1090 -85.31 14.29 17.95
C PRO B 1090 -84.56 14.61 16.69
N ARG B 1091 -84.83 15.78 16.11
CA ARG B 1091 -84.04 16.16 14.95
C ARG B 1091 -82.59 16.29 15.30
N GLU B 1092 -82.32 16.99 16.38
CA GLU B 1092 -80.96 16.99 16.85
C GLU B 1092 -80.94 17.10 18.36
N GLY B 1093 -80.16 16.27 19.00
CA GLY B 1093 -80.05 16.26 20.43
C GLY B 1093 -80.58 14.98 21.02
N VAL B 1094 -80.89 15.05 22.30
CA VAL B 1094 -81.25 13.85 23.01
C VAL B 1094 -82.44 14.13 23.89
N PHE B 1095 -83.29 13.13 24.05
CA PHE B 1095 -84.38 13.18 25.00
C PHE B 1095 -83.84 12.93 26.38
N VAL B 1096 -83.86 13.93 27.23
CA VAL B 1096 -83.32 13.83 28.57
C VAL B 1096 -84.42 14.08 29.56
N SER B 1097 -84.53 13.24 30.57
CA SER B 1097 -85.51 13.44 31.61
C SER B 1097 -84.82 13.77 32.92
N ASN B 1098 -85.36 14.72 33.64
CA ASN B 1098 -84.77 15.12 34.90
C ASN B 1098 -85.52 14.55 36.08
N GLY B 1099 -86.19 13.43 35.87
CA GLY B 1099 -86.89 12.80 36.95
C GLY B 1099 -88.38 12.87 36.73
N THR B 1100 -88.86 14.01 36.27
CA THR B 1100 -90.27 14.22 36.08
C THR B 1100 -90.66 14.82 34.76
N HIS B 1101 -89.77 15.47 34.06
CA HIS B 1101 -90.12 16.12 32.83
C HIS B 1101 -89.15 15.73 31.74
N TRP B 1102 -89.64 15.71 30.53
CA TRP B 1102 -88.78 15.36 29.42
C TRP B 1102 -88.42 16.58 28.61
N PHE B 1103 -87.19 16.62 28.12
CA PHE B 1103 -86.68 17.74 27.36
C PHE B 1103 -85.81 17.24 26.25
N VAL B 1104 -85.51 18.14 25.32
CA VAL B 1104 -84.56 17.90 24.26
C VAL B 1104 -83.35 18.74 24.50
N THR B 1105 -82.16 18.21 24.27
CA THR B 1105 -80.98 19.01 24.50
C THR B 1105 -79.89 18.63 23.56
N GLN B 1106 -79.14 19.61 23.08
CA GLN B 1106 -78.02 19.31 22.22
C GLN B 1106 -77.04 18.44 22.98
N ARG B 1107 -76.26 17.65 22.26
CA ARG B 1107 -75.53 16.59 22.90
C ARG B 1107 -74.42 17.10 23.81
N ASN B 1108 -73.67 18.09 23.39
CA ASN B 1108 -72.47 18.47 24.13
C ASN B 1108 -72.63 19.59 25.12
N PHE B 1109 -73.83 20.05 25.43
CA PHE B 1109 -73.91 21.11 26.42
C PHE B 1109 -75.33 21.18 26.90
N TYR B 1110 -75.53 21.16 28.19
CA TYR B 1110 -76.87 21.05 28.71
C TYR B 1110 -77.66 22.32 28.45
N GLU B 1111 -78.71 22.23 27.64
CA GLU B 1111 -79.60 23.37 27.38
C GLU B 1111 -80.99 22.86 27.09
N PRO B 1112 -81.74 22.49 28.10
CA PRO B 1112 -83.01 21.82 27.89
C PRO B 1112 -84.04 22.70 27.25
N GLN B 1113 -84.82 22.15 26.36
CA GLN B 1113 -85.93 22.85 25.75
C GLN B 1113 -87.16 21.97 25.72
N ILE B 1114 -88.32 22.61 25.64
CA ILE B 1114 -89.56 21.86 25.55
C ILE B 1114 -89.65 21.10 24.25
N ILE B 1115 -90.13 19.88 24.35
CA ILE B 1115 -90.29 19.00 23.21
C ILE B 1115 -91.44 19.48 22.36
N THR B 1116 -91.17 19.85 21.13
CA THR B 1116 -92.24 20.38 20.30
C THR B 1116 -92.16 19.71 18.95
N THR B 1117 -93.18 19.93 18.14
CA THR B 1117 -93.18 19.34 16.83
C THR B 1117 -92.11 19.88 15.92
N ASP B 1118 -91.48 20.98 16.24
CA ASP B 1118 -90.51 21.51 15.29
C ASP B 1118 -89.18 20.80 15.39
N ASN B 1119 -88.77 20.38 16.59
CA ASN B 1119 -87.45 19.79 16.76
C ASN B 1119 -87.48 18.29 16.85
N THR B 1120 -88.55 17.65 16.38
CA THR B 1120 -88.67 16.21 16.38
C THR B 1120 -89.37 15.80 15.11
N PHE B 1121 -89.13 14.58 14.66
CA PHE B 1121 -89.78 14.11 13.46
C PHE B 1121 -90.34 12.72 13.70
N VAL B 1122 -91.34 12.38 12.93
CA VAL B 1122 -92.15 11.19 13.17
C VAL B 1122 -91.77 10.09 12.21
N SER B 1123 -91.91 8.85 12.66
CA SER B 1123 -91.70 7.71 11.77
C SER B 1123 -92.47 6.50 12.27
N GLY B 1124 -93.58 6.19 11.63
CA GLY B 1124 -94.32 4.98 11.92
C GLY B 1124 -94.92 4.92 13.30
N ASN B 1125 -95.68 3.85 13.54
CA ASN B 1125 -96.33 3.66 14.82
C ASN B 1125 -95.31 3.37 15.89
N CYS B 1126 -95.76 3.48 17.13
CA CYS B 1126 -94.85 3.54 18.26
C CYS B 1126 -94.71 2.21 18.99
N ASP B 1127 -94.78 1.10 18.30
CA ASP B 1127 -94.51 -0.16 18.99
C ASP B 1127 -93.24 -0.87 18.57
N VAL B 1128 -92.54 -0.44 17.54
CA VAL B 1128 -91.37 -1.21 17.15
C VAL B 1128 -90.11 -0.82 17.89
N VAL B 1129 -89.93 0.43 18.26
CA VAL B 1129 -88.69 0.80 18.93
C VAL B 1129 -88.75 0.31 20.36
N ILE B 1130 -87.65 -0.09 20.84
CA ILE B 1130 -87.59 -0.61 22.19
C ILE B 1130 -87.22 0.50 23.15
N GLY B 1131 -87.86 0.51 24.31
CA GLY B 1131 -87.59 1.57 25.26
C GLY B 1131 -88.30 2.87 25.01
N ILE B 1132 -89.35 2.87 24.19
CA ILE B 1132 -90.09 4.09 23.94
C ILE B 1132 -90.91 4.46 25.17
N VAL B 1133 -91.14 5.74 25.38
CA VAL B 1133 -91.89 6.22 26.51
C VAL B 1133 -93.04 7.09 26.01
N ASN B 1134 -93.87 7.55 26.93
CA ASN B 1134 -95.06 8.28 26.55
C ASN B 1134 -94.91 9.73 26.98
N ASN B 1135 -95.38 10.64 26.14
CA ASN B 1135 -95.38 12.04 26.50
C ASN B 1135 -96.10 12.89 25.49
N THR B 1136 -96.48 14.07 25.94
CA THR B 1136 -97.17 15.05 25.14
C THR B 1136 -96.14 15.77 24.29
N VAL B 1137 -96.39 15.90 23.01
CA VAL B 1137 -95.51 16.68 22.15
C VAL B 1137 -96.26 17.91 21.72
N TYR B 1138 -96.06 19.02 22.41
CA TYR B 1138 -96.83 20.20 22.13
C TYR B 1138 -96.54 20.75 20.74
N ASP B 1139 -97.57 21.24 20.08
CA ASP B 1139 -97.43 21.92 18.81
C ASP B 1139 -97.79 23.38 18.94
N PRO B 1140 -96.88 24.30 18.67
CA PRO B 1140 -97.16 25.71 18.92
C PRO B 1140 -98.28 26.26 18.06
N LEU B 1141 -98.66 25.58 16.98
CA LEU B 1141 -99.69 26.13 16.11
C LEU B 1141 -101.08 26.02 16.71
N GLN B 1142 -101.34 25.06 17.57
CA GLN B 1142 -102.68 24.92 18.12
C GLN B 1142 -103.05 26.12 18.99
N PRO B 1143 -102.24 26.53 19.96
CA PRO B 1143 -102.66 27.66 20.81
C PRO B 1143 -103.00 28.91 20.04
N GLU B 1144 -102.42 29.17 18.87
CA GLU B 1144 -102.82 30.40 18.19
C GLU B 1144 -104.25 30.30 17.72
N LEU B 1145 -104.66 29.17 17.16
CA LEU B 1145 -106.06 28.97 16.74
C LEU B 1145 -106.53 30.08 15.81
N ASP B 1146 -105.80 30.29 14.72
CA ASP B 1146 -106.19 31.35 13.76
C ASP B 1146 -107.42 30.97 12.93
N ALA C 27 -24.85 -55.93 -17.80
CA ALA C 27 -26.20 -55.49 -17.54
C ALA C 27 -26.22 -54.08 -16.96
N TYR C 28 -27.39 -53.65 -16.48
CA TYR C 28 -27.53 -52.32 -15.90
C TYR C 28 -28.64 -52.29 -14.88
N THR C 29 -28.56 -51.37 -13.92
CA THR C 29 -29.66 -51.21 -12.97
C THR C 29 -29.50 -49.86 -12.30
N ASN C 30 -30.57 -49.06 -12.25
CA ASN C 30 -30.42 -47.75 -11.64
C ASN C 30 -30.23 -47.86 -10.14
N SER C 31 -29.26 -47.12 -9.66
CA SER C 31 -28.98 -47.00 -8.25
C SER C 31 -29.80 -45.86 -7.72
N PHE C 32 -30.61 -46.18 -6.74
CA PHE C 32 -31.50 -45.26 -6.07
C PHE C 32 -30.65 -44.51 -5.08
N THR C 33 -31.29 -43.99 -4.06
CA THR C 33 -30.63 -43.16 -3.06
C THR C 33 -29.79 -44.04 -2.15
N ARG C 34 -28.61 -44.37 -2.61
CA ARG C 34 -27.71 -45.25 -1.88
C ARG C 34 -26.33 -44.64 -1.96
N GLY C 35 -25.38 -45.21 -1.22
CA GLY C 35 -24.02 -44.75 -1.32
C GLY C 35 -23.60 -43.61 -0.41
N VAL C 36 -24.52 -43.01 0.35
CA VAL C 36 -24.12 -41.92 1.23
C VAL C 36 -23.32 -42.44 2.42
N TYR C 37 -22.36 -41.64 2.88
CA TYR C 37 -21.53 -42.07 3.98
C TYR C 37 -21.19 -40.87 4.87
N TYR C 38 -20.86 -41.14 6.10
CA TYR C 38 -20.48 -40.09 7.02
C TYR C 38 -19.13 -39.56 6.61
N PRO C 39 -19.02 -38.35 6.20
CA PRO C 39 -17.76 -37.90 5.63
C PRO C 39 -16.72 -37.35 6.59
N ASP C 40 -17.07 -36.88 7.79
CA ASP C 40 -16.08 -36.16 8.59
C ASP C 40 -15.94 -36.62 10.04
N LYS C 41 -16.61 -37.68 10.44
CA LYS C 41 -16.56 -38.22 11.81
C LYS C 41 -16.71 -37.15 12.90
N VAL C 42 -17.53 -36.16 12.63
CA VAL C 42 -17.84 -35.12 13.61
C VAL C 42 -19.30 -35.25 13.91
N PHE C 43 -19.64 -35.29 15.19
CA PHE C 43 -21.03 -35.52 15.52
C PHE C 43 -21.81 -34.24 15.33
N ARG C 44 -23.01 -34.36 14.79
CA ARG C 44 -23.92 -33.24 14.65
C ARG C 44 -25.33 -33.75 14.90
N SER C 45 -26.17 -32.93 15.51
CA SER C 45 -27.49 -33.40 15.91
C SER C 45 -28.58 -32.54 15.33
N SER C 46 -29.58 -33.18 14.73
CA SER C 46 -30.77 -32.49 14.25
C SER C 46 -30.43 -31.23 13.47
N VAL C 47 -29.66 -31.41 12.41
CA VAL C 47 -29.20 -30.28 11.60
C VAL C 47 -28.97 -30.71 10.17
N LEU C 48 -29.02 -29.76 9.26
CA LEU C 48 -28.78 -29.99 7.86
C LEU C 48 -27.40 -29.46 7.53
N HIS C 49 -26.65 -30.20 6.75
CA HIS C 49 -25.31 -29.77 6.44
C HIS C 49 -24.99 -30.05 4.98
N SER C 50 -24.38 -29.09 4.30
CA SER C 50 -24.03 -29.28 2.90
C SER C 50 -22.53 -29.45 2.74
N THR C 51 -22.13 -30.48 2.02
CA THR C 51 -20.72 -30.82 1.86
C THR C 51 -20.44 -31.15 0.40
N GLN C 52 -19.30 -30.72 -0.09
CA GLN C 52 -18.88 -31.06 -1.45
C GLN C 52 -17.84 -32.16 -1.42
N ASP C 53 -18.20 -33.35 -1.89
CA ASP C 53 -17.27 -34.46 -1.86
C ASP C 53 -17.61 -35.46 -2.96
N LEU C 54 -16.82 -36.52 -3.04
CA LEU C 54 -17.00 -37.55 -4.07
C LEU C 54 -18.05 -38.55 -3.66
N PHE C 55 -19.23 -38.45 -4.24
CA PHE C 55 -20.34 -39.33 -3.93
C PHE C 55 -20.78 -40.10 -5.16
N LEU C 56 -21.70 -41.02 -4.93
CA LEU C 56 -22.35 -41.76 -6.00
C LEU C 56 -23.61 -41.02 -6.38
N PRO C 57 -23.67 -40.42 -7.56
CA PRO C 57 -24.87 -39.68 -7.95
C PRO C 57 -26.11 -40.57 -7.90
N PHE C 58 -27.20 -40.00 -7.42
CA PHE C 58 -28.42 -40.76 -7.29
C PHE C 58 -28.98 -41.18 -8.63
N PHE C 59 -29.71 -42.29 -8.60
CA PHE C 59 -30.40 -42.79 -9.77
C PHE C 59 -29.45 -43.07 -10.89
N SER C 60 -28.21 -43.39 -10.60
CA SER C 60 -27.37 -43.69 -11.73
C SER C 60 -27.36 -45.16 -12.02
N ASN C 61 -27.30 -45.52 -13.28
CA ASN C 61 -27.33 -46.93 -13.58
C ASN C 61 -25.94 -47.48 -13.32
N VAL C 62 -25.89 -48.72 -12.85
CA VAL C 62 -24.65 -49.38 -12.49
C VAL C 62 -24.57 -50.78 -13.09
N THR C 63 -23.35 -51.14 -13.46
CA THR C 63 -23.02 -52.44 -14.03
C THR C 63 -23.22 -53.55 -13.01
N TRP C 64 -23.67 -54.69 -13.51
CA TRP C 64 -24.07 -55.83 -12.72
C TRP C 64 -23.32 -57.08 -13.13
N PHE C 65 -22.82 -57.84 -12.17
CA PHE C 65 -22.12 -59.06 -12.53
C PHE C 65 -22.64 -60.18 -11.64
N HIS C 66 -22.49 -61.41 -12.10
CA HIS C 66 -23.00 -62.56 -11.37
C HIS C 66 -21.89 -63.48 -10.90
N ALA C 67 -22.17 -64.16 -9.78
CA ALA C 67 -21.18 -65.03 -9.15
C ALA C 67 -21.51 -66.49 -9.39
N ILE C 68 -21.52 -66.93 -10.63
CA ILE C 68 -21.72 -68.35 -10.92
C ILE C 68 -20.40 -68.95 -11.38
N HIS C 69 -19.96 -68.51 -12.55
CA HIS C 69 -18.69 -68.84 -13.15
C HIS C 69 -18.41 -67.78 -14.19
N VAL C 70 -17.13 -67.48 -14.38
CA VAL C 70 -16.61 -66.58 -15.39
C VAL C 70 -17.64 -65.61 -15.99
N ASP C 80 -11.29 -65.26 -15.47
CA ASP C 80 -12.69 -65.58 -15.25
C ASP C 80 -13.51 -64.31 -15.08
N ASN C 81 -12.97 -63.35 -14.36
CA ASN C 81 -13.69 -62.13 -14.08
C ASN C 81 -12.89 -60.97 -14.64
N PRO C 82 -13.51 -60.05 -15.36
CA PRO C 82 -12.78 -58.96 -15.99
C PRO C 82 -12.32 -57.92 -15.01
N VAL C 83 -11.25 -57.25 -15.37
CA VAL C 83 -10.71 -56.20 -14.54
C VAL C 83 -11.49 -54.94 -14.87
N LEU C 84 -11.76 -54.15 -13.85
CA LEU C 84 -12.49 -52.93 -13.98
C LEU C 84 -11.64 -51.79 -13.43
N PRO C 85 -11.56 -50.67 -14.11
CA PRO C 85 -10.71 -49.59 -13.60
C PRO C 85 -11.31 -48.94 -12.39
N PHE C 86 -10.42 -48.34 -11.61
CA PHE C 86 -10.73 -47.60 -10.39
C PHE C 86 -10.65 -46.13 -10.75
N ASN C 87 -11.71 -45.60 -11.35
CA ASN C 87 -11.62 -44.25 -11.86
C ASN C 87 -11.28 -43.28 -10.73
N ASP C 88 -12.15 -43.18 -9.76
CA ASP C 88 -11.93 -42.26 -8.66
C ASP C 88 -12.38 -42.82 -7.32
N GLY C 89 -13.08 -43.93 -7.29
CA GLY C 89 -13.64 -44.46 -6.08
C GLY C 89 -14.78 -45.33 -6.51
N VAL C 90 -14.95 -46.47 -5.86
CA VAL C 90 -15.88 -47.48 -6.32
C VAL C 90 -16.87 -47.81 -5.22
N TYR C 91 -18.12 -47.96 -5.60
CA TYR C 91 -19.15 -48.37 -4.67
C TYR C 91 -19.50 -49.79 -5.05
N PHE C 92 -19.08 -50.73 -4.24
CA PHE C 92 -19.18 -52.15 -4.45
C PHE C 92 -20.27 -52.75 -3.59
N ALA C 93 -21.35 -53.19 -4.18
CA ALA C 93 -22.37 -53.86 -3.38
C ALA C 93 -22.50 -55.31 -3.76
N SER C 94 -22.79 -56.18 -2.79
CA SER C 94 -22.94 -57.58 -3.09
C SER C 94 -24.03 -58.20 -2.23
N THR C 95 -24.97 -58.89 -2.85
CA THR C 95 -25.98 -59.60 -2.07
C THR C 95 -25.77 -61.10 -2.26
N GLU C 96 -25.28 -61.75 -1.22
CA GLU C 96 -24.97 -63.17 -1.33
C GLU C 96 -25.16 -63.76 0.05
N LYS C 97 -25.22 -65.09 0.09
CA LYS C 97 -25.43 -65.75 1.38
C LYS C 97 -24.52 -66.95 1.57
N SER C 98 -23.37 -66.99 0.91
CA SER C 98 -22.49 -68.14 1.03
C SER C 98 -21.01 -67.78 1.20
N ASN C 99 -20.66 -66.52 1.45
CA ASN C 99 -19.26 -66.12 1.59
C ASN C 99 -18.46 -66.49 0.35
N ILE C 100 -19.05 -66.23 -0.80
CA ILE C 100 -18.40 -66.60 -2.04
C ILE C 100 -17.37 -65.55 -2.44
N ILE C 101 -17.61 -64.30 -2.09
CA ILE C 101 -16.69 -63.22 -2.41
C ILE C 101 -15.86 -62.94 -1.17
N ARG C 102 -14.55 -62.98 -1.33
CA ARG C 102 -13.71 -63.02 -0.16
C ARG C 102 -12.61 -61.98 -0.16
N GLY C 103 -12.46 -61.19 -1.21
CA GLY C 103 -11.41 -60.20 -1.17
C GLY C 103 -11.35 -59.42 -2.45
N TRP C 104 -10.35 -58.55 -2.52
CA TRP C 104 -10.13 -57.71 -3.68
C TRP C 104 -8.63 -57.59 -3.90
N ILE C 105 -8.29 -57.10 -5.07
CA ILE C 105 -6.91 -56.82 -5.44
C ILE C 105 -6.89 -55.55 -6.28
N PHE C 106 -6.00 -54.64 -5.96
CA PHE C 106 -5.93 -53.38 -6.65
C PHE C 106 -4.52 -53.13 -7.13
N GLY C 107 -4.37 -52.12 -7.95
CA GLY C 107 -3.05 -51.74 -8.44
C GLY C 107 -3.14 -51.20 -9.85
N THR C 108 -1.99 -50.72 -10.33
CA THR C 108 -1.87 -50.21 -11.68
C THR C 108 -1.55 -51.28 -12.70
N THR C 109 -1.14 -52.47 -12.27
CA THR C 109 -0.82 -53.57 -13.17
C THR C 109 -0.72 -54.85 -12.36
N LEU C 110 -0.94 -55.97 -13.04
CA LEU C 110 -0.90 -57.30 -12.44
C LEU C 110 0.49 -57.88 -12.26
N ASP C 111 1.52 -57.30 -12.85
CA ASP C 111 2.84 -57.88 -12.68
C ASP C 111 3.44 -57.49 -11.33
N SER C 112 4.54 -58.13 -10.98
CA SER C 112 5.19 -57.82 -9.73
C SER C 112 6.02 -56.56 -9.84
N LYS C 113 5.91 -55.87 -10.96
CA LYS C 113 6.66 -54.65 -11.19
C LYS C 113 6.24 -53.48 -10.29
N THR C 114 5.15 -53.61 -9.54
CA THR C 114 4.71 -52.51 -8.68
C THR C 114 4.02 -53.09 -7.47
N GLN C 115 4.05 -52.34 -6.36
CA GLN C 115 3.50 -52.85 -5.11
C GLN C 115 1.97 -52.81 -5.19
N SER C 116 1.40 -53.75 -5.92
CA SER C 116 -0.05 -53.80 -5.97
C SER C 116 -0.59 -54.15 -4.58
N LEU C 117 -1.89 -54.12 -4.43
CA LEU C 117 -2.47 -54.30 -3.11
C LEU C 117 -3.42 -55.48 -3.07
N LEU C 118 -3.51 -56.12 -1.90
CA LEU C 118 -4.37 -57.28 -1.69
C LEU C 118 -5.09 -57.08 -0.38
N ILE C 119 -6.39 -57.30 -0.39
CA ILE C 119 -7.12 -57.30 0.87
C ILE C 119 -8.03 -58.49 0.82
N VAL C 120 -7.87 -59.41 1.75
CA VAL C 120 -8.62 -60.64 1.69
C VAL C 120 -9.27 -60.88 3.04
N ASN C 121 -10.58 -61.00 3.01
CA ASN C 121 -11.31 -61.29 4.21
C ASN C 121 -11.33 -62.80 4.36
N ASN C 122 -11.84 -63.25 5.48
CA ASN C 122 -11.86 -64.67 5.74
C ASN C 122 -12.84 -64.93 6.86
N ALA C 123 -13.11 -66.21 7.10
CA ALA C 123 -14.02 -66.55 8.16
C ALA C 123 -13.44 -66.18 9.51
N THR C 124 -12.12 -66.00 9.58
CA THR C 124 -11.46 -65.71 10.84
C THR C 124 -11.07 -64.26 11.01
N ASN C 125 -10.60 -63.61 9.96
CA ASN C 125 -10.08 -62.26 10.10
C ASN C 125 -9.84 -61.70 8.71
N VAL C 126 -9.62 -60.41 8.66
CA VAL C 126 -9.21 -59.76 7.42
C VAL C 126 -7.71 -59.58 7.45
N VAL C 127 -7.08 -59.77 6.31
CA VAL C 127 -5.66 -59.59 6.11
C VAL C 127 -5.43 -58.60 4.99
N ILE C 128 -4.80 -57.47 5.30
CA ILE C 128 -4.50 -56.45 4.31
C ILE C 128 -3.00 -56.40 4.07
N LYS C 129 -2.60 -56.37 2.80
CA LYS C 129 -1.20 -56.47 2.42
C LYS C 129 -0.90 -55.62 1.20
N VAL C 130 0.31 -55.10 1.12
CA VAL C 130 0.81 -54.41 -0.07
C VAL C 130 2.22 -54.91 -0.41
N CYS C 131 2.31 -55.89 -1.31
CA CYS C 131 3.60 -56.55 -1.53
C CYS C 131 4.01 -56.88 -2.96
N GLU C 132 3.34 -56.36 -3.99
CA GLU C 132 3.78 -56.52 -5.38
C GLU C 132 3.92 -57.96 -5.85
N PHE C 133 3.08 -58.86 -5.37
CA PHE C 133 3.17 -60.25 -5.81
C PHE C 133 2.63 -60.38 -7.23
N GLN C 134 3.41 -60.92 -8.15
CA GLN C 134 2.88 -61.09 -9.49
C GLN C 134 1.81 -62.17 -9.41
N PHE C 135 0.69 -61.93 -10.06
CA PHE C 135 -0.47 -62.79 -9.94
C PHE C 135 -0.62 -63.71 -11.12
N CYS C 136 -1.52 -64.69 -10.96
CA CYS C 136 -1.76 -65.60 -12.05
C CYS C 136 -2.69 -64.95 -13.06
N ASN C 137 -2.99 -65.66 -14.14
CA ASN C 137 -3.90 -65.14 -15.15
C ASN C 137 -5.28 -64.88 -14.57
N ASP C 138 -5.68 -65.66 -13.58
CA ASP C 138 -6.96 -65.48 -12.91
C ASP C 138 -6.70 -65.61 -11.42
N PRO C 139 -7.50 -64.97 -10.60
CA PRO C 139 -7.33 -65.16 -9.16
C PRO C 139 -7.58 -66.62 -8.81
N PHE C 140 -6.68 -67.15 -8.01
CA PHE C 140 -6.77 -68.55 -7.64
C PHE C 140 -8.06 -68.77 -6.88
N LEU C 141 -8.71 -69.89 -7.13
CA LEU C 141 -9.95 -70.24 -6.46
C LEU C 141 -9.66 -71.31 -5.42
N ASP C 142 -9.76 -70.92 -4.16
CA ASP C 142 -9.49 -71.78 -3.03
C ASP C 142 -10.42 -72.97 -2.92
N PHE C 157 -5.09 -75.60 -1.77
CA PHE C 157 -5.63 -74.61 -2.70
C PHE C 157 -5.87 -73.27 -2.02
N ARG C 158 -4.94 -72.81 -1.19
CA ARG C 158 -5.16 -71.56 -0.48
C ARG C 158 -4.49 -70.33 -1.09
N VAL C 159 -3.42 -70.45 -1.87
CA VAL C 159 -2.75 -69.24 -2.38
C VAL C 159 -2.12 -69.48 -3.74
N TYR C 160 -2.05 -68.41 -4.54
CA TYR C 160 -1.38 -68.43 -5.84
C TYR C 160 -0.96 -67.00 -6.20
N SER C 161 0.32 -66.70 -6.01
CA SER C 161 0.87 -65.39 -6.30
C SER C 161 2.39 -65.49 -6.27
N SER C 162 3.04 -64.50 -6.85
CA SER C 162 4.49 -64.51 -6.94
C SER C 162 5.12 -63.94 -5.67
N ALA C 163 6.43 -63.73 -5.73
CA ALA C 163 7.22 -63.20 -4.63
C ALA C 163 6.75 -61.82 -4.21
N ASN C 164 7.20 -61.42 -3.02
CA ASN C 164 6.76 -60.16 -2.43
C ASN C 164 7.92 -59.38 -1.85
N ASN C 165 7.70 -58.07 -1.75
CA ASN C 165 8.56 -57.08 -1.10
C ASN C 165 7.70 -56.19 -0.22
N CYS C 166 6.81 -56.81 0.55
CA CYS C 166 5.73 -56.10 1.23
C CYS C 166 6.26 -54.90 2.00
N THR C 167 5.49 -53.82 1.98
CA THR C 167 5.78 -52.65 2.80
C THR C 167 4.75 -52.41 3.87
N PHE C 168 3.57 -52.97 3.74
CA PHE C 168 2.60 -52.79 4.81
C PHE C 168 1.74 -54.03 4.89
N GLU C 169 1.42 -54.40 6.12
CA GLU C 169 0.57 -55.54 6.37
C GLU C 169 -0.17 -55.27 7.65
N TYR C 170 -1.37 -55.82 7.73
CA TYR C 170 -2.27 -55.50 8.81
C TYR C 170 -3.27 -56.63 8.91
N VAL C 171 -3.85 -56.78 10.09
CA VAL C 171 -4.80 -57.86 10.34
C VAL C 171 -5.82 -57.32 11.31
N SER C 172 -7.05 -57.82 11.18
CA SER C 172 -8.11 -57.37 12.09
C SER C 172 -9.29 -58.31 11.94
N GLN C 173 -10.35 -58.01 12.68
CA GLN C 173 -11.50 -58.88 12.67
C GLN C 173 -12.03 -59.01 11.25
N PRO C 174 -12.74 -60.08 10.95
CA PRO C 174 -13.23 -60.30 9.58
C PRO C 174 -14.42 -59.42 9.23
N PHE C 175 -14.63 -59.26 7.92
CA PHE C 175 -15.76 -58.52 7.35
C PHE C 175 -17.06 -59.29 7.18
N LEU C 176 -17.55 -59.94 8.22
CA LEU C 176 -18.77 -60.74 8.13
C LEU C 176 -19.67 -60.47 9.32
N LYS C 187 -29.88 -62.71 2.04
CA LYS C 187 -30.62 -61.60 2.63
C LYS C 187 -29.67 -60.53 3.14
N ASN C 188 -28.40 -60.88 3.31
CA ASN C 188 -27.43 -59.92 3.77
C ASN C 188 -26.85 -59.16 2.59
N LEU C 189 -27.08 -57.86 2.58
CA LEU C 189 -26.60 -56.92 1.59
C LEU C 189 -25.34 -56.23 2.09
N ARG C 190 -24.18 -56.60 1.59
CA ARG C 190 -22.96 -55.92 1.98
C ARG C 190 -22.63 -54.78 1.04
N GLU C 191 -22.36 -53.60 1.60
CA GLU C 191 -21.99 -52.44 0.82
C GLU C 191 -20.64 -51.92 1.25
N PHE C 192 -19.87 -51.47 0.28
CA PHE C 192 -18.54 -50.97 0.54
C PHE C 192 -18.25 -49.82 -0.38
N VAL C 193 -17.51 -48.85 0.13
CA VAL C 193 -17.09 -47.73 -0.68
C VAL C 193 -15.60 -47.58 -0.53
N PHE C 194 -14.90 -47.58 -1.65
CA PHE C 194 -13.45 -47.49 -1.66
C PHE C 194 -13.02 -46.18 -2.30
N LYS C 195 -12.18 -45.44 -1.60
CA LYS C 195 -11.75 -44.13 -2.06
C LYS C 195 -10.26 -44.00 -1.81
N ASN C 196 -9.52 -43.43 -2.75
CA ASN C 196 -8.09 -43.28 -2.48
C ASN C 196 -7.59 -42.04 -3.20
N ILE C 197 -7.50 -40.94 -2.49
CA ILE C 197 -7.18 -39.64 -3.07
C ILE C 197 -5.99 -38.99 -2.38
N ASP C 198 -6.06 -38.85 -1.07
CA ASP C 198 -5.18 -38.03 -0.25
C ASP C 198 -4.03 -38.77 0.41
N GLY C 199 -3.44 -39.75 -0.26
CA GLY C 199 -2.40 -40.49 0.39
C GLY C 199 -2.93 -41.55 1.31
N TYR C 200 -4.23 -41.63 1.46
CA TYR C 200 -4.90 -42.63 2.25
C TYR C 200 -5.88 -43.37 1.37
N PHE C 201 -6.07 -44.61 1.66
CA PHE C 201 -7.04 -45.41 0.95
C PHE C 201 -8.08 -45.74 2.01
N LYS C 202 -9.33 -45.35 1.78
CA LYS C 202 -10.34 -45.42 2.81
C LYS C 202 -11.47 -46.32 2.39
N ILE C 203 -12.01 -47.01 3.37
CA ILE C 203 -13.08 -47.96 3.18
C ILE C 203 -14.22 -47.59 4.10
N TYR C 204 -15.42 -47.60 3.57
CA TYR C 204 -16.61 -47.43 4.37
C TYR C 204 -17.47 -48.66 4.13
N SER C 205 -18.33 -49.00 5.08
CA SER C 205 -19.03 -50.26 4.90
C SER C 205 -20.34 -50.31 5.65
N LYS C 206 -21.15 -51.29 5.27
CA LYS C 206 -22.44 -51.48 5.91
C LYS C 206 -23.02 -52.84 5.57
N HIS C 207 -23.68 -53.47 6.53
CA HIS C 207 -24.28 -54.79 6.36
C HIS C 207 -25.78 -54.72 6.64
N THR C 208 -26.60 -55.03 5.65
CA THR C 208 -28.00 -54.82 5.99
C THR C 208 -28.89 -56.00 5.63
N PRO C 209 -29.93 -56.23 6.41
CA PRO C 209 -30.94 -57.24 6.08
C PRO C 209 -31.66 -56.91 4.79
N ILE C 210 -32.42 -57.87 4.28
CA ILE C 210 -33.23 -57.66 3.07
C ILE C 210 -34.55 -58.42 3.19
N ASP C 215 -31.62 -57.42 -5.10
CA ASP C 215 -31.71 -56.16 -5.81
C ASP C 215 -31.43 -55.02 -4.87
N LEU C 216 -31.14 -53.86 -5.40
CA LEU C 216 -30.89 -52.75 -4.52
C LEU C 216 -32.18 -52.23 -3.92
N PRO C 217 -32.26 -52.11 -2.62
CA PRO C 217 -33.48 -51.64 -1.97
C PRO C 217 -33.61 -50.14 -2.09
N GLN C 218 -34.85 -49.68 -1.96
CA GLN C 218 -35.10 -48.26 -2.01
C GLN C 218 -34.84 -47.59 -0.67
N GLY C 219 -34.54 -48.39 0.36
CA GLY C 219 -34.36 -47.84 1.67
C GLY C 219 -33.08 -47.01 1.74
N PHE C 220 -33.15 -45.93 2.51
CA PHE C 220 -32.02 -45.04 2.70
C PHE C 220 -31.17 -45.52 3.86
N SER C 221 -29.84 -45.45 3.69
CA SER C 221 -28.96 -45.88 4.77
C SER C 221 -27.55 -45.40 4.53
N ALA C 222 -26.94 -44.79 5.54
CA ALA C 222 -25.62 -44.22 5.36
C ALA C 222 -24.51 -45.18 5.72
N LEU C 223 -23.38 -45.04 5.03
CA LEU C 223 -22.19 -45.84 5.30
C LEU C 223 -21.29 -45.23 6.36
N GLU C 224 -20.67 -46.10 7.15
CA GLU C 224 -19.81 -45.63 8.20
C GLU C 224 -18.36 -45.85 7.84
N PRO C 225 -17.38 -45.03 8.27
CA PRO C 225 -16.00 -45.33 7.95
C PRO C 225 -15.64 -46.67 8.62
N LEU C 226 -14.48 -47.23 8.28
CA LEU C 226 -14.11 -48.57 8.82
C LEU C 226 -12.60 -48.67 8.94
N VAL C 227 -11.88 -48.32 7.88
CA VAL C 227 -10.40 -48.37 7.90
C VAL C 227 -9.84 -47.06 7.35
N ASP C 228 -8.54 -47.02 7.10
CA ASP C 228 -7.91 -45.81 6.52
C ASP C 228 -6.43 -46.06 6.27
N LEU C 229 -6.12 -47.15 5.58
CA LEU C 229 -4.70 -47.40 5.23
C LEU C 229 -4.01 -46.06 5.02
N PRO C 230 -2.90 -45.78 5.72
CA PRO C 230 -2.15 -44.56 5.46
C PRO C 230 -1.45 -44.75 4.12
N ILE C 231 -1.46 -45.97 3.59
CA ILE C 231 -0.73 -46.30 2.33
C ILE C 231 -0.96 -45.26 1.22
N GLY C 232 0.08 -44.87 0.49
CA GLY C 232 -0.03 -43.98 -0.65
C GLY C 232 0.23 -44.57 -2.04
N ILE C 233 -0.02 -45.87 -2.19
CA ILE C 233 0.20 -46.52 -3.48
C ILE C 233 -0.76 -46.03 -4.54
N ASN C 234 -0.27 -45.90 -5.78
CA ASN C 234 -1.09 -45.49 -6.92
C ASN C 234 -1.94 -46.65 -7.45
N ILE C 235 -3.21 -46.72 -7.02
CA ILE C 235 -4.13 -47.74 -7.50
C ILE C 235 -4.88 -47.28 -8.74
N THR C 236 -4.85 -48.09 -9.80
CA THR C 236 -5.58 -47.74 -11.01
C THR C 236 -6.53 -48.82 -11.52
N ARG C 237 -6.33 -50.09 -11.20
CA ARG C 237 -7.23 -51.15 -11.61
C ARG C 237 -7.59 -52.02 -10.43
N PHE C 238 -8.71 -52.72 -10.54
CA PHE C 238 -9.14 -53.51 -9.40
C PHE C 238 -9.95 -54.71 -9.84
N GLN C 239 -9.92 -55.77 -9.03
CA GLN C 239 -10.62 -57.00 -9.31
C GLN C 239 -11.16 -57.61 -8.03
N THR C 240 -11.95 -58.68 -8.18
CA THR C 240 -12.56 -59.36 -7.03
C THR C 240 -12.00 -60.77 -6.87
N LEU C 241 -12.23 -61.35 -5.69
CA LEU C 241 -11.74 -62.68 -5.40
C LEU C 241 -12.83 -63.65 -4.99
N LEU C 242 -12.87 -64.81 -5.63
CA LEU C 242 -13.86 -65.84 -5.38
C LEU C 242 -13.18 -67.10 -4.85
N ALA C 243 -13.99 -68.05 -4.37
CA ALA C 243 -13.47 -69.31 -3.85
C ALA C 243 -14.48 -70.44 -4.01
N LEU C 244 -14.02 -71.68 -3.82
CA LEU C 244 -14.84 -72.89 -3.81
C LEU C 244 -14.02 -74.09 -3.35
N HIS C 245 -14.71 -75.01 -2.67
CA HIS C 245 -14.11 -76.23 -2.12
C HIS C 245 -13.97 -77.36 -3.13
N ARG C 246 -12.78 -77.95 -3.14
CA ARG C 246 -12.45 -79.12 -3.95
C ARG C 246 -12.78 -78.85 -5.41
N SER C 247 -12.34 -77.67 -5.83
CA SER C 247 -12.47 -77.14 -7.16
C SER C 247 -11.07 -77.17 -7.75
N TYR C 248 -10.98 -77.42 -9.04
CA TYR C 248 -9.63 -77.44 -9.56
C TYR C 248 -9.08 -76.03 -9.55
N LEU C 249 -7.76 -75.95 -9.57
CA LEU C 249 -7.08 -74.66 -9.48
C LEU C 249 -5.98 -74.66 -10.51
N THR C 250 -5.98 -73.64 -11.36
CA THR C 250 -4.99 -73.48 -12.40
C THR C 250 -4.69 -72.01 -12.60
N PRO C 251 -3.48 -71.68 -13.04
CA PRO C 251 -3.20 -70.29 -13.39
C PRO C 251 -4.14 -69.78 -14.47
N GLY C 252 -4.59 -70.66 -15.36
CA GLY C 252 -5.51 -70.30 -16.41
C GLY C 252 -6.68 -71.26 -16.63
N ASP C 253 -7.87 -70.71 -16.85
CA ASP C 253 -9.05 -71.53 -17.06
C ASP C 253 -9.96 -70.84 -18.08
N SER C 254 -10.85 -71.63 -18.67
CA SER C 254 -11.77 -71.15 -19.68
C SER C 254 -12.98 -70.47 -19.03
N SER C 255 -14.00 -70.17 -19.83
CA SER C 255 -15.18 -69.50 -19.33
C SER C 255 -16.17 -70.47 -18.71
N SER C 256 -15.75 -71.73 -18.56
CA SER C 256 -16.59 -72.74 -17.93
C SER C 256 -16.75 -72.48 -16.45
N GLY C 257 -15.65 -72.16 -15.77
CA GLY C 257 -15.66 -71.92 -14.35
C GLY C 257 -15.95 -73.18 -13.55
N TRP C 258 -16.35 -72.96 -12.31
CA TRP C 258 -16.67 -74.03 -11.36
C TRP C 258 -17.96 -73.72 -10.64
N THR C 259 -18.59 -74.77 -10.13
CA THR C 259 -19.87 -74.57 -9.48
C THR C 259 -19.70 -73.69 -8.25
N ALA C 260 -20.72 -72.90 -7.99
CA ALA C 260 -20.74 -72.01 -6.84
C ALA C 260 -22.18 -71.61 -6.58
N GLY C 261 -22.42 -71.04 -5.43
CA GLY C 261 -23.75 -70.59 -5.11
C GLY C 261 -24.16 -69.42 -5.98
N ALA C 262 -25.46 -69.24 -6.10
CA ALA C 262 -26.00 -68.11 -6.85
C ALA C 262 -25.71 -66.82 -6.09
N ALA C 263 -25.07 -65.86 -6.75
CA ALA C 263 -24.76 -64.61 -6.07
C ALA C 263 -24.49 -63.55 -7.12
N ALA C 264 -24.50 -62.30 -6.68
CA ALA C 264 -24.29 -61.21 -7.60
C ALA C 264 -23.79 -59.98 -6.87
N TYR C 265 -23.12 -59.14 -7.64
CA TYR C 265 -22.55 -57.93 -7.11
C TYR C 265 -22.58 -56.83 -8.14
N TYR C 266 -22.87 -55.64 -7.67
CA TYR C 266 -22.98 -54.44 -8.49
C TYR C 266 -21.77 -53.56 -8.27
N VAL C 267 -21.47 -52.74 -9.27
CA VAL C 267 -20.34 -51.82 -9.21
C VAL C 267 -20.76 -50.43 -9.68
N GLY C 268 -20.37 -49.39 -8.96
CA GLY C 268 -20.66 -48.03 -9.36
C GLY C 268 -19.46 -47.13 -9.16
N TYR C 269 -19.44 -46.04 -9.91
CA TYR C 269 -18.32 -45.09 -9.89
C TYR C 269 -18.67 -43.77 -9.23
N LEU C 270 -17.81 -43.30 -8.33
CA LEU C 270 -18.03 -42.02 -7.67
C LEU C 270 -17.67 -40.82 -8.53
N GLN C 271 -18.30 -39.69 -8.22
CA GLN C 271 -18.12 -38.40 -8.88
C GLN C 271 -18.19 -37.27 -7.87
N PRO C 272 -17.54 -36.15 -8.13
CA PRO C 272 -17.61 -34.97 -7.25
C PRO C 272 -18.98 -34.31 -7.28
N ARG C 273 -19.67 -34.30 -6.13
CA ARG C 273 -21.01 -33.74 -6.05
C ARG C 273 -21.16 -32.95 -4.76
N THR C 274 -22.21 -32.14 -4.71
CA THR C 274 -22.58 -31.40 -3.52
C THR C 274 -23.81 -32.01 -2.87
N PHE C 275 -23.71 -32.44 -1.65
CA PHE C 275 -24.81 -33.14 -1.02
C PHE C 275 -25.35 -32.37 0.17
N LEU C 276 -26.66 -32.36 0.30
CA LEU C 276 -27.32 -31.80 1.48
C LEU C 276 -27.77 -32.93 2.41
N LEU C 277 -27.09 -33.10 3.53
CA LEU C 277 -27.32 -34.20 4.45
C LEU C 277 -28.16 -33.79 5.64
N LYS C 278 -29.07 -34.65 6.06
CA LYS C 278 -29.94 -34.41 7.19
C LYS C 278 -29.60 -35.33 8.36
N TYR C 279 -29.23 -34.75 9.49
CA TYR C 279 -28.91 -35.52 10.68
C TYR C 279 -30.12 -35.58 11.59
N ASN C 280 -30.33 -36.72 12.23
CA ASN C 280 -31.44 -36.89 13.17
C ASN C 280 -31.03 -36.50 14.58
N GLU C 281 -31.96 -36.68 15.51
CA GLU C 281 -31.71 -36.31 16.90
C GLU C 281 -30.65 -37.16 17.54
N ASN C 282 -30.33 -38.29 16.97
CA ASN C 282 -29.31 -39.15 17.53
C ASN C 282 -28.05 -39.03 16.72
N GLY C 283 -28.01 -38.11 15.78
CA GLY C 283 -26.79 -37.92 15.07
C GLY C 283 -26.62 -38.86 13.90
N THR C 284 -27.70 -39.43 13.39
CA THR C 284 -27.59 -40.35 12.27
C THR C 284 -28.24 -39.71 11.05
N ILE C 285 -27.64 -39.93 9.90
CA ILE C 285 -28.12 -39.36 8.66
C ILE C 285 -29.35 -40.12 8.19
N THR C 286 -30.43 -39.39 7.94
CA THR C 286 -31.66 -40.01 7.49
C THR C 286 -32.02 -39.67 6.06
N ASP C 287 -31.64 -38.51 5.54
CA ASP C 287 -31.96 -38.17 4.17
C ASP C 287 -30.87 -37.31 3.59
N ALA C 288 -30.87 -37.23 2.28
CA ALA C 288 -29.85 -36.47 1.59
C ALA C 288 -30.41 -36.01 0.28
N VAL C 289 -29.87 -34.93 -0.23
CA VAL C 289 -30.33 -34.37 -1.48
C VAL C 289 -29.15 -34.20 -2.39
N ASP C 290 -29.27 -34.75 -3.60
CA ASP C 290 -28.26 -34.59 -4.62
C ASP C 290 -28.42 -33.21 -5.19
N CYS C 291 -27.45 -32.35 -4.94
CA CYS C 291 -27.65 -30.96 -5.24
C CYS C 291 -27.73 -30.66 -6.73
N ALA C 292 -27.26 -31.55 -7.59
CA ALA C 292 -27.20 -31.23 -9.01
C ALA C 292 -27.97 -32.23 -9.84
N LEU C 293 -29.00 -32.81 -9.26
CA LEU C 293 -29.75 -33.80 -10.02
C LEU C 293 -30.75 -33.13 -10.94
N ASP C 294 -31.66 -32.40 -10.39
CA ASP C 294 -32.74 -31.80 -11.16
C ASP C 294 -33.03 -30.43 -10.59
N PRO C 295 -33.84 -29.62 -11.24
CA PRO C 295 -34.08 -28.28 -10.72
C PRO C 295 -34.65 -28.27 -9.33
N LEU C 296 -35.55 -29.19 -9.03
CA LEU C 296 -36.14 -29.14 -7.71
C LEU C 296 -35.12 -29.40 -6.62
N SER C 297 -34.23 -30.35 -6.82
CA SER C 297 -33.22 -30.57 -5.81
C SER C 297 -32.35 -29.35 -5.66
N GLU C 298 -32.06 -28.69 -6.75
CA GLU C 298 -31.23 -27.52 -6.64
C GLU C 298 -31.92 -26.43 -5.85
N THR C 299 -33.23 -26.33 -5.99
CA THR C 299 -33.93 -25.34 -5.21
C THR C 299 -33.85 -25.67 -3.75
N LYS C 300 -34.02 -26.94 -3.41
CA LYS C 300 -33.84 -27.30 -2.02
C LYS C 300 -32.46 -26.91 -1.54
N CYS C 301 -31.45 -27.10 -2.37
CA CYS C 301 -30.12 -26.76 -1.90
C CYS C 301 -29.99 -25.31 -1.60
N THR C 302 -30.69 -24.46 -2.34
CA THR C 302 -30.51 -23.07 -2.00
C THR C 302 -31.25 -22.75 -0.74
N LEU C 303 -32.48 -23.22 -0.63
CA LEU C 303 -33.22 -22.83 0.53
C LEU C 303 -32.84 -23.64 1.76
N LYS C 304 -32.02 -24.66 1.60
CA LYS C 304 -31.61 -25.51 2.71
C LYS C 304 -32.84 -26.02 3.44
N SER C 305 -33.76 -26.57 2.68
CA SER C 305 -34.97 -27.05 3.32
C SER C 305 -35.61 -28.13 2.48
N PHE C 306 -36.01 -29.20 3.13
CA PHE C 306 -36.60 -30.29 2.39
C PHE C 306 -37.98 -29.97 1.84
N THR C 307 -38.68 -29.00 2.39
CA THR C 307 -39.99 -28.60 1.90
C THR C 307 -39.94 -27.18 1.35
N VAL C 308 -40.19 -27.02 0.07
CA VAL C 308 -40.24 -25.70 -0.55
C VAL C 308 -41.69 -25.33 -0.81
N GLU C 309 -42.06 -24.12 -0.44
CA GLU C 309 -43.43 -23.66 -0.60
C GLU C 309 -43.66 -23.13 -2.00
N LYS C 310 -44.92 -22.91 -2.31
CA LYS C 310 -45.26 -22.41 -3.62
C LYS C 310 -44.60 -21.07 -3.87
N GLY C 311 -43.95 -20.93 -5.00
CA GLY C 311 -43.35 -19.65 -5.34
C GLY C 311 -42.31 -19.81 -6.43
N ILE C 312 -41.61 -18.71 -6.68
CA ILE C 312 -40.58 -18.65 -7.70
C ILE C 312 -39.26 -18.30 -7.03
N TYR C 313 -38.21 -19.03 -7.37
CA TYR C 313 -36.93 -18.87 -6.72
C TYR C 313 -35.82 -18.75 -7.74
N GLN C 314 -34.92 -17.82 -7.52
CA GLN C 314 -33.77 -17.68 -8.42
C GLN C 314 -32.64 -18.58 -7.97
N THR C 315 -32.48 -19.70 -8.64
CA THR C 315 -31.53 -20.69 -8.18
C THR C 315 -30.10 -20.40 -8.64
N SER C 316 -29.87 -20.11 -9.92
CA SER C 316 -28.47 -20.00 -10.34
C SER C 316 -28.36 -19.17 -11.61
N ASN C 317 -27.18 -19.19 -12.22
CA ASN C 317 -26.96 -18.49 -13.46
C ASN C 317 -26.27 -19.37 -14.48
N PHE C 318 -26.50 -19.07 -15.74
CA PHE C 318 -25.84 -19.84 -16.76
C PHE C 318 -25.11 -18.86 -17.64
N ARG C 319 -24.09 -19.34 -18.34
CA ARG C 319 -23.33 -18.49 -19.24
C ARG C 319 -22.71 -19.36 -20.32
N VAL C 320 -23.07 -19.09 -21.57
CA VAL C 320 -22.58 -19.91 -22.68
C VAL C 320 -21.07 -19.85 -22.78
N GLN C 321 -20.47 -20.99 -22.92
CA GLN C 321 -19.01 -21.08 -22.89
C GLN C 321 -18.40 -20.79 -24.25
N PRO C 322 -17.16 -20.34 -24.27
CA PRO C 322 -16.49 -20.10 -25.54
C PRO C 322 -16.23 -21.40 -26.25
N THR C 323 -16.51 -21.42 -27.53
CA THR C 323 -16.33 -22.64 -28.29
C THR C 323 -14.97 -22.73 -28.96
N GLU C 324 -14.20 -21.65 -29.00
CA GLU C 324 -12.98 -21.67 -29.78
C GLU C 324 -12.00 -20.60 -29.30
N SER C 325 -10.78 -20.71 -29.80
CA SER C 325 -9.70 -19.79 -29.55
C SER C 325 -9.19 -19.35 -30.93
N ILE C 326 -8.85 -18.07 -31.07
CA ILE C 326 -8.50 -17.48 -32.37
C ILE C 326 -7.12 -16.86 -32.25
N VAL C 327 -6.17 -17.59 -32.79
CA VAL C 327 -4.72 -17.60 -32.72
C VAL C 327 -4.01 -16.39 -32.10
N ARG C 328 -4.71 -15.40 -31.55
CA ARG C 328 -3.98 -14.33 -30.89
C ARG C 328 -2.89 -13.69 -31.75
N PHE C 329 -3.24 -13.30 -32.96
CA PHE C 329 -2.12 -12.70 -33.66
C PHE C 329 -2.35 -11.42 -34.43
N PRO C 330 -1.31 -10.66 -34.53
CA PRO C 330 -1.28 -9.49 -35.41
C PRO C 330 -0.84 -10.12 -36.70
N ASN C 331 -0.33 -9.38 -37.67
CA ASN C 331 0.01 -10.06 -38.90
C ASN C 331 1.39 -9.55 -39.26
N ILE C 332 2.30 -10.45 -39.61
CA ILE C 332 3.66 -10.03 -39.90
C ILE C 332 3.86 -9.79 -41.39
N THR C 333 5.12 -9.88 -41.82
CA THR C 333 5.57 -9.17 -43.00
C THR C 333 7.05 -9.36 -43.34
N ASN C 334 7.95 -9.34 -42.36
CA ASN C 334 9.35 -9.47 -42.70
C ASN C 334 10.20 -9.82 -41.49
N LEU C 335 11.35 -10.42 -41.76
CA LEU C 335 12.35 -10.79 -40.77
C LEU C 335 13.53 -9.84 -40.85
N CYS C 336 14.74 -10.35 -40.64
CA CYS C 336 15.99 -9.60 -40.69
C CYS C 336 17.04 -10.33 -41.52
N PRO C 337 18.31 -9.87 -41.56
CA PRO C 337 19.33 -10.61 -42.33
C PRO C 337 19.88 -11.90 -41.75
N PHE C 338 19.29 -13.04 -42.07
CA PHE C 338 19.92 -14.32 -41.77
C PHE C 338 20.45 -15.05 -42.99
N ASP C 339 19.76 -14.99 -44.11
CA ASP C 339 20.31 -15.60 -45.31
C ASP C 339 21.38 -14.75 -45.94
N GLU C 340 21.86 -13.75 -45.21
CA GLU C 340 22.96 -12.92 -45.64
C GLU C 340 24.09 -12.97 -44.64
N VAL C 341 23.97 -13.80 -43.62
CA VAL C 341 25.05 -14.04 -42.68
C VAL C 341 25.48 -15.50 -42.66
N PHE C 342 24.67 -16.40 -43.18
CA PHE C 342 24.96 -17.82 -43.17
C PHE C 342 25.14 -18.36 -44.55
N ASN C 343 24.67 -17.65 -45.56
CA ASN C 343 24.82 -18.04 -46.94
C ASN C 343 25.75 -17.06 -47.61
N ALA C 344 26.56 -16.39 -46.79
CA ALA C 344 27.52 -15.42 -47.26
C ALA C 344 28.54 -16.07 -48.16
N THR C 345 28.93 -15.37 -49.22
CA THR C 345 29.89 -15.91 -50.16
C THR C 345 31.26 -16.12 -49.52
N ARG C 346 31.81 -15.09 -48.89
CA ARG C 346 33.15 -15.18 -48.33
C ARG C 346 33.13 -14.77 -46.86
N PHE C 347 33.73 -15.60 -46.04
CA PHE C 347 33.82 -15.34 -44.61
C PHE C 347 35.12 -14.65 -44.27
N ALA C 348 35.09 -13.89 -43.20
CA ALA C 348 36.25 -13.18 -42.73
C ALA C 348 37.16 -14.13 -41.95
N SER C 349 38.35 -13.64 -41.63
CA SER C 349 39.29 -14.47 -40.91
C SER C 349 38.98 -14.42 -39.41
N VAL C 350 39.72 -15.24 -38.66
CA VAL C 350 39.47 -15.35 -37.22
C VAL C 350 39.73 -14.01 -36.54
N TYR C 351 40.77 -13.32 -36.99
CA TYR C 351 41.16 -12.05 -36.40
C TYR C 351 40.44 -10.87 -37.04
N ALA C 352 39.47 -11.14 -37.91
CA ALA C 352 38.74 -10.11 -38.64
C ALA C 352 37.26 -10.39 -38.70
N TRP C 353 36.69 -10.89 -37.59
CA TRP C 353 35.28 -11.25 -37.56
C TRP C 353 34.40 -10.10 -37.99
N ASN C 354 33.27 -10.43 -38.59
CA ASN C 354 32.36 -9.45 -39.18
C ASN C 354 31.25 -9.06 -38.23
N ARG C 355 31.53 -8.07 -37.37
CA ARG C 355 30.51 -7.65 -36.43
C ARG C 355 29.35 -7.04 -37.21
N LYS C 356 28.15 -7.21 -36.67
CA LYS C 356 26.97 -6.69 -37.33
C LYS C 356 25.93 -6.44 -36.26
N ARG C 357 24.96 -5.61 -36.59
CA ARG C 357 23.83 -5.41 -35.70
C ARG C 357 22.57 -5.93 -36.36
N ILE C 358 21.70 -6.52 -35.55
CA ILE C 358 20.46 -7.10 -36.02
C ILE C 358 19.36 -6.65 -35.07
N SER C 359 18.61 -5.63 -35.47
CA SER C 359 17.47 -5.16 -34.69
C SER C 359 16.31 -4.98 -35.65
N ASN C 360 15.19 -4.50 -35.12
CA ASN C 360 14.00 -4.17 -35.90
C ASN C 360 13.64 -5.28 -36.89
N CYS C 361 13.28 -6.44 -36.36
CA CYS C 361 12.88 -7.48 -37.30
C CYS C 361 12.07 -8.53 -36.58
N VAL C 362 11.22 -9.22 -37.34
CA VAL C 362 10.50 -10.35 -36.81
C VAL C 362 11.44 -11.54 -36.92
N ALA C 363 12.10 -11.88 -35.82
CA ALA C 363 13.25 -12.76 -35.85
C ALA C 363 12.77 -14.18 -35.63
N ASP C 364 13.04 -15.07 -36.58
CA ASP C 364 12.70 -16.49 -36.47
C ASP C 364 13.99 -17.29 -36.36
N TYR C 365 14.24 -17.82 -35.18
CA TYR C 365 15.46 -18.56 -34.99
C TYR C 365 15.35 -19.99 -35.45
N SER C 366 14.32 -20.37 -36.17
CA SER C 366 14.19 -21.72 -36.67
C SER C 366 14.36 -21.82 -38.17
N VAL C 367 14.68 -20.71 -38.84
CA VAL C 367 15.02 -20.81 -40.24
C VAL C 367 16.42 -21.38 -40.43
N LEU C 368 17.22 -21.38 -39.37
CA LEU C 368 18.54 -21.95 -39.45
C LEU C 368 18.50 -23.41 -39.86
N TYR C 369 17.59 -24.18 -39.26
CA TYR C 369 17.71 -25.62 -39.32
C TYR C 369 17.56 -26.15 -40.73
N ASN C 370 16.99 -25.38 -41.63
CA ASN C 370 16.94 -25.82 -43.01
C ASN C 370 18.23 -25.53 -43.73
N PHE C 371 19.24 -25.00 -43.03
CA PHE C 371 20.46 -24.65 -43.74
C PHE C 371 21.37 -25.87 -43.90
N ALA C 372 21.78 -26.48 -42.79
CA ALA C 372 22.92 -27.37 -42.88
C ALA C 372 22.90 -28.42 -41.78
N PRO C 373 23.83 -29.40 -41.75
CA PRO C 373 23.79 -30.39 -40.67
C PRO C 373 24.07 -29.80 -39.32
N PHE C 374 24.56 -28.57 -39.29
CA PHE C 374 24.78 -27.82 -38.08
C PHE C 374 25.63 -28.62 -37.09
N PHE C 375 26.89 -28.80 -37.48
CA PHE C 375 27.82 -29.56 -36.67
C PHE C 375 27.86 -29.09 -35.23
N ALA C 376 28.08 -27.81 -35.01
CA ALA C 376 28.17 -27.24 -33.68
C ALA C 376 27.00 -26.29 -33.49
N PHE C 377 26.06 -26.65 -32.61
CA PHE C 377 24.94 -25.76 -32.33
C PHE C 377 24.56 -25.99 -30.87
N LYS C 378 24.95 -25.04 -30.03
CA LYS C 378 24.67 -25.08 -28.60
C LYS C 378 24.39 -23.66 -28.15
N CYS C 379 23.32 -23.46 -27.41
CA CYS C 379 22.96 -22.11 -27.05
C CYS C 379 23.13 -21.92 -25.54
N TYR C 380 23.66 -20.77 -25.15
CA TYR C 380 23.90 -20.47 -23.75
C TYR C 380 22.93 -19.41 -23.28
N GLY C 381 22.31 -19.70 -22.15
CA GLY C 381 21.40 -18.81 -21.49
C GLY C 381 19.99 -18.91 -22.00
N VAL C 382 19.78 -19.57 -23.13
CA VAL C 382 18.44 -19.63 -23.72
C VAL C 382 18.38 -20.83 -24.64
N SER C 383 17.27 -21.51 -24.62
CA SER C 383 17.05 -22.66 -25.45
C SER C 383 16.68 -22.20 -26.85
N PRO C 384 17.13 -22.90 -27.87
CA PRO C 384 16.78 -22.48 -29.24
C PRO C 384 15.31 -22.58 -29.54
N THR C 385 14.60 -23.52 -28.91
CA THR C 385 13.17 -23.66 -29.18
C THR C 385 12.41 -22.39 -28.82
N LYS C 386 12.71 -21.81 -27.66
CA LYS C 386 12.02 -20.62 -27.20
C LYS C 386 12.80 -19.36 -27.55
N LEU C 387 13.50 -19.37 -28.67
CA LEU C 387 14.24 -18.17 -29.01
C LEU C 387 13.31 -17.19 -29.73
N ASN C 388 12.60 -17.67 -30.75
CA ASN C 388 11.78 -16.83 -31.61
C ASN C 388 10.87 -15.90 -30.82
N ASP C 389 10.53 -16.28 -29.59
CA ASP C 389 9.58 -15.50 -28.81
C ASP C 389 10.26 -14.39 -28.02
N LEU C 390 11.43 -14.65 -27.45
CA LEU C 390 12.07 -13.67 -26.59
C LEU C 390 12.50 -12.46 -27.42
N CYS C 391 12.60 -11.30 -26.77
CA CYS C 391 12.95 -10.10 -27.50
C CYS C 391 14.25 -9.48 -26.99
N PHE C 392 14.90 -8.71 -27.85
CA PHE C 392 16.25 -8.22 -27.64
C PHE C 392 16.40 -6.76 -28.05
N THR C 393 17.48 -6.17 -27.56
CA THR C 393 17.77 -4.78 -27.87
C THR C 393 18.38 -4.67 -29.26
N ASN C 394 19.57 -5.24 -29.41
CA ASN C 394 20.38 -5.27 -30.61
C ASN C 394 21.11 -6.60 -30.67
N VAL C 395 21.00 -7.30 -31.77
CA VAL C 395 21.56 -8.64 -31.90
C VAL C 395 22.75 -8.56 -32.82
N TYR C 396 23.93 -8.83 -32.27
CA TYR C 396 25.14 -8.79 -33.05
C TYR C 396 25.53 -10.19 -33.47
N ALA C 397 26.11 -10.26 -34.66
CA ALA C 397 26.51 -11.50 -35.29
C ALA C 397 27.91 -11.37 -35.85
N ASP C 398 28.80 -12.29 -35.49
CA ASP C 398 30.17 -12.23 -35.98
C ASP C 398 30.40 -13.52 -36.74
N SER C 399 30.78 -13.40 -38.01
CA SER C 399 30.91 -14.53 -38.91
C SER C 399 32.35 -14.57 -39.41
N PHE C 400 32.95 -15.76 -39.40
CA PHE C 400 34.31 -15.93 -39.89
C PHE C 400 34.57 -17.41 -40.06
N VAL C 401 35.82 -17.76 -40.29
CA VAL C 401 36.23 -19.13 -40.56
C VAL C 401 37.44 -19.44 -39.72
N ILE C 402 37.46 -20.63 -39.13
CA ILE C 402 38.55 -21.06 -38.28
C ILE C 402 38.94 -22.47 -38.69
N ARG C 403 39.89 -23.03 -37.95
CA ARG C 403 40.31 -24.39 -38.23
C ARG C 403 39.41 -25.39 -37.53
N GLY C 404 39.71 -26.67 -37.74
CA GLY C 404 38.90 -27.75 -37.21
C GLY C 404 39.09 -27.97 -35.72
N ASN C 405 40.33 -28.18 -35.31
CA ASN C 405 40.65 -28.54 -33.94
C ASN C 405 40.69 -27.33 -33.04
N GLU C 406 40.13 -26.22 -33.50
CA GLU C 406 40.15 -24.97 -32.75
C GLU C 406 38.78 -24.51 -32.31
N VAL C 407 37.75 -25.30 -32.58
CA VAL C 407 36.39 -24.99 -32.18
C VAL C 407 36.21 -25.05 -30.67
N SER C 408 37.05 -25.81 -29.98
CA SER C 408 36.94 -25.92 -28.52
C SER C 408 37.29 -24.64 -27.77
N GLN C 409 38.04 -23.71 -28.38
CA GLN C 409 38.49 -22.52 -27.66
C GLN C 409 37.40 -21.47 -27.59
N ILE C 410 36.33 -21.66 -28.36
CA ILE C 410 35.18 -20.76 -28.38
C ILE C 410 34.18 -21.21 -27.32
N ALA C 411 34.37 -20.73 -26.10
CA ALA C 411 33.50 -21.07 -24.99
C ALA C 411 33.60 -19.95 -23.97
N PRO C 412 32.59 -19.79 -23.10
CA PRO C 412 32.62 -18.67 -22.16
C PRO C 412 33.76 -18.87 -21.16
N GLY C 413 34.66 -17.90 -21.15
CA GLY C 413 35.73 -17.88 -20.18
C GLY C 413 36.89 -18.76 -20.56
N GLN C 414 36.93 -19.23 -21.80
CA GLN C 414 37.95 -20.17 -22.24
C GLN C 414 39.06 -19.45 -22.98
N THR C 415 40.30 -19.75 -22.58
CA THR C 415 41.52 -19.16 -23.09
C THR C 415 42.19 -20.05 -24.12
N GLY C 416 42.93 -19.44 -25.04
CA GLY C 416 43.61 -20.18 -26.08
C GLY C 416 44.54 -19.32 -26.91
N ASN C 417 44.55 -19.47 -28.23
CA ASN C 417 45.38 -18.61 -29.06
C ASN C 417 44.60 -17.77 -30.04
N ILE C 418 43.47 -18.25 -30.54
CA ILE C 418 42.63 -17.39 -31.33
C ILE C 418 41.61 -16.72 -30.42
N ALA C 419 41.32 -17.34 -29.27
CA ALA C 419 40.37 -16.77 -28.33
C ALA C 419 41.06 -15.74 -27.46
N ASP C 420 42.31 -16.02 -27.09
CA ASP C 420 43.08 -15.14 -26.24
C ASP C 420 43.84 -14.07 -26.99
N TYR C 421 43.99 -14.20 -28.31
CA TYR C 421 44.74 -13.20 -29.03
C TYR C 421 43.91 -12.32 -29.96
N ASN C 422 42.99 -12.88 -30.74
CA ASN C 422 42.25 -12.07 -31.70
C ASN C 422 40.74 -12.17 -31.70
N TYR C 423 40.12 -13.00 -30.87
CA TYR C 423 38.67 -12.93 -30.74
C TYR C 423 38.25 -13.62 -29.45
N LYS C 424 37.60 -12.89 -28.55
CA LYS C 424 37.30 -13.36 -27.21
C LYS C 424 35.88 -13.02 -26.82
N LEU C 425 35.18 -14.00 -26.27
CA LEU C 425 33.83 -13.76 -25.84
C LEU C 425 33.75 -13.88 -24.32
N PRO C 426 32.84 -13.14 -23.69
CA PRO C 426 32.90 -12.98 -22.23
C PRO C 426 32.62 -14.29 -21.50
N ASP C 427 32.76 -14.24 -20.18
CA ASP C 427 32.41 -15.40 -19.37
C ASP C 427 30.93 -15.38 -19.06
N ASP C 428 30.34 -14.19 -19.02
CA ASP C 428 28.91 -13.98 -18.83
C ASP C 428 28.18 -13.90 -20.15
N PHE C 429 28.67 -14.59 -21.17
CA PHE C 429 28.07 -14.51 -22.50
C PHE C 429 26.67 -15.10 -22.51
N THR C 430 25.76 -14.38 -23.19
CA THR C 430 24.41 -14.87 -23.40
C THR C 430 24.12 -14.75 -24.88
N GLY C 431 23.70 -15.86 -25.46
CA GLY C 431 23.64 -15.90 -26.90
C GLY C 431 24.06 -17.28 -27.29
N CYS C 432 24.66 -17.45 -28.46
CA CYS C 432 25.30 -18.74 -28.74
C CYS C 432 26.02 -18.78 -30.07
N VAL C 433 26.72 -19.89 -30.28
CA VAL C 433 27.68 -20.05 -31.35
C VAL C 433 27.20 -21.19 -32.24
N ILE C 434 27.45 -21.06 -33.54
CA ILE C 434 27.01 -22.02 -34.55
C ILE C 434 28.17 -22.20 -35.53
N ALA C 435 28.71 -23.41 -35.58
CA ALA C 435 29.86 -23.69 -36.42
C ALA C 435 29.56 -24.89 -37.31
N TRP C 436 29.82 -24.76 -38.60
CA TRP C 436 29.57 -25.85 -39.52
C TRP C 436 30.79 -26.02 -40.41
N ASN C 437 31.37 -27.21 -40.35
CA ASN C 437 32.57 -27.53 -41.09
C ASN C 437 32.43 -27.11 -42.52
N SER C 438 33.36 -26.30 -42.99
CA SER C 438 33.32 -25.90 -44.40
C SER C 438 34.73 -25.94 -44.94
N ASN C 439 35.08 -27.07 -45.55
CA ASN C 439 36.35 -27.21 -46.23
C ASN C 439 36.09 -27.57 -47.67
N LYS C 440 34.83 -27.47 -48.08
CA LYS C 440 34.41 -27.61 -49.45
C LYS C 440 34.47 -26.30 -50.20
N LEU C 441 34.58 -25.18 -49.48
CA LEU C 441 34.61 -23.88 -50.10
C LEU C 441 35.84 -23.10 -49.71
N ASP C 442 36.73 -23.67 -48.91
CA ASP C 442 37.82 -22.94 -48.31
C ASP C 442 39.19 -23.57 -48.49
N SER C 443 39.28 -24.85 -48.83
CA SER C 443 40.55 -25.54 -48.93
C SER C 443 40.91 -25.61 -50.41
N LYS C 444 42.08 -25.09 -50.75
CA LYS C 444 42.60 -25.08 -52.10
C LYS C 444 43.71 -26.10 -52.26
N VAL C 445 43.95 -26.49 -53.51
CA VAL C 445 45.01 -27.45 -53.77
C VAL C 445 46.31 -26.67 -53.63
N GLY C 446 47.04 -26.94 -52.56
CA GLY C 446 48.26 -26.23 -52.28
C GLY C 446 48.24 -25.46 -50.99
N GLY C 447 47.07 -25.19 -50.42
CA GLY C 447 47.07 -24.41 -49.20
C GLY C 447 46.44 -23.06 -49.45
N ASN C 448 45.30 -22.78 -48.83
CA ASN C 448 44.68 -21.49 -49.06
C ASN C 448 45.36 -20.51 -48.12
N TYR C 449 46.35 -19.79 -48.64
CA TYR C 449 47.08 -18.85 -47.81
C TYR C 449 46.37 -17.51 -47.84
N ASN C 450 45.17 -17.51 -47.34
CA ASN C 450 44.35 -16.30 -47.25
C ASN C 450 43.86 -16.05 -45.85
N TYR C 451 43.74 -17.09 -45.04
CA TYR C 451 43.28 -16.97 -43.68
C TYR C 451 44.47 -17.20 -42.76
N ARG C 452 44.67 -16.25 -41.87
CA ARG C 452 45.71 -16.17 -40.88
C ARG C 452 45.06 -16.10 -39.52
N TYR C 453 45.91 -16.02 -38.51
CA TYR C 453 45.43 -16.02 -37.14
C TYR C 453 46.53 -15.41 -36.29
N ARG C 454 46.14 -14.46 -35.44
CA ARG C 454 47.12 -13.85 -34.56
C ARG C 454 47.70 -14.93 -33.65
N LEU C 455 48.99 -15.17 -33.82
CA LEU C 455 49.75 -16.11 -33.02
C LEU C 455 50.53 -15.42 -31.92
N PHE C 456 50.90 -14.18 -32.16
CA PHE C 456 51.68 -13.40 -31.22
C PHE C 456 50.97 -12.11 -30.89
N ARG C 457 51.09 -11.70 -29.62
CA ARG C 457 50.52 -10.45 -29.14
C ARG C 457 51.19 -10.17 -27.80
N LYS C 458 50.66 -9.21 -27.05
CA LYS C 458 51.22 -8.87 -25.75
C LYS C 458 50.41 -9.48 -24.61
N SER C 459 49.09 -9.27 -24.62
CA SER C 459 48.21 -9.78 -23.57
C SER C 459 46.90 -10.24 -24.20
N ASN C 460 45.96 -10.58 -23.34
CA ASN C 460 44.62 -10.97 -23.75
C ASN C 460 43.82 -9.76 -24.22
N LEU C 461 42.70 -10.04 -24.88
CA LEU C 461 41.80 -9.03 -25.41
C LEU C 461 40.49 -9.04 -24.64
N LYS C 462 39.81 -7.91 -24.69
CA LYS C 462 38.52 -7.78 -24.04
C LYS C 462 37.47 -8.50 -24.87
N PRO C 463 36.32 -8.84 -24.29
CA PRO C 463 35.31 -9.55 -25.06
C PRO C 463 34.92 -8.75 -26.30
N PHE C 464 34.82 -9.47 -27.42
CA PHE C 464 34.43 -8.87 -28.69
C PHE C 464 35.40 -7.75 -29.05
N GLU C 465 36.68 -7.98 -28.82
CA GLU C 465 37.71 -7.01 -29.16
C GLU C 465 38.53 -7.51 -30.34
N ARG C 466 38.40 -6.83 -31.46
CA ARG C 466 39.09 -7.20 -32.68
C ARG C 466 40.16 -6.18 -32.95
N ASP C 467 41.34 -6.67 -33.29
CA ASP C 467 42.46 -5.81 -33.61
C ASP C 467 43.01 -6.33 -34.93
N ILE C 468 43.49 -5.40 -35.73
CA ILE C 468 43.94 -5.70 -37.09
C ILE C 468 45.42 -5.47 -37.25
N SER C 469 46.02 -4.70 -36.34
CA SER C 469 47.43 -4.36 -36.41
C SER C 469 48.25 -5.58 -36.78
N THR C 470 49.17 -5.40 -37.71
CA THR C 470 50.00 -6.47 -38.22
C THR C 470 51.46 -6.09 -38.09
N GLU C 471 51.78 -5.43 -36.98
CA GLU C 471 53.15 -5.07 -36.70
C GLU C 471 53.99 -6.33 -36.44
N ILE C 472 55.30 -6.16 -36.55
CA ILE C 472 56.25 -7.23 -36.29
C ILE C 472 56.45 -7.37 -34.79
N TYR C 473 56.29 -8.59 -34.27
CA TYR C 473 56.31 -8.77 -32.83
C TYR C 473 57.66 -8.36 -32.24
N GLN C 474 57.64 -8.00 -30.95
CA GLN C 474 58.85 -7.53 -30.29
C GLN C 474 59.86 -8.66 -30.16
N ALA C 475 61.05 -8.33 -29.67
CA ALA C 475 62.06 -9.34 -29.37
C ALA C 475 62.78 -9.02 -28.08
N GLY C 476 62.05 -8.62 -27.05
CA GLY C 476 62.67 -8.41 -25.76
C GLY C 476 63.50 -7.16 -25.75
N ASN C 477 64.64 -7.18 -26.45
CA ASN C 477 65.35 -5.95 -26.73
C ASN C 477 64.69 -5.26 -27.93
N LYS C 478 65.29 -4.16 -28.36
CA LYS C 478 64.86 -3.51 -29.59
C LYS C 478 64.89 -4.51 -30.73
N PRO C 479 63.77 -4.84 -31.32
CA PRO C 479 63.73 -6.00 -32.22
C PRO C 479 64.32 -5.64 -33.57
N CYS C 480 64.24 -6.60 -34.47
CA CYS C 480 64.67 -6.44 -35.85
C CYS C 480 63.51 -5.99 -36.72
N ASN C 481 63.01 -4.79 -36.41
CA ASN C 481 61.86 -4.18 -37.09
C ASN C 481 61.88 -4.29 -38.61
N GLY C 482 60.93 -5.06 -39.15
CA GLY C 482 60.80 -5.21 -40.59
C GLY C 482 61.92 -5.99 -41.23
N VAL C 483 62.61 -6.82 -40.48
CA VAL C 483 63.67 -7.71 -40.95
C VAL C 483 63.58 -8.94 -40.06
N ALA C 484 64.48 -9.89 -40.24
CA ALA C 484 64.43 -11.09 -39.43
C ALA C 484 65.55 -11.07 -38.40
N GLY C 485 65.43 -11.95 -37.41
CA GLY C 485 66.38 -12.01 -36.34
C GLY C 485 65.82 -12.80 -35.19
N VAL C 486 66.09 -12.35 -33.98
CA VAL C 486 65.76 -13.12 -32.78
C VAL C 486 64.26 -13.33 -32.65
N ASN C 487 63.47 -12.27 -32.42
CA ASN C 487 62.03 -12.42 -32.38
C ASN C 487 61.32 -11.29 -33.15
N CYS C 488 61.36 -11.36 -34.47
CA CYS C 488 60.59 -10.44 -35.30
C CYS C 488 59.56 -11.32 -36.00
N TYR C 489 58.46 -11.58 -35.31
CA TYR C 489 57.47 -12.55 -35.75
C TYR C 489 56.13 -11.92 -36.03
N PHE C 490 55.69 -11.99 -37.29
CA PHE C 490 54.35 -11.50 -37.65
C PHE C 490 53.32 -12.11 -36.71
N PRO C 491 52.24 -11.40 -36.37
CA PRO C 491 51.34 -11.95 -35.36
C PRO C 491 50.40 -12.93 -36.01
N LEU C 492 50.10 -12.68 -37.28
CA LEU C 492 49.17 -13.49 -38.04
C LEU C 492 49.97 -14.57 -38.75
N GLN C 493 49.35 -15.72 -38.92
CA GLN C 493 50.01 -16.82 -39.60
C GLN C 493 48.94 -17.46 -40.46
N SER C 494 49.26 -17.74 -41.72
CA SER C 494 48.19 -18.29 -42.52
C SER C 494 48.02 -19.76 -42.23
N TYR C 495 46.78 -20.22 -42.34
CA TYR C 495 46.48 -21.62 -42.14
C TYR C 495 46.91 -22.42 -43.35
N GLY C 496 46.51 -21.94 -44.52
CA GLY C 496 46.86 -22.59 -45.76
C GLY C 496 46.17 -23.91 -45.87
N PHE C 497 44.85 -23.87 -46.00
CA PHE C 497 44.08 -25.09 -46.07
C PHE C 497 44.19 -25.70 -47.45
N ARG C 498 44.22 -27.02 -47.47
CA ARG C 498 44.27 -27.81 -48.68
C ARG C 498 43.35 -29.00 -48.46
N PRO C 499 42.90 -29.65 -49.54
CA PRO C 499 41.91 -30.72 -49.39
C PRO C 499 42.48 -32.04 -48.92
N THR C 500 43.70 -32.06 -48.43
CA THR C 500 44.28 -33.25 -47.84
C THR C 500 44.43 -33.12 -46.34
N TYR C 501 44.09 -31.97 -45.78
CA TYR C 501 44.21 -31.76 -44.35
C TYR C 501 43.23 -32.64 -43.58
N GLY C 502 43.68 -33.07 -42.41
CA GLY C 502 42.82 -33.80 -41.52
C GLY C 502 41.72 -32.91 -40.98
N VAL C 503 40.73 -33.55 -40.37
CA VAL C 503 39.57 -32.83 -39.87
C VAL C 503 39.95 -31.80 -38.83
N GLY C 504 41.10 -31.97 -38.18
CA GLY C 504 41.48 -30.92 -37.25
C GLY C 504 41.97 -29.69 -37.95
N HIS C 505 42.41 -29.81 -39.19
CA HIS C 505 42.92 -28.67 -39.93
C HIS C 505 42.01 -28.25 -41.08
N GLN C 506 40.87 -28.64 -41.04
CA GLN C 506 40.03 -28.21 -42.12
C GLN C 506 39.30 -26.93 -41.73
N PRO C 507 38.95 -26.09 -42.69
CA PRO C 507 38.22 -24.88 -42.37
C PRO C 507 36.78 -25.16 -41.96
N TYR C 508 36.31 -24.34 -41.03
CA TYR C 508 34.99 -24.39 -40.42
C TYR C 508 34.45 -22.98 -40.39
N ARG C 509 33.26 -22.76 -40.95
CA ARG C 509 32.65 -21.46 -40.82
C ARG C 509 31.87 -21.39 -39.52
N VAL C 510 31.89 -20.22 -38.90
CA VAL C 510 31.37 -20.08 -37.54
C VAL C 510 30.81 -18.68 -37.38
N VAL C 511 29.64 -18.62 -36.74
CA VAL C 511 28.98 -17.36 -36.42
C VAL C 511 28.62 -17.39 -34.94
N VAL C 512 28.87 -16.28 -34.27
CA VAL C 512 28.61 -16.14 -32.85
C VAL C 512 27.58 -15.03 -32.70
N LEU C 513 26.50 -15.33 -32.01
CA LEU C 513 25.45 -14.36 -31.78
C LEU C 513 25.49 -13.87 -30.34
N SER C 514 25.56 -12.56 -30.22
CA SER C 514 25.60 -11.82 -28.97
C SER C 514 24.32 -11.03 -28.89
N PHE C 515 23.54 -11.23 -27.85
CA PHE C 515 22.28 -10.53 -27.75
C PHE C 515 22.43 -9.33 -26.83
N GLU C 516 21.39 -8.53 -26.76
CA GLU C 516 21.33 -7.53 -25.72
C GLU C 516 19.90 -7.45 -25.22
N LEU C 517 19.79 -7.40 -23.90
CA LEU C 517 18.51 -7.53 -23.24
C LEU C 517 18.21 -6.40 -22.26
N LEU C 518 19.21 -5.61 -21.88
CA LEU C 518 19.09 -4.57 -20.87
C LEU C 518 18.53 -3.28 -21.44
N HIS C 519 17.41 -2.82 -20.86
CA HIS C 519 16.74 -1.59 -21.26
C HIS C 519 16.41 -1.58 -22.75
N ALA C 520 15.61 -2.54 -23.14
CA ALA C 520 15.51 -2.59 -24.58
C ALA C 520 14.23 -1.98 -25.09
N PRO C 521 14.35 -1.16 -26.10
CA PRO C 521 13.17 -0.70 -26.81
C PRO C 521 12.96 -1.83 -27.81
N ALA C 522 12.20 -2.85 -27.39
CA ALA C 522 12.09 -4.14 -28.06
C ALA C 522 12.00 -4.04 -29.57
N THR C 523 13.02 -4.57 -30.24
CA THR C 523 13.18 -4.37 -31.67
C THR C 523 13.40 -5.64 -32.48
N VAL C 524 13.88 -6.72 -31.89
CA VAL C 524 14.12 -7.95 -32.63
C VAL C 524 13.54 -9.16 -31.89
N CYS C 525 12.30 -9.51 -32.26
CA CYS C 525 11.50 -10.63 -31.76
C CYS C 525 10.19 -10.72 -32.55
N GLY C 526 9.68 -11.95 -32.72
CA GLY C 526 8.44 -12.15 -33.45
C GLY C 526 8.23 -13.54 -34.00
N PRO C 527 7.35 -14.32 -33.36
CA PRO C 527 6.60 -15.33 -34.12
C PRO C 527 5.30 -14.88 -34.77
N LYS C 528 4.39 -14.30 -33.97
CA LYS C 528 3.12 -13.79 -34.47
C LYS C 528 2.34 -14.86 -35.24
N LYS C 529 1.95 -15.92 -34.54
CA LYS C 529 1.18 -16.99 -35.18
C LYS C 529 -0.20 -16.44 -35.51
N SER C 530 -0.51 -16.31 -36.79
CA SER C 530 -1.68 -15.55 -37.27
C SER C 530 -3.07 -16.13 -36.99
N THR C 531 -3.94 -15.29 -36.43
CA THR C 531 -5.30 -15.67 -36.12
C THR C 531 -6.07 -16.12 -37.36
N ASN C 532 -6.58 -17.35 -37.37
CA ASN C 532 -7.55 -17.66 -38.40
C ASN C 532 -8.88 -17.10 -37.90
N LEU C 533 -9.70 -16.58 -38.77
CA LEU C 533 -10.87 -15.86 -38.28
C LEU C 533 -12.11 -16.77 -38.17
N VAL C 534 -12.87 -16.60 -37.09
CA VAL C 534 -14.14 -17.27 -36.87
C VAL C 534 -15.21 -16.23 -36.58
N LYS C 535 -16.39 -16.38 -37.13
CA LYS C 535 -17.41 -15.40 -36.84
C LYS C 535 -18.66 -16.06 -36.27
N ASN C 536 -19.43 -15.27 -35.52
CA ASN C 536 -20.74 -15.65 -35.00
C ASN C 536 -20.75 -16.74 -33.94
N LYS C 537 -19.67 -16.97 -33.21
CA LYS C 537 -19.71 -17.95 -32.14
C LYS C 537 -19.03 -17.29 -30.97
N CYS C 538 -19.56 -17.44 -29.75
CA CYS C 538 -18.84 -16.78 -28.67
C CYS C 538 -17.51 -17.50 -28.53
N VAL C 539 -16.46 -16.78 -28.83
CA VAL C 539 -15.13 -17.31 -29.03
C VAL C 539 -14.14 -16.44 -28.29
N ASN C 540 -13.06 -17.04 -27.87
CA ASN C 540 -11.99 -16.29 -27.25
C ASN C 540 -11.14 -15.63 -28.32
N PHE C 541 -11.00 -14.32 -28.25
CA PHE C 541 -10.24 -13.59 -29.25
C PHE C 541 -9.14 -12.85 -28.54
N ASN C 542 -8.01 -12.69 -29.22
CA ASN C 542 -6.99 -11.82 -28.67
C ASN C 542 -6.29 -11.07 -29.80
N PHE C 543 -6.78 -9.89 -30.10
CA PHE C 543 -6.36 -9.05 -31.22
C PHE C 543 -5.26 -8.09 -30.82
N ASN C 544 -4.06 -8.39 -31.25
CA ASN C 544 -2.88 -7.55 -31.11
C ASN C 544 -2.60 -7.16 -29.67
N GLY C 545 -2.96 -8.00 -28.72
CA GLY C 545 -2.76 -7.71 -27.33
C GLY C 545 -4.06 -7.51 -26.60
N LEU C 546 -5.10 -7.11 -27.31
CA LEU C 546 -6.43 -6.91 -26.77
C LEU C 546 -7.07 -8.28 -26.58
N THR C 547 -7.29 -8.68 -25.34
CA THR C 547 -7.85 -9.99 -25.07
C THR C 547 -9.29 -9.93 -24.56
N GLY C 548 -10.14 -10.80 -25.09
CA GLY C 548 -11.49 -10.86 -24.61
C GLY C 548 -12.22 -12.03 -25.22
N THR C 549 -13.51 -12.14 -24.91
CA THR C 549 -14.35 -13.20 -25.43
C THR C 549 -15.68 -12.64 -25.89
N GLY C 550 -16.26 -13.26 -26.91
CA GLY C 550 -17.53 -12.75 -27.40
C GLY C 550 -17.74 -13.17 -28.83
N VAL C 551 -18.89 -12.75 -29.35
CA VAL C 551 -19.25 -13.02 -30.73
C VAL C 551 -18.87 -11.82 -31.58
N LEU C 552 -18.26 -12.11 -32.71
CA LEU C 552 -17.77 -11.12 -33.65
C LEU C 552 -18.74 -10.98 -34.80
N THR C 553 -19.06 -9.75 -35.16
CA THR C 553 -20.03 -9.52 -36.21
C THR C 553 -19.54 -8.45 -37.16
N GLU C 554 -19.94 -8.54 -38.42
CA GLU C 554 -19.54 -7.49 -39.36
C GLU C 554 -20.10 -6.14 -38.92
N SER C 555 -19.21 -5.17 -38.81
CA SER C 555 -19.46 -3.81 -38.36
C SER C 555 -20.00 -2.90 -39.45
N ASN C 556 -20.62 -1.81 -39.03
CA ASN C 556 -21.09 -0.81 -39.96
C ASN C 556 -20.56 0.58 -39.64
N LYS C 557 -19.61 0.71 -38.72
CA LYS C 557 -19.06 2.00 -38.33
C LYS C 557 -17.69 2.26 -38.93
N LYS C 558 -17.45 3.53 -39.25
CA LYS C 558 -16.25 4.00 -39.94
C LYS C 558 -15.13 4.35 -38.95
N PHE C 559 -14.21 3.41 -38.74
CA PHE C 559 -13.02 3.70 -37.97
C PHE C 559 -12.09 4.63 -38.76
N LEU C 560 -11.49 5.59 -38.08
CA LEU C 560 -10.54 6.41 -38.78
C LEU C 560 -9.29 5.59 -39.05
N PRO C 561 -8.57 5.89 -40.13
CA PRO C 561 -7.51 5.01 -40.57
C PRO C 561 -6.41 4.80 -39.58
N PHE C 562 -6.24 5.65 -38.58
CA PHE C 562 -5.16 5.36 -37.65
C PHE C 562 -5.67 4.68 -36.41
N GLN C 563 -6.95 4.35 -36.36
CA GLN C 563 -7.57 3.81 -35.15
C GLN C 563 -7.58 2.29 -35.14
N GLN C 564 -7.47 1.76 -33.95
CA GLN C 564 -7.41 0.34 -33.71
C GLN C 564 -8.49 -0.18 -32.77
N PHE C 565 -9.19 0.67 -32.08
CA PHE C 565 -10.15 0.25 -31.07
C PHE C 565 -11.46 0.98 -31.23
N GLY C 566 -12.48 0.43 -30.64
CA GLY C 566 -13.74 1.14 -30.54
C GLY C 566 -14.28 1.01 -29.13
N ARG C 567 -14.86 2.08 -28.65
CA ARG C 567 -15.34 2.05 -27.27
C ARG C 567 -16.70 2.71 -27.18
N ASP C 568 -17.54 2.14 -26.36
CA ASP C 568 -18.78 2.82 -26.02
C ASP C 568 -18.52 3.62 -24.76
N ILE C 569 -19.59 4.13 -24.17
CA ILE C 569 -19.44 4.85 -22.93
C ILE C 569 -18.93 3.86 -21.91
N ALA C 570 -18.11 4.34 -20.99
CA ALA C 570 -17.61 3.53 -19.89
C ALA C 570 -16.65 2.45 -20.37
N ASP C 571 -15.83 2.79 -21.34
CA ASP C 571 -14.73 1.97 -21.80
C ASP C 571 -15.11 0.56 -22.24
N THR C 572 -16.34 0.27 -22.59
CA THR C 572 -16.62 -1.08 -23.05
C THR C 572 -16.13 -1.20 -24.49
N THR C 573 -15.16 -2.06 -24.73
CA THR C 573 -14.64 -2.20 -26.08
C THR C 573 -15.70 -2.76 -27.01
N ASP C 574 -16.24 -1.94 -27.89
CA ASP C 574 -17.33 -2.42 -28.72
C ASP C 574 -16.87 -2.93 -30.07
N ALA C 575 -15.72 -2.50 -30.58
CA ALA C 575 -15.37 -2.93 -31.92
C ALA C 575 -13.87 -2.93 -32.05
N VAL C 576 -13.39 -3.60 -33.09
CA VAL C 576 -11.97 -3.70 -33.34
C VAL C 576 -11.72 -3.98 -34.81
N ARG C 577 -10.62 -3.48 -35.33
CA ARG C 577 -10.25 -3.74 -36.71
C ARG C 577 -9.18 -4.80 -36.80
N ASP C 578 -9.32 -5.66 -37.79
CA ASP C 578 -8.46 -6.82 -37.97
C ASP C 578 -7.05 -6.39 -38.28
N PRO C 579 -6.04 -6.93 -37.62
CA PRO C 579 -4.69 -6.57 -38.00
C PRO C 579 -4.27 -7.12 -39.33
N GLN C 580 -5.08 -7.95 -39.95
CA GLN C 580 -4.71 -8.52 -41.25
C GLN C 580 -5.51 -7.92 -42.39
N THR C 581 -6.82 -7.95 -42.30
CA THR C 581 -7.66 -7.42 -43.36
C THR C 581 -8.28 -6.07 -43.05
N LEU C 582 -8.06 -5.53 -41.86
CA LEU C 582 -8.49 -4.18 -41.51
C LEU C 582 -9.98 -4.06 -41.52
N GLU C 583 -10.70 -5.15 -41.49
CA GLU C 583 -12.12 -5.05 -41.39
C GLU C 583 -12.56 -4.79 -39.97
N ILE C 584 -13.60 -3.99 -39.84
CA ILE C 584 -14.15 -3.63 -38.54
C ILE C 584 -15.06 -4.74 -38.08
N LEU C 585 -14.94 -5.11 -36.81
CA LEU C 585 -15.74 -6.17 -36.23
C LEU C 585 -16.34 -5.66 -34.95
N ASP C 586 -17.58 -6.06 -34.73
CA ASP C 586 -18.32 -5.77 -33.54
C ASP C 586 -18.17 -6.89 -32.55
N ILE C 587 -18.09 -6.54 -31.28
CA ILE C 587 -17.96 -7.50 -30.20
C ILE C 587 -19.22 -7.48 -29.38
N THR C 588 -19.82 -8.63 -29.18
CA THR C 588 -20.95 -8.69 -28.29
C THR C 588 -20.69 -9.81 -27.30
N PRO C 589 -20.84 -9.57 -26.01
CA PRO C 589 -20.58 -10.63 -25.03
C PRO C 589 -21.60 -11.73 -25.20
N CYS C 590 -21.14 -12.97 -25.19
CA CYS C 590 -22.11 -14.04 -25.40
C CYS C 590 -23.13 -14.06 -24.29
N SER C 591 -24.31 -14.58 -24.63
CA SER C 591 -25.48 -14.54 -23.78
C SER C 591 -25.24 -15.18 -22.43
N PHE C 592 -25.81 -14.58 -21.40
CA PHE C 592 -25.73 -15.08 -20.05
C PHE C 592 -26.96 -14.61 -19.31
N GLY C 593 -27.24 -15.23 -18.18
CA GLY C 593 -28.42 -14.78 -17.47
C GLY C 593 -28.75 -15.66 -16.28
N GLY C 594 -29.77 -15.21 -15.56
CA GLY C 594 -30.24 -15.92 -14.40
C GLY C 594 -31.32 -16.93 -14.74
N VAL C 595 -31.44 -17.94 -13.91
CA VAL C 595 -32.40 -19.01 -14.11
C VAL C 595 -33.28 -19.10 -12.88
N SER C 596 -34.58 -19.21 -13.08
CA SER C 596 -35.48 -19.28 -11.94
C SER C 596 -36.37 -20.50 -12.03
N VAL C 597 -36.80 -20.97 -10.88
CA VAL C 597 -37.63 -22.16 -10.77
C VAL C 597 -39.02 -21.78 -10.31
N ILE C 598 -40.04 -22.27 -11.01
CA ILE C 598 -41.42 -22.11 -10.63
C ILE C 598 -41.89 -23.42 -10.04
N THR C 599 -42.40 -23.38 -8.83
CA THR C 599 -42.84 -24.58 -8.17
C THR C 599 -44.18 -24.40 -7.49
N PRO C 600 -45.09 -25.36 -7.63
CA PRO C 600 -46.36 -25.27 -6.94
C PRO C 600 -46.33 -25.71 -5.50
N GLY C 601 -45.19 -25.95 -4.91
CA GLY C 601 -45.22 -26.36 -3.53
C GLY C 601 -44.79 -27.80 -3.39
N THR C 602 -43.94 -28.06 -2.40
CA THR C 602 -43.50 -29.42 -2.18
C THR C 602 -44.67 -30.32 -1.91
N ASN C 603 -45.65 -29.80 -1.22
CA ASN C 603 -46.75 -30.62 -0.77
C ASN C 603 -47.80 -30.85 -1.85
N THR C 604 -47.80 -30.07 -2.90
CA THR C 604 -48.73 -30.42 -3.95
C THR C 604 -48.15 -31.41 -4.95
N SER C 605 -46.96 -31.12 -5.46
CA SER C 605 -46.39 -32.00 -6.47
C SER C 605 -44.96 -31.61 -6.75
N ASN C 606 -44.23 -32.55 -7.31
CA ASN C 606 -42.84 -32.29 -7.65
C ASN C 606 -42.65 -31.65 -9.00
N GLN C 607 -43.69 -31.45 -9.78
CA GLN C 607 -43.52 -30.83 -11.08
C GLN C 607 -42.93 -29.43 -10.93
N VAL C 608 -42.20 -28.98 -11.96
CA VAL C 608 -41.51 -27.71 -11.88
C VAL C 608 -41.33 -27.13 -13.26
N ALA C 609 -41.39 -25.81 -13.37
CA ALA C 609 -41.10 -25.15 -14.64
C ALA C 609 -39.94 -24.17 -14.49
N VAL C 610 -39.14 -24.01 -15.53
CA VAL C 610 -37.91 -23.24 -15.42
C VAL C 610 -37.94 -22.04 -16.35
N LEU C 611 -37.48 -20.90 -15.86
CA LEU C 611 -37.45 -19.66 -16.62
C LEU C 611 -36.05 -19.14 -16.83
N TYR C 612 -35.59 -19.11 -18.06
CA TYR C 612 -34.33 -18.45 -18.40
C TYR C 612 -34.65 -17.00 -18.70
N GLN C 613 -34.16 -16.10 -17.86
CA GLN C 613 -34.64 -14.73 -17.87
C GLN C 613 -34.14 -13.86 -19.01
N GLY C 614 -32.88 -13.56 -19.03
CA GLY C 614 -32.43 -12.61 -20.02
C GLY C 614 -31.93 -13.30 -21.26
N VAL C 615 -32.74 -14.12 -21.91
CA VAL C 615 -32.25 -14.86 -23.06
C VAL C 615 -33.42 -15.31 -23.90
N ASN C 616 -33.14 -15.63 -25.15
CA ASN C 616 -34.08 -16.36 -25.97
C ASN C 616 -33.59 -17.76 -26.21
N CYS C 617 -34.49 -18.72 -26.01
CA CYS C 617 -34.15 -20.12 -26.18
C CYS C 617 -33.70 -20.46 -27.57
N THR C 618 -33.83 -19.57 -28.54
CA THR C 618 -33.37 -19.99 -29.85
C THR C 618 -31.91 -20.38 -29.76
N GLU C 619 -31.28 -20.06 -28.64
CA GLU C 619 -29.91 -20.37 -28.31
C GLU C 619 -29.81 -20.93 -26.89
N VAL C 620 -30.80 -21.68 -26.46
CA VAL C 620 -30.71 -22.24 -25.11
C VAL C 620 -29.54 -23.23 -25.02
N ASN C 641 -42.26 -28.34 -22.76
CA ASN C 641 -42.79 -27.45 -23.76
C ASN C 641 -42.01 -26.16 -23.74
N VAL C 642 -42.07 -25.34 -24.78
CA VAL C 642 -41.30 -24.11 -24.82
C VAL C 642 -42.19 -22.93 -25.14
N PHE C 643 -41.92 -21.82 -24.48
CA PHE C 643 -42.64 -20.59 -24.70
C PHE C 643 -41.73 -19.39 -24.52
N GLN C 644 -41.94 -18.37 -25.32
CA GLN C 644 -41.14 -17.16 -25.28
C GLN C 644 -41.95 -16.03 -24.68
N THR C 645 -41.33 -15.23 -23.82
CA THR C 645 -42.02 -14.10 -23.21
C THR C 645 -41.11 -12.91 -23.24
N ARG C 646 -41.70 -11.74 -23.02
CA ARG C 646 -40.89 -10.55 -22.93
C ARG C 646 -39.95 -10.62 -21.74
N ALA C 647 -40.24 -11.48 -20.78
CA ALA C 647 -39.36 -11.65 -19.64
C ALA C 647 -38.28 -12.67 -19.84
N GLY C 648 -38.38 -13.50 -20.87
CA GLY C 648 -37.35 -14.48 -21.16
C GLY C 648 -38.05 -15.72 -21.64
N CYS C 649 -37.37 -16.81 -21.90
CA CYS C 649 -38.13 -17.96 -22.34
C CYS C 649 -38.34 -18.98 -21.24
N LEU C 650 -39.58 -19.41 -21.13
CA LEU C 650 -40.08 -20.29 -20.11
C LEU C 650 -40.28 -21.70 -20.65
N ILE C 651 -39.75 -22.67 -19.95
CA ILE C 651 -39.83 -24.06 -20.38
C ILE C 651 -40.54 -24.89 -19.32
N GLY C 652 -41.40 -25.78 -19.75
CA GLY C 652 -42.09 -26.64 -18.82
C GLY C 652 -43.50 -26.27 -18.48
N ALA C 653 -44.05 -25.24 -19.08
CA ALA C 653 -45.42 -24.86 -18.80
C ALA C 653 -46.06 -24.50 -20.11
N GLU C 654 -47.32 -24.85 -20.26
CA GLU C 654 -47.99 -24.59 -21.52
C GLU C 654 -48.83 -23.34 -21.43
N TYR C 655 -48.77 -22.56 -22.49
CA TYR C 655 -49.47 -21.31 -22.56
C TYR C 655 -50.90 -21.56 -22.96
N VAL C 656 -51.82 -21.03 -22.19
CA VAL C 656 -53.24 -21.17 -22.47
C VAL C 656 -53.86 -19.82 -22.75
N ASN C 657 -54.88 -19.80 -23.58
CA ASN C 657 -55.53 -18.54 -23.90
C ASN C 657 -56.40 -18.03 -22.77
N SER C 658 -56.69 -18.85 -21.79
CA SER C 658 -57.54 -18.43 -20.70
C SER C 658 -56.82 -17.48 -19.77
N SER C 659 -57.56 -16.52 -19.24
CA SER C 659 -57.04 -15.54 -18.31
C SER C 659 -57.56 -15.78 -16.91
N TYR C 660 -56.67 -15.68 -15.92
CA TYR C 660 -57.02 -15.92 -14.53
C TYR C 660 -56.45 -14.87 -13.61
N GLU C 661 -56.93 -14.92 -12.39
CA GLU C 661 -56.39 -14.16 -11.27
C GLU C 661 -55.02 -14.72 -10.93
N CYS C 662 -53.99 -13.88 -10.94
CA CYS C 662 -52.63 -14.38 -10.88
C CYS C 662 -52.15 -14.70 -9.50
N ASP C 663 -51.36 -15.78 -9.40
CA ASP C 663 -50.77 -16.15 -8.12
C ASP C 663 -49.26 -16.32 -8.19
N ILE C 664 -48.72 -16.82 -9.28
CA ILE C 664 -47.27 -16.88 -9.36
C ILE C 664 -46.87 -15.92 -10.46
N PRO C 665 -46.35 -14.75 -10.09
CA PRO C 665 -46.02 -13.72 -11.05
C PRO C 665 -44.72 -14.04 -11.75
N ILE C 666 -44.77 -14.10 -13.08
CA ILE C 666 -43.58 -14.25 -13.85
C ILE C 666 -43.08 -12.92 -14.36
N GLY C 667 -43.94 -12.10 -14.92
CA GLY C 667 -43.48 -10.80 -15.38
C GLY C 667 -44.09 -10.42 -16.70
N ALA C 668 -44.15 -9.12 -16.93
CA ALA C 668 -44.68 -8.59 -18.17
C ALA C 668 -46.10 -9.10 -18.37
N GLY C 669 -46.84 -9.15 -17.29
CA GLY C 669 -48.20 -9.60 -17.36
C GLY C 669 -48.40 -11.08 -17.44
N ILE C 670 -47.37 -11.88 -17.37
CA ILE C 670 -47.55 -13.32 -17.47
C ILE C 670 -47.45 -13.93 -16.10
N CYS C 671 -48.26 -14.95 -15.84
CA CYS C 671 -48.25 -15.63 -14.56
C CYS C 671 -48.31 -17.13 -14.79
N ALA C 672 -48.30 -17.89 -13.71
CA ALA C 672 -48.38 -19.33 -13.83
C ALA C 672 -49.08 -19.93 -12.62
N SER C 673 -49.67 -21.10 -12.81
CA SER C 673 -50.35 -21.76 -11.71
C SER C 673 -50.58 -23.22 -12.05
N TYR C 674 -50.94 -23.99 -11.03
CA TYR C 674 -51.20 -25.41 -11.23
C TYR C 674 -52.63 -25.58 -11.76
N GLN C 675 -52.74 -26.16 -12.95
CA GLN C 675 -54.05 -26.30 -13.60
C GLN C 675 -54.99 -27.19 -12.82
N THR C 676 -54.65 -28.47 -12.70
CA THR C 676 -55.50 -29.46 -12.05
C THR C 676 -56.85 -29.59 -12.75
N GLN C 690 -52.91 -30.87 -12.33
CA GLN C 690 -52.15 -31.91 -12.97
C GLN C 690 -51.16 -31.32 -13.96
N SER C 691 -51.06 -30.00 -14.05
CA SER C 691 -50.12 -29.40 -14.99
C SER C 691 -49.83 -27.98 -14.54
N ILE C 692 -48.73 -27.43 -15.03
CA ILE C 692 -48.40 -26.04 -14.78
C ILE C 692 -48.71 -25.22 -16.03
N ILE C 693 -49.60 -24.25 -15.90
CA ILE C 693 -50.06 -23.44 -17.00
C ILE C 693 -49.62 -22.01 -16.83
N ALA C 694 -49.14 -21.39 -17.89
CA ALA C 694 -48.85 -19.98 -17.90
C ALA C 694 -49.91 -19.24 -18.68
N TYR C 695 -50.30 -18.05 -18.20
CA TYR C 695 -51.40 -17.33 -18.83
C TYR C 695 -51.28 -15.85 -18.50
N THR C 696 -52.02 -15.04 -19.24
CA THR C 696 -52.08 -13.62 -18.97
C THR C 696 -53.07 -13.27 -17.88
N MET C 697 -52.73 -12.28 -17.05
CA MET C 697 -53.55 -11.90 -15.92
C MET C 697 -54.88 -11.33 -16.33
N SER C 698 -55.86 -11.49 -15.46
CA SER C 698 -57.17 -10.88 -15.60
C SER C 698 -57.33 -9.78 -14.57
N LEU C 699 -57.68 -8.60 -15.02
CA LEU C 699 -57.87 -7.47 -14.12
C LEU C 699 -59.27 -7.40 -13.55
N GLY C 700 -60.00 -8.49 -13.54
CA GLY C 700 -61.35 -8.50 -13.00
C GLY C 700 -62.41 -8.49 -14.08
N ALA C 701 -63.65 -8.65 -13.63
CA ALA C 701 -64.79 -8.67 -14.51
C ALA C 701 -65.20 -7.28 -14.97
N GLU C 702 -65.86 -7.23 -16.12
CA GLU C 702 -66.35 -5.96 -16.66
C GLU C 702 -67.78 -5.68 -16.24
N ASN C 703 -67.99 -4.52 -15.67
CA ASN C 703 -69.30 -4.09 -15.23
C ASN C 703 -69.62 -2.78 -15.90
N SER C 704 -70.49 -2.79 -16.90
CA SER C 704 -70.86 -1.56 -17.60
C SER C 704 -72.07 -0.92 -16.95
N VAL C 705 -71.84 -0.12 -15.92
CA VAL C 705 -72.95 0.55 -15.25
C VAL C 705 -73.75 1.39 -16.22
N ALA C 706 -75.08 1.26 -16.15
CA ALA C 706 -75.97 1.95 -17.06
C ALA C 706 -76.14 3.42 -16.75
N TYR C 707 -75.36 4.27 -17.38
CA TYR C 707 -75.52 5.68 -17.17
C TYR C 707 -76.68 6.20 -17.97
N SER C 708 -77.31 7.25 -17.47
CA SER C 708 -78.41 7.89 -18.18
C SER C 708 -78.62 9.22 -17.52
N ASN C 709 -79.11 10.18 -18.26
CA ASN C 709 -79.26 11.48 -17.65
C ASN C 709 -80.42 11.60 -16.68
N ASN C 710 -81.24 10.60 -16.51
CA ASN C 710 -82.30 10.87 -15.56
C ASN C 710 -82.59 9.69 -14.66
N SER C 711 -81.69 8.71 -14.58
CA SER C 711 -81.93 7.53 -13.77
C SER C 711 -81.03 7.50 -12.54
N ILE C 712 -81.55 6.94 -11.45
CA ILE C 712 -80.88 6.80 -10.16
C ILE C 712 -81.04 5.41 -9.60
N ALA C 713 -79.98 4.86 -9.04
CA ALA C 713 -80.06 3.59 -8.36
C ALA C 713 -79.87 3.81 -6.88
N ILE C 714 -80.83 3.36 -6.07
CA ILE C 714 -80.75 3.56 -4.62
C ILE C 714 -80.80 2.25 -3.86
N PRO C 715 -80.01 2.07 -2.80
CA PRO C 715 -80.02 0.81 -2.08
C PRO C 715 -81.20 0.67 -1.16
N THR C 716 -81.75 -0.54 -1.11
CA THR C 716 -82.83 -0.82 -0.18
C THR C 716 -82.46 -1.65 1.03
N ASN C 717 -81.26 -2.20 1.13
CA ASN C 717 -80.91 -3.00 2.29
C ASN C 717 -79.44 -2.81 2.55
N PHE C 718 -78.95 -3.34 3.65
CA PHE C 718 -77.56 -3.10 3.96
C PHE C 718 -76.96 -4.33 4.59
N THR C 719 -75.68 -4.25 4.85
CA THR C 719 -74.98 -5.33 5.51
C THR C 719 -73.75 -4.77 6.17
N ILE C 720 -73.55 -5.10 7.42
CA ILE C 720 -72.41 -4.58 8.15
C ILE C 720 -71.35 -5.66 8.23
N SER C 721 -70.13 -5.32 7.84
CA SER C 721 -69.09 -6.32 7.82
C SER C 721 -67.95 -5.91 8.71
N VAL C 722 -67.06 -6.85 8.97
CA VAL C 722 -65.89 -6.63 9.80
C VAL C 722 -64.65 -7.07 9.07
N THR C 723 -63.68 -6.19 8.96
CA THR C 723 -62.43 -6.51 8.28
C THR C 723 -61.25 -6.33 9.22
N THR C 724 -60.29 -7.24 9.14
CA THR C 724 -59.12 -7.23 9.99
C THR C 724 -57.90 -6.65 9.31
N GLU C 725 -57.28 -5.66 9.94
CA GLU C 725 -56.06 -5.07 9.43
C GLU C 725 -54.93 -5.24 10.42
N ILE C 726 -53.77 -5.71 9.98
CA ILE C 726 -52.65 -6.01 10.87
C ILE C 726 -51.53 -5.02 10.67
N LEU C 727 -50.86 -4.66 11.75
CA LEU C 727 -49.76 -3.71 11.65
C LEU C 727 -48.64 -4.03 12.62
N PRO C 728 -47.41 -4.11 12.16
CA PRO C 728 -46.29 -4.34 13.04
C PRO C 728 -45.94 -3.08 13.79
N VAL C 729 -45.51 -3.25 15.03
CA VAL C 729 -45.21 -2.11 15.89
C VAL C 729 -43.77 -2.06 16.35
N SER C 730 -43.10 -3.19 16.48
CA SER C 730 -41.77 -3.11 17.06
C SER C 730 -40.96 -4.31 16.66
N MET C 731 -39.68 -4.27 16.99
CA MET C 731 -38.77 -5.36 16.70
C MET C 731 -37.95 -5.68 17.93
N THR C 732 -37.19 -6.76 17.86
CA THR C 732 -36.41 -7.19 19.02
C THR C 732 -35.30 -6.22 19.35
N LYS C 733 -35.18 -5.87 20.62
CA LYS C 733 -34.08 -5.02 21.01
C LYS C 733 -32.84 -5.86 21.09
N THR C 734 -31.78 -5.42 20.43
CA THR C 734 -30.55 -6.20 20.35
C THR C 734 -29.38 -5.43 20.89
N SER C 735 -28.52 -6.10 21.62
CA SER C 735 -27.28 -5.49 22.05
C SER C 735 -26.12 -6.40 21.68
N VAL C 736 -25.01 -5.79 21.32
CA VAL C 736 -23.85 -6.54 20.88
C VAL C 736 -22.65 -6.04 21.65
N ASP C 737 -21.78 -6.95 22.05
CA ASP C 737 -20.54 -6.56 22.68
C ASP C 737 -19.47 -6.56 21.61
N CYS C 738 -18.96 -5.38 21.28
CA CYS C 738 -18.07 -5.29 20.13
C CYS C 738 -16.86 -6.17 20.32
N THR C 739 -16.08 -5.89 21.35
CA THR C 739 -14.81 -6.59 21.49
C THR C 739 -14.96 -8.09 21.58
N MET C 740 -15.96 -8.58 22.32
CA MET C 740 -16.10 -10.02 22.39
C MET C 740 -16.35 -10.57 21.03
N TYR C 741 -17.31 -10.02 20.32
CA TYR C 741 -17.55 -10.53 18.99
C TYR C 741 -16.30 -10.45 18.15
N ILE C 742 -15.49 -9.43 18.35
CA ILE C 742 -14.32 -9.29 17.49
C ILE C 742 -13.32 -10.38 17.79
N CYS C 743 -12.82 -10.44 19.02
CA CYS C 743 -11.77 -11.40 19.26
C CYS C 743 -11.81 -12.08 20.61
N GLY C 744 -12.97 -12.53 21.03
CA GLY C 744 -13.06 -13.54 22.06
C GLY C 744 -12.03 -13.54 23.15
N ASP C 745 -11.85 -12.41 23.83
CA ASP C 745 -10.96 -12.34 24.98
C ASP C 745 -9.53 -12.75 24.64
N SER C 746 -8.93 -11.95 23.78
CA SER C 746 -7.51 -12.05 23.45
C SER C 746 -6.89 -10.72 23.81
N THR C 747 -5.87 -10.75 24.64
CA THR C 747 -5.26 -9.50 25.04
C THR C 747 -4.61 -8.83 23.85
N GLU C 748 -3.84 -9.59 23.08
CA GLU C 748 -3.17 -8.99 21.94
C GLU C 748 -4.19 -8.42 20.98
N CYS C 749 -5.35 -9.04 20.88
CA CYS C 749 -6.29 -8.46 19.95
C CYS C 749 -6.93 -7.20 20.48
N SER C 750 -7.17 -7.11 21.77
CA SER C 750 -7.73 -5.86 22.24
C SER C 750 -6.72 -4.74 22.08
N ASN C 751 -5.47 -5.04 22.40
CA ASN C 751 -4.41 -4.07 22.23
C ASN C 751 -4.30 -3.65 20.79
N LEU C 752 -4.62 -4.54 19.88
CA LEU C 752 -4.50 -4.20 18.48
C LEU C 752 -5.73 -3.50 17.96
N LEU C 753 -6.88 -3.76 18.56
CA LEU C 753 -8.08 -3.10 18.11
C LEU C 753 -8.09 -1.67 18.55
N LEU C 754 -7.43 -1.38 19.66
CA LEU C 754 -7.40 0.00 20.12
C LEU C 754 -6.87 0.96 19.08
N GLN C 755 -6.21 0.48 18.05
CA GLN C 755 -5.66 1.39 17.07
C GLN C 755 -6.64 1.78 16.03
N TYR C 756 -7.81 1.21 16.05
CA TYR C 756 -8.71 1.42 14.95
C TYR C 756 -9.62 2.59 15.18
N GLY C 757 -9.76 3.03 16.43
CA GLY C 757 -10.52 4.21 16.73
C GLY C 757 -11.68 3.89 17.66
N SER C 758 -12.77 4.59 17.46
CA SER C 758 -13.89 4.53 18.38
C SER C 758 -15.08 3.82 17.78
N PHE C 759 -14.82 2.83 16.93
CA PHE C 759 -15.90 2.11 16.31
C PHE C 759 -16.85 1.49 17.33
N CYS C 760 -16.33 0.88 18.39
CA CYS C 760 -17.26 0.30 19.34
C CYS C 760 -18.14 1.32 19.99
N THR C 761 -17.62 2.48 20.31
CA THR C 761 -18.50 3.48 20.91
C THR C 761 -19.66 3.80 20.00
N GLN C 762 -19.37 4.08 18.74
CA GLN C 762 -20.43 4.43 17.82
C GLN C 762 -21.42 3.31 17.69
N LEU C 763 -20.92 2.09 17.58
CA LEU C 763 -21.82 0.98 17.37
C LEU C 763 -22.75 0.83 18.56
N LYS C 764 -22.18 0.91 19.74
CA LYS C 764 -23.00 0.76 20.93
C LYS C 764 -24.04 1.84 20.98
N ARG C 765 -23.64 3.06 20.64
CA ARG C 765 -24.61 4.14 20.68
C ARG C 765 -25.74 3.91 19.71
N ALA C 766 -25.43 3.49 18.50
CA ALA C 766 -26.50 3.31 17.54
C ALA C 766 -27.47 2.26 18.00
N LEU C 767 -26.96 1.17 18.52
CA LEU C 767 -27.88 0.12 18.91
C LEU C 767 -28.74 0.53 20.08
N THR C 768 -28.16 1.22 21.05
CA THR C 768 -28.98 1.68 22.15
C THR C 768 -30.08 2.61 21.70
N GLY C 769 -29.77 3.49 20.75
CA GLY C 769 -30.83 4.33 20.26
C GLY C 769 -31.96 3.52 19.66
N ILE C 770 -31.62 2.48 18.93
CA ILE C 770 -32.69 1.66 18.38
C ILE C 770 -33.53 1.03 19.48
N ALA C 771 -32.90 0.51 20.52
CA ALA C 771 -33.69 -0.17 21.53
C ALA C 771 -34.66 0.77 22.21
N VAL C 772 -34.16 1.90 22.68
CA VAL C 772 -35.07 2.78 23.38
C VAL C 772 -36.18 3.23 22.46
N GLU C 773 -35.88 3.34 21.18
CA GLU C 773 -36.93 3.75 20.29
C GLU C 773 -38.03 2.72 20.24
N GLN C 774 -37.66 1.45 20.26
CA GLN C 774 -38.69 0.42 20.20
C GLN C 774 -39.66 0.59 21.35
N ASP C 775 -39.12 0.82 22.53
CA ASP C 775 -40.02 1.02 23.66
C ASP C 775 -40.93 2.21 23.44
N LYS C 776 -40.38 3.28 22.91
CA LYS C 776 -41.22 4.43 22.70
C LYS C 776 -42.32 4.15 21.71
N ASN C 777 -42.08 3.32 20.72
CA ASN C 777 -43.14 3.02 19.78
C ASN C 777 -44.31 2.39 20.46
N THR C 778 -44.06 1.37 21.25
CA THR C 778 -45.18 0.77 21.96
C THR C 778 -45.90 1.79 22.80
N GLN C 779 -45.16 2.66 23.46
CA GLN C 779 -45.84 3.64 24.28
C GLN C 779 -46.80 4.47 23.47
N GLU C 780 -46.30 5.06 22.38
CA GLU C 780 -47.17 5.94 21.61
C GLU C 780 -48.40 5.25 21.12
N VAL C 781 -48.30 4.00 20.74
CA VAL C 781 -49.51 3.41 20.20
C VAL C 781 -50.48 3.04 21.31
N PHE C 782 -50.02 2.33 22.33
CA PHE C 782 -51.02 1.77 23.22
C PHE C 782 -51.39 2.66 24.38
N ALA C 783 -50.44 3.34 24.99
CA ALA C 783 -50.70 4.11 26.21
C ALA C 783 -51.33 5.47 25.91
N GLN C 784 -52.43 5.44 25.21
CA GLN C 784 -53.09 6.70 24.91
C GLN C 784 -54.10 7.09 25.98
N VAL C 785 -54.80 6.15 26.52
CA VAL C 785 -55.78 6.41 27.56
C VAL C 785 -55.12 6.57 28.91
N LYS C 786 -55.69 7.43 29.74
CA LYS C 786 -55.06 7.67 31.03
C LYS C 786 -55.57 6.76 32.15
N GLN C 787 -56.84 6.42 32.18
CA GLN C 787 -57.42 5.63 33.24
C GLN C 787 -57.85 4.26 32.78
N ILE C 788 -57.60 3.25 33.60
CA ILE C 788 -57.95 1.89 33.24
C ILE C 788 -59.43 1.70 33.51
N TYR C 789 -60.25 1.74 32.46
CA TYR C 789 -61.68 1.56 32.62
C TYR C 789 -62.05 0.10 32.78
N LYS C 790 -62.87 -0.20 33.77
CA LYS C 790 -63.30 -1.58 33.93
C LYS C 790 -64.65 -1.75 33.26
N THR C 791 -64.87 -2.88 32.72
CA THR C 791 -66.16 -3.17 32.12
C THR C 791 -67.17 -3.56 33.19
N PRO C 792 -68.42 -3.13 33.07
CA PRO C 792 -69.43 -3.48 34.07
C PRO C 792 -69.67 -4.98 34.11
N PRO C 793 -70.18 -5.50 35.22
CA PRO C 793 -70.42 -6.95 35.31
C PRO C 793 -71.63 -7.48 34.56
N ILE C 794 -72.78 -6.83 34.59
CA ILE C 794 -73.91 -7.36 33.83
C ILE C 794 -73.62 -6.98 32.39
N LYS C 795 -73.14 -7.96 31.63
CA LYS C 795 -72.66 -7.72 30.26
C LYS C 795 -73.74 -7.83 29.20
N TYR C 796 -74.78 -7.02 29.33
CA TYR C 796 -75.83 -6.95 28.32
C TYR C 796 -75.83 -5.59 27.66
N PHE C 797 -75.64 -5.55 26.34
CA PHE C 797 -75.55 -4.31 25.60
C PHE C 797 -76.56 -4.24 24.48
N GLY C 798 -77.76 -4.68 24.75
CA GLY C 798 -78.76 -4.55 23.72
C GLY C 798 -78.58 -5.52 22.60
N GLY C 799 -78.35 -6.77 22.91
CA GLY C 799 -78.22 -7.77 21.90
C GLY C 799 -76.86 -7.93 21.30
N PHE C 800 -76.02 -6.93 21.35
CA PHE C 800 -74.71 -7.12 20.75
C PHE C 800 -73.91 -8.07 21.61
N ASN C 801 -73.14 -8.94 20.98
CA ASN C 801 -72.40 -9.98 21.67
C ASN C 801 -70.91 -9.78 21.52
N PHE C 802 -70.28 -9.12 22.48
CA PHE C 802 -68.86 -8.88 22.45
C PHE C 802 -68.03 -9.95 23.08
N SER C 803 -68.58 -11.13 23.34
CA SER C 803 -67.81 -12.11 24.07
C SER C 803 -66.50 -12.48 23.43
N GLN C 804 -66.40 -12.41 22.11
CA GLN C 804 -65.17 -12.84 21.48
C GLN C 804 -64.02 -11.90 21.68
N ILE C 805 -64.27 -10.68 22.08
CA ILE C 805 -63.19 -9.72 22.22
C ILE C 805 -62.95 -9.28 23.64
N LEU C 806 -63.91 -9.38 24.52
CA LEU C 806 -63.63 -8.98 25.87
C LEU C 806 -62.75 -10.04 26.52
N PRO C 807 -61.96 -9.66 27.51
CA PRO C 807 -61.06 -10.63 28.13
C PRO C 807 -61.81 -11.74 28.81
N ASP C 808 -61.23 -12.92 28.75
CA ASP C 808 -61.82 -14.09 29.38
C ASP C 808 -61.26 -14.27 30.78
N PRO C 809 -62.07 -14.09 31.81
CA PRO C 809 -61.55 -14.27 33.17
C PRO C 809 -61.20 -15.71 33.47
N SER C 810 -61.69 -16.65 32.68
CA SER C 810 -61.40 -18.05 32.93
C SER C 810 -59.93 -18.32 32.75
N LYS C 811 -59.41 -18.02 31.58
CA LYS C 811 -58.02 -18.28 31.30
C LYS C 811 -57.16 -17.37 32.17
N PRO C 812 -56.00 -17.85 32.60
CA PRO C 812 -55.16 -17.03 33.48
C PRO C 812 -54.55 -15.86 32.76
N SER C 813 -54.23 -16.01 31.48
CA SER C 813 -53.61 -14.92 30.75
C SER C 813 -54.54 -13.76 30.54
N LYS C 814 -55.83 -13.96 30.73
CA LYS C 814 -56.80 -12.89 30.66
C LYS C 814 -56.84 -12.24 29.30
N ARG C 815 -56.63 -13.01 28.26
CA ARG C 815 -56.74 -12.50 26.91
C ARG C 815 -58.07 -12.94 26.34
N SER C 816 -58.60 -12.13 25.46
CA SER C 816 -59.79 -12.55 24.77
C SER C 816 -59.48 -13.80 23.97
N PRO C 817 -60.49 -14.52 23.55
CA PRO C 817 -60.22 -15.69 22.73
C PRO C 817 -59.52 -15.36 21.44
N ILE C 818 -59.90 -14.28 20.79
CA ILE C 818 -59.20 -13.97 19.55
C ILE C 818 -57.74 -13.70 19.82
N GLU C 819 -57.45 -13.03 20.92
CA GLU C 819 -56.06 -12.75 21.24
C GLU C 819 -55.29 -14.03 21.43
N ASP C 820 -55.90 -15.01 22.08
CA ASP C 820 -55.22 -16.27 22.25
C ASP C 820 -54.96 -16.90 20.91
N LEU C 821 -55.94 -16.85 20.04
CA LEU C 821 -55.73 -17.41 18.72
C LEU C 821 -54.53 -16.75 18.06
N LEU C 822 -54.40 -15.45 18.23
CA LEU C 822 -53.27 -14.74 17.66
C LEU C 822 -51.96 -15.22 18.25
N PHE C 823 -51.92 -15.41 19.56
CA PHE C 823 -50.67 -15.83 20.16
C PHE C 823 -50.25 -17.17 19.68
N ASN C 824 -51.20 -18.03 19.38
CA ASN C 824 -50.76 -19.33 18.95
C ASN C 824 -50.45 -19.35 17.48
N LYS C 825 -51.10 -18.47 16.71
CA LYS C 825 -50.91 -18.54 15.27
C LYS C 825 -49.52 -18.13 14.87
N VAL C 826 -48.92 -17.22 15.61
CA VAL C 826 -47.59 -16.76 15.28
C VAL C 826 -46.71 -17.14 16.45
N THR C 827 -45.54 -17.67 16.13
CA THR C 827 -44.63 -18.06 17.19
C THR C 827 -43.23 -17.66 16.80
N LEU C 828 -42.31 -17.77 17.74
CA LEU C 828 -40.93 -17.43 17.49
C LEU C 828 -40.32 -18.44 16.52
N PHE C 855 -23.60 -17.75 23.62
CA PHE C 855 -23.38 -16.87 22.48
C PHE C 855 -22.05 -16.19 22.45
N ASN C 856 -21.92 -15.29 21.50
CA ASN C 856 -20.66 -14.60 21.32
C ASN C 856 -20.80 -13.12 21.48
N GLY C 857 -21.52 -12.68 22.49
CA GLY C 857 -21.66 -11.26 22.71
C GLY C 857 -22.92 -10.66 22.16
N LEU C 858 -23.76 -11.49 21.58
CA LEU C 858 -25.00 -10.99 20.94
C LEU C 858 -26.16 -11.35 21.84
N THR C 859 -26.86 -10.36 22.37
CA THR C 859 -27.93 -10.67 23.34
C THR C 859 -29.28 -10.28 22.77
N VAL C 860 -30.32 -10.25 23.59
CA VAL C 860 -31.65 -9.80 23.13
C VAL C 860 -32.38 -9.22 24.34
N LEU C 861 -32.01 -8.01 24.74
CA LEU C 861 -32.62 -7.36 25.92
C LEU C 861 -34.14 -7.56 25.93
N PRO C 862 -34.81 -7.62 27.09
CA PRO C 862 -36.24 -7.87 27.14
C PRO C 862 -37.04 -6.59 26.95
N PRO C 863 -38.36 -6.64 26.63
CA PRO C 863 -39.12 -5.42 26.35
C PRO C 863 -39.58 -4.73 27.64
N LEU C 864 -39.91 -3.43 27.62
CA LEU C 864 -40.32 -2.85 28.88
C LEU C 864 -41.73 -3.25 29.29
N LEU C 865 -42.68 -3.14 28.40
CA LEU C 865 -44.05 -3.53 28.69
C LEU C 865 -44.27 -5.01 28.46
N THR C 866 -44.62 -5.75 29.49
CA THR C 866 -44.83 -7.13 29.17
C THR C 866 -46.10 -7.27 28.36
N ASP C 867 -46.28 -8.43 27.79
CA ASP C 867 -47.46 -8.66 26.98
C ASP C 867 -48.70 -8.49 27.82
N GLU C 868 -48.62 -8.91 29.06
CA GLU C 868 -49.76 -8.82 29.93
C GLU C 868 -50.23 -7.40 30.09
N MET C 869 -49.30 -6.49 30.28
CA MET C 869 -49.75 -5.12 30.49
C MET C 869 -50.34 -4.58 29.22
N ILE C 870 -49.83 -4.99 28.08
CA ILE C 870 -50.42 -4.52 26.84
C ILE C 870 -51.84 -5.01 26.71
N ALA C 871 -52.07 -6.25 27.09
CA ALA C 871 -53.43 -6.74 27.00
C ALA C 871 -54.32 -5.95 27.90
N GLN C 872 -53.81 -5.53 29.04
CA GLN C 872 -54.63 -4.73 29.90
C GLN C 872 -54.97 -3.40 29.26
N TYR C 873 -54.00 -2.78 28.61
CA TYR C 873 -54.33 -1.52 27.96
C TYR C 873 -55.41 -1.73 26.95
N THR C 874 -55.31 -2.80 26.19
CA THR C 874 -56.33 -3.03 25.19
C THR C 874 -57.69 -3.20 25.81
N SER C 875 -57.76 -3.91 26.91
CA SER C 875 -59.06 -4.06 27.54
C SER C 875 -59.59 -2.73 27.99
N ALA C 876 -58.71 -1.85 28.44
CA ALA C 876 -59.20 -0.55 28.84
C ALA C 876 -59.81 0.19 27.68
N LEU C 877 -59.14 0.17 26.54
CA LEU C 877 -59.72 0.87 25.40
C LEU C 877 -61.06 0.28 25.02
N LEU C 878 -61.18 -1.03 25.06
CA LEU C 878 -62.45 -1.61 24.72
C LEU C 878 -63.54 -1.16 25.65
N ALA C 879 -63.28 -1.21 26.95
CA ALA C 879 -64.34 -0.83 27.86
C ALA C 879 -64.73 0.61 27.64
N GLY C 880 -63.75 1.47 27.42
CA GLY C 880 -64.05 2.86 27.19
C GLY C 880 -64.95 3.04 25.99
N THR C 881 -64.58 2.44 24.86
CA THR C 881 -65.41 2.66 23.69
C THR C 881 -66.75 2.02 23.82
N ILE C 882 -66.90 0.99 24.64
CA ILE C 882 -68.19 0.35 24.71
C ILE C 882 -69.12 1.14 25.54
N THR C 883 -68.64 1.81 26.57
CA THR C 883 -69.58 2.45 27.45
C THR C 883 -69.69 3.93 27.20
N SER C 884 -68.74 4.54 26.52
CA SER C 884 -68.75 5.98 26.44
C SER C 884 -68.56 6.55 25.06
N GLY C 885 -68.39 5.74 24.03
CA GLY C 885 -68.27 6.30 22.70
C GLY C 885 -67.07 7.18 22.47
N TRP C 886 -67.28 8.35 21.88
CA TRP C 886 -66.18 9.24 21.57
C TRP C 886 -65.63 9.89 22.80
N THR C 887 -66.47 10.06 23.80
CA THR C 887 -66.18 11.05 24.81
C THR C 887 -64.93 10.74 25.57
N PHE C 888 -64.65 9.48 25.81
CA PHE C 888 -63.51 9.26 26.68
C PHE C 888 -62.22 9.70 26.04
N GLY C 889 -62.22 10.05 24.78
CA GLY C 889 -61.00 10.48 24.17
C GLY C 889 -60.80 11.95 24.20
N ALA C 890 -61.85 12.69 24.50
CA ALA C 890 -61.79 14.14 24.55
C ALA C 890 -61.82 14.68 25.96
N GLY C 891 -62.02 13.85 26.96
CA GLY C 891 -62.06 14.29 28.33
C GLY C 891 -62.73 13.30 29.23
N PRO C 892 -63.62 13.75 30.10
CA PRO C 892 -64.28 12.83 31.01
C PRO C 892 -65.24 11.91 30.27
N ALA C 893 -65.13 10.62 30.54
CA ALA C 893 -65.98 9.63 29.90
C ALA C 893 -67.42 9.71 30.37
N LEU C 894 -68.33 9.91 29.44
CA LEU C 894 -69.76 10.01 29.72
C LEU C 894 -70.48 8.74 29.27
N GLN C 895 -71.16 8.07 30.20
CA GLN C 895 -71.84 6.83 29.85
C GLN C 895 -73.07 7.08 29.00
N ILE C 896 -73.31 6.20 28.04
CA ILE C 896 -74.45 6.30 27.15
C ILE C 896 -74.89 4.91 26.73
N PRO C 897 -76.17 4.62 26.68
CA PRO C 897 -76.62 3.30 26.25
C PRO C 897 -76.08 2.95 24.90
N PHE C 898 -75.67 1.70 24.72
CA PHE C 898 -75.04 1.36 23.47
C PHE C 898 -75.87 1.51 22.22
N PRO C 899 -77.14 1.16 22.18
CA PRO C 899 -77.87 1.43 20.96
C PRO C 899 -77.89 2.89 20.62
N MET C 900 -78.00 3.78 21.59
CA MET C 900 -78.00 5.16 21.18
C MET C 900 -76.66 5.55 20.61
N GLN C 901 -75.60 4.97 21.08
CA GLN C 901 -74.34 5.31 20.49
C GLN C 901 -74.32 4.89 19.04
N MET C 902 -74.77 3.69 18.76
CA MET C 902 -74.74 3.33 17.36
C MET C 902 -75.68 4.16 16.53
N ALA C 903 -76.74 4.67 17.11
CA ALA C 903 -77.60 5.56 16.35
C ALA C 903 -76.87 6.82 15.98
N TYR C 904 -76.16 7.38 16.94
CA TYR C 904 -75.30 8.50 16.64
C TYR C 904 -74.41 8.20 15.45
N ARG C 905 -73.76 7.05 15.47
CA ARG C 905 -72.84 6.80 14.37
C ARG C 905 -73.56 6.69 13.05
N PHE C 906 -74.74 6.10 13.05
CA PHE C 906 -75.48 6.07 11.81
C PHE C 906 -75.70 7.46 11.28
N ASN C 907 -76.13 8.37 12.12
CA ASN C 907 -76.17 9.76 11.67
C ASN C 907 -74.85 10.19 11.12
N GLY C 908 -73.79 9.71 11.71
CA GLY C 908 -72.50 10.11 11.23
C GLY C 908 -72.29 9.80 9.77
N ILE C 909 -72.85 8.71 9.29
CA ILE C 909 -72.70 8.40 7.87
C ILE C 909 -73.93 8.79 7.07
N GLY C 910 -74.76 9.70 7.56
CA GLY C 910 -75.83 10.18 6.74
C GLY C 910 -77.09 9.35 6.65
N VAL C 911 -77.32 8.43 7.57
CA VAL C 911 -78.55 7.66 7.60
C VAL C 911 -79.30 8.05 8.85
N THR C 912 -80.58 8.37 8.71
CA THR C 912 -81.30 8.84 9.87
C THR C 912 -81.42 7.76 10.91
N GLN C 913 -81.37 8.17 12.16
CA GLN C 913 -81.28 7.21 13.24
C GLN C 913 -82.49 6.32 13.38
N ASN C 914 -83.64 6.70 12.87
CA ASN C 914 -84.77 5.79 13.00
C ASN C 914 -84.48 4.47 12.33
N VAL C 915 -83.64 4.49 11.31
CA VAL C 915 -83.30 3.24 10.64
C VAL C 915 -82.68 2.29 11.60
N LEU C 916 -81.96 2.77 12.60
CA LEU C 916 -81.40 1.80 13.50
C LEU C 916 -82.45 1.28 14.45
N TYR C 917 -83.32 2.14 14.94
CA TYR C 917 -84.27 1.64 15.91
C TYR C 917 -85.26 0.69 15.31
N GLU C 918 -85.43 0.71 14.03
CA GLU C 918 -86.38 -0.23 13.49
C GLU C 918 -85.74 -1.53 13.12
N ASN C 919 -84.45 -1.64 13.20
CA ASN C 919 -83.84 -2.87 12.77
C ASN C 919 -82.81 -3.32 13.77
N GLN C 920 -83.01 -2.97 15.03
CA GLN C 920 -82.03 -3.33 16.03
C GLN C 920 -81.75 -4.83 16.05
N LYS C 921 -82.79 -5.65 16.05
CA LYS C 921 -82.56 -7.08 16.15
C LYS C 921 -81.76 -7.57 14.96
N LEU C 922 -82.18 -7.19 13.77
CA LEU C 922 -81.50 -7.65 12.59
C LEU C 922 -80.05 -7.21 12.57
N ILE C 923 -79.80 -5.97 12.97
CA ILE C 923 -78.44 -5.50 12.91
C ILE C 923 -77.58 -6.24 13.90
N ALA C 924 -78.11 -6.47 15.09
CA ALA C 924 -77.30 -7.16 16.07
C ALA C 924 -76.97 -8.55 15.58
N ASN C 925 -77.91 -9.22 14.97
CA ASN C 925 -77.60 -10.54 14.45
C ASN C 925 -76.52 -10.48 13.41
N GLN C 926 -76.59 -9.51 12.52
CA GLN C 926 -75.55 -9.49 11.50
C GLN C 926 -74.20 -9.26 12.14
N PHE C 927 -74.15 -8.37 13.11
CA PHE C 927 -72.88 -8.09 13.74
C PHE C 927 -72.34 -9.31 14.46
N ASN C 928 -73.19 -10.02 15.17
CA ASN C 928 -72.69 -11.20 15.86
C ASN C 928 -72.19 -12.23 14.89
N SER C 929 -72.92 -12.45 13.82
CA SER C 929 -72.46 -13.44 12.87
C SER C 929 -71.12 -13.06 12.29
N ALA C 930 -70.93 -11.77 11.99
CA ALA C 930 -69.65 -11.36 11.42
C ALA C 930 -68.52 -11.61 12.39
N ILE C 931 -68.74 -11.30 13.66
CA ILE C 931 -67.66 -11.56 14.59
C ILE C 931 -67.36 -13.03 14.63
N GLY C 932 -68.38 -13.85 14.50
CA GLY C 932 -68.12 -15.27 14.54
C GLY C 932 -67.31 -15.73 13.35
N LYS C 933 -67.56 -15.18 12.19
CA LYS C 933 -66.80 -15.64 11.06
C LYS C 933 -65.37 -15.15 11.10
N ILE C 934 -65.07 -14.10 11.86
CA ILE C 934 -63.70 -13.63 11.89
C ILE C 934 -62.75 -14.68 12.42
N GLN C 935 -63.13 -15.31 13.51
CA GLN C 935 -62.20 -16.24 14.14
C GLN C 935 -61.92 -17.42 13.25
N ASP C 936 -62.96 -17.96 12.63
CA ASP C 936 -62.76 -19.07 11.71
C ASP C 936 -61.86 -18.65 10.58
N SER C 937 -62.06 -17.44 10.06
CA SER C 937 -61.21 -17.02 8.96
C SER C 937 -59.76 -16.96 9.38
N LEU C 938 -59.48 -16.40 10.54
CA LEU C 938 -58.08 -16.35 10.94
C LEU C 938 -57.51 -17.73 11.13
N SER C 939 -58.30 -18.67 11.63
CA SER C 939 -57.70 -19.96 11.89
C SER C 939 -57.47 -20.73 10.60
N SER C 940 -58.37 -20.57 9.63
CA SER C 940 -58.17 -21.33 8.41
C SER C 940 -57.17 -20.65 7.50
N THR C 941 -57.03 -19.34 7.59
CA THR C 941 -56.10 -18.67 6.72
C THR C 941 -54.70 -19.12 7.09
N PRO C 942 -53.90 -19.54 6.15
CA PRO C 942 -52.55 -20.01 6.48
C PRO C 942 -51.52 -18.91 6.68
N SER C 943 -51.67 -17.79 5.97
CA SER C 943 -50.66 -16.73 5.99
C SER C 943 -51.31 -15.38 6.19
N ALA C 944 -52.19 -15.29 7.17
CA ALA C 944 -52.82 -14.01 7.48
C ALA C 944 -51.87 -13.08 8.20
N LEU C 945 -50.98 -13.62 9.01
CA LEU C 945 -50.05 -12.83 9.80
C LEU C 945 -48.70 -12.74 9.15
N GLY C 946 -48.68 -12.64 7.84
CA GLY C 946 -47.41 -12.63 7.15
C GLY C 946 -46.49 -11.53 7.63
N LYS C 947 -47.03 -10.37 7.94
CA LYS C 947 -46.15 -9.25 8.27
C LYS C 947 -45.40 -9.46 9.57
N LEU C 948 -46.10 -9.82 10.62
CA LEU C 948 -45.39 -9.98 11.88
C LEU C 948 -44.36 -11.08 11.76
N GLN C 949 -44.75 -12.18 11.13
CA GLN C 949 -43.83 -13.26 10.94
C GLN C 949 -42.63 -12.81 10.14
N ASP C 950 -42.83 -11.90 9.21
CA ASP C 950 -41.75 -11.46 8.37
C ASP C 950 -40.73 -10.70 9.17
N VAL C 951 -41.22 -9.88 10.08
CA VAL C 951 -40.31 -9.13 10.90
C VAL C 951 -39.45 -10.08 11.69
N VAL C 952 -40.08 -11.06 12.31
CA VAL C 952 -39.27 -11.98 13.11
C VAL C 952 -38.24 -12.67 12.26
N ASN C 953 -38.63 -13.13 11.08
CA ASN C 953 -37.67 -13.87 10.28
C ASN C 953 -36.53 -12.99 9.86
N HIS C 954 -36.79 -11.74 9.56
CA HIS C 954 -35.69 -10.89 9.15
C HIS C 954 -34.68 -10.74 10.25
N ASN C 955 -35.14 -10.47 11.45
CA ASN C 955 -34.16 -10.33 12.52
C ASN C 955 -33.39 -11.61 12.73
N ALA C 956 -34.08 -12.74 12.75
CA ALA C 956 -33.38 -13.98 13.00
C ALA C 956 -32.33 -14.23 11.94
N GLN C 957 -32.67 -14.00 10.69
CA GLN C 957 -31.74 -14.25 9.63
C GLN C 957 -30.55 -13.32 9.71
N ALA C 958 -30.77 -12.07 10.05
CA ALA C 958 -29.63 -11.17 10.18
C ALA C 958 -28.68 -11.67 11.24
N LEU C 959 -29.19 -12.03 12.40
CA LEU C 959 -28.29 -12.53 13.42
C LEU C 959 -27.58 -13.78 12.95
N ASN C 960 -28.29 -14.65 12.26
CA ASN C 960 -27.65 -15.87 11.85
C ASN C 960 -26.48 -15.59 10.95
N THR C 961 -26.66 -14.73 9.98
CA THR C 961 -25.54 -14.49 9.11
C THR C 961 -24.42 -13.82 9.85
N LEU C 962 -24.75 -12.97 10.81
CA LEU C 962 -23.67 -12.34 11.54
C LEU C 962 -22.84 -13.34 12.31
N VAL C 963 -23.48 -14.29 12.97
CA VAL C 963 -22.68 -15.24 13.71
C VAL C 963 -21.97 -16.17 12.77
N LYS C 964 -22.58 -16.50 11.66
CA LYS C 964 -21.94 -17.44 10.76
C LYS C 964 -20.69 -16.87 10.18
N GLN C 965 -20.69 -15.58 9.98
CA GLN C 965 -19.53 -15.00 9.37
C GLN C 965 -18.28 -15.09 10.21
N LEU C 966 -18.33 -15.61 11.42
CA LEU C 966 -17.06 -15.71 12.12
C LEU C 966 -16.18 -16.79 11.53
N SER C 967 -16.75 -17.76 10.85
CA SER C 967 -15.90 -18.81 10.34
C SER C 967 -15.08 -18.39 9.15
N SER C 968 -15.46 -17.35 8.44
CA SER C 968 -14.68 -16.98 7.28
C SER C 968 -13.28 -16.59 7.68
N LYS C 969 -12.33 -16.92 6.83
CA LYS C 969 -10.93 -16.60 7.08
C LYS C 969 -10.48 -15.26 6.56
N PHE C 970 -11.14 -14.71 5.57
CA PHE C 970 -10.75 -13.41 5.05
C PHE C 970 -9.33 -13.36 4.57
N GLY C 971 -8.73 -14.48 4.23
CA GLY C 971 -7.35 -14.47 3.81
C GLY C 971 -6.35 -14.85 4.87
N ALA C 972 -6.76 -14.88 6.12
CA ALA C 972 -5.82 -15.29 7.13
C ALA C 972 -5.63 -16.79 7.03
N ILE C 973 -4.52 -17.30 7.56
CA ILE C 973 -4.30 -18.73 7.44
C ILE C 973 -5.28 -19.54 8.24
N SER C 974 -6.02 -18.93 9.16
CA SER C 974 -6.99 -19.70 9.92
C SER C 974 -7.97 -18.76 10.58
N SER C 975 -9.11 -19.30 10.95
CA SER C 975 -10.14 -18.45 11.52
C SER C 975 -10.08 -18.31 13.02
N VAL C 976 -9.58 -19.28 13.76
CA VAL C 976 -9.59 -19.16 15.21
C VAL C 976 -8.39 -18.39 15.73
N LEU C 977 -8.64 -17.48 16.67
CA LEU C 977 -7.54 -16.65 17.17
C LEU C 977 -6.53 -17.43 17.99
N ASN C 978 -6.99 -18.43 18.72
CA ASN C 978 -6.06 -19.10 19.63
C ASN C 978 -4.96 -19.77 18.86
N ASP C 979 -5.33 -20.46 17.79
CA ASP C 979 -4.34 -21.13 16.99
C ASP C 979 -3.32 -20.15 16.44
N ILE C 980 -3.79 -19.03 15.91
CA ILE C 980 -2.86 -18.06 15.38
C ILE C 980 -1.89 -17.65 16.46
N LEU C 981 -2.38 -17.44 17.66
CA LEU C 981 -1.48 -17.00 18.70
C LEU C 981 -0.64 -18.14 19.25
N SER C 982 -0.96 -19.37 18.86
CA SER C 982 -0.20 -20.50 19.35
C SER C 982 0.96 -20.80 18.43
N ARG C 983 0.67 -20.98 17.15
CA ARG C 983 1.66 -21.45 16.19
C ARG C 983 2.32 -20.33 15.40
N LEU C 984 2.51 -19.16 15.98
CA LEU C 984 3.20 -18.12 15.23
C LEU C 984 3.83 -17.11 16.17
N ASP C 985 4.95 -16.55 15.72
CA ASP C 985 5.60 -15.52 16.49
C ASP C 985 4.81 -14.23 16.45
N PRO C 986 5.01 -13.35 17.42
CA PRO C 986 4.21 -12.15 17.49
C PRO C 986 4.33 -11.28 16.26
N PRO C 987 5.52 -11.10 15.69
CA PRO C 987 5.58 -10.23 14.51
C PRO C 987 4.73 -10.69 13.37
N GLU C 988 4.72 -11.97 13.07
CA GLU C 988 3.87 -12.41 11.97
C GLU C 988 2.43 -12.64 12.39
N ALA C 989 2.19 -13.05 13.64
CA ALA C 989 0.82 -13.18 14.06
C ALA C 989 0.10 -11.86 14.01
N GLU C 990 0.84 -10.78 14.18
CA GLU C 990 0.21 -9.48 14.10
C GLU C 990 -0.43 -9.24 12.75
N VAL C 991 0.32 -9.45 11.69
CA VAL C 991 -0.24 -9.20 10.39
C VAL C 991 -1.26 -10.26 10.03
N GLN C 992 -1.19 -11.41 10.67
CA GLN C 992 -2.28 -12.34 10.43
C GLN C 992 -3.52 -11.97 11.19
N ILE C 993 -3.42 -11.14 12.20
CA ILE C 993 -4.59 -10.77 12.96
C ILE C 993 -5.30 -9.57 12.40
N ASP C 994 -4.57 -8.69 11.73
CA ASP C 994 -5.24 -7.59 11.05
C ASP C 994 -6.34 -8.05 10.12
N ARG C 995 -6.11 -9.09 9.34
CA ARG C 995 -7.16 -9.48 8.41
C ARG C 995 -8.42 -9.86 9.15
N LEU C 996 -8.28 -10.68 10.18
CA LEU C 996 -9.47 -11.10 10.89
C LEU C 996 -10.18 -9.89 11.45
N ILE C 997 -9.44 -8.99 12.06
CA ILE C 997 -10.10 -7.82 12.61
C ILE C 997 -10.83 -7.05 11.54
N THR C 998 -10.16 -6.72 10.46
CA THR C 998 -10.83 -5.89 9.48
C THR C 998 -12.05 -6.57 8.91
N GLY C 999 -11.99 -7.87 8.69
CA GLY C 999 -13.12 -8.54 8.10
C GLY C 999 -14.29 -8.56 9.05
N ARG C 1000 -14.04 -8.88 10.30
CA ARG C 1000 -15.14 -8.95 11.21
C ARG C 1000 -15.72 -7.58 11.42
N LEU C 1001 -14.88 -6.57 11.36
CA LEU C 1001 -15.37 -5.22 11.53
C LEU C 1001 -16.30 -4.83 10.41
N GLN C 1002 -15.98 -5.20 9.17
CA GLN C 1002 -16.93 -4.88 8.11
C GLN C 1002 -18.23 -5.60 8.29
N SER C 1003 -18.16 -6.84 8.71
CA SER C 1003 -19.40 -7.57 8.85
C SER C 1003 -20.30 -6.87 9.84
N LEU C 1004 -19.72 -6.51 10.96
CA LEU C 1004 -20.50 -5.87 11.99
C LEU C 1004 -21.03 -4.54 11.52
N GLN C 1005 -20.26 -3.84 10.73
CA GLN C 1005 -20.69 -2.53 10.28
C GLN C 1005 -21.91 -2.64 9.39
N THR C 1006 -21.89 -3.58 8.47
CA THR C 1006 -23.06 -3.75 7.63
C THR C 1006 -24.26 -4.10 8.46
N TYR C 1007 -24.06 -4.98 9.43
CA TYR C 1007 -25.20 -5.38 10.21
C TYR C 1007 -25.85 -4.20 10.87
N VAL C 1008 -25.05 -3.33 11.47
CA VAL C 1008 -25.71 -2.23 12.15
C VAL C 1008 -26.40 -1.33 11.18
N THR C 1009 -25.85 -1.14 9.99
CA THR C 1009 -26.55 -0.27 9.06
C THR C 1009 -27.89 -0.84 8.66
N GLN C 1010 -27.92 -2.13 8.39
CA GLN C 1010 -29.19 -2.75 8.05
C GLN C 1010 -30.18 -2.53 9.15
N GLN C 1011 -29.72 -2.63 10.38
CA GLN C 1011 -30.67 -2.47 11.46
C GLN C 1011 -31.19 -1.06 11.51
N LEU C 1012 -30.36 -0.08 11.19
CA LEU C 1012 -30.89 1.27 11.20
C LEU C 1012 -31.97 1.46 10.17
N ILE C 1013 -31.74 0.95 8.98
CA ILE C 1013 -32.78 1.13 7.97
C ILE C 1013 -34.06 0.44 8.39
N ARG C 1014 -33.97 -0.79 8.84
CA ARG C 1014 -35.22 -1.42 9.23
C ARG C 1014 -35.87 -0.71 10.37
N ALA C 1015 -35.11 -0.14 11.28
CA ALA C 1015 -35.78 0.50 12.39
C ALA C 1015 -36.54 1.71 11.91
N ALA C 1016 -35.99 2.43 10.95
CA ALA C 1016 -36.75 3.53 10.41
C ALA C 1016 -38.04 3.03 9.80
N GLU C 1017 -37.94 1.92 9.10
CA GLU C 1017 -39.13 1.35 8.50
C GLU C 1017 -40.19 1.04 9.53
N ILE C 1018 -39.79 0.38 10.61
CA ILE C 1018 -40.79 -0.02 11.56
C ILE C 1018 -41.38 1.18 12.23
N ARG C 1019 -40.58 2.19 12.45
CA ARG C 1019 -41.14 3.37 13.08
C ARG C 1019 -42.16 4.03 12.20
N ALA C 1020 -41.92 4.09 10.91
CA ALA C 1020 -42.97 4.63 10.05
C ALA C 1020 -44.24 3.84 10.25
N SER C 1021 -44.12 2.53 10.26
CA SER C 1021 -45.32 1.72 10.46
C SER C 1021 -45.97 2.01 11.80
N ALA C 1022 -45.18 2.21 12.83
CA ALA C 1022 -45.78 2.42 14.14
C ALA C 1022 -46.50 3.74 14.20
N ASN C 1023 -45.96 4.75 13.56
CA ASN C 1023 -46.68 6.00 13.51
C ASN C 1023 -48.01 5.81 12.85
N LEU C 1024 -48.02 5.06 11.76
CA LEU C 1024 -49.30 4.83 11.12
C LEU C 1024 -50.26 4.15 12.08
N ALA C 1025 -49.77 3.19 12.82
CA ALA C 1025 -50.66 2.49 13.73
C ALA C 1025 -51.21 3.42 14.78
N ALA C 1026 -50.39 4.29 15.31
CA ALA C 1026 -50.90 5.18 16.34
C ALA C 1026 -51.97 6.06 15.78
N THR C 1027 -51.76 6.57 14.58
CA THR C 1027 -52.78 7.38 13.96
C THR C 1027 -54.06 6.59 13.81
N LYS C 1028 -53.96 5.35 13.40
CA LYS C 1028 -55.19 4.60 13.22
C LYS C 1028 -55.89 4.43 14.53
N MET C 1029 -55.15 4.11 15.58
CA MET C 1029 -55.77 4.04 16.88
C MET C 1029 -56.53 5.29 17.19
N SER C 1030 -55.84 6.40 17.18
CA SER C 1030 -56.50 7.63 17.57
C SER C 1030 -57.72 7.91 16.73
N GLU C 1031 -57.60 7.81 15.42
CA GLU C 1031 -58.69 8.29 14.59
C GLU C 1031 -59.79 7.27 14.42
N CYS C 1032 -59.49 6.00 14.30
CA CYS C 1032 -60.59 5.08 14.07
C CYS C 1032 -61.18 4.57 15.35
N VAL C 1033 -60.37 4.30 16.37
CA VAL C 1033 -60.94 3.74 17.58
C VAL C 1033 -61.59 4.81 18.43
N LEU C 1034 -60.87 5.87 18.72
CA LEU C 1034 -61.37 6.88 19.61
C LEU C 1034 -62.35 7.80 18.96
N GLY C 1035 -62.81 7.52 17.78
CA GLY C 1035 -63.75 8.39 17.15
C GLY C 1035 -64.27 7.74 15.90
N GLN C 1036 -64.82 8.53 15.02
CA GLN C 1036 -65.35 8.01 13.78
C GLN C 1036 -64.76 8.86 12.69
N SER C 1037 -64.21 8.24 11.66
CA SER C 1037 -63.51 9.00 10.64
C SER C 1037 -64.30 9.08 9.36
N LYS C 1038 -64.33 10.25 8.77
CA LYS C 1038 -64.94 10.42 7.47
C LYS C 1038 -63.95 10.23 6.35
N ARG C 1039 -62.69 9.96 6.64
CA ARG C 1039 -61.74 9.75 5.56
C ARG C 1039 -62.10 8.47 4.84
N VAL C 1040 -62.19 8.54 3.53
CA VAL C 1040 -62.66 7.38 2.79
C VAL C 1040 -61.63 6.30 2.74
N ASP C 1041 -62.03 5.10 3.11
CA ASP C 1041 -61.22 3.92 2.93
C ASP C 1041 -59.93 4.07 3.71
N PHE C 1042 -60.04 4.62 4.90
CA PHE C 1042 -58.92 4.61 5.82
C PHE C 1042 -59.09 3.53 6.86
N CYS C 1043 -60.20 3.55 7.57
CA CYS C 1043 -60.47 2.51 8.54
C CYS C 1043 -61.33 1.40 7.92
N GLY C 1044 -60.82 0.75 6.90
CA GLY C 1044 -61.54 -0.33 6.26
C GLY C 1044 -62.39 0.11 5.09
N LYS C 1045 -62.77 -0.86 4.26
CA LYS C 1045 -63.54 -0.58 3.06
C LYS C 1045 -65.02 -0.45 3.37
N GLY C 1046 -65.60 0.71 3.08
CA GLY C 1046 -66.99 0.99 3.35
C GLY C 1046 -67.13 2.15 4.31
N TYR C 1047 -68.37 2.52 4.56
CA TYR C 1047 -68.65 3.58 5.50
C TYR C 1047 -68.31 3.16 6.91
N HIS C 1048 -67.36 3.84 7.52
CA HIS C 1048 -66.85 3.39 8.82
C HIS C 1048 -67.82 3.65 9.94
N LEU C 1049 -68.03 2.65 10.78
CA LEU C 1049 -68.80 2.79 12.00
C LEU C 1049 -67.92 2.89 13.24
N MET C 1050 -67.09 1.90 13.50
CA MET C 1050 -66.19 1.95 14.64
C MET C 1050 -65.14 0.89 14.45
N SER C 1051 -64.20 0.80 15.38
CA SER C 1051 -63.15 -0.18 15.22
C SER C 1051 -62.68 -0.68 16.56
N PHE C 1052 -62.26 -1.92 16.61
CA PHE C 1052 -61.80 -2.49 17.87
C PHE C 1052 -60.37 -2.95 17.79
N PRO C 1053 -59.51 -2.62 18.74
CA PRO C 1053 -58.13 -3.06 18.68
C PRO C 1053 -57.93 -4.40 19.36
N GLN C 1054 -56.96 -5.16 18.87
CA GLN C 1054 -56.60 -6.39 19.53
C GLN C 1054 -55.10 -6.55 19.53
N SER C 1055 -54.55 -6.92 20.66
CA SER C 1055 -53.10 -7.06 20.75
C SER C 1055 -52.57 -8.25 19.99
N ALA C 1056 -51.34 -8.16 19.54
CA ALA C 1056 -50.64 -9.22 18.84
C ALA C 1056 -49.20 -9.20 19.30
N PRO C 1057 -48.42 -10.26 19.06
CA PRO C 1057 -47.04 -10.29 19.54
C PRO C 1057 -46.20 -9.09 19.19
N HIS C 1058 -46.36 -8.50 18.03
CA HIS C 1058 -45.52 -7.34 17.78
C HIS C 1058 -46.28 -6.25 17.07
N GLY C 1059 -47.59 -6.25 17.18
CA GLY C 1059 -48.34 -5.26 16.47
C GLY C 1059 -49.76 -5.30 16.93
N VAL C 1060 -50.61 -4.67 16.16
CA VAL C 1060 -52.02 -4.60 16.49
C VAL C 1060 -52.84 -5.14 15.37
N VAL C 1061 -54.05 -5.56 15.71
CA VAL C 1061 -55.00 -6.06 14.76
C VAL C 1061 -56.28 -5.27 14.94
N PHE C 1062 -56.60 -4.43 14.00
CA PHE C 1062 -57.79 -3.62 14.06
C PHE C 1062 -58.95 -4.33 13.40
N LEU C 1063 -60.07 -4.40 14.10
CA LEU C 1063 -61.32 -4.98 13.62
C LEU C 1063 -62.25 -3.86 13.16
N HIS C 1064 -62.06 -3.38 11.95
CA HIS C 1064 -62.90 -2.32 11.45
C HIS C 1064 -64.31 -2.80 11.19
N VAL C 1065 -65.32 -2.11 11.72
CA VAL C 1065 -66.72 -2.38 11.44
C VAL C 1065 -67.26 -1.39 10.44
N THR C 1066 -67.67 -1.85 9.27
CA THR C 1066 -68.10 -0.98 8.20
C THR C 1066 -69.53 -1.30 7.79
N TYR C 1067 -70.20 -0.29 7.28
CA TYR C 1067 -71.57 -0.39 6.79
C TYR C 1067 -71.55 -0.39 5.27
N VAL C 1068 -72.16 -1.39 4.65
CA VAL C 1068 -72.13 -1.53 3.21
C VAL C 1068 -73.55 -1.65 2.65
N PRO C 1069 -73.95 -0.80 1.72
CA PRO C 1069 -75.28 -0.92 1.12
C PRO C 1069 -75.40 -2.13 0.23
N ALA C 1070 -76.63 -2.49 -0.10
CA ALA C 1070 -76.91 -3.59 -0.99
C ALA C 1070 -78.35 -3.56 -1.46
N GLN C 1071 -78.65 -4.40 -2.43
CA GLN C 1071 -79.98 -4.53 -3.02
C GLN C 1071 -80.51 -3.22 -3.59
N GLU C 1072 -79.78 -2.69 -4.55
CA GLU C 1072 -80.14 -1.42 -5.17
C GLU C 1072 -81.31 -1.60 -6.12
N LYS C 1073 -81.90 -0.48 -6.51
CA LYS C 1073 -83.06 -0.50 -7.37
C LYS C 1073 -83.09 0.75 -8.25
N ASN C 1074 -83.65 0.63 -9.45
CA ASN C 1074 -83.76 1.75 -10.38
C ASN C 1074 -84.86 2.70 -10.02
N PHE C 1075 -84.66 3.96 -10.37
CA PHE C 1075 -85.65 4.97 -10.17
C PHE C 1075 -85.43 6.05 -11.21
N THR C 1076 -86.46 6.79 -11.50
CA THR C 1076 -86.33 7.94 -12.37
C THR C 1076 -86.35 9.21 -11.55
N THR C 1077 -85.49 10.15 -11.89
CA THR C 1077 -85.33 11.31 -11.05
C THR C 1077 -85.30 12.59 -11.85
N ALA C 1078 -85.49 13.69 -11.13
CA ALA C 1078 -85.42 15.03 -11.68
C ALA C 1078 -84.79 15.95 -10.67
N PRO C 1079 -84.09 16.98 -11.13
CA PRO C 1079 -83.38 17.83 -10.19
C PRO C 1079 -84.25 18.77 -9.41
N ALA C 1080 -85.45 19.09 -9.87
CA ALA C 1080 -86.23 20.06 -9.14
C ALA C 1080 -87.69 19.92 -9.53
N ILE C 1081 -88.57 20.46 -8.72
CA ILE C 1081 -89.99 20.41 -9.01
C ILE C 1081 -90.51 21.81 -9.30
N CYS C 1082 -91.37 21.96 -10.28
CA CYS C 1082 -91.93 23.28 -10.58
C CYS C 1082 -93.36 23.34 -10.12
N HIS C 1083 -93.64 24.24 -9.21
CA HIS C 1083 -95.00 24.41 -8.73
C HIS C 1083 -95.24 25.89 -8.58
N ASP C 1084 -96.39 26.35 -9.05
CA ASP C 1084 -96.73 27.77 -9.01
C ASP C 1084 -95.71 28.59 -9.74
N GLY C 1085 -95.03 28.00 -10.69
CA GLY C 1085 -94.08 28.76 -11.47
C GLY C 1085 -92.74 28.91 -10.79
N LYS C 1086 -92.58 28.44 -9.57
CA LYS C 1086 -91.31 28.53 -8.89
C LYS C 1086 -90.78 27.13 -8.61
N ALA C 1087 -89.46 27.04 -8.58
CA ALA C 1087 -88.76 25.79 -8.44
C ALA C 1087 -88.56 25.42 -6.98
N HIS C 1088 -88.71 24.14 -6.68
CA HIS C 1088 -88.47 23.60 -5.37
C HIS C 1088 -87.33 22.62 -5.45
N PHE C 1089 -86.46 22.63 -4.46
CA PHE C 1089 -85.35 21.73 -4.37
C PHE C 1089 -85.43 21.00 -3.06
N PRO C 1090 -84.88 19.81 -2.95
CA PRO C 1090 -85.01 19.05 -1.71
C PRO C 1090 -83.99 19.53 -0.73
N ARG C 1091 -84.39 19.66 0.53
CA ARG C 1091 -83.43 20.08 1.53
C ARG C 1091 -82.31 19.08 1.65
N GLU C 1092 -82.65 17.81 1.78
CA GLU C 1092 -81.67 16.74 1.78
C GLU C 1092 -82.33 15.53 1.15
N GLY C 1093 -81.64 14.90 0.26
CA GLY C 1093 -82.17 13.73 -0.39
C GLY C 1093 -82.43 13.99 -1.85
N VAL C 1094 -83.25 13.14 -2.42
CA VAL C 1094 -83.44 13.19 -3.85
C VAL C 1094 -84.91 13.07 -4.20
N PHE C 1095 -85.30 13.74 -5.27
CA PHE C 1095 -86.62 13.55 -5.81
C PHE C 1095 -86.61 12.26 -6.61
N VAL C 1096 -87.31 11.26 -6.15
CA VAL C 1096 -87.32 9.95 -6.79
C VAL C 1096 -88.71 9.65 -7.25
N SER C 1097 -88.86 9.22 -8.49
CA SER C 1097 -90.15 8.83 -9.00
C SER C 1097 -90.20 7.35 -9.26
N ASN C 1098 -91.31 6.72 -8.90
CA ASN C 1098 -91.45 5.28 -9.09
C ASN C 1098 -92.33 4.96 -10.28
N GLY C 1099 -92.37 5.85 -11.25
CA GLY C 1099 -93.14 5.58 -12.44
C GLY C 1099 -94.33 6.51 -12.55
N THR C 1100 -95.01 6.74 -11.44
CA THR C 1100 -96.18 7.59 -11.46
C THR C 1100 -96.22 8.59 -10.34
N HIS C 1101 -95.47 8.39 -9.28
CA HIS C 1101 -95.53 9.27 -8.15
C HIS C 1101 -94.14 9.74 -7.80
N TRP C 1102 -94.05 10.95 -7.29
CA TRP C 1102 -92.80 11.53 -6.94
C TRP C 1102 -92.67 11.55 -5.42
N PHE C 1103 -91.47 11.32 -4.92
CA PHE C 1103 -91.23 11.29 -3.49
C PHE C 1103 -89.89 11.90 -3.22
N VAL C 1104 -89.63 12.19 -1.97
CA VAL C 1104 -88.32 12.62 -1.53
C VAL C 1104 -87.73 11.51 -0.71
N THR C 1105 -86.45 11.27 -0.86
CA THR C 1105 -85.88 10.19 -0.09
C THR C 1105 -84.45 10.47 0.27
N GLN C 1106 -84.05 10.08 1.47
CA GLN C 1106 -82.66 10.25 1.84
C GLN C 1106 -81.79 9.47 0.89
N ARG C 1107 -80.56 9.91 0.73
CA ARG C 1107 -79.77 9.41 -0.38
C ARG C 1107 -79.38 7.95 -0.19
N ASN C 1108 -79.00 7.53 1.00
CA ASN C 1108 -78.42 6.21 1.16
C ASN C 1108 -79.39 5.13 1.57
N PHE C 1109 -80.67 5.36 1.59
CA PHE C 1109 -81.52 4.26 1.98
C PHE C 1109 -82.92 4.59 1.54
N TYR C 1110 -83.55 3.69 0.85
CA TYR C 1110 -84.85 4.00 0.28
C TYR C 1110 -85.90 4.14 1.36
N GLU C 1111 -86.43 5.33 1.54
CA GLU C 1111 -87.51 5.57 2.50
C GLU C 1111 -88.34 6.73 1.99
N PRO C 1112 -89.21 6.48 1.03
CA PRO C 1112 -89.92 7.56 0.36
C PRO C 1112 -90.88 8.31 1.26
N GLN C 1113 -90.97 9.61 1.05
CA GLN C 1113 -91.87 10.46 1.79
C GLN C 1113 -92.62 11.35 0.84
N ILE C 1114 -93.78 11.82 1.27
CA ILE C 1114 -94.55 12.77 0.49
C ILE C 1114 -93.85 14.10 0.40
N ILE C 1115 -93.87 14.69 -0.79
CA ILE C 1115 -93.25 15.97 -1.01
C ILE C 1115 -94.12 17.04 -0.38
N THR C 1116 -93.58 17.76 0.58
CA THR C 1116 -94.35 18.79 1.25
C THR C 1116 -93.52 20.05 1.31
N THR C 1117 -94.15 21.13 1.69
CA THR C 1117 -93.41 22.35 1.80
C THR C 1117 -92.40 22.35 2.90
N ASP C 1118 -92.45 21.40 3.81
CA ASP C 1118 -91.51 21.46 4.90
C ASP C 1118 -90.14 20.95 4.53
N ASN C 1119 -90.05 19.93 3.67
CA ASN C 1119 -88.78 19.34 3.33
C ASN C 1119 -88.24 19.80 1.99
N THR C 1120 -88.69 20.93 1.50
CA THR C 1120 -88.21 21.46 0.24
C THR C 1120 -88.09 22.95 0.38
N PHE C 1121 -87.23 23.56 -0.39
CA PHE C 1121 -87.11 25.00 -0.31
C PHE C 1121 -87.14 25.58 -1.70
N VAL C 1122 -87.52 26.81 -1.78
CA VAL C 1122 -87.84 27.47 -3.03
C VAL C 1122 -86.72 28.37 -3.48
N SER C 1123 -86.57 28.52 -4.80
CA SER C 1123 -85.59 29.47 -5.32
C SER C 1123 -85.96 29.92 -6.73
N GLY C 1124 -86.49 31.12 -6.85
CA GLY C 1124 -86.73 31.67 -8.16
C GLY C 1124 -87.73 30.95 -9.02
N ASN C 1125 -88.04 31.52 -10.17
CA ASN C 1125 -89.02 30.91 -11.05
C ASN C 1125 -88.46 29.65 -11.67
N CYS C 1126 -89.35 28.87 -12.27
CA CYS C 1126 -89.03 27.52 -12.66
C CYS C 1126 -88.70 27.39 -14.14
N ASP C 1127 -88.10 28.39 -14.76
CA ASP C 1127 -87.69 28.21 -16.14
C ASP C 1127 -86.20 28.16 -16.41
N VAL C 1128 -85.35 28.42 -15.43
CA VAL C 1128 -83.92 28.39 -15.74
C VAL C 1128 -83.29 27.02 -15.55
N VAL C 1129 -83.75 26.24 -14.62
CA VAL C 1129 -83.12 24.97 -14.37
C VAL C 1129 -83.50 24.00 -15.47
N ILE C 1130 -82.60 23.17 -15.85
CA ILE C 1130 -82.87 22.21 -16.91
C ILE C 1130 -83.34 20.89 -16.35
N GLY C 1131 -84.33 20.29 -16.98
CA GLY C 1131 -84.88 19.05 -16.49
C GLY C 1131 -85.88 19.15 -15.38
N ILE C 1132 -86.45 20.32 -15.15
CA ILE C 1132 -87.44 20.45 -14.10
C ILE C 1132 -88.74 19.79 -14.53
N VAL C 1133 -89.50 19.29 -13.57
CA VAL C 1133 -90.76 18.62 -13.84
C VAL C 1133 -91.84 19.31 -13.03
N ASN C 1134 -93.08 18.88 -13.23
CA ASN C 1134 -94.22 19.53 -12.61
C ASN C 1134 -94.85 18.61 -11.58
N ASN C 1135 -95.27 19.18 -10.47
CA ASN C 1135 -95.95 18.36 -9.50
C ASN C 1135 -96.52 19.19 -8.37
N THR C 1136 -97.44 18.58 -7.64
CA THR C 1136 -98.06 19.20 -6.48
C THR C 1136 -97.16 19.10 -5.27
N VAL C 1137 -96.97 20.19 -4.56
CA VAL C 1137 -96.21 20.19 -3.32
C VAL C 1137 -97.17 20.50 -2.17
N TYR C 1138 -97.66 19.48 -1.49
CA TYR C 1138 -98.68 19.70 -0.47
C TYR C 1138 -98.14 20.48 0.70
N ASP C 1139 -98.97 21.34 1.25
CA ASP C 1139 -98.64 22.07 2.46
C ASP C 1139 -99.55 21.65 3.58
N PRO C 1140 -99.06 21.10 4.67
CA PRO C 1140 -99.94 20.59 5.70
C PRO C 1140 -100.82 21.64 6.34
N LEU C 1141 -100.51 22.93 6.17
CA LEU C 1141 -101.30 23.97 6.80
C LEU C 1141 -102.65 24.20 6.13
N GLN C 1142 -102.76 23.93 4.85
CA GLN C 1142 -104.04 24.17 4.17
C GLN C 1142 -105.11 23.22 4.70
N PRO C 1143 -104.90 21.91 4.73
CA PRO C 1143 -105.95 21.01 5.25
C PRO C 1143 -106.39 21.35 6.65
N GLU C 1144 -105.54 21.90 7.51
CA GLU C 1144 -106.04 22.18 8.84
C GLU C 1144 -107.05 23.31 8.78
N LEU C 1145 -106.77 24.36 8.01
CA LEU C 1145 -107.71 25.46 7.82
C LEU C 1145 -108.16 26.03 9.16
N ASP C 1146 -107.19 26.43 9.96
CA ASP C 1146 -107.49 26.97 11.29
C ASP C 1146 -108.06 28.38 11.20
N GLU D 1 66.62 12.81 8.14
CA GLU D 1 67.83 12.14 7.67
C GLU D 1 68.96 13.13 7.48
N ARG D 2 69.73 13.37 8.55
CA ARG D 2 70.86 14.28 8.50
C ARG D 2 72.11 13.52 8.08
N VAL D 3 72.75 14.01 7.03
CA VAL D 3 73.92 13.34 6.49
C VAL D 3 75.15 13.92 7.17
N MET D 4 75.96 13.05 7.76
CA MET D 4 77.16 13.46 8.45
C MET D 4 78.36 13.20 7.56
N THR D 5 79.31 14.12 7.58
CA THR D 5 80.49 14.03 6.73
C THR D 5 81.71 14.20 7.60
N GLN D 6 82.58 13.21 7.61
CA GLN D 6 83.75 13.31 8.46
C GLN D 6 84.92 13.88 7.67
N SER D 7 85.90 14.37 8.42
CA SER D 7 87.06 15.00 7.80
C SER D 7 88.17 15.09 8.83
N PRO D 8 89.43 15.03 8.42
CA PRO D 8 89.77 14.63 7.05
C PRO D 8 89.59 13.15 6.80
N ALA D 9 89.91 12.73 5.57
CA ALA D 9 89.85 11.33 5.22
C ALA D 9 91.00 10.58 5.88
N THR D 10 92.20 11.15 5.78
CA THR D 10 93.42 10.57 6.30
C THR D 10 94.09 11.64 7.15
N LEU D 11 95.00 11.21 8.02
CA LEU D 11 95.68 12.13 8.92
C LEU D 11 96.96 11.46 9.37
N SER D 12 98.09 12.16 9.23
CA SER D 12 99.37 11.62 9.68
C SER D 12 100.03 12.65 10.58
N VAL D 13 100.02 12.34 11.87
CA VAL D 13 100.53 13.17 12.94
C VAL D 13 101.60 12.37 13.66
N SER D 14 102.65 13.04 14.12
CA SER D 14 103.68 12.34 14.86
C SER D 14 103.09 11.60 16.07
N PRO D 15 103.70 10.48 16.48
CA PRO D 15 103.18 9.73 17.63
C PRO D 15 103.23 10.58 18.88
N GLY D 16 102.25 10.36 19.75
CA GLY D 16 102.28 10.98 21.07
C GLY D 16 101.55 12.30 21.12
N GLU D 17 101.02 12.77 19.98
CA GLU D 17 100.39 14.06 19.83
C GLU D 17 98.87 13.89 19.76
N ARG D 18 98.17 14.97 19.48
CA ARG D 18 96.72 15.02 19.40
C ARG D 18 96.22 14.69 18.00
N ALA D 19 94.97 14.30 17.92
CA ALA D 19 94.34 14.03 16.63
C ALA D 19 92.95 14.62 16.66
N THR D 20 92.55 15.22 15.55
CA THR D 20 91.31 15.98 15.48
C THR D 20 90.50 15.54 14.28
N LEU D 21 89.27 15.10 14.53
CA LEU D 21 88.39 14.66 13.47
C LEU D 21 87.10 15.47 13.59
N SER D 22 86.67 16.08 12.49
CA SER D 22 85.46 16.88 12.47
C SER D 22 84.40 16.11 11.70
N CYS D 23 83.16 16.14 12.16
CA CYS D 23 82.09 15.58 11.35
C CYS D 23 80.93 16.59 11.36
N ARG D 24 80.49 16.92 10.15
CA ARG D 24 79.57 18.02 9.91
C ARG D 24 78.23 17.53 9.38
N ALA D 25 77.16 17.98 10.04
CA ALA D 25 75.80 17.68 9.66
C ALA D 25 75.22 18.82 8.82
N SER D 26 74.04 18.56 8.24
CA SER D 26 73.36 19.56 7.43
C SER D 26 72.08 20.11 8.06
N GLU D 27 71.53 19.42 9.06
CA GLU D 27 70.34 19.86 9.79
C GLU D 27 70.74 19.94 11.25
N SER D 28 69.83 19.83 12.21
CA SER D 28 70.27 19.85 13.60
C SER D 28 70.49 18.43 14.12
N VAL D 29 71.55 18.31 14.91
CA VAL D 29 72.01 17.07 15.51
C VAL D 29 72.27 17.22 17.01
N SER D 30 72.04 18.42 17.55
CA SER D 30 72.30 18.81 18.94
C SER D 30 73.04 17.77 19.76
N SER D 31 72.40 16.91 20.55
CA SER D 31 73.30 16.01 21.24
C SER D 31 72.97 14.54 21.01
N ASP D 32 72.32 14.22 19.91
CA ASP D 32 72.02 12.83 19.61
C ASP D 32 73.13 12.39 18.66
N LEU D 33 74.16 11.75 19.20
CA LEU D 33 75.30 11.35 18.36
C LEU D 33 76.04 10.19 19.01
N ALA D 34 77.05 9.74 18.30
CA ALA D 34 78.01 8.78 18.82
C ALA D 34 79.19 8.74 17.87
N TRP D 35 80.29 8.18 18.36
CA TRP D 35 81.52 8.05 17.61
C TRP D 35 81.96 6.61 17.77
N TYR D 36 82.25 5.96 16.66
CA TYR D 36 82.63 4.56 16.64
C TYR D 36 84.03 4.41 16.10
N GLN D 37 84.78 3.54 16.77
CA GLN D 37 86.13 3.16 16.42
C GLN D 37 86.08 1.69 16.00
N GLN D 38 86.18 1.47 14.70
CA GLN D 38 86.09 0.17 14.07
C GLN D 38 87.53 -0.25 13.79
N LYS D 39 88.14 -0.88 14.78
CA LYS D 39 89.47 -1.41 14.56
C LYS D 39 89.39 -2.38 13.38
N PRO D 40 90.33 -2.35 12.45
CA PRO D 40 90.12 -3.08 11.20
C PRO D 40 90.02 -4.58 11.43
N GLY D 41 88.84 -5.14 11.15
CA GLY D 41 88.70 -6.59 11.24
C GLY D 41 87.47 -7.07 11.99
N GLN D 42 86.72 -6.16 12.61
CA GLN D 42 85.54 -6.56 13.37
C GLN D 42 84.59 -5.36 13.42
N ALA D 43 83.52 -5.48 14.20
CA ALA D 43 82.49 -4.46 14.25
C ALA D 43 83.03 -3.20 14.91
N PRO D 44 82.39 -2.06 14.66
CA PRO D 44 82.84 -0.83 15.30
C PRO D 44 82.63 -0.90 16.81
N ARG D 45 83.20 0.07 17.50
CA ARG D 45 83.10 0.14 18.94
C ARG D 45 82.76 1.57 19.32
N LEU D 46 81.77 1.74 20.16
CA LEU D 46 81.33 3.08 20.53
C LEU D 46 82.35 3.66 21.49
N LEU D 47 82.78 4.90 21.20
CA LEU D 47 83.72 5.61 22.06
C LEU D 47 83.02 6.69 22.85
N ILE D 48 82.35 7.61 22.17
CA ILE D 48 81.80 8.80 22.80
C ILE D 48 80.44 9.06 22.18
N TYR D 49 79.40 9.13 22.99
CA TYR D 49 78.06 9.33 22.47
C TYR D 49 77.58 10.72 22.86
N GLY D 50 76.36 11.04 22.45
CA GLY D 50 75.80 12.35 22.68
C GLY D 50 76.67 13.47 22.19
N ALA D 51 77.02 14.39 23.08
CA ALA D 51 77.86 15.53 22.74
C ALA D 51 79.32 15.21 23.04
N SER D 52 79.60 14.73 24.24
CA SER D 52 80.98 14.43 24.60
C SER D 52 81.07 13.30 25.61
N THR D 53 79.97 12.60 25.88
CA THR D 53 79.99 11.55 26.88
C THR D 53 80.80 10.34 26.42
N ARG D 54 81.74 9.91 27.23
CA ARG D 54 82.61 8.80 26.86
C ARG D 54 81.92 7.49 27.22
N ALA D 55 81.70 6.62 26.24
CA ALA D 55 81.10 5.33 26.53
C ALA D 55 81.93 4.58 27.56
N THR D 56 81.25 3.74 28.34
CA THR D 56 81.93 2.96 29.38
C THR D 56 83.16 2.23 28.83
N GLY D 57 84.20 2.15 29.65
CA GLY D 57 85.43 1.46 29.27
C GLY D 57 86.34 2.29 28.39
N ILE D 58 85.77 2.96 27.40
CA ILE D 58 86.45 3.80 26.40
C ILE D 58 87.54 4.66 27.01
N PRO D 59 88.81 4.47 26.64
CA PRO D 59 89.92 5.24 27.22
C PRO D 59 89.68 6.75 27.25
N ALA D 60 90.00 7.36 28.39
CA ALA D 60 89.87 8.80 28.58
C ALA D 60 90.61 9.61 27.52
N ARG D 61 91.53 8.99 26.76
CA ARG D 61 92.29 9.69 25.72
C ARG D 61 91.40 10.38 24.71
N PHE D 62 90.11 10.05 24.65
CA PHE D 62 89.16 10.65 23.75
C PHE D 62 88.39 11.77 24.40
N SER D 63 87.99 12.75 23.58
CA SER D 63 87.19 13.87 24.02
C SER D 63 86.31 14.27 22.85
N GLY D 64 85.02 14.36 23.09
CA GLY D 64 84.06 14.76 22.09
C GLY D 64 83.59 16.18 22.35
N SER D 65 83.18 16.86 21.30
CA SER D 65 82.69 18.21 21.45
C SER D 65 81.80 18.53 20.27
N GLY D 66 81.12 19.65 20.34
CA GLY D 66 80.25 20.09 19.28
C GLY D 66 78.78 19.91 19.63
N SER D 67 77.95 20.54 18.82
CA SER D 67 76.51 20.56 19.01
C SER D 67 75.89 21.24 17.80
N GLY D 68 74.64 20.89 17.51
CA GLY D 68 73.97 21.51 16.38
C GLY D 68 74.16 20.76 15.08
N THR D 69 75.11 21.25 14.27
CA THR D 69 75.43 20.62 13.01
C THR D 69 76.90 20.22 12.90
N GLU D 70 77.68 20.42 13.96
CA GLU D 70 79.13 20.20 13.91
C GLU D 70 79.59 19.50 15.18
N PHE D 71 80.40 18.46 15.02
CA PHE D 71 80.92 17.72 16.15
C PHE D 71 82.36 17.36 15.86
N THR D 72 83.08 17.04 16.92
CA THR D 72 84.49 16.76 16.79
C THR D 72 84.91 15.72 17.80
N LEU D 73 85.79 14.83 17.37
CA LEU D 73 86.42 13.88 18.26
C LEU D 73 87.90 14.24 18.31
N THR D 74 88.48 14.13 19.49
CA THR D 74 89.85 14.53 19.70
C THR D 74 90.54 13.45 20.51
N ILE D 75 91.75 13.09 20.11
CA ILE D 75 92.49 12.05 20.79
C ILE D 75 93.70 12.71 21.43
N SER D 76 93.93 12.41 22.71
CA SER D 76 94.96 13.06 23.52
C SER D 76 96.36 12.64 23.08
N SER D 77 96.65 11.35 23.15
CA SER D 77 98.00 10.84 22.89
C SER D 77 97.85 9.54 22.13
N LEU D 78 98.03 9.60 20.82
CA LEU D 78 97.89 8.42 19.99
C LEU D 78 98.94 7.37 20.30
N GLN D 79 98.49 6.17 20.64
CA GLN D 79 99.38 5.02 20.70
C GLN D 79 99.33 4.27 19.38
N SER D 80 100.25 3.31 19.23
CA SER D 80 100.45 2.64 17.96
C SER D 80 99.18 1.93 17.49
N GLU D 81 98.35 1.49 18.43
CA GLU D 81 97.16 0.70 18.14
C GLU D 81 95.91 1.53 17.87
N ASP D 82 95.99 2.87 17.94
CA ASP D 82 94.83 3.70 17.70
C ASP D 82 94.38 3.67 16.24
N SER D 83 95.19 3.10 15.36
CA SER D 83 94.87 3.05 13.94
C SER D 83 93.61 2.22 13.69
N ALA D 84 92.58 2.87 13.14
CA ALA D 84 91.28 2.24 12.89
C ALA D 84 90.44 3.19 12.04
N VAL D 85 89.19 2.80 11.81
CA VAL D 85 88.25 3.64 11.09
C VAL D 85 87.25 4.22 12.08
N TYR D 86 86.80 5.43 11.82
CA TYR D 86 85.89 6.09 12.74
C TYR D 86 84.68 6.64 12.00
N TYR D 87 83.54 6.53 12.66
CA TYR D 87 82.27 6.97 12.10
C TYR D 87 81.48 7.72 13.16
N CYS D 88 80.82 8.82 12.81
CA CYS D 88 79.98 9.49 13.79
C CYS D 88 78.56 9.13 13.39
N GLN D 89 77.85 8.46 14.29
CA GLN D 89 76.50 7.98 14.01
C GLN D 89 75.51 8.83 14.78
N GLN D 90 74.53 9.38 14.07
CA GLN D 90 73.49 10.17 14.70
C GLN D 90 72.21 9.37 14.81
N TYR D 91 71.40 9.80 15.77
CA TYR D 91 70.15 9.21 16.17
C TYR D 91 69.28 10.34 16.73
N ASN D 92 69.09 11.37 15.91
CA ASN D 92 68.33 12.54 16.35
C ASN D 92 66.86 12.23 16.29
N ASN D 93 66.53 11.10 15.67
CA ASN D 93 65.20 10.61 15.44
C ASN D 93 65.01 9.24 16.05
N TRP D 94 65.98 8.78 16.87
CA TRP D 94 66.11 7.46 17.50
C TRP D 94 65.03 6.44 17.09
N PRO D 95 63.86 6.27 17.71
CA PRO D 95 62.94 5.23 17.22
C PRO D 95 62.53 5.53 15.79
N PRO D 96 62.51 4.54 14.90
CA PRO D 96 63.72 3.86 14.40
C PRO D 96 64.61 4.69 13.49
N GLY D 97 65.83 5.00 13.91
CA GLY D 97 66.66 5.80 13.03
C GLY D 97 68.10 6.03 13.43
N TYR D 98 68.92 6.14 12.40
CA TYR D 98 70.35 6.42 12.39
C TYR D 98 70.77 6.81 10.99
N THR D 99 71.88 7.55 10.91
CA THR D 99 72.47 7.94 9.65
C THR D 99 73.96 8.04 9.84
N PHE D 100 74.70 7.25 9.06
CA PHE D 100 76.12 7.08 9.25
C PHE D 100 76.88 8.09 8.40
N GLY D 101 78.22 8.07 8.52
CA GLY D 101 79.07 8.93 7.74
C GLY D 101 79.89 8.16 6.73
N GLN D 102 80.87 8.86 6.14
CA GLN D 102 81.77 8.24 5.19
C GLN D 102 82.99 7.61 5.85
N GLY D 103 83.22 7.82 7.14
CA GLY D 103 84.35 7.22 7.80
C GLY D 103 85.66 7.99 7.67
N THR D 104 86.56 7.72 8.61
CA THR D 104 87.86 8.36 8.67
C THR D 104 88.90 7.29 9.02
N LYS D 105 90.02 7.33 8.31
CA LYS D 105 91.09 6.36 8.46
C LYS D 105 92.20 7.01 9.29
N LEU D 106 92.51 6.43 10.44
CA LEU D 106 93.53 6.99 11.33
C LEU D 106 94.67 5.99 11.45
N GLU D 107 95.91 6.50 11.33
CA GLU D 107 97.10 5.66 11.37
C GLU D 107 98.19 6.26 12.25
N ILE D 108 99.38 5.66 12.28
CA ILE D 108 100.47 6.10 13.12
C ILE D 108 101.78 6.08 12.35
N LYS D 109 102.47 7.23 12.33
CA LYS D 109 103.81 7.38 11.73
C LYS D 109 103.93 6.76 10.34
N GLU E 1 80.81 -13.70 27.98
CA GLU E 1 80.39 -12.34 28.29
C GLU E 1 79.10 -12.06 27.53
N VAL E 2 78.35 -11.03 27.94
CA VAL E 2 77.16 -10.65 27.20
C VAL E 2 77.53 -10.34 25.75
N GLN E 3 76.85 -11.02 24.82
CA GLN E 3 77.23 -10.99 23.41
C GLN E 3 76.08 -11.47 22.56
N LEU E 4 76.20 -11.17 21.27
CA LEU E 4 75.35 -11.70 20.22
C LEU E 4 76.25 -12.21 19.10
N VAL E 5 76.15 -13.49 18.81
CA VAL E 5 76.96 -14.15 17.78
C VAL E 5 76.03 -14.56 16.66
N GLU E 6 76.49 -14.45 15.42
CA GLU E 6 75.59 -14.60 14.29
C GLU E 6 76.03 -15.77 13.41
N SER E 7 75.08 -16.22 12.60
CA SER E 7 75.30 -17.34 11.68
C SER E 7 74.34 -17.22 10.50
N GLY E 8 74.58 -18.05 9.49
CA GLY E 8 73.84 -18.01 8.25
C GLY E 8 74.59 -17.36 7.11
N GLY E 9 75.69 -16.66 7.41
CA GLY E 9 76.44 -15.99 6.35
C GLY E 9 77.01 -17.00 5.36
N GLY E 10 77.02 -16.59 4.10
CA GLY E 10 77.53 -17.46 3.04
C GLY E 10 77.32 -16.86 1.67
N LEU E 11 77.05 -17.73 0.71
CA LEU E 11 76.86 -17.40 -0.69
C LEU E 11 75.58 -18.07 -1.18
N VAL E 12 74.81 -17.36 -2.00
CA VAL E 12 73.56 -17.87 -2.53
C VAL E 12 73.35 -17.29 -3.93
N GLN E 13 72.66 -18.07 -4.77
CA GLN E 13 72.43 -17.70 -6.15
C GLN E 13 71.39 -16.57 -6.19
N PRO E 14 71.48 -15.67 -7.19
CA PRO E 14 70.54 -14.54 -7.26
C PRO E 14 69.09 -15.00 -7.22
N GLY E 15 68.19 -14.14 -6.76
CA GLY E 15 66.81 -14.55 -6.60
C GLY E 15 66.56 -15.47 -5.42
N GLY E 16 67.60 -16.06 -4.85
CA GLY E 16 67.47 -16.93 -3.72
C GLY E 16 67.13 -16.21 -2.42
N SER E 17 66.96 -17.00 -1.38
CA SER E 17 66.64 -16.58 -0.03
C SER E 17 67.82 -16.85 0.91
N LEU E 18 67.67 -16.37 2.15
CA LEU E 18 68.70 -16.57 3.15
C LEU E 18 68.10 -16.24 4.51
N ARG E 19 68.77 -16.69 5.56
CA ARG E 19 68.34 -16.44 6.92
C ARG E 19 69.54 -16.21 7.81
N LEU E 20 69.60 -15.06 8.45
CA LEU E 20 70.63 -14.72 9.41
C LEU E 20 70.09 -15.00 10.80
N SER E 21 70.94 -15.51 11.67
CA SER E 21 70.55 -15.90 13.00
C SER E 21 71.50 -15.23 13.98
N CYS E 22 70.96 -14.89 15.14
CA CYS E 22 71.68 -14.11 16.14
C CYS E 22 71.35 -14.71 17.50
N ALA E 23 72.37 -15.18 18.21
CA ALA E 23 72.20 -15.75 19.53
C ALA E 23 72.80 -14.80 20.54
N ALA E 24 72.20 -14.74 21.73
CA ALA E 24 72.63 -13.77 22.71
C ALA E 24 72.90 -14.44 24.05
N SER E 25 73.48 -13.66 24.95
CA SER E 25 73.88 -14.19 26.24
C SER E 25 73.97 -13.06 27.24
N GLY E 26 73.56 -13.33 28.48
CA GLY E 26 73.61 -12.36 29.56
C GLY E 26 72.71 -11.17 29.34
N ILE E 27 71.99 -11.14 28.22
CA ILE E 27 71.06 -10.06 27.92
C ILE E 27 69.85 -10.64 27.19
N THR E 28 68.69 -10.05 27.45
CA THR E 28 67.44 -10.48 26.84
C THR E 28 67.24 -9.77 25.50
N VAL E 29 66.41 -10.38 24.65
CA VAL E 29 66.07 -9.81 23.36
C VAL E 29 64.61 -9.39 23.30
N SER E 30 63.70 -10.18 23.88
CA SER E 30 62.28 -9.87 23.86
C SER E 30 61.98 -8.42 24.26
N ARG E 31 62.65 -7.94 25.32
CA ARG E 31 62.42 -6.60 25.84
C ARG E 31 63.50 -5.61 25.44
N ASN E 32 64.32 -5.94 24.44
CA ASN E 32 65.44 -5.10 24.04
C ASN E 32 65.34 -4.62 22.60
N TYR E 33 65.56 -3.32 22.40
CA TYR E 33 65.56 -2.75 21.06
C TYR E 33 66.65 -3.41 20.24
N MET E 34 66.25 -4.23 19.27
CA MET E 34 67.20 -4.97 18.45
C MET E 34 67.40 -4.24 17.13
N SER E 35 68.61 -4.31 16.60
CA SER E 35 68.89 -3.59 15.36
C SER E 35 69.91 -4.34 14.53
N TRP E 36 69.53 -4.66 13.30
CA TRP E 36 70.45 -5.31 12.38
C TRP E 36 71.09 -4.25 11.50
N VAL E 37 72.42 -4.25 11.45
CA VAL E 37 73.19 -3.32 10.65
C VAL E 37 73.97 -4.15 9.64
N ARG E 38 74.40 -3.52 8.56
CA ARG E 38 75.21 -4.22 7.58
C ARG E 38 76.27 -3.29 7.01
N GLN E 39 77.28 -3.89 6.38
CA GLN E 39 78.43 -3.16 5.84
C GLN E 39 78.87 -3.78 4.54
N ALA E 40 78.85 -3.00 3.49
CA ALA E 40 79.46 -3.51 2.26
C ALA E 40 80.98 -3.48 2.40
N PRO E 41 81.69 -4.46 1.83
CA PRO E 41 83.15 -4.50 1.96
C PRO E 41 83.86 -3.23 1.54
N GLY E 42 84.49 -2.57 2.51
CA GLY E 42 85.27 -1.36 2.30
C GLY E 42 84.49 -0.07 2.46
N LYS E 43 83.18 -0.13 2.54
CA LYS E 43 82.32 1.04 2.62
C LYS E 43 81.84 1.18 4.07
N GLY E 44 80.96 2.15 4.30
CA GLY E 44 80.42 2.37 5.63
C GLY E 44 79.41 1.36 6.11
N LEU E 45 78.50 1.80 6.98
CA LEU E 45 77.45 0.98 7.55
C LEU E 45 76.10 1.60 7.24
N GLU E 46 75.06 0.79 7.40
CA GLU E 46 73.70 1.26 7.19
C GLU E 46 72.77 0.46 8.09
N TRP E 47 71.92 1.17 8.81
CA TRP E 47 70.90 0.55 9.65
C TRP E 47 69.91 -0.22 8.80
N VAL E 48 69.78 -1.50 9.07
CA VAL E 48 68.92 -2.41 8.30
C VAL E 48 67.57 -2.58 8.95
N SER E 49 67.54 -2.85 10.26
CA SER E 49 66.25 -3.16 10.89
C SER E 49 66.33 -2.92 12.39
N VAL E 50 65.15 -2.91 13.01
CA VAL E 50 64.96 -2.70 14.44
C VAL E 50 63.69 -3.43 14.84
N MET E 51 63.72 -4.01 16.02
CA MET E 51 62.55 -4.59 16.64
C MET E 51 62.43 -3.93 18.00
N PHE E 52 61.21 -3.54 18.38
CA PHE E 52 61.04 -2.86 19.65
C PHE E 52 60.85 -3.88 20.77
N ALA E 53 60.71 -3.38 21.99
CA ALA E 53 60.54 -4.30 23.11
C ALA E 53 59.10 -4.75 23.26
N GLY E 54 58.19 -4.18 22.47
CA GLY E 54 56.80 -4.62 22.45
C GLY E 54 56.52 -5.39 21.19
N GLY E 55 57.45 -5.35 20.25
CA GLY E 55 57.36 -6.11 19.02
C GLY E 55 57.21 -5.27 17.77
N SER E 56 56.76 -4.02 17.88
CA SER E 56 56.58 -3.20 16.68
C SER E 56 57.94 -2.91 16.07
N THR E 57 58.25 -3.57 14.96
CA THR E 57 59.55 -3.46 14.32
C THR E 57 59.51 -2.46 13.17
N PHE E 58 60.69 -2.14 12.65
CA PHE E 58 60.85 -1.23 11.51
C PHE E 58 62.11 -1.58 10.72
N TYR E 59 62.09 -1.20 9.44
CA TYR E 59 63.16 -1.48 8.49
C TYR E 59 63.46 -0.25 7.66
N ALA E 60 64.68 -0.16 7.15
CA ALA E 60 65.05 0.92 6.25
C ALA E 60 64.32 0.78 4.93
N ASP E 61 64.34 1.86 4.15
CA ASP E 61 63.64 1.87 2.86
C ASP E 61 64.38 1.03 1.83
N SER E 62 65.72 1.07 1.85
CA SER E 62 66.48 0.34 0.85
C SER E 62 66.20 -1.15 0.94
N VAL E 63 65.88 -1.65 2.13
CA VAL E 63 65.57 -3.05 2.35
C VAL E 63 64.13 -3.26 2.80
N LYS E 64 63.28 -2.24 2.68
CA LYS E 64 61.90 -2.38 3.12
C LYS E 64 61.18 -3.39 2.23
N GLY E 65 60.35 -4.23 2.85
CA GLY E 65 59.56 -5.22 2.14
C GLY E 65 60.26 -6.52 1.82
N ARG E 66 61.57 -6.63 2.06
CA ARG E 66 62.30 -7.85 1.70
C ARG E 66 62.91 -8.55 2.91
N PHE E 67 63.26 -7.82 3.96
CA PHE E 67 63.93 -8.41 5.11
C PHE E 67 62.96 -8.36 6.27
N THR E 68 63.08 -9.32 7.17
CA THR E 68 62.12 -9.42 8.27
C THR E 68 62.83 -9.86 9.55
N ILE E 69 62.73 -9.03 10.59
CA ILE E 69 63.39 -9.30 11.86
C ILE E 69 62.35 -10.01 12.71
N SER E 70 62.81 -10.96 13.51
CA SER E 70 61.96 -11.71 14.40
C SER E 70 62.84 -12.19 15.53
N ARG E 71 62.23 -12.67 16.59
CA ARG E 71 63.06 -13.04 17.73
C ARG E 71 62.38 -14.16 18.49
N ASP E 72 63.17 -15.20 18.75
CA ASP E 72 62.75 -16.35 19.54
C ASP E 72 62.92 -15.94 20.99
N ASN E 73 61.88 -15.31 21.55
CA ASN E 73 61.97 -14.85 22.92
C ASN E 73 62.21 -16.01 23.88
N SER E 74 61.61 -17.17 23.58
CA SER E 74 61.71 -18.32 24.48
C SER E 74 63.16 -18.67 24.80
N LYS E 75 64.06 -18.51 23.83
CA LYS E 75 65.47 -18.83 24.04
C LYS E 75 66.40 -17.64 23.78
N ASN E 76 65.89 -16.41 23.83
CA ASN E 76 66.74 -15.23 23.87
C ASN E 76 67.61 -15.13 22.63
N THR E 77 66.98 -14.99 21.46
CA THR E 77 67.71 -14.92 20.21
C THR E 77 66.91 -14.11 19.19
N LEU E 78 67.64 -13.63 18.19
CA LEU E 78 67.11 -12.80 17.12
C LEU E 78 67.37 -13.47 15.78
N TYR E 79 66.56 -13.10 14.78
CA TYR E 79 66.66 -13.64 13.44
C TYR E 79 66.29 -12.57 12.43
N LEU E 80 66.83 -12.70 11.22
CA LEU E 80 66.47 -11.81 10.12
C LEU E 80 66.44 -12.65 8.87
N GLN E 81 65.27 -12.80 8.29
CA GLN E 81 65.13 -13.49 7.03
C GLN E 81 65.29 -12.48 5.90
N MET E 82 66.08 -12.85 4.89
CA MET E 82 66.29 -12.04 3.71
C MET E 82 65.82 -12.85 2.51
N ASN E 83 65.36 -12.14 1.49
CA ASN E 83 64.97 -12.77 0.24
C ASN E 83 65.36 -11.86 -0.91
N SER E 84 65.32 -12.41 -2.13
CA SER E 84 65.58 -11.69 -3.36
C SER E 84 66.89 -10.90 -3.26
N LEU E 85 67.95 -11.58 -2.82
CA LEU E 85 69.25 -10.91 -2.74
C LEU E 85 69.74 -10.57 -4.13
N ARG E 86 69.92 -9.28 -4.40
CA ARG E 86 70.42 -8.78 -5.67
C ARG E 86 71.89 -8.37 -5.52
N ALA E 87 72.44 -7.79 -6.59
CA ALA E 87 73.87 -7.50 -6.66
C ALA E 87 74.35 -6.58 -5.55
N GLU E 88 73.47 -5.75 -4.97
CA GLU E 88 73.90 -4.80 -3.95
C GLU E 88 74.17 -5.51 -2.62
N ASP E 89 73.35 -6.49 -2.29
CA ASP E 89 73.26 -7.05 -0.94
C ASP E 89 74.52 -7.75 -0.48
N THR E 90 75.57 -7.80 -1.28
CA THR E 90 76.83 -8.40 -0.83
C THR E 90 77.47 -7.53 0.25
N ALA E 91 77.38 -7.98 1.49
CA ALA E 91 77.84 -7.19 2.63
C ALA E 91 77.98 -8.13 3.83
N VAL E 92 78.61 -7.63 4.88
CA VAL E 92 78.73 -8.34 6.15
C VAL E 92 77.67 -7.80 7.09
N TYR E 93 76.91 -8.70 7.72
CA TYR E 93 75.74 -8.31 8.50
C TYR E 93 76.06 -8.49 9.97
N TYR E 94 75.70 -7.48 10.75
CA TYR E 94 75.97 -7.40 12.16
C TYR E 94 74.65 -7.36 12.92
N CYS E 95 74.66 -7.94 14.11
CA CYS E 95 73.53 -7.95 15.00
C CYS E 95 73.87 -7.01 16.14
N ALA E 96 72.92 -6.18 16.55
CA ALA E 96 73.26 -5.17 17.54
C ALA E 96 72.09 -4.90 18.46
N ARG E 97 72.45 -4.34 19.61
CA ARG E 97 71.54 -3.95 20.67
C ARG E 97 71.78 -2.46 20.80
N ASP E 98 70.77 -1.68 20.48
CA ASP E 98 70.86 -0.23 20.49
C ASP E 98 70.02 0.28 21.65
N LEU E 99 70.61 1.20 22.41
CA LEU E 99 69.99 1.88 23.54
C LEU E 99 69.43 3.24 23.17
N GLY E 100 70.17 4.00 22.36
CA GLY E 100 69.68 5.25 21.81
C GLY E 100 70.23 6.52 22.48
N VAL E 101 69.33 7.43 22.86
CA VAL E 101 69.74 8.72 23.43
C VAL E 101 70.54 8.56 24.70
N VAL E 102 70.25 7.52 25.46
CA VAL E 102 71.01 7.31 26.68
C VAL E 102 72.04 6.22 26.37
N GLY E 103 73.07 6.58 25.59
CA GLY E 103 74.06 5.60 25.20
C GLY E 103 73.75 4.89 23.90
N ALA E 104 74.57 5.13 22.88
CA ALA E 104 74.32 4.54 21.58
C ALA E 104 74.83 3.11 21.56
N THR E 105 74.53 2.41 20.46
CA THR E 105 74.86 1.01 20.25
C THR E 105 76.29 0.70 20.71
N ASP E 106 76.44 -0.38 21.48
CA ASP E 106 77.74 -0.75 22.01
C ASP E 106 78.05 -2.21 21.69
N TYR E 107 77.19 -3.11 22.14
CA TYR E 107 77.41 -4.54 21.93
C TYR E 107 76.99 -4.90 20.53
N TRP E 108 77.91 -5.48 19.78
CA TRP E 108 77.76 -5.78 18.37
C TRP E 108 78.00 -7.27 18.15
N GLY E 109 77.77 -7.71 16.93
CA GLY E 109 77.91 -9.12 16.67
C GLY E 109 79.17 -9.30 15.86
N GLN E 110 79.73 -10.50 15.91
CA GLN E 110 80.94 -10.76 15.13
C GLN E 110 80.74 -10.50 13.64
N GLY E 111 79.49 -10.50 13.18
CA GLY E 111 79.20 -10.29 11.78
C GLY E 111 79.12 -11.60 11.04
N THR E 112 78.66 -11.52 9.79
CA THR E 112 78.49 -12.67 8.92
C THR E 112 78.52 -12.16 7.49
N LEU E 113 79.41 -12.69 6.67
CA LEU E 113 79.49 -12.22 5.30
C LEU E 113 78.34 -12.85 4.52
N VAL E 114 77.73 -12.06 3.64
CA VAL E 114 76.66 -12.51 2.77
C VAL E 114 77.03 -11.97 1.40
N THR E 115 77.54 -12.82 0.53
CA THR E 115 77.80 -12.48 -0.85
C THR E 115 76.91 -13.34 -1.74
N VAL E 116 76.87 -13.02 -3.02
CA VAL E 116 76.03 -13.73 -3.97
C VAL E 116 76.97 -14.49 -4.91
N SER E 117 76.40 -15.41 -5.70
CA SER E 117 77.20 -16.19 -6.64
C SER E 117 78.07 -15.31 -7.54
N SER E 118 77.51 -14.21 -8.03
CA SER E 118 78.25 -13.31 -8.90
C SER E 118 77.66 -11.90 -8.84
N GLU F 1 47.22 -35.60 -32.21
CA GLU F 1 48.42 -36.18 -31.62
C GLU F 1 48.97 -37.30 -32.52
N ARG F 2 49.83 -36.90 -33.44
CA ARG F 2 50.49 -37.82 -34.37
C ARG F 2 51.78 -38.37 -33.77
N VAL F 3 51.90 -39.69 -33.74
CA VAL F 3 53.06 -40.32 -33.12
C VAL F 3 54.10 -40.52 -34.21
N MET F 4 55.31 -40.02 -33.97
CA MET F 4 56.40 -40.13 -34.93
C MET F 4 57.33 -41.26 -34.52
N THR F 5 57.80 -41.99 -35.53
CA THR F 5 58.65 -43.16 -35.33
C THR F 5 59.87 -42.94 -36.22
N GLN F 6 61.04 -42.91 -35.63
CA GLN F 6 62.23 -42.69 -36.43
C GLN F 6 62.85 -44.01 -36.86
N SER F 7 63.69 -43.93 -37.89
CA SER F 7 64.36 -45.08 -38.47
C SER F 7 65.49 -44.59 -39.34
N PRO F 8 66.60 -45.33 -39.44
CA PRO F 8 66.78 -46.47 -38.54
C PRO F 8 67.15 -46.02 -37.13
N ALA F 9 67.39 -47.00 -36.25
CA ALA F 9 67.79 -46.65 -34.89
C ALA F 9 69.23 -46.15 -34.90
N THR F 10 70.10 -46.86 -35.61
CA THR F 10 71.52 -46.55 -35.69
C THR F 10 71.92 -46.52 -37.16
N LEU F 11 73.08 -45.90 -37.43
CA LEU F 11 73.55 -45.77 -38.80
C LEU F 11 75.05 -45.55 -38.78
N SER F 12 75.78 -46.37 -39.54
CA SER F 12 77.23 -46.25 -39.64
C SER F 12 77.62 -46.22 -41.11
N VAL F 13 78.02 -45.05 -41.59
CA VAL F 13 78.38 -44.82 -42.99
C VAL F 13 79.80 -44.29 -43.03
N SER F 14 80.55 -44.67 -44.06
CA SER F 14 81.91 -44.17 -44.21
C SER F 14 81.88 -42.64 -44.25
N PRO F 15 82.95 -41.99 -43.79
CA PRO F 15 82.97 -40.52 -43.79
C PRO F 15 82.85 -39.95 -45.20
N GLY F 16 82.19 -38.80 -45.28
CA GLY F 16 82.15 -38.00 -46.50
C GLY F 16 80.96 -38.28 -47.41
N GLU F 17 80.13 -39.27 -47.09
CA GLU F 17 79.03 -39.65 -47.95
C GLU F 17 77.71 -39.15 -47.35
N ARG F 18 76.60 -39.55 -47.97
CA ARG F 18 75.28 -39.13 -47.52
C ARG F 18 74.69 -40.08 -46.50
N ALA F 19 73.72 -39.57 -45.76
CA ALA F 19 72.97 -40.35 -44.78
C ALA F 19 71.50 -39.97 -44.89
N THR F 20 70.63 -40.96 -44.77
CA THR F 20 69.20 -40.78 -45.00
C THR F 20 68.47 -41.36 -43.81
N LEU F 21 67.65 -40.55 -43.16
CA LEU F 21 66.88 -40.97 -42.00
C LEU F 21 65.40 -40.71 -42.26
N SER F 22 64.57 -41.72 -42.06
CA SER F 22 63.14 -41.59 -42.28
C SER F 22 62.45 -41.55 -40.93
N CYS F 23 61.43 -40.72 -40.80
CA CYS F 23 60.59 -40.72 -39.62
C CYS F 23 59.14 -40.68 -40.08
N ARG F 24 58.34 -41.61 -39.57
CA ARG F 24 57.00 -41.90 -40.06
C ARG F 24 55.99 -41.53 -38.99
N ALA F 25 55.00 -40.74 -39.38
CA ALA F 25 53.91 -40.29 -38.52
C ALA F 25 52.67 -41.17 -38.68
N SER F 26 51.70 -40.93 -37.79
CA SER F 26 50.43 -41.64 -37.81
C SER F 26 49.25 -40.78 -38.21
N GLU F 27 49.39 -39.46 -38.17
CA GLU F 27 48.34 -38.52 -38.56
C GLU F 27 48.90 -37.66 -39.66
N SER F 28 48.38 -36.47 -39.92
CA SER F 28 49.04 -35.66 -40.92
C SER F 28 50.01 -34.73 -40.23
N VAL F 29 51.17 -34.59 -40.85
CA VAL F 29 52.26 -33.75 -40.37
C VAL F 29 52.83 -32.88 -41.48
N SER F 30 52.27 -32.98 -42.69
CA SER F 30 52.72 -32.31 -43.91
C SER F 30 53.73 -31.20 -43.67
N SER F 31 53.43 -30.13 -42.93
CA SER F 31 54.57 -29.25 -42.78
C SER F 31 54.85 -28.89 -41.33
N ASP F 32 54.35 -29.68 -40.38
CA ASP F 32 54.64 -29.36 -38.99
C ASP F 32 55.79 -30.24 -38.53
N LEU F 33 57.00 -29.73 -38.57
CA LEU F 33 58.11 -30.59 -38.17
C LEU F 33 59.30 -29.76 -37.76
N ALA F 34 60.34 -30.46 -37.33
CA ALA F 34 61.66 -29.94 -37.10
C ALA F 34 62.56 -31.13 -36.92
N TRP F 35 63.85 -30.89 -37.03
CA TRP F 35 64.85 -31.93 -36.89
C TRP F 35 65.86 -31.37 -35.93
N TYR F 36 66.16 -32.13 -34.90
CA TYR F 36 67.07 -31.70 -33.86
C TYR F 36 68.27 -32.63 -33.86
N GLN F 37 69.42 -32.03 -33.68
CA GLN F 37 70.65 -32.77 -33.55
C GLN F 37 71.11 -32.55 -32.13
N GLN F 38 70.94 -33.58 -31.33
CA GLN F 38 71.25 -33.58 -29.92
C GLN F 38 72.57 -34.31 -29.85
N LYS F 39 73.65 -33.56 -30.02
CA LYS F 39 74.95 -34.17 -29.88
C LYS F 39 75.00 -34.77 -28.48
N PRO F 40 75.53 -35.98 -28.32
CA PRO F 40 75.35 -36.67 -27.04
C PRO F 40 76.01 -35.92 -25.90
N GLY F 41 75.19 -35.45 -24.96
CA GLY F 41 75.68 -34.79 -23.77
C GLY F 41 74.99 -33.49 -23.40
N GLN F 42 74.09 -32.97 -24.25
CA GLN F 42 73.42 -31.72 -23.94
C GLN F 42 72.09 -31.67 -24.70
N ALA F 43 71.42 -30.53 -24.66
CA ALA F 43 70.11 -30.40 -25.25
C ALA F 43 70.20 -30.48 -26.77
N PRO F 44 69.10 -30.81 -27.44
CA PRO F 44 69.09 -30.87 -28.91
C PRO F 44 69.25 -29.49 -29.53
N ARG F 45 69.46 -29.51 -30.84
CA ARG F 45 69.65 -28.31 -31.65
C ARG F 45 68.80 -28.40 -32.91
N LEU F 46 68.05 -27.35 -33.20
CA LEU F 46 67.18 -27.39 -34.37
C LEU F 46 68.02 -27.24 -35.61
N LEU F 47 67.79 -28.12 -36.59
CA LEU F 47 68.49 -28.10 -37.86
C LEU F 47 67.59 -27.57 -38.96
N ILE F 48 66.44 -28.22 -39.15
CA ILE F 48 65.53 -27.96 -40.27
C ILE F 48 64.13 -28.05 -39.71
N TYR F 49 63.33 -27.01 -39.87
CA TYR F 49 61.99 -27.03 -39.31
C TYR F 49 60.98 -27.14 -40.42
N GLY F 50 59.71 -27.16 -40.04
CA GLY F 50 58.64 -27.33 -41.01
C GLY F 50 58.91 -28.56 -41.85
N ALA F 51 58.94 -28.38 -43.17
CA ALA F 51 59.19 -29.49 -44.07
C ALA F 51 60.68 -29.60 -44.39
N SER F 52 61.29 -28.49 -44.82
CA SER F 52 62.69 -28.57 -45.19
C SER F 52 63.48 -27.28 -44.98
N THR F 53 62.92 -26.27 -44.33
CA THR F 53 63.63 -25.01 -44.16
C THR F 53 64.80 -25.18 -43.19
N ARG F 54 65.99 -24.75 -43.60
CA ARG F 54 67.16 -24.94 -42.76
C ARG F 54 67.26 -23.83 -41.72
N ALA F 55 67.25 -24.20 -40.45
CA ALA F 55 67.39 -23.23 -39.38
C ALA F 55 68.69 -22.44 -39.54
N THR F 56 68.67 -21.20 -39.06
CA THR F 56 69.85 -20.33 -39.17
C THR F 56 71.10 -21.02 -38.65
N GLY F 57 72.22 -20.74 -39.32
CA GLY F 57 73.49 -21.31 -38.91
C GLY F 57 73.71 -22.74 -39.35
N ILE F 58 72.66 -23.55 -39.18
CA ILE F 58 72.63 -24.98 -39.48
C ILE F 58 73.30 -25.29 -40.81
N PRO F 59 74.39 -26.06 -40.79
CA PRO F 59 75.13 -26.38 -42.02
C PRO F 59 74.20 -26.88 -43.12
N ALA F 60 74.45 -26.39 -44.33
CA ALA F 60 73.68 -26.80 -45.50
C ALA F 60 73.66 -28.30 -45.68
N ARG F 61 74.55 -29.02 -44.99
CA ARG F 61 74.62 -30.48 -45.11
C ARG F 61 73.30 -31.17 -44.82
N PHE F 62 72.34 -30.50 -44.20
CA PHE F 62 71.06 -31.13 -43.92
C PHE F 62 70.03 -30.77 -44.98
N SER F 63 69.11 -31.70 -45.22
CA SER F 63 68.03 -31.50 -46.17
C SER F 63 66.82 -32.27 -45.67
N GLY F 64 65.68 -31.59 -45.55
CA GLY F 64 64.46 -32.23 -45.12
C GLY F 64 63.54 -32.43 -46.31
N SER F 65 62.69 -33.45 -46.20
CA SER F 65 61.74 -33.76 -47.25
C SER F 65 60.62 -34.57 -46.62
N GLY F 66 59.57 -34.77 -47.39
CA GLY F 66 58.45 -35.56 -46.94
C GLY F 66 57.24 -34.68 -46.62
N SER F 67 56.12 -35.36 -46.48
CA SER F 67 54.84 -34.70 -46.25
C SER F 67 53.80 -35.76 -45.95
N GLY F 68 52.77 -35.36 -45.21
CA GLY F 68 51.72 -36.28 -44.86
C GLY F 68 52.01 -36.99 -43.56
N THR F 69 52.51 -38.21 -43.69
CA THR F 69 52.90 -39.03 -42.56
C THR F 69 54.35 -39.48 -42.61
N GLU F 70 55.12 -39.05 -43.61
CA GLU F 70 56.46 -39.57 -43.79
C GLU F 70 57.42 -38.44 -44.14
N PHE F 71 58.56 -38.40 -43.46
CA PHE F 71 59.56 -37.38 -43.69
C PHE F 71 60.93 -38.01 -43.63
N THR F 72 61.91 -37.30 -44.18
CA THR F 72 63.26 -37.80 -44.27
C THR F 72 64.23 -36.64 -44.14
N LEU F 73 65.32 -36.88 -43.42
CA LEU F 73 66.42 -35.95 -43.34
C LEU F 73 67.61 -36.59 -44.03
N THR F 74 68.36 -35.80 -44.77
CA THR F 74 69.47 -36.31 -45.55
C THR F 74 70.67 -35.40 -45.39
N ILE F 75 71.83 -36.00 -45.17
CA ILE F 75 73.08 -35.28 -44.99
C ILE F 75 74.01 -35.61 -46.14
N SER F 76 74.62 -34.56 -46.71
CA SER F 76 75.42 -34.69 -47.92
C SER F 76 76.71 -35.47 -47.66
N SER F 77 77.54 -34.99 -46.75
CA SER F 77 78.86 -35.58 -46.54
C SER F 77 79.14 -35.61 -45.04
N LEU F 78 78.96 -36.78 -44.44
CA LEU F 78 79.18 -36.91 -43.01
C LEU F 78 80.64 -36.68 -42.65
N GLN F 79 80.87 -35.72 -41.78
CA GLN F 79 82.16 -35.53 -41.15
C GLN F 79 82.17 -36.24 -39.81
N SER F 80 83.36 -36.30 -39.20
CA SER F 80 83.52 -37.11 -38.00
C SER F 80 82.58 -36.64 -36.89
N GLU F 81 82.23 -35.35 -36.88
CA GLU F 81 81.42 -34.76 -35.83
C GLU F 81 79.92 -34.84 -36.09
N ASP F 82 79.50 -35.38 -37.23
CA ASP F 82 78.06 -35.46 -37.51
C ASP F 82 77.36 -36.45 -36.60
N SER F 83 78.12 -37.27 -35.89
CA SER F 83 77.59 -38.29 -34.99
C SER F 83 76.82 -37.69 -33.81
N ALA F 84 75.54 -38.01 -33.72
CA ALA F 84 74.67 -37.47 -32.66
C ALA F 84 73.35 -38.21 -32.73
N VAL F 85 72.40 -37.80 -31.88
CA VAL F 85 71.06 -38.38 -31.94
C VAL F 85 70.17 -37.31 -32.57
N TYR F 86 69.19 -37.73 -33.33
CA TYR F 86 68.35 -36.79 -34.05
C TYR F 86 66.88 -37.07 -33.80
N TYR F 87 66.09 -36.00 -33.70
CA TYR F 87 64.67 -36.16 -33.42
C TYR F 87 63.86 -35.28 -34.36
N CYS F 88 62.76 -35.81 -34.87
CA CYS F 88 61.87 -35.04 -35.71
C CYS F 88 60.68 -34.69 -34.82
N GLN F 89 60.46 -33.40 -34.63
CA GLN F 89 59.41 -32.90 -33.75
C GLN F 89 58.29 -32.32 -34.56
N GLN F 90 57.09 -32.80 -34.29
CA GLN F 90 55.90 -32.28 -34.95
C GLN F 90 55.20 -31.36 -33.96
N TYR F 91 54.42 -30.47 -34.53
CA TYR F 91 53.75 -29.44 -33.77
C TYR F 91 52.47 -29.10 -34.51
N ASN F 92 51.67 -30.15 -34.72
CA ASN F 92 50.41 -30.05 -35.44
C ASN F 92 49.35 -29.47 -34.54
N ASN F 93 49.67 -29.35 -33.27
CA ASN F 93 48.76 -28.85 -32.25
C ASN F 93 49.33 -27.66 -31.52
N TRP F 94 50.47 -27.08 -32.00
CA TRP F 94 51.26 -25.99 -31.40
C TRP F 94 50.68 -25.53 -30.05
N PRO F 95 49.78 -24.55 -29.92
CA PRO F 95 49.30 -24.20 -28.58
C PRO F 95 48.57 -25.38 -27.98
N PRO F 96 48.78 -25.73 -26.74
CA PRO F 96 50.05 -26.30 -26.27
C PRO F 96 50.32 -27.71 -26.78
N GLY F 97 51.36 -27.90 -27.60
CA GLY F 97 51.60 -29.24 -28.08
C GLY F 97 52.84 -29.51 -28.89
N TYR F 98 53.33 -30.75 -28.74
CA TYR F 98 54.46 -31.38 -29.40
C TYR F 98 54.42 -32.87 -29.18
N THR F 99 55.08 -33.56 -30.09
CA THR F 99 55.25 -35.00 -30.02
C THR F 99 56.59 -35.30 -30.67
N PHE F 100 57.46 -35.91 -29.90
CA PHE F 100 58.84 -36.12 -30.26
C PHE F 100 58.95 -37.47 -30.93
N GLY F 101 60.15 -37.82 -31.37
CA GLY F 101 60.39 -39.12 -31.97
C GLY F 101 61.25 -39.94 -31.02
N GLN F 102 61.72 -41.07 -31.52
CA GLN F 102 62.57 -41.84 -30.66
C GLN F 102 64.04 -41.45 -30.77
N GLY F 103 64.38 -40.61 -31.72
CA GLY F 103 65.76 -40.22 -31.86
C GLY F 103 66.51 -41.26 -32.66
N THR F 104 67.62 -40.82 -33.25
CA THR F 104 68.43 -41.70 -34.07
C THR F 104 69.88 -41.43 -33.75
N LYS F 105 70.63 -42.51 -33.59
CA LYS F 105 72.04 -42.43 -33.25
C LYS F 105 72.81 -42.67 -34.53
N LEU F 106 73.60 -41.68 -34.94
CA LEU F 106 74.36 -41.80 -36.17
C LEU F 106 75.84 -41.77 -35.81
N GLU F 107 76.59 -42.72 -36.36
CA GLU F 107 78.02 -42.85 -36.07
C GLU F 107 78.84 -43.08 -37.33
N ILE F 108 80.13 -43.35 -37.15
CA ILE F 108 81.07 -43.52 -38.26
C ILE F 108 81.94 -44.73 -37.96
N LYS F 109 82.01 -45.66 -38.90
CA LYS F 109 82.91 -46.83 -38.83
C LYS F 109 82.90 -47.55 -37.49
N GLU G 1 74.59 -12.89 -25.04
CA GLU G 1 73.83 -13.38 -26.20
C GLU G 1 72.57 -14.07 -25.70
N VAL G 2 71.60 -14.25 -26.59
CA VAL G 2 70.39 -14.98 -26.26
C VAL G 2 70.71 -16.40 -25.78
N GLN G 3 70.20 -16.74 -24.60
CA GLN G 3 70.57 -17.97 -23.92
C GLN G 3 69.51 -18.25 -22.86
N LEU G 4 69.47 -19.51 -22.44
CA LEU G 4 68.69 -19.95 -21.29
C LEU G 4 69.55 -20.84 -20.39
N VAL G 5 69.73 -20.42 -19.15
CA VAL G 5 70.53 -21.16 -18.17
C VAL G 5 69.57 -21.66 -17.11
N GLU G 6 69.80 -22.86 -16.61
CA GLU G 6 68.80 -23.49 -15.75
C GLU G 6 69.36 -23.79 -14.37
N SER G 7 68.45 -23.97 -13.43
CA SER G 7 68.76 -24.27 -12.04
C SER G 7 67.57 -24.98 -11.42
N GLY G 8 67.77 -25.50 -10.20
CA GLY G 8 66.81 -26.28 -9.49
C GLY G 8 67.08 -27.77 -9.50
N GLY G 9 67.96 -28.25 -10.37
CA GLY G 9 68.25 -29.67 -10.42
C GLY G 9 68.86 -30.16 -9.11
N GLY G 10 68.48 -31.37 -8.71
CA GLY G 10 69.00 -31.95 -7.49
C GLY G 10 68.27 -33.25 -7.19
N LEU G 11 68.11 -33.51 -5.90
CA LEU G 11 67.47 -34.71 -5.38
C LEU G 11 66.48 -34.27 -4.33
N VAL G 12 65.32 -34.93 -4.30
CA VAL G 12 64.26 -34.62 -3.36
C VAL G 12 63.52 -35.92 -3.06
N GLN G 13 62.99 -36.02 -1.85
CA GLN G 13 62.32 -37.25 -1.47
C GLN G 13 60.99 -37.36 -2.22
N PRO G 14 60.54 -38.59 -2.56
CA PRO G 14 59.28 -38.71 -3.30
C PRO G 14 58.16 -37.98 -2.55
N GLY G 15 57.14 -37.52 -3.26
CA GLY G 15 56.11 -36.74 -2.62
C GLY G 15 56.55 -35.35 -2.21
N GLY G 16 57.86 -35.09 -2.19
CA GLY G 16 58.39 -33.80 -1.83
C GLY G 16 58.17 -32.78 -2.92
N SER G 17 58.62 -31.57 -2.64
CA SER G 17 58.51 -30.46 -3.58
C SER G 17 59.88 -30.06 -4.07
N LEU G 18 59.89 -29.17 -5.05
CA LEU G 18 61.11 -28.64 -5.64
C LEU G 18 60.72 -27.43 -6.47
N ARG G 19 61.71 -26.62 -6.83
CA ARG G 19 61.45 -25.47 -7.68
C ARG G 19 62.61 -25.34 -8.63
N LEU G 20 62.30 -25.38 -9.91
CA LEU G 20 63.25 -25.20 -10.99
C LEU G 20 63.17 -23.75 -11.43
N SER G 21 64.31 -23.19 -11.76
CA SER G 21 64.40 -21.79 -12.14
C SER G 21 65.12 -21.74 -13.47
N CYS G 22 64.71 -20.78 -14.29
CA CYS G 22 65.18 -20.70 -15.65
C CYS G 22 65.46 -19.23 -15.94
N ALA G 23 66.70 -18.90 -16.29
CA ALA G 23 67.07 -17.55 -16.60
C ALA G 23 67.35 -17.45 -18.08
N ALA G 24 67.05 -16.29 -18.65
CA ALA G 24 67.15 -16.07 -20.07
C ALA G 24 67.97 -14.80 -20.28
N SER G 25 68.31 -14.53 -21.53
CA SER G 25 69.18 -13.39 -21.77
C SER G 25 69.00 -12.86 -23.18
N GLY G 26 69.07 -11.54 -23.31
CA GLY G 26 68.94 -10.87 -24.58
C GLY G 26 67.56 -11.05 -25.17
N ILE G 27 66.72 -11.77 -24.44
CA ILE G 27 65.34 -12.00 -24.84
C ILE G 27 64.45 -12.02 -23.60
N THR G 28 63.23 -11.56 -23.77
CA THR G 28 62.27 -11.53 -22.70
C THR G 28 61.59 -12.90 -22.72
N VAL G 29 61.00 -13.29 -21.60
CA VAL G 29 60.29 -14.55 -21.53
C VAL G 29 58.79 -14.33 -21.38
N SER G 30 58.39 -13.33 -20.57
CA SER G 30 56.98 -13.06 -20.36
C SER G 30 56.25 -12.96 -21.68
N ARG G 31 56.88 -12.31 -22.66
CA ARG G 31 56.26 -12.09 -23.96
C ARG G 31 56.78 -13.05 -25.01
N ASN G 32 57.45 -14.12 -24.59
CA ASN G 32 58.02 -15.11 -25.48
C ASN G 32 57.38 -16.46 -25.15
N TYR G 33 56.92 -17.17 -26.16
CA TYR G 33 56.34 -18.47 -25.89
C TYR G 33 57.43 -19.34 -25.27
N MET G 34 57.29 -19.60 -23.99
CA MET G 34 58.25 -20.36 -23.20
C MET G 34 57.78 -21.80 -23.05
N SER G 35 58.72 -22.74 -23.01
CA SER G 35 58.31 -24.14 -22.93
C SER G 35 59.32 -24.96 -22.14
N TRP G 36 58.84 -25.63 -21.09
CA TRP G 36 59.69 -26.52 -20.30
C TRP G 36 59.48 -27.93 -20.83
N VAL G 37 60.58 -28.59 -21.17
CA VAL G 37 60.63 -29.95 -21.70
C VAL G 37 61.42 -30.80 -20.72
N ARG G 38 61.22 -32.11 -20.77
CA ARG G 38 62.01 -32.99 -19.92
C ARG G 38 62.35 -34.26 -20.70
N GLN G 39 63.33 -34.98 -20.16
CA GLN G 39 63.89 -36.18 -20.77
C GLN G 39 64.19 -37.17 -19.67
N ALA G 40 63.60 -38.33 -19.73
CA ALA G 40 64.05 -39.32 -18.78
C ALA G 40 65.41 -39.85 -19.21
N PRO G 41 66.29 -40.13 -18.26
CA PRO G 41 67.64 -40.61 -18.59
C PRO G 41 67.61 -41.81 -19.52
N GLY G 42 68.12 -41.61 -20.72
CA GLY G 42 68.21 -42.67 -21.70
C GLY G 42 67.01 -42.74 -22.60
N LYS G 43 65.94 -42.01 -22.27
CA LYS G 43 64.70 -42.07 -23.02
C LYS G 43 64.59 -40.83 -23.92
N GLY G 44 63.46 -40.72 -24.59
CA GLY G 44 63.20 -39.59 -25.47
C GLY G 44 62.91 -38.30 -24.72
N LEU G 45 62.15 -37.41 -25.35
CA LEU G 45 61.78 -36.14 -24.76
C LEU G 45 60.27 -36.06 -24.70
N GLU G 46 59.77 -35.15 -23.88
CA GLU G 46 58.33 -34.96 -23.76
C GLU G 46 58.02 -33.52 -23.37
N TRP G 47 57.08 -32.90 -24.08
CA TRP G 47 56.63 -31.56 -23.73
C TRP G 47 55.94 -31.56 -22.37
N VAL G 48 56.47 -30.76 -21.45
CA VAL G 48 55.97 -30.70 -20.08
C VAL G 48 55.03 -29.52 -19.87
N SER G 49 55.44 -28.33 -20.30
CA SER G 49 54.66 -27.14 -20.02
C SER G 49 55.03 -26.04 -21.00
N VAL G 50 54.19 -25.01 -21.02
CA VAL G 50 54.34 -23.86 -21.90
C VAL G 50 53.68 -22.66 -21.21
N MET G 51 54.29 -21.50 -21.39
CA MET G 51 53.69 -20.25 -20.96
C MET G 51 53.64 -19.37 -22.19
N PHE G 52 52.50 -18.73 -22.38
CA PHE G 52 52.30 -17.89 -23.56
C PHE G 52 52.77 -16.46 -23.30
N ALA G 53 52.66 -15.63 -24.33
CA ALA G 53 53.07 -14.24 -24.21
C ALA G 53 51.99 -13.37 -23.58
N GLY G 54 50.79 -13.91 -23.38
CA GLY G 54 49.74 -13.20 -22.69
C GLY G 54 49.50 -13.72 -21.29
N GLY G 55 50.10 -14.87 -20.98
CA GLY G 55 50.03 -15.45 -19.66
C GLY G 55 49.29 -16.75 -19.58
N SER G 56 48.40 -17.04 -20.52
CA SER G 56 47.63 -18.28 -20.46
C SER G 56 48.57 -19.46 -20.67
N THR G 57 48.86 -20.17 -19.59
CA THR G 57 49.82 -21.25 -19.62
C THR G 57 49.13 -22.61 -19.76
N PHE G 58 49.97 -23.63 -19.97
CA PHE G 58 49.52 -25.00 -20.10
C PHE G 58 50.61 -25.95 -19.62
N TYR G 59 50.21 -27.15 -19.22
CA TYR G 59 51.10 -28.16 -18.66
C TYR G 59 50.73 -29.49 -19.28
N ALA G 60 51.70 -30.42 -19.32
CA ALA G 60 51.37 -31.75 -19.79
C ALA G 60 50.45 -32.44 -18.80
N ASP G 61 49.83 -33.54 -19.24
CA ASP G 61 48.90 -34.22 -18.33
C ASP G 61 49.64 -34.97 -17.24
N SER G 62 50.76 -35.57 -17.58
CA SER G 62 51.51 -36.39 -16.65
C SER G 62 51.92 -35.58 -15.43
N VAL G 63 52.12 -34.27 -15.63
CA VAL G 63 52.48 -33.39 -14.54
C VAL G 63 51.40 -32.35 -14.29
N LYS G 64 50.23 -32.54 -14.91
CA LYS G 64 49.16 -31.58 -14.74
C LYS G 64 48.68 -31.62 -13.30
N GLY G 65 48.41 -30.47 -12.72
CA GLY G 65 47.91 -30.41 -11.37
C GLY G 65 48.97 -30.49 -10.30
N ARG G 66 50.22 -30.76 -10.67
CA ARG G 66 51.30 -30.91 -9.70
C ARG G 66 52.40 -29.88 -9.89
N PHE G 67 52.61 -29.41 -11.12
CA PHE G 67 53.67 -28.47 -11.43
C PHE G 67 52.99 -27.16 -11.80
N THR G 68 53.68 -26.05 -11.56
CA THR G 68 53.09 -24.74 -11.77
C THR G 68 54.17 -23.81 -12.33
N ILE G 69 53.91 -23.28 -13.50
CA ILE G 69 54.85 -22.44 -14.22
C ILE G 69 54.54 -20.99 -13.87
N SER G 70 55.60 -20.20 -13.76
CA SER G 70 55.52 -18.78 -13.46
C SER G 70 56.74 -18.12 -14.06
N ARG G 71 56.75 -16.80 -14.14
CA ARG G 71 57.88 -16.17 -14.80
C ARG G 71 58.11 -14.78 -14.25
N ASP G 72 59.37 -14.50 -13.89
CA ASP G 72 59.76 -13.18 -13.43
C ASP G 72 59.99 -12.36 -14.68
N ASN G 73 58.91 -11.76 -15.17
CA ASN G 73 58.98 -10.97 -16.40
C ASN G 73 59.98 -9.83 -16.27
N SER G 74 60.05 -9.22 -15.08
CA SER G 74 60.89 -8.05 -14.85
C SER G 74 62.34 -8.26 -15.29
N LYS G 75 62.86 -9.47 -15.11
CA LYS G 75 64.24 -9.76 -15.48
C LYS G 75 64.32 -10.90 -16.49
N ASN G 76 63.23 -11.15 -17.22
CA ASN G 76 63.23 -12.02 -18.39
C ASN G 76 63.66 -13.43 -17.98
N THR G 77 62.84 -14.05 -17.14
CA THR G 77 63.12 -15.40 -16.65
C THR G 77 61.82 -16.11 -16.33
N LEU G 78 61.92 -17.43 -16.30
CA LEU G 78 60.84 -18.36 -16.08
C LEU G 78 61.15 -19.24 -14.87
N TYR G 79 60.11 -19.83 -14.30
CA TYR G 79 60.23 -20.69 -13.13
C TYR G 79 59.21 -21.78 -13.28
N LEU G 80 59.48 -22.92 -12.65
CA LEU G 80 58.54 -24.03 -12.63
C LEU G 80 58.65 -24.66 -11.25
N GLN G 81 57.58 -24.57 -10.49
CA GLN G 81 57.52 -25.22 -9.20
C GLN G 81 57.00 -26.61 -9.45
N MET G 82 57.63 -27.58 -8.83
CA MET G 82 57.22 -28.96 -8.95
C MET G 82 56.85 -29.45 -7.55
N ASN G 83 55.92 -30.38 -7.49
CA ASN G 83 55.60 -31.01 -6.22
C ASN G 83 55.27 -32.46 -6.46
N SER G 84 55.24 -33.21 -5.36
CA SER G 84 54.89 -34.62 -5.37
C SER G 84 55.69 -35.34 -6.45
N LEU G 85 56.99 -35.10 -6.46
CA LEU G 85 57.83 -35.77 -7.43
C LEU G 85 57.85 -37.25 -7.10
N ARG G 86 57.37 -38.04 -8.04
CA ARG G 86 57.32 -39.48 -7.94
C ARG G 86 58.43 -40.12 -8.76
N ALA G 87 58.41 -41.45 -8.81
CA ALA G 87 59.51 -42.19 -9.42
C ALA G 87 59.73 -41.81 -10.88
N GLU G 88 58.70 -41.30 -11.55
CA GLU G 88 58.88 -40.99 -12.97
C GLU G 88 59.71 -39.73 -13.16
N ASP G 89 59.47 -38.72 -12.31
CA ASP G 89 59.95 -37.38 -12.60
C ASP G 89 61.45 -37.28 -12.58
N THR G 90 62.17 -38.36 -12.31
CA THR G 90 63.61 -38.32 -12.38
C THR G 90 63.99 -38.17 -13.85
N ALA G 91 64.42 -36.97 -14.23
CA ALA G 91 64.67 -36.66 -15.62
C ALA G 91 65.50 -35.38 -15.67
N VAL G 92 66.03 -35.08 -16.83
CA VAL G 92 66.72 -33.82 -17.05
C VAL G 92 65.75 -32.87 -17.73
N TYR G 93 65.62 -31.67 -17.18
CA TYR G 93 64.61 -30.72 -17.64
C TYR G 93 65.29 -29.61 -18.39
N TYR G 94 64.73 -29.26 -19.53
CA TYR G 94 65.30 -28.25 -20.40
C TYR G 94 64.33 -27.10 -20.55
N CYS G 95 64.89 -25.92 -20.72
CA CYS G 95 64.15 -24.69 -20.92
C CYS G 95 64.28 -24.29 -22.37
N ALA G 96 63.18 -23.86 -22.97
CA ALA G 96 63.23 -23.59 -24.38
C ALA G 96 62.33 -22.42 -24.71
N ARG G 97 62.60 -21.83 -25.86
CA ARG G 97 61.82 -20.73 -26.37
C ARG G 97 61.34 -21.34 -27.68
N ASP G 98 60.04 -21.57 -27.75
CA ASP G 98 59.43 -22.20 -28.89
C ASP G 98 58.62 -21.16 -29.62
N LEU G 99 58.80 -21.11 -30.92
CA LEU G 99 58.04 -20.22 -31.78
C LEU G 99 56.87 -20.91 -32.45
N GLY G 100 57.07 -22.12 -32.90
CA GLY G 100 55.99 -22.92 -33.47
C GLY G 100 56.08 -22.94 -34.99
N VAL G 101 54.96 -22.61 -35.65
CA VAL G 101 54.90 -22.63 -37.10
C VAL G 101 55.92 -21.70 -37.71
N VAL G 102 56.28 -20.63 -37.00
CA VAL G 102 57.29 -19.72 -37.50
C VAL G 102 58.60 -20.06 -36.82
N GLY G 103 59.18 -21.19 -37.21
CA GLY G 103 60.39 -21.65 -36.60
C GLY G 103 60.13 -22.55 -35.40
N ALA G 104 60.49 -23.82 -35.49
CA ALA G 104 60.19 -24.70 -34.39
C ALA G 104 61.24 -24.47 -33.31
N THR G 105 61.05 -25.09 -32.15
CA THR G 105 61.94 -24.89 -31.02
C THR G 105 63.40 -24.89 -31.48
N ASP G 106 64.15 -23.88 -31.03
CA ASP G 106 65.55 -23.74 -31.41
C ASP G 106 66.43 -23.54 -30.20
N TYR G 107 66.16 -22.48 -29.45
CA TYR G 107 66.92 -22.10 -28.27
C TYR G 107 66.48 -22.96 -27.10
N TRP G 108 67.42 -23.64 -26.47
CA TRP G 108 67.12 -24.62 -25.44
C TRP G 108 67.87 -24.22 -24.20
N GLY G 109 67.60 -24.94 -23.11
CA GLY G 109 68.21 -24.57 -21.86
C GLY G 109 69.28 -25.57 -21.50
N GLN G 110 70.22 -25.16 -20.66
CA GLN G 110 71.28 -26.08 -20.25
C GLN G 110 70.73 -27.35 -19.60
N GLY G 111 69.51 -27.33 -19.09
CA GLY G 111 68.95 -28.50 -18.45
C GLY G 111 69.22 -28.49 -16.95
N THR G 112 68.56 -29.43 -16.26
CA THR G 112 68.68 -29.58 -14.81
C THR G 112 68.27 -30.99 -14.47
N LEU G 113 69.15 -31.73 -13.81
CA LEU G 113 68.79 -33.09 -13.45
C LEU G 113 67.85 -32.99 -12.26
N VAL G 114 66.83 -33.85 -12.24
CA VAL G 114 65.87 -33.89 -11.15
C VAL G 114 65.72 -35.36 -10.82
N THR G 115 66.35 -35.81 -9.75
CA THR G 115 66.15 -37.15 -9.25
C THR G 115 65.54 -37.09 -7.86
N VAL G 116 65.12 -38.25 -7.38
CA VAL G 116 64.48 -38.37 -6.09
C VAL G 116 65.41 -39.18 -5.19
N SER G 117 65.10 -39.18 -3.89
CA SER G 117 65.92 -39.94 -2.95
C SER G 117 66.12 -41.37 -3.41
N SER G 118 65.05 -42.00 -3.90
CA SER G 118 65.13 -43.37 -4.37
C SER G 118 64.02 -43.66 -5.38
N GLN H 1 85.35 33.47 22.75
CA GLN H 1 84.68 32.18 22.77
C GLN H 1 83.39 32.31 23.56
N SER H 2 83.50 32.91 24.74
CA SER H 2 82.37 33.08 25.64
C SER H 2 81.99 34.55 25.82
N VAL H 3 82.49 35.44 24.97
CA VAL H 3 82.15 36.86 25.04
C VAL H 3 82.09 37.41 23.62
N LEU H 4 81.05 38.18 23.35
CA LEU H 4 80.80 38.79 22.05
C LEU H 4 81.53 40.12 21.94
N THR H 5 82.05 40.40 20.75
CA THR H 5 82.88 41.58 20.50
C THR H 5 82.25 42.44 19.43
N GLN H 6 82.09 43.73 19.74
CA GLN H 6 81.52 44.73 18.84
C GLN H 6 82.52 45.86 18.65
N SER H 7 82.48 46.50 17.48
CA SER H 7 83.29 47.67 17.29
C SER H 7 82.73 48.83 18.12
N PRO H 8 83.59 49.65 18.74
CA PRO H 8 83.08 50.68 19.65
C PRO H 8 82.43 51.84 18.93
N SER H 9 82.75 52.05 17.66
CA SER H 9 82.35 53.25 16.93
C SER H 9 81.76 52.88 15.59
N ALA H 10 80.75 53.64 15.18
CA ALA H 10 80.12 53.48 13.88
C ALA H 10 80.33 54.70 13.02
N SER H 11 79.98 55.89 13.52
CA SER H 11 80.35 57.17 12.92
C SER H 11 79.83 57.29 11.49
N GLY H 12 78.50 57.36 11.39
CA GLY H 12 77.84 57.63 10.14
C GLY H 12 77.59 59.10 9.88
N THR H 13 76.55 59.35 9.08
CA THR H 13 76.10 60.68 8.65
C THR H 13 74.68 60.53 8.14
N PRO H 14 73.84 61.55 8.27
CA PRO H 14 72.40 61.35 8.07
C PRO H 14 72.07 60.72 6.73
N GLY H 15 71.05 59.87 6.72
CA GLY H 15 70.59 59.19 5.52
C GLY H 15 71.48 58.12 4.92
N GLN H 16 72.41 57.54 5.69
CA GLN H 16 73.29 56.50 5.15
C GLN H 16 73.05 55.19 5.88
N ARG H 17 73.53 54.11 5.28
CA ARG H 17 73.39 52.75 5.82
C ARG H 17 74.74 52.33 6.38
N VAL H 18 74.74 51.76 7.60
CA VAL H 18 75.95 51.30 8.26
C VAL H 18 75.69 49.92 8.85
N THR H 19 76.78 49.21 9.12
CA THR H 19 76.71 47.87 9.71
C THR H 19 77.60 47.85 10.94
N ILE H 20 77.20 47.04 11.91
CA ILE H 20 77.91 46.87 13.18
C ILE H 20 78.12 45.37 13.39
N SER H 21 79.35 44.97 13.61
CA SER H 21 79.69 43.55 13.67
C SER H 21 79.72 43.02 15.10
N CYS H 22 79.64 41.71 15.22
CA CYS H 22 79.68 41.04 16.52
C CYS H 22 80.20 39.62 16.30
N SER H 23 81.39 39.34 16.80
CA SER H 23 82.07 38.07 16.58
C SER H 23 81.99 37.17 17.80
N GLY H 24 81.58 35.92 17.60
CA GLY H 24 81.48 34.96 18.68
C GLY H 24 82.29 33.70 18.42
N SER H 25 81.74 32.54 18.82
CA SER H 25 82.42 31.26 18.67
C SER H 25 81.38 30.18 18.37
N ARG H 26 81.85 28.94 18.19
CA ARG H 26 80.97 27.81 17.88
C ARG H 26 79.92 27.57 18.95
N SER H 27 80.10 28.11 20.16
CA SER H 27 79.31 27.71 21.31
C SER H 27 78.20 28.69 21.65
N ASN H 28 78.34 29.97 21.32
CA ASN H 28 77.34 30.96 21.70
C ASN H 28 76.65 31.50 20.44
N ILE H 29 77.44 32.03 19.51
CA ILE H 29 76.87 32.68 18.34
C ILE H 29 76.58 31.67 17.24
N GLY H 30 77.22 30.50 17.28
CA GLY H 30 77.05 29.50 16.25
C GLY H 30 76.03 28.44 16.56
N SER H 31 75.43 28.45 17.75
CA SER H 31 74.45 27.42 18.10
C SER H 31 73.25 27.96 18.87
N ASN H 32 73.00 29.26 18.86
CA ASN H 32 71.85 29.84 19.55
C ASN H 32 71.37 31.05 18.76
N PHE H 33 70.28 31.65 19.24
CA PHE H 33 69.76 32.87 18.64
C PHE H 33 70.54 34.06 19.18
N VAL H 34 70.68 35.10 18.36
CA VAL H 34 71.44 36.29 18.73
C VAL H 34 70.48 37.47 18.82
N TYR H 35 70.46 38.11 19.98
CA TYR H 35 69.65 39.29 20.22
C TYR H 35 70.48 40.56 20.03
N TRP H 36 69.78 41.68 19.90
CA TRP H 36 70.39 42.99 19.68
C TRP H 36 69.53 44.03 20.39
N PHE H 37 70.11 44.66 21.40
CA PHE H 37 69.50 45.67 22.24
C PHE H 37 70.05 47.07 21.95
N HIS H 38 69.46 48.04 22.65
CA HIS H 38 69.74 49.46 22.50
C HIS H 38 69.54 50.14 23.84
N GLN H 39 70.58 50.84 24.29
CA GLN H 39 70.71 51.33 25.66
C GLN H 39 71.15 52.79 25.68
N LEU H 40 70.38 53.62 26.26
CA LEU H 40 70.78 55.01 26.20
C LEU H 40 71.50 55.34 27.50
N PRO H 41 72.43 56.29 27.52
CA PRO H 41 73.14 56.60 28.77
C PRO H 41 72.16 56.95 29.89
N GLY H 42 72.29 56.22 30.98
CA GLY H 42 71.49 56.40 32.18
C GLY H 42 70.04 55.99 32.06
N THR H 43 69.78 54.82 31.46
CA THR H 43 68.46 54.26 31.23
C THR H 43 68.64 52.81 30.82
N ALA H 44 67.70 51.96 31.24
CA ALA H 44 67.74 50.56 30.86
C ALA H 44 67.69 50.37 29.35
N PRO H 45 68.31 49.30 28.84
CA PRO H 45 68.28 49.02 27.41
C PRO H 45 66.84 48.81 26.94
N LYS H 46 66.63 48.60 25.65
CA LYS H 46 65.30 48.36 25.14
C LYS H 46 65.47 47.45 23.93
N LEU H 47 64.76 46.31 23.95
CA LEU H 47 64.92 45.33 22.91
C LEU H 47 64.73 45.96 21.54
N LEU H 48 65.51 45.48 20.57
CA LEU H 48 65.44 45.92 19.19
C LEU H 48 65.18 44.75 18.26
N ILE H 49 65.87 43.63 18.47
CA ILE H 49 65.70 42.49 17.57
C ILE H 49 66.00 41.22 18.35
N HIS H 50 65.05 40.27 18.38
CA HIS H 50 65.29 38.95 18.93
C HIS H 50 65.26 37.92 17.81
N SER H 51 65.80 36.74 18.10
CA SER H 51 65.75 35.58 17.20
C SER H 51 66.36 35.89 15.84
N ASN H 52 67.26 36.87 15.81
CA ASN H 52 68.10 37.23 14.67
C ASN H 52 67.32 37.93 13.56
N ASP H 53 65.98 37.88 13.59
CA ASP H 53 65.24 38.54 12.52
C ASP H 53 63.88 39.09 12.93
N GLN H 54 63.50 39.08 14.20
CA GLN H 54 62.17 39.52 14.60
C GLN H 54 62.24 40.77 15.46
N ARG H 55 61.26 41.66 15.29
CA ARG H 55 61.28 42.95 15.98
C ARG H 55 60.16 43.04 17.01
N PRO H 56 60.46 43.39 18.26
CA PRO H 56 59.38 43.64 19.23
C PRO H 56 58.58 44.87 18.82
N SER H 57 57.28 44.83 19.14
CA SER H 57 56.39 45.93 18.76
C SER H 57 56.88 47.25 19.37
N GLY H 58 57.23 48.21 18.52
CA GLY H 58 57.68 49.51 18.98
C GLY H 58 59.08 49.91 18.55
N VAL H 59 59.67 49.17 17.64
CA VAL H 59 61.01 49.44 17.11
C VAL H 59 60.88 49.85 15.65
N PRO H 60 61.54 50.92 15.21
CA PRO H 60 61.44 51.31 13.81
C PRO H 60 61.99 50.26 12.86
N ASP H 61 61.63 50.43 11.59
CA ASP H 61 61.97 49.48 10.54
C ASP H 61 63.44 49.48 10.15
N ARG H 62 64.18 50.58 10.38
CA ARG H 62 65.50 50.69 9.76
C ARG H 62 66.52 49.70 10.29
N PHE H 63 66.26 49.09 11.45
CA PHE H 63 67.18 48.12 12.04
C PHE H 63 66.91 46.73 11.50
N SER H 64 67.96 46.08 11.01
CA SER H 64 67.85 44.72 10.51
C SER H 64 68.99 43.94 11.12
N GLY H 65 68.75 42.66 11.35
CA GLY H 65 69.79 41.83 11.93
C GLY H 65 70.19 40.72 10.99
N SER H 66 71.39 40.18 11.20
CA SER H 66 71.85 39.08 10.38
C SER H 66 72.84 38.25 11.18
N ASN H 67 72.69 36.94 11.09
CA ASN H 67 73.64 36.00 11.66
C ASN H 67 74.18 35.16 10.51
N SER H 68 75.48 34.89 10.54
CA SER H 68 76.11 34.14 9.46
C SER H 68 77.27 33.36 10.07
N GLY H 69 77.13 32.04 10.14
CA GLY H 69 78.17 31.22 10.72
C GLY H 69 78.47 31.61 12.15
N THR H 70 79.66 32.15 12.37
CA THR H 70 80.11 32.60 13.68
C THR H 70 80.29 34.12 13.69
N SER H 71 79.39 34.84 13.01
CA SER H 71 79.42 36.29 12.98
C SER H 71 78.01 36.83 12.99
N ALA H 72 77.88 38.09 13.41
CA ALA H 72 76.59 38.75 13.54
C ALA H 72 76.77 40.18 13.08
N SER H 73 75.69 40.75 12.54
CA SER H 73 75.72 42.08 11.95
C SER H 73 74.39 42.77 12.23
N LEU H 74 74.45 44.07 12.47
CA LEU H 74 73.29 44.94 12.62
C LEU H 74 73.39 46.00 11.53
N ALA H 75 72.31 46.17 10.77
CA ALA H 75 72.28 47.11 9.65
C ALA H 75 71.29 48.23 9.99
N ILE H 76 71.82 49.45 10.02
CA ILE H 76 71.06 50.67 10.32
C ILE H 76 70.92 51.52 9.05
N SER H 77 69.67 51.73 8.62
CA SER H 77 69.36 52.59 7.48
C SER H 77 68.81 53.93 7.93
N GLY H 78 68.84 54.90 7.01
CA GLY H 78 68.32 56.23 7.30
C GLY H 78 68.84 56.86 8.57
N LEU H 79 70.15 56.76 8.82
CA LEU H 79 70.76 57.29 10.03
C LEU H 79 70.25 58.69 10.36
N ARG H 80 69.89 58.91 11.63
CA ARG H 80 69.28 60.14 12.08
C ARG H 80 69.97 60.57 13.38
N SER H 81 69.53 61.69 13.95
CA SER H 81 70.17 62.29 15.12
C SER H 81 69.66 61.81 16.47
N GLU H 82 68.53 61.07 16.52
CA GLU H 82 68.01 60.59 17.79
C GLU H 82 68.46 59.17 18.12
N ASP H 83 69.60 58.73 17.59
CA ASP H 83 70.04 57.36 17.76
C ASP H 83 71.42 57.21 18.36
N GLU H 84 72.09 58.30 18.74
CA GLU H 84 73.41 58.16 19.33
C GLU H 84 73.26 57.60 20.73
N ALA H 85 73.51 56.30 20.87
CA ALA H 85 73.39 55.57 22.12
C ALA H 85 74.14 54.25 21.98
N ASP H 86 74.05 53.43 23.02
CA ASP H 86 74.76 52.15 23.07
C ASP H 86 73.97 51.05 22.37
N TYR H 87 74.68 50.16 21.67
CA TYR H 87 74.10 49.03 20.96
C TYR H 87 74.75 47.75 21.45
N TYR H 88 73.95 46.77 21.84
CA TYR H 88 74.46 45.57 22.50
C TYR H 88 74.05 44.29 21.78
N CYS H 89 74.94 43.31 21.86
CA CYS H 89 74.70 41.95 21.42
C CYS H 89 74.16 41.15 22.60
N ALA H 90 73.60 39.97 22.31
CA ALA H 90 73.21 39.09 23.40
C ALA H 90 73.09 37.67 22.90
N ALA H 91 73.61 36.72 23.67
CA ALA H 91 73.52 35.32 23.25
C ALA H 91 73.68 34.37 24.44
N TRP H 92 73.05 33.22 24.32
CA TRP H 92 73.13 32.17 25.33
C TRP H 92 74.30 31.24 25.02
N ASP H 93 75.18 31.05 26.00
CA ASP H 93 76.40 30.28 25.82
C ASP H 93 76.26 28.91 26.47
N ASP H 94 76.19 27.88 25.63
CA ASP H 94 76.04 26.52 26.15
C ASP H 94 77.28 26.09 26.90
N SER H 95 78.46 26.51 26.42
CA SER H 95 79.69 26.09 27.09
C SER H 95 79.81 26.77 28.45
N LEU H 96 79.42 28.03 28.54
CA LEU H 96 79.35 28.71 29.81
C LEU H 96 77.97 28.58 30.44
N SER H 97 76.96 28.25 29.63
CA SER H 97 75.59 28.15 30.07
C SER H 97 75.13 29.45 30.73
N SER H 98 75.26 30.55 29.98
CA SER H 98 74.82 31.83 30.51
C SER H 98 74.71 32.84 29.37
N TRP H 99 74.03 33.96 29.65
CA TRP H 99 73.93 35.02 28.67
C TRP H 99 75.21 35.87 28.64
N VAL H 100 75.64 36.21 27.42
CA VAL H 100 76.81 37.05 27.20
C VAL H 100 76.42 38.21 26.30
N PHE H 101 77.12 39.34 26.49
CA PHE H 101 76.85 40.58 25.79
C PHE H 101 78.13 41.12 25.17
N GLY H 102 77.98 42.15 24.34
CA GLY H 102 79.10 42.81 23.70
C GLY H 102 79.45 44.12 24.40
N GLY H 103 80.39 44.85 23.80
CA GLY H 103 80.79 46.11 24.41
C GLY H 103 79.86 47.29 24.20
N GLY H 104 79.50 47.56 22.94
CA GLY H 104 78.63 48.68 22.63
C GLY H 104 79.22 49.74 21.73
N THR H 105 78.37 50.39 20.93
CA THR H 105 78.81 51.41 19.98
C THR H 105 78.04 52.71 20.17
N LYS H 106 78.73 53.83 19.96
CA LYS H 106 78.18 55.15 20.24
C LYS H 106 77.23 55.59 19.12
N LEU H 107 77.73 55.60 17.88
CA LEU H 107 76.95 55.98 16.70
C LEU H 107 76.43 57.41 16.83
N THR H 108 77.38 58.33 16.79
CA THR H 108 77.12 59.76 16.79
C THR H 108 77.22 60.29 15.36
N VAL H 109 76.12 60.84 14.86
CA VAL H 109 76.13 61.36 13.50
C VAL H 109 76.95 62.65 13.46
N LEU H 110 77.46 62.96 12.27
CA LEU H 110 78.32 64.13 12.09
C LEU H 110 77.58 65.21 11.32
N ILE I 2 52.65 46.85 30.26
CA ILE I 2 53.46 45.95 31.07
C ILE I 2 54.66 46.68 31.66
N THR I 3 54.79 46.61 32.98
CA THR I 3 55.82 47.35 33.70
C THR I 3 56.42 46.48 34.80
N LEU I 4 57.72 46.69 35.05
CA LEU I 4 58.43 46.05 36.14
C LEU I 4 59.22 47.14 36.84
N LYS I 5 59.49 46.95 38.12
CA LYS I 5 60.25 47.97 38.87
C LYS I 5 60.96 47.34 40.05
N GLU I 6 62.23 47.66 40.23
CA GLU I 6 63.01 47.10 41.33
C GLU I 6 63.00 48.08 42.49
N SER I 7 63.30 47.55 43.67
CA SER I 7 63.31 48.35 44.89
C SER I 7 64.06 47.56 45.94
N GLY I 8 64.58 48.27 46.93
CA GLY I 8 65.36 47.64 47.96
C GLY I 8 66.34 48.64 48.53
N LEU I 9 67.38 48.13 49.17
CA LEU I 9 68.43 48.98 49.66
C LEU I 9 69.50 49.21 48.59
N THR I 10 69.80 50.50 48.35
CA THR I 10 70.76 50.89 47.33
C THR I 10 72.17 51.04 47.89
N LEU I 11 72.31 51.12 49.20
CA LEU I 11 73.58 51.33 49.85
C LEU I 11 73.71 50.23 50.89
N VAL I 12 74.83 49.55 50.89
CA VAL I 12 75.06 48.49 51.86
C VAL I 12 76.55 48.36 52.09
N ARG I 13 76.91 48.00 53.31
CA ARG I 13 78.31 47.87 53.63
C ARG I 13 78.85 46.61 52.98
N PRO I 14 80.17 46.45 52.92
CA PRO I 14 80.71 45.19 52.41
C PRO I 14 80.40 44.08 53.39
N THR I 15 80.50 42.84 52.89
CA THR I 15 80.24 41.65 53.69
C THR I 15 78.79 41.61 54.16
N GLN I 16 77.93 42.39 53.53
CA GLN I 16 76.50 42.39 53.81
C GLN I 16 75.75 41.83 52.62
N THR I 17 74.41 41.81 52.73
CA THR I 17 73.58 41.22 51.69
C THR I 17 72.71 42.27 51.03
N LEU I 18 72.52 42.09 49.72
CA LEU I 18 71.64 42.93 48.91
C LEU I 18 70.32 42.19 48.75
N THR I 19 69.23 42.92 48.92
CA THR I 19 67.90 42.39 48.66
C THR I 19 67.22 43.32 47.66
N LEU I 20 66.49 42.74 46.72
CA LEU I 20 65.78 43.51 45.70
C LEU I 20 64.42 42.88 45.46
N THR I 21 63.48 43.72 45.09
CA THR I 21 62.09 43.36 44.92
C THR I 21 61.61 43.95 43.60
N CYS I 22 61.25 43.09 42.67
CA CYS I 22 60.70 43.52 41.39
C CYS I 22 59.18 43.41 41.53
N THR I 23 58.52 44.55 41.55
CA THR I 23 57.07 44.62 41.55
C THR I 23 56.65 44.96 40.14
N PHE I 24 55.73 44.18 39.60
CA PHE I 24 55.33 44.32 38.21
C PHE I 24 53.83 44.48 38.08
N SER I 25 53.41 44.71 36.84
CA SER I 25 52.00 44.92 36.52
C SER I 25 51.85 44.60 35.04
N GLY I 26 50.87 43.76 34.72
CA GLY I 26 50.55 43.42 33.34
C GLY I 26 50.77 41.96 32.98
N PHE I 27 51.30 41.14 33.87
CA PHE I 27 51.52 39.72 33.60
C PHE I 27 51.64 38.99 34.92
N SER I 28 51.46 37.67 34.88
CA SER I 28 51.44 36.85 36.08
C SER I 28 52.42 35.70 35.86
N LEU I 29 53.20 35.37 36.89
CA LEU I 29 54.12 34.24 36.70
C LEU I 29 53.43 32.91 37.00
N ILE I 30 52.26 32.68 36.42
CA ILE I 30 51.67 31.34 36.42
C ILE I 30 51.32 30.84 35.02
N ASN I 31 51.27 31.70 34.01
CA ASN I 31 50.98 31.23 32.67
C ASN I 31 52.22 30.61 32.05
N SER I 32 52.04 29.90 30.94
CA SER I 32 53.17 29.36 30.21
C SER I 32 53.87 30.44 29.39
N GLY I 33 55.18 30.26 29.23
CA GLY I 33 56.04 31.20 28.55
C GLY I 33 56.62 32.15 29.56
N VAL I 34 55.75 32.97 30.17
CA VAL I 34 56.20 34.12 30.96
C VAL I 34 57.30 33.71 31.93
N GLY I 35 58.30 34.56 32.05
CA GLY I 35 59.37 34.38 33.01
C GLY I 35 59.97 35.73 33.30
N VAL I 36 60.75 35.80 34.38
CA VAL I 36 61.32 37.06 34.80
C VAL I 36 62.78 36.84 35.11
N GLY I 37 63.63 37.77 34.69
CA GLY I 37 65.06 37.67 34.88
C GLY I 37 65.64 38.97 35.39
N TRP I 38 66.93 38.92 35.67
CA TRP I 38 67.66 40.06 36.20
C TRP I 38 68.92 40.30 35.38
N ILE I 39 69.21 41.59 35.18
CA ILE I 39 70.35 41.99 34.37
C ILE I 39 71.00 43.19 35.04
N ARG I 40 72.29 43.09 35.30
CA ARG I 40 73.02 44.16 35.93
C ARG I 40 73.97 44.80 34.91
N GLN I 41 74.32 46.04 35.17
CA GLN I 41 75.23 46.77 34.31
C GLN I 41 76.08 47.67 35.20
N PRO I 42 77.39 47.45 35.24
CA PRO I 42 78.28 48.29 36.04
C PRO I 42 78.31 49.72 35.53
N PRO I 43 78.88 50.65 36.28
CA PRO I 43 78.96 52.02 35.77
C PRO I 43 80.03 52.09 34.70
N GLY I 44 79.62 52.18 33.43
CA GLY I 44 80.55 52.26 32.33
C GLY I 44 81.02 50.95 31.76
N LYS I 45 80.29 49.85 31.96
CA LYS I 45 80.68 48.56 31.43
C LYS I 45 79.56 48.02 30.53
N ALA I 46 79.72 46.78 30.08
CA ALA I 46 78.76 46.07 29.25
C ALA I 46 77.74 45.36 30.13
N LEU I 47 76.64 44.91 29.50
CA LEU I 47 75.61 44.27 30.30
C LEU I 47 76.11 42.93 30.82
N GLU I 48 75.41 42.40 31.82
CA GLU I 48 75.79 41.13 32.44
C GLU I 48 74.55 40.43 32.98
N TRP I 49 74.46 39.13 32.75
CA TRP I 49 73.31 38.36 33.15
C TRP I 49 73.56 37.66 34.48
N LEU I 50 72.60 37.78 35.38
CA LEU I 50 72.69 37.24 36.74
C LEU I 50 71.89 35.95 36.87
N ALA I 51 70.58 36.02 36.62
CA ALA I 51 69.69 34.89 36.87
C ALA I 51 68.38 35.12 36.13
N LEU I 52 67.59 34.05 36.09
CA LEU I 52 66.35 33.96 35.34
C LEU I 52 65.46 32.95 36.02
N ILE I 53 64.15 33.18 35.98
CA ILE I 53 63.20 32.26 36.60
C ILE I 53 61.93 32.20 35.77
N TYR I 54 61.75 31.05 35.10
CA TYR I 54 60.62 30.84 34.23
C TYR I 54 59.32 30.72 35.03
N TRP I 55 58.23 30.51 34.31
CA TRP I 55 56.91 30.38 34.91
C TRP I 55 56.71 29.03 35.58
N ASP I 56 57.40 28.00 35.09
CA ASP I 56 57.36 26.66 35.66
C ASP I 56 58.41 26.41 36.72
N ASP I 57 58.94 27.48 37.33
CA ASP I 57 59.96 27.39 38.37
C ASP I 57 61.23 26.68 37.87
N ASP I 58 61.92 27.37 36.97
CA ASP I 58 63.20 26.93 36.44
C ASP I 58 64.17 28.00 36.91
N LYS I 59 64.88 27.74 38.01
CA LYS I 59 65.72 28.77 38.63
C LYS I 59 67.09 28.76 37.95
N ARG I 60 67.17 29.36 36.78
CA ARG I 60 68.47 29.49 36.14
C ARG I 60 69.35 30.55 36.81
N TYR I 61 70.65 30.26 36.92
CA TYR I 61 71.63 31.14 37.55
C TYR I 61 72.79 31.35 36.58
N ASN I 62 73.47 32.45 36.74
CA ASN I 62 74.73 32.65 36.05
C ASN I 62 75.77 31.75 36.72
N PRO I 63 76.34 30.75 36.03
CA PRO I 63 77.25 29.79 36.71
C PRO I 63 78.38 30.43 37.49
N SER I 64 79.13 31.31 36.85
CA SER I 64 80.25 31.99 37.51
C SER I 64 79.75 32.78 38.72
N LEU I 65 78.47 33.15 38.72
CA LEU I 65 77.85 33.88 39.82
C LEU I 65 76.94 33.03 40.69
N ARG I 66 76.86 31.71 40.47
CA ARG I 66 76.16 30.79 41.37
C ARG I 66 76.84 30.71 42.73
N SER I 67 76.17 30.02 43.66
CA SER I 67 76.58 29.86 45.06
C SER I 67 76.53 31.16 45.84
N ARG I 68 75.94 32.20 45.26
CA ARG I 68 75.78 33.49 45.88
C ARG I 68 74.38 34.07 45.73
N LEU I 69 73.60 33.61 44.76
CA LEU I 69 72.35 34.25 44.41
C LEU I 69 71.19 33.34 44.74
N THR I 70 70.09 33.96 45.14
CA THR I 70 68.83 33.25 45.34
C THR I 70 67.72 34.18 44.87
N ILE I 71 66.99 33.72 43.88
CA ILE I 71 65.84 34.40 43.31
C ILE I 71 64.60 33.55 43.58
N SER I 72 63.49 34.21 43.93
CA SER I 72 62.25 33.52 44.27
C SER I 72 61.07 34.40 43.82
N LYS I 73 59.90 33.78 43.66
CA LYS I 73 58.73 34.51 43.23
C LYS I 73 57.63 34.42 44.28
N ALA I 74 56.82 35.47 44.36
CA ALA I 74 55.56 35.48 45.10
C ALA I 74 54.52 35.94 44.07
N THR I 75 53.99 34.99 43.29
CA THR I 75 53.10 35.38 42.20
C THR I 75 51.78 35.95 42.72
N SER I 76 51.30 35.43 43.85
CA SER I 76 50.06 35.90 44.47
C SER I 76 50.12 37.41 44.71
N LYS I 77 51.27 37.91 45.14
CA LYS I 77 51.46 39.32 45.39
C LYS I 77 52.01 40.03 44.16
N ASN I 78 52.19 39.30 43.06
CA ASN I 78 52.75 39.83 41.82
C ASN I 78 54.10 40.49 42.06
N GLN I 79 55.00 39.74 42.71
CA GLN I 79 56.31 40.29 43.00
C GLN I 79 57.38 39.19 42.98
N VAL I 80 58.61 39.61 42.69
CA VAL I 80 59.77 38.74 42.64
C VAL I 80 60.79 39.25 43.64
N VAL I 81 61.51 38.35 44.31
CA VAL I 81 62.51 38.74 45.30
C VAL I 81 63.87 38.17 44.87
N LEU I 82 64.89 39.01 44.89
CA LEU I 82 66.26 38.62 44.62
C LEU I 82 67.09 38.88 45.88
N THR I 83 68.05 38.00 46.13
CA THR I 83 68.92 38.13 47.30
C THR I 83 70.32 37.72 46.88
N MET I 84 71.30 38.53 47.27
CA MET I 84 72.70 38.28 46.93
C MET I 84 73.55 38.54 48.15
N THR I 85 74.27 37.51 48.60
CA THR I 85 75.07 37.61 49.80
C THR I 85 76.49 38.06 49.43
N ASN I 86 77.22 38.51 50.44
CA ASN I 86 78.62 38.87 50.28
C ASN I 86 78.78 39.96 49.23
N MET I 87 78.16 41.11 49.48
CA MET I 87 78.30 42.15 48.48
C MET I 87 79.71 42.74 48.53
N ASP I 88 80.10 43.32 47.41
CA ASP I 88 81.44 43.84 47.26
C ASP I 88 81.43 45.13 46.45
N PRO I 89 82.53 45.90 46.46
CA PRO I 89 82.54 47.16 45.70
C PRO I 89 82.43 46.95 44.20
N VAL I 90 82.70 45.73 43.72
CA VAL I 90 82.56 45.46 42.29
C VAL I 90 81.11 45.32 41.88
N ASP I 91 80.20 45.15 42.83
CA ASP I 91 78.79 44.98 42.51
C ASP I 91 78.06 46.31 42.45
N THR I 92 78.78 47.43 42.57
CA THR I 92 78.15 48.71 42.30
C THR I 92 77.77 48.73 40.83
N ALA I 93 76.47 48.83 40.58
CA ALA I 93 75.94 48.74 39.22
C ALA I 93 74.49 49.19 39.27
N THR I 94 73.84 49.10 38.13
CA THR I 94 72.39 49.27 38.06
C THR I 94 71.80 47.90 37.79
N TYR I 95 70.73 47.55 38.51
CA TYR I 95 70.12 46.24 38.41
C TYR I 95 68.70 46.40 37.88
N TYR I 96 68.45 45.82 36.71
CA TYR I 96 67.13 45.82 36.08
C TYR I 96 66.46 44.46 36.24
N CYS I 97 65.15 44.47 36.45
CA CYS I 97 64.35 43.25 36.35
C CYS I 97 63.56 43.30 35.06
N THR I 98 63.68 42.24 34.26
CA THR I 98 63.20 42.15 32.90
C THR I 98 62.29 40.94 32.70
N HIS I 99 61.57 40.94 31.59
CA HIS I 99 60.46 40.04 31.35
C HIS I 99 60.71 39.28 30.06
N ARG I 100 60.41 37.98 30.08
CA ARG I 100 60.58 37.09 28.92
C ARG I 100 59.25 36.38 28.64
N GLY I 101 58.63 36.70 27.52
CA GLY I 101 57.39 36.05 27.20
C GLY I 101 57.41 35.32 25.87
N PRO I 102 56.25 34.90 25.42
CA PRO I 102 56.17 34.17 24.16
C PRO I 102 56.02 35.14 23.00
N GLY I 103 56.36 34.64 21.82
CA GLY I 103 56.28 35.51 20.66
C GLY I 103 55.27 35.03 19.66
N HIS I 104 55.75 34.88 18.44
CA HIS I 104 54.98 34.35 17.34
C HIS I 104 55.66 33.17 16.67
N ASN I 105 56.94 32.95 16.89
CA ASN I 105 57.55 31.73 16.37
C ASN I 105 58.67 31.25 17.26
N THR I 106 58.91 31.94 18.38
CA THR I 106 59.98 31.72 19.34
C THR I 106 59.66 32.45 20.63
N PRO I 107 60.06 31.90 21.78
CA PRO I 107 59.77 32.58 23.05
C PRO I 107 60.51 33.92 23.04
N ILE I 108 59.89 34.92 23.59
CA ILE I 108 60.58 36.21 23.64
C ILE I 108 61.33 36.29 24.96
N TYR I 109 62.47 36.97 24.90
CA TYR I 109 63.33 37.10 26.04
C TYR I 109 63.74 38.56 26.12
N PHE I 110 63.59 39.16 27.30
CA PHE I 110 64.04 40.52 27.55
C PHE I 110 63.27 41.54 26.74
N GLU I 111 62.01 41.26 26.40
CA GLU I 111 61.23 42.22 25.64
C GLU I 111 61.02 43.52 26.43
N PHE I 112 60.79 43.41 27.73
CA PHE I 112 60.60 44.58 28.58
C PHE I 112 61.64 44.58 29.70
N TRP I 113 62.13 45.77 30.01
CA TRP I 113 63.15 45.96 31.05
C TRP I 113 62.54 46.84 32.13
N GLY I 114 63.16 46.85 33.32
CA GLY I 114 62.76 47.78 34.35
C GLY I 114 63.27 49.17 34.12
N GLN I 115 63.48 49.91 35.22
CA GLN I 115 64.10 51.23 35.14
C GLN I 115 65.32 51.40 36.03
N GLY I 116 65.81 50.33 36.64
CA GLY I 116 67.05 50.38 37.38
C GLY I 116 66.90 50.93 38.79
N ALA I 117 67.93 50.66 39.58
CA ALA I 117 68.06 51.17 40.95
C ALA I 117 69.56 51.23 41.21
N LEU I 118 70.15 52.41 41.06
CA LEU I 118 71.59 52.53 41.23
C LEU I 118 71.97 52.14 42.65
N VAL I 119 72.84 51.14 42.77
CA VAL I 119 73.22 50.58 44.05
C VAL I 119 74.71 50.81 44.24
N THR I 120 75.07 51.52 45.31
CA THR I 120 76.45 51.78 45.67
C THR I 120 76.76 51.01 46.95
N VAL I 121 77.92 50.36 46.97
CA VAL I 121 78.37 49.59 48.14
C VAL I 121 79.65 50.25 48.61
N SER I 122 79.56 51.00 49.70
CA SER I 122 80.69 51.75 50.23
C SER I 122 80.43 52.04 51.70
N SER I 123 81.20 52.97 52.26
CA SER I 123 80.99 53.43 53.62
C SER I 123 81.01 54.95 53.70
N GLN J 1 57.86 -39.93 -60.41
CA GLN J 1 57.77 -39.01 -59.28
C GLN J 1 56.90 -37.81 -59.60
N SER J 2 57.15 -37.20 -60.75
CA SER J 2 56.44 -36.00 -61.19
C SER J 2 55.60 -36.23 -62.43
N VAL J 3 55.36 -37.49 -62.79
CA VAL J 3 54.52 -37.82 -63.95
C VAL J 3 53.77 -39.10 -63.60
N LEU J 4 52.47 -39.10 -63.89
CA LEU J 4 51.63 -40.25 -63.60
C LEU J 4 51.72 -41.22 -64.77
N THR J 5 51.72 -42.50 -64.45
CA THR J 5 51.92 -43.54 -65.45
C THR J 5 50.74 -44.47 -65.48
N GLN J 6 50.18 -44.67 -66.67
CA GLN J 6 49.07 -45.59 -66.84
C GLN J 6 49.48 -46.62 -67.87
N SER J 7 48.94 -47.83 -67.75
CA SER J 7 49.17 -48.82 -68.77
C SER J 7 48.40 -48.43 -70.03
N PRO J 8 48.97 -48.62 -71.21
CA PRO J 8 48.31 -48.12 -72.41
C PRO J 8 47.09 -48.93 -72.82
N SER J 9 46.99 -50.18 -72.39
CA SER J 9 45.96 -51.08 -72.88
C SER J 9 45.31 -51.82 -71.72
N ALA J 10 44.01 -52.03 -71.83
CA ALA J 10 43.26 -52.80 -70.84
C ALA J 10 42.67 -54.07 -71.41
N SER J 11 41.91 -53.95 -72.50
CA SER J 11 41.46 -55.08 -73.32
C SER J 11 40.65 -56.06 -72.48
N GLY J 12 39.49 -55.57 -72.08
CA GLY J 12 38.47 -56.36 -71.41
C GLY J 12 37.50 -56.97 -72.38
N THR J 13 36.28 -57.20 -71.90
CA THR J 13 35.22 -57.80 -72.70
C THR J 13 33.90 -57.53 -71.99
N PRO J 14 32.80 -57.36 -72.73
CA PRO J 14 31.59 -56.80 -72.11
C PRO J 14 31.14 -57.56 -70.86
N GLY J 15 30.61 -56.81 -69.89
CA GLY J 15 30.12 -57.37 -68.65
C GLY J 15 31.18 -57.91 -67.72
N GLN J 16 32.42 -57.49 -67.88
CA GLN J 16 33.53 -57.95 -67.06
C GLN J 16 34.12 -56.79 -66.28
N ARG J 17 34.93 -57.12 -65.27
CA ARG J 17 35.57 -56.13 -64.41
C ARG J 17 37.04 -56.06 -64.77
N VAL J 18 37.54 -54.83 -64.92
CA VAL J 18 38.92 -54.52 -65.29
C VAL J 18 39.43 -53.41 -64.38
N THR J 19 40.75 -53.29 -64.32
CA THR J 19 41.41 -52.29 -63.52
C THR J 19 42.39 -51.50 -64.38
N ILE J 20 42.55 -50.23 -64.04
CA ILE J 20 43.44 -49.30 -64.73
C ILE J 20 44.35 -48.67 -63.69
N SER J 21 45.66 -48.76 -63.92
CA SER J 21 46.63 -48.33 -62.93
C SER J 21 47.15 -46.92 -63.15
N CYS J 22 47.71 -46.36 -62.09
CA CYS J 22 48.31 -45.03 -62.15
C CYS J 22 49.34 -44.96 -61.02
N SER J 23 50.62 -44.89 -61.37
CA SER J 23 51.69 -44.91 -60.38
C SER J 23 52.25 -43.50 -60.18
N GLY J 24 52.35 -43.08 -58.92
CA GLY J 24 52.89 -41.77 -58.60
C GLY J 24 54.05 -41.80 -57.62
N SER J 25 54.10 -40.84 -56.70
CA SER J 25 55.18 -40.72 -55.73
C SER J 25 54.62 -40.20 -54.40
N ARG J 26 55.50 -40.09 -53.41
CA ARG J 26 55.13 -39.63 -52.08
C ARG J 26 54.53 -38.22 -52.08
N SER J 27 54.79 -37.44 -53.12
CA SER J 27 54.53 -36.01 -53.12
C SER J 27 53.27 -35.64 -53.88
N ASN J 28 52.88 -36.42 -54.87
CA ASN J 28 51.73 -36.12 -55.71
C ASN J 28 50.62 -37.12 -55.49
N ILE J 29 50.89 -38.40 -55.69
CA ILE J 29 49.84 -39.41 -55.61
C ILE J 29 49.65 -39.84 -54.16
N GLY J 30 50.64 -39.62 -53.31
CA GLY J 30 50.62 -40.03 -51.93
C GLY J 30 50.16 -38.96 -50.97
N SER J 31 49.89 -37.74 -51.47
CA SER J 31 49.48 -36.66 -50.58
C SER J 31 48.38 -35.80 -51.18
N ASN J 32 47.69 -36.27 -52.21
CA ASN J 32 46.61 -35.51 -52.80
C ASN J 32 45.53 -36.45 -53.32
N PHE J 33 44.46 -35.85 -53.81
CA PHE J 33 43.37 -36.57 -54.45
C PHE J 33 43.76 -36.82 -55.91
N VAL J 34 43.28 -37.93 -56.45
CA VAL J 34 43.59 -38.32 -57.82
C VAL J 34 42.30 -38.29 -58.61
N TYR J 35 42.27 -37.52 -59.69
CA TYR J 35 41.09 -37.47 -60.52
C TYR J 35 41.26 -38.45 -61.67
N TRP J 36 40.13 -38.76 -62.33
CA TRP J 36 40.07 -39.72 -63.42
C TRP J 36 39.00 -39.28 -64.40
N PHE J 37 39.45 -38.94 -65.62
CA PHE J 37 38.64 -38.45 -66.74
C PHE J 37 38.56 -39.53 -67.83
N HIS J 38 37.79 -39.20 -68.87
CA HIS J 38 37.48 -40.10 -69.99
C HIS J 38 37.31 -39.26 -71.25
N GLN J 39 38.08 -39.65 -72.27
CA GLN J 39 38.31 -38.83 -73.46
C GLN J 39 38.10 -39.70 -74.69
N LEU J 40 37.20 -39.28 -75.51
CA LEU J 40 36.67 -39.88 -76.71
C LEU J 40 37.38 -39.25 -77.93
N PRO J 41 37.56 -39.92 -79.08
CA PRO J 41 38.26 -39.25 -80.20
C PRO J 41 37.61 -37.94 -80.63
N GLY J 42 38.40 -36.88 -80.64
CA GLY J 42 37.91 -35.59 -81.08
C GLY J 42 36.92 -34.92 -80.16
N THR J 43 37.21 -34.92 -78.87
CA THR J 43 36.33 -34.34 -77.87
C THR J 43 37.08 -34.22 -76.55
N ALA J 44 36.78 -33.17 -75.80
CA ALA J 44 37.37 -32.98 -74.50
C ALA J 44 37.03 -34.15 -73.59
N PRO J 45 37.90 -34.48 -72.64
CA PRO J 45 37.62 -35.58 -71.70
C PRO J 45 36.37 -35.29 -70.89
N LYS J 46 36.00 -36.23 -70.03
CA LYS J 46 34.83 -36.08 -69.17
C LYS J 46 35.09 -36.82 -67.87
N LEU J 47 34.92 -36.10 -66.77
CA LEU J 47 35.22 -36.63 -65.45
C LEU J 47 34.52 -37.95 -65.20
N LEU J 48 35.21 -38.82 -64.48
CA LEU J 48 34.68 -40.11 -64.09
C LEU J 48 34.68 -40.28 -62.59
N ILE J 49 35.78 -39.92 -61.94
CA ILE J 49 35.91 -40.08 -60.50
C ILE J 49 36.87 -39.01 -60.00
N HIS J 50 36.44 -38.21 -59.04
CA HIS J 50 37.36 -37.28 -58.41
C HIS J 50 37.62 -37.70 -56.96
N SER J 51 38.71 -37.16 -56.40
CA SER J 51 39.05 -37.33 -55.00
C SER J 51 39.20 -38.80 -54.61
N ASN J 52 39.50 -39.65 -55.60
CA ASN J 52 39.87 -41.06 -55.42
C ASN J 52 38.65 -41.90 -55.09
N ASP J 53 37.55 -41.26 -54.69
CA ASP J 53 36.37 -42.01 -54.33
C ASP J 53 35.06 -41.28 -54.62
N GLN J 54 35.05 -40.13 -55.27
CA GLN J 54 33.82 -39.39 -55.46
C GLN J 54 33.48 -39.36 -56.94
N ARG J 55 32.19 -39.44 -57.22
CA ARG J 55 31.67 -39.52 -58.56
C ARG J 55 30.90 -38.26 -58.89
N PRO J 56 31.19 -37.59 -60.01
CA PRO J 56 30.34 -36.46 -60.40
C PRO J 56 28.93 -36.90 -60.73
N SER J 57 27.98 -36.02 -60.42
CA SER J 57 26.57 -36.32 -60.66
C SER J 57 26.31 -36.62 -62.13
N GLY J 58 25.88 -37.83 -62.43
CA GLY J 58 25.59 -38.18 -63.80
C GLY J 58 26.42 -39.32 -64.34
N VAL J 59 27.13 -40.01 -63.46
CA VAL J 59 27.96 -41.15 -63.82
C VAL J 59 27.36 -42.40 -63.21
N PRO J 60 27.23 -43.49 -63.97
CA PRO J 60 26.68 -44.73 -63.41
C PRO J 60 27.58 -45.26 -62.30
N ASP J 61 27.03 -46.22 -61.55
CA ASP J 61 27.72 -46.78 -60.39
C ASP J 61 28.92 -47.62 -60.78
N ARG J 62 28.95 -48.12 -62.01
CA ARG J 62 29.91 -49.15 -62.40
C ARG J 62 31.35 -48.64 -62.36
N PHE J 63 31.55 -47.33 -62.32
CA PHE J 63 32.89 -46.76 -62.25
C PHE J 63 33.28 -46.66 -60.78
N SER J 64 34.43 -47.19 -60.41
CA SER J 64 34.87 -47.07 -59.02
C SER J 64 36.33 -46.63 -59.01
N GLY J 65 36.70 -45.87 -57.99
CA GLY J 65 38.08 -45.40 -57.85
C GLY J 65 38.75 -45.89 -56.58
N SER J 66 40.09 -45.91 -56.57
CA SER J 66 40.83 -46.31 -55.38
C SER J 66 42.21 -45.68 -55.36
N ASN J 67 42.60 -45.17 -54.20
CA ASN J 67 43.96 -44.70 -54.03
C ASN J 67 44.58 -45.49 -52.89
N SER J 68 45.84 -45.88 -53.04
CA SER J 68 46.49 -46.67 -52.00
C SER J 68 47.96 -46.33 -52.00
N GLY J 69 48.39 -45.63 -50.96
CA GLY J 69 49.80 -45.28 -50.90
C GLY J 69 50.30 -44.45 -52.06
N THR J 70 51.16 -45.07 -52.86
CA THR J 70 51.75 -44.46 -54.04
C THR J 70 51.24 -45.16 -55.30
N SER J 71 49.98 -45.56 -55.26
CA SER J 71 49.35 -46.19 -56.41
C SER J 71 47.89 -45.76 -56.50
N ALA J 72 47.33 -45.86 -57.71
CA ALA J 72 45.97 -45.45 -57.97
C ALA J 72 45.35 -46.45 -58.94
N SER J 73 44.05 -46.64 -58.82
CA SER J 73 43.36 -47.64 -59.62
C SER J 73 41.96 -47.16 -59.97
N LEU J 74 41.53 -47.50 -61.17
CA LEU J 74 40.17 -47.29 -61.60
C LEU J 74 39.62 -48.67 -61.91
N ALA J 75 38.47 -48.99 -61.33
CA ALA J 75 37.88 -50.31 -61.51
C ALA J 75 36.59 -50.13 -62.28
N ILE J 76 36.52 -50.76 -63.45
CA ILE J 76 35.34 -50.69 -64.28
C ILE J 76 34.69 -52.05 -64.23
N SER J 77 33.48 -52.10 -63.73
CA SER J 77 32.71 -53.32 -63.67
C SER J 77 31.67 -53.29 -64.78
N GLY J 78 31.10 -54.46 -65.08
CA GLY J 78 30.10 -54.50 -66.12
C GLY J 78 30.52 -53.89 -67.44
N LEU J 79 31.74 -54.21 -67.90
CA LEU J 79 32.30 -53.65 -69.13
C LEU J 79 31.23 -53.64 -70.22
N ARG J 80 31.14 -52.54 -70.95
CA ARG J 80 30.06 -52.36 -71.90
C ARG J 80 30.64 -51.86 -73.22
N SER J 81 29.77 -51.65 -74.20
CA SER J 81 30.26 -51.27 -75.53
C SER J 81 30.41 -49.76 -75.68
N GLU J 82 29.88 -48.97 -74.73
CA GLU J 82 30.00 -47.52 -74.79
C GLU J 82 31.17 -46.98 -73.96
N ASP J 83 32.20 -47.80 -73.70
CA ASP J 83 33.28 -47.36 -72.84
C ASP J 83 34.69 -47.47 -73.43
N GLU J 84 34.85 -47.94 -74.66
CA GLU J 84 36.19 -48.03 -75.23
C GLU J 84 36.69 -46.64 -75.58
N ALA J 85 37.54 -46.08 -74.70
CA ALA J 85 38.07 -44.74 -74.90
C ALA J 85 39.27 -44.55 -73.98
N ASP J 86 39.82 -43.35 -74.00
CA ASP J 86 41.00 -43.05 -73.19
C ASP J 86 40.57 -42.70 -71.78
N TYR J 87 41.39 -43.10 -70.81
CA TYR J 87 41.16 -42.85 -69.40
C TYR J 87 42.36 -42.10 -68.86
N TYR J 88 42.14 -40.97 -68.19
CA TYR J 88 43.25 -40.13 -67.80
C TYR J 88 43.27 -39.92 -66.30
N CYS J 89 44.48 -39.81 -65.77
CA CYS J 89 44.76 -39.45 -64.40
C CYS J 89 44.94 -37.95 -64.25
N ALA J 90 44.88 -37.50 -62.99
CA ALA J 90 45.21 -36.11 -62.70
C ALA J 90 45.53 -36.01 -61.21
N ALA J 91 46.60 -35.28 -60.88
CA ALA J 91 46.97 -35.12 -59.48
C ALA J 91 47.86 -33.89 -59.35
N TRP J 92 47.80 -33.24 -58.20
CA TRP J 92 48.64 -32.08 -57.94
C TRP J 92 49.96 -32.53 -57.29
N ASP J 93 51.07 -32.14 -57.90
CA ASP J 93 52.40 -32.55 -57.43
C ASP J 93 53.01 -31.36 -56.70
N ASP J 94 53.15 -31.51 -55.37
CA ASP J 94 53.69 -30.42 -54.56
C ASP J 94 55.17 -30.18 -54.87
N SER J 95 55.92 -31.24 -55.17
CA SER J 95 57.34 -31.05 -55.45
C SER J 95 57.52 -30.29 -56.74
N LEU J 96 56.67 -30.56 -57.73
CA LEU J 96 56.68 -29.79 -58.96
C LEU J 96 55.73 -28.60 -58.85
N SER J 97 54.80 -28.66 -57.90
CA SER J 97 53.80 -27.62 -57.71
C SER J 97 53.01 -27.39 -58.99
N SER J 98 52.43 -28.47 -59.51
CA SER J 98 51.63 -28.33 -60.73
C SER J 98 50.79 -29.58 -60.90
N TRP J 99 49.80 -29.47 -61.78
CA TRP J 99 48.98 -30.62 -62.10
C TRP J 99 49.73 -31.52 -63.06
N VAL J 100 49.66 -32.82 -62.82
CA VAL J 100 50.28 -33.86 -63.63
C VAL J 100 49.22 -34.86 -64.02
N PHE J 101 49.42 -35.50 -65.17
CA PHE J 101 48.46 -36.43 -65.73
C PHE J 101 49.18 -37.74 -66.04
N GLY J 102 48.38 -38.76 -66.37
CA GLY J 102 48.92 -40.05 -66.72
C GLY J 102 48.94 -40.28 -68.21
N GLY J 103 49.28 -41.50 -68.59
CA GLY J 103 49.34 -41.80 -70.01
C GLY J 103 47.99 -42.04 -70.63
N GLY J 104 47.22 -42.94 -70.03
CA GLY J 104 45.92 -43.28 -70.56
C GLY J 104 45.82 -44.74 -70.93
N THR J 105 44.62 -45.32 -70.83
CA THR J 105 44.44 -46.73 -71.14
C THR J 105 43.34 -46.86 -72.18
N LYS J 106 43.52 -47.84 -73.08
CA LYS J 106 42.60 -47.93 -74.21
C LYS J 106 41.31 -48.61 -73.79
N LEU J 107 41.41 -49.84 -73.27
CA LEU J 107 40.25 -50.60 -72.80
C LEU J 107 39.25 -50.75 -73.95
N THR J 108 39.65 -51.54 -74.93
CA THR J 108 38.74 -51.88 -76.02
C THR J 108 38.14 -53.25 -75.76
N VAL J 109 36.82 -53.29 -75.62
CA VAL J 109 36.10 -54.52 -75.36
C VAL J 109 36.06 -55.38 -76.62
N LEU J 110 35.90 -56.68 -76.43
CA LEU J 110 35.89 -57.61 -77.54
C LEU J 110 34.48 -58.14 -77.77
N ILE K 2 25.17 -25.25 -66.35
CA ILE K 2 26.51 -24.69 -66.49
C ILE K 2 27.14 -25.10 -67.81
N THR K 3 27.57 -24.08 -68.55
CA THR K 3 28.11 -24.19 -69.89
C THR K 3 29.31 -23.26 -70.00
N LEU K 4 30.28 -23.69 -70.79
CA LEU K 4 31.48 -22.91 -71.08
C LEU K 4 31.67 -22.89 -72.58
N LYS K 5 32.33 -21.83 -73.08
CA LYS K 5 32.61 -21.69 -74.49
C LYS K 5 33.83 -20.82 -74.67
N GLU K 6 34.77 -21.27 -75.48
CA GLU K 6 36.01 -20.55 -75.75
C GLU K 6 35.92 -19.78 -77.06
N SER K 7 36.80 -18.80 -77.18
CA SER K 7 36.83 -17.96 -78.37
C SER K 7 38.14 -17.21 -78.40
N GLY K 8 38.54 -16.81 -79.59
CA GLY K 8 39.78 -16.12 -79.80
C GLY K 8 40.26 -16.37 -81.21
N LEU K 9 41.55 -16.14 -81.44
CA LEU K 9 42.16 -16.47 -82.71
C LEU K 9 42.68 -17.91 -82.70
N THR K 10 42.30 -18.69 -83.72
CA THR K 10 42.70 -20.09 -83.79
C THR K 10 43.97 -20.25 -84.60
N LEU K 11 44.34 -19.22 -85.35
CA LEU K 11 45.50 -19.23 -86.24
C LEU K 11 46.31 -18.00 -85.89
N VAL K 12 47.61 -18.18 -85.68
CA VAL K 12 48.48 -17.06 -85.35
C VAL K 12 49.88 -17.42 -85.81
N ARG K 13 50.61 -16.40 -86.22
CA ARG K 13 51.95 -16.61 -86.71
C ARG K 13 52.89 -16.94 -85.55
N PRO K 14 54.08 -17.43 -85.83
CA PRO K 14 55.06 -17.62 -84.74
C PRO K 14 55.52 -16.27 -84.22
N THR K 15 56.09 -16.27 -83.03
CA THR K 15 56.60 -15.08 -82.35
C THR K 15 55.47 -14.07 -82.09
N GLN K 16 54.24 -14.54 -82.17
CA GLN K 16 53.04 -13.76 -81.86
C GLN K 16 52.41 -14.32 -80.60
N THR K 17 51.28 -13.74 -80.21
CA THR K 17 50.64 -14.13 -78.97
C THR K 17 49.27 -14.76 -79.23
N LEU K 18 48.94 -15.78 -78.44
CA LEU K 18 47.65 -16.44 -78.47
C LEU K 18 46.78 -15.85 -77.37
N THR K 19 45.55 -15.52 -77.70
CA THR K 19 44.57 -15.06 -76.73
C THR K 19 43.31 -15.90 -76.81
N LEU K 20 42.75 -16.20 -75.64
CA LEU K 20 41.52 -16.98 -75.57
C LEU K 20 40.64 -16.40 -74.48
N THR K 21 39.34 -16.55 -74.69
CA THR K 21 38.31 -15.98 -73.85
C THR K 21 37.29 -17.07 -73.60
N CYS K 22 37.15 -17.46 -72.35
CA CYS K 22 36.14 -18.45 -71.98
C CYS K 22 34.97 -17.65 -71.44
N THR K 23 33.88 -17.66 -72.18
CA THR K 23 32.62 -17.06 -71.79
C THR K 23 31.74 -18.19 -71.29
N PHE K 24 31.17 -18.01 -70.12
CA PHE K 24 30.43 -19.06 -69.46
C PHE K 24 29.03 -18.60 -69.10
N SER K 25 28.27 -19.55 -68.61
CA SER K 25 26.89 -19.31 -68.22
C SER K 25 26.55 -20.40 -67.23
N GLY K 26 26.01 -20.00 -66.09
CA GLY K 26 25.58 -20.96 -65.07
C GLY K 26 26.33 -20.83 -63.77
N PHE K 27 27.34 -19.97 -63.68
CA PHE K 27 28.05 -19.77 -62.43
C PHE K 27 28.75 -18.43 -62.47
N SER K 28 29.11 -17.93 -61.29
CA SER K 28 29.70 -16.62 -61.15
C SER K 28 30.97 -16.74 -60.33
N LEU K 29 32.02 -16.04 -60.75
CA LEU K 29 33.26 -16.06 -59.99
C LEU K 29 33.18 -15.01 -58.89
N ILE K 30 32.09 -15.03 -58.13
CA ILE K 30 32.01 -14.27 -56.89
C ILE K 30 31.64 -15.14 -55.70
N ASN K 31 31.16 -16.36 -55.91
CA ASN K 31 30.82 -17.26 -54.83
C ASN K 31 32.10 -17.89 -54.28
N SER K 32 32.00 -18.54 -53.13
CA SER K 32 33.14 -19.27 -52.59
C SER K 32 33.33 -20.59 -53.31
N GLY K 33 34.59 -21.02 -53.38
CA GLY K 33 34.86 -22.24 -54.11
C GLY K 33 35.23 -21.92 -55.54
N VAL K 34 34.25 -21.36 -56.27
CA VAL K 34 34.31 -21.26 -57.71
C VAL K 34 35.66 -20.73 -58.18
N GLY K 35 36.16 -21.34 -59.24
CA GLY K 35 37.38 -20.91 -59.91
C GLY K 35 37.33 -21.39 -61.35
N VAL K 36 38.20 -20.82 -62.17
CA VAL K 36 38.23 -21.13 -63.59
C VAL K 36 39.68 -21.38 -64.00
N GLY K 37 39.89 -22.41 -64.82
CA GLY K 37 41.21 -22.75 -65.27
C GLY K 37 41.24 -23.06 -66.76
N TRP K 38 42.46 -23.29 -67.25
CA TRP K 38 42.66 -23.57 -68.65
C TRP K 38 43.53 -24.82 -68.78
N ILE K 39 43.20 -25.66 -69.76
CA ILE K 39 43.92 -26.92 -69.96
C ILE K 39 44.08 -27.17 -71.45
N ARG K 40 45.30 -27.38 -71.89
CA ARG K 40 45.58 -27.65 -73.29
C ARG K 40 46.01 -29.10 -73.49
N GLN K 41 45.80 -29.59 -74.70
CA GLN K 41 46.15 -30.95 -75.09
C GLN K 41 46.61 -30.92 -76.54
N PRO K 42 47.86 -31.26 -76.84
CA PRO K 42 48.30 -31.29 -78.23
C PRO K 42 47.57 -32.36 -79.01
N PRO K 43 47.68 -32.36 -80.35
CA PRO K 43 47.02 -33.40 -81.15
C PRO K 43 47.74 -34.74 -81.06
N GLY K 44 47.14 -35.67 -80.32
CA GLY K 44 47.72 -36.99 -80.15
C GLY K 44 48.68 -37.10 -79.00
N LYS K 45 48.62 -36.19 -78.03
CA LYS K 45 49.49 -36.17 -76.86
C LYS K 45 48.60 -36.22 -75.61
N ALA K 46 49.22 -36.07 -74.44
CA ALA K 46 48.56 -36.07 -73.16
C ALA K 46 48.10 -34.65 -72.80
N LEU K 47 47.26 -34.57 -71.79
CA LEU K 47 46.69 -33.30 -71.37
C LEU K 47 47.77 -32.41 -70.76
N GLU K 48 47.45 -31.12 -70.62
CA GLU K 48 48.40 -30.16 -70.08
C GLU K 48 47.66 -29.02 -69.38
N TRP K 49 48.14 -28.64 -68.20
CA TRP K 49 47.51 -27.61 -67.38
C TRP K 49 48.20 -26.27 -67.60
N LEU K 50 47.40 -25.23 -67.81
CA LEU K 50 47.91 -23.91 -68.12
C LEU K 50 47.88 -22.97 -66.91
N ALA K 51 46.70 -22.73 -66.35
CA ALA K 51 46.56 -21.73 -65.29
C ALA K 51 45.22 -21.93 -64.59
N LEU K 52 45.07 -21.25 -63.44
CA LEU K 52 43.93 -21.41 -62.56
C LEU K 52 43.72 -20.13 -61.76
N ILE K 53 42.46 -19.83 -61.48
CA ILE K 53 42.08 -18.65 -60.72
C ILE K 53 40.86 -18.88 -59.83
N TYR K 54 41.10 -18.91 -58.52
CA TYR K 54 40.05 -19.16 -57.53
C TYR K 54 39.09 -17.97 -57.48
N TRP K 55 38.08 -18.08 -56.59
CA TRP K 55 37.10 -17.02 -56.49
C TRP K 55 37.65 -15.80 -55.78
N ASP K 56 38.62 -15.99 -54.89
CA ASP K 56 39.26 -14.86 -54.23
C ASP K 56 40.48 -14.36 -54.99
N ASP K 57 40.59 -14.70 -56.28
CA ASP K 57 41.69 -14.30 -57.15
C ASP K 57 43.03 -14.82 -56.60
N ASP K 58 43.17 -16.13 -56.68
CA ASP K 58 44.40 -16.81 -56.30
C ASP K 58 44.86 -17.40 -57.64
N LYS K 59 45.79 -16.69 -58.28
CA LYS K 59 46.23 -17.00 -59.65
C LYS K 59 47.33 -18.05 -59.64
N ARG K 60 46.95 -19.31 -59.48
CA ARG K 60 47.92 -20.39 -59.59
C ARG K 60 48.31 -20.60 -61.05
N TYR K 61 49.60 -20.88 -61.29
CA TYR K 61 50.14 -21.11 -62.62
C TYR K 61 50.91 -22.42 -62.68
N ASN K 62 51.02 -22.95 -63.88
CA ASN K 62 51.93 -24.05 -64.11
C ASN K 62 53.36 -23.51 -64.05
N PRO K 63 54.17 -23.93 -63.08
CA PRO K 63 55.51 -23.32 -62.92
C PRO K 63 56.32 -23.34 -64.19
N SER K 64 56.43 -24.53 -64.81
CA SER K 64 57.20 -24.67 -66.04
C SER K 64 56.67 -23.80 -67.15
N LEU K 65 55.39 -23.42 -67.08
CA LEU K 65 54.80 -22.55 -68.08
C LEU K 65 54.60 -21.13 -67.56
N ARG K 66 55.05 -20.83 -66.34
CA ARG K 66 55.06 -19.46 -65.85
C ARG K 66 56.05 -18.61 -66.67
N SER K 67 56.04 -17.29 -66.43
CA SER K 67 56.82 -16.27 -67.12
C SER K 67 56.42 -16.07 -68.58
N ARG K 68 55.31 -16.67 -69.01
CA ARG K 68 54.81 -16.53 -70.38
C ARG K 68 53.32 -16.26 -70.44
N LEU K 69 52.57 -16.56 -69.38
CA LEU K 69 51.12 -16.57 -69.36
C LEU K 69 50.57 -15.45 -68.49
N THR K 70 49.41 -14.94 -68.91
CA THR K 70 48.65 -13.97 -68.14
C THR K 70 47.17 -14.25 -68.27
N ILE K 71 46.51 -14.52 -67.14
CA ILE K 71 45.09 -14.76 -67.06
C ILE K 71 44.45 -13.62 -66.28
N SER K 72 43.29 -13.18 -66.75
CA SER K 72 42.60 -12.04 -66.16
C SER K 72 41.10 -12.25 -66.29
N LYS K 73 40.34 -11.52 -65.49
CA LYS K 73 38.90 -11.66 -65.48
C LYS K 73 38.16 -10.38 -65.87
N ALA K 74 37.01 -10.57 -66.49
CA ALA K 74 36.04 -9.51 -66.73
C ALA K 74 34.75 -10.07 -66.13
N THR K 75 34.59 -9.85 -64.82
CA THR K 75 33.46 -10.48 -64.13
C THR K 75 32.16 -9.88 -64.62
N SER K 76 32.18 -8.58 -64.93
CA SER K 76 31.01 -7.89 -65.45
C SER K 76 30.50 -8.58 -66.69
N LYS K 77 31.42 -9.04 -67.54
CA LYS K 77 31.10 -9.72 -68.78
C LYS K 77 31.05 -11.23 -68.61
N ASN K 78 31.26 -11.74 -67.40
CA ASN K 78 31.28 -13.18 -67.17
C ASN K 78 32.25 -13.87 -68.11
N GLN K 79 33.49 -13.39 -68.12
CA GLN K 79 34.44 -14.02 -69.04
C GLN K 79 35.84 -14.01 -68.46
N VAL K 80 36.63 -14.98 -68.91
CA VAL K 80 38.01 -15.13 -68.47
C VAL K 80 38.89 -15.02 -69.71
N VAL K 81 40.06 -14.41 -69.56
CA VAL K 81 40.99 -14.22 -70.66
C VAL K 81 42.31 -14.89 -70.32
N LEU K 82 42.83 -15.65 -71.28
CA LEU K 82 44.13 -16.28 -71.20
C LEU K 82 44.97 -15.67 -72.30
N THR K 83 46.25 -15.46 -72.02
CA THR K 83 47.17 -14.88 -72.98
C THR K 83 48.53 -15.53 -72.84
N MET K 84 49.13 -15.92 -73.97
CA MET K 84 50.43 -16.56 -74.00
C MET K 84 51.22 -15.94 -75.14
N THR K 85 52.35 -15.32 -74.84
CA THR K 85 53.13 -14.62 -75.85
C THR K 85 54.16 -15.55 -76.47
N ASN K 86 54.72 -15.14 -77.61
CA ASN K 86 55.81 -15.89 -78.24
C ASN K 86 55.32 -17.30 -78.56
N MET K 87 54.31 -17.37 -79.41
CA MET K 87 53.72 -18.66 -79.75
C MET K 87 54.69 -19.43 -80.66
N ASP K 88 54.54 -20.75 -80.68
CA ASP K 88 55.47 -21.58 -81.44
C ASP K 88 54.75 -22.76 -82.09
N PRO K 89 55.37 -23.43 -83.07
CA PRO K 89 54.69 -24.55 -83.73
C PRO K 89 54.44 -25.72 -82.81
N VAL K 90 55.15 -25.81 -81.67
CA VAL K 90 54.89 -26.89 -80.73
C VAL K 90 53.62 -26.63 -79.95
N ASP K 91 53.10 -25.41 -80.01
CA ASP K 91 51.91 -25.03 -79.28
C ASP K 91 50.65 -25.28 -80.07
N THR K 92 50.76 -25.91 -81.23
CA THR K 92 49.56 -26.36 -81.92
C THR K 92 48.90 -27.42 -81.06
N ALA K 93 47.67 -27.15 -80.64
CA ALA K 93 46.99 -28.02 -79.70
C ALA K 93 45.51 -27.64 -79.69
N THR K 94 44.77 -28.31 -78.82
CA THR K 94 43.40 -27.96 -78.51
C THR K 94 43.37 -27.38 -77.10
N TYR K 95 42.64 -26.28 -76.93
CA TYR K 95 42.60 -25.56 -75.66
C TYR K 95 41.19 -25.61 -75.11
N TYR K 96 41.04 -26.19 -73.93
CA TYR K 96 39.78 -26.25 -73.21
C TYR K 96 39.82 -25.26 -72.06
N CYS K 97 38.70 -24.62 -71.78
CA CYS K 97 38.54 -23.85 -70.56
C CYS K 97 37.63 -24.61 -69.61
N THR K 98 38.08 -24.81 -68.39
CA THR K 98 37.38 -25.70 -67.48
C THR K 98 37.06 -24.96 -66.18
N HIS K 99 36.14 -25.54 -65.42
CA HIS K 99 35.51 -24.86 -64.31
C HIS K 99 35.70 -25.74 -63.07
N ARG K 100 36.00 -25.12 -61.93
CA ARG K 100 36.21 -25.83 -60.68
C ARG K 100 35.29 -25.22 -59.62
N GLY K 101 34.30 -25.98 -59.18
CA GLY K 101 33.38 -25.48 -58.19
C GLY K 101 33.36 -26.34 -56.94
N PRO K 102 32.37 -26.11 -56.10
CA PRO K 102 32.28 -26.83 -54.82
C PRO K 102 31.51 -28.14 -55.00
N GLY K 103 31.74 -29.03 -54.06
CA GLY K 103 31.15 -30.36 -54.08
C GLY K 103 30.17 -30.58 -52.96
N HIS K 104 30.37 -31.62 -52.16
CA HIS K 104 29.54 -31.85 -51.00
C HIS K 104 30.36 -31.92 -49.72
N ASN K 105 31.65 -32.13 -49.82
CA ASN K 105 32.53 -32.04 -48.66
C ASN K 105 33.91 -31.54 -49.02
N THR K 106 34.16 -31.20 -50.28
CA THR K 106 35.50 -30.81 -50.71
C THR K 106 35.39 -30.13 -52.04
N PRO K 107 36.25 -29.16 -52.33
CA PRO K 107 36.15 -28.47 -53.61
C PRO K 107 36.38 -29.42 -54.77
N ILE K 108 35.60 -29.22 -55.82
CA ILE K 108 35.67 -29.97 -57.08
C ILE K 108 36.59 -29.22 -58.04
N TYR K 109 37.28 -29.96 -58.90
CA TYR K 109 38.21 -29.34 -59.84
C TYR K 109 37.96 -29.94 -61.22
N PHE K 110 37.78 -29.09 -62.23
CA PHE K 110 37.63 -29.54 -63.63
C PHE K 110 36.37 -30.36 -63.86
N GLU K 111 35.31 -30.09 -63.10
CA GLU K 111 34.04 -30.80 -63.28
C GLU K 111 33.46 -30.55 -64.67
N PHE K 112 33.58 -29.32 -65.17
CA PHE K 112 33.05 -28.94 -66.47
C PHE K 112 34.16 -28.47 -67.40
N TRP K 113 34.05 -28.86 -68.67
CA TRP K 113 35.02 -28.52 -69.69
C TRP K 113 34.32 -27.66 -70.75
N GLY K 114 35.14 -27.00 -71.55
CA GLY K 114 34.66 -26.27 -72.71
C GLY K 114 34.35 -27.17 -73.87
N GLN K 115 34.53 -26.63 -75.08
CA GLN K 115 34.42 -27.39 -76.31
C GLN K 115 35.66 -27.27 -77.18
N GLY K 116 36.74 -26.68 -76.66
CA GLY K 116 38.01 -26.63 -77.35
C GLY K 116 38.09 -25.47 -78.34
N ALA K 117 39.32 -25.16 -78.73
CA ALA K 117 39.58 -24.11 -79.73
C ALA K 117 40.90 -24.50 -80.39
N LEU K 118 40.81 -25.13 -81.55
CA LEU K 118 42.01 -25.62 -82.21
C LEU K 118 42.94 -24.46 -82.52
N VAL K 119 44.16 -24.52 -82.01
CA VAL K 119 45.11 -23.44 -82.16
C VAL K 119 46.29 -23.97 -82.95
N THR K 120 46.54 -23.37 -84.10
CA THR K 120 47.66 -23.70 -84.96
C THR K 120 48.63 -22.52 -84.99
N VAL K 121 49.92 -22.79 -84.85
CA VAL K 121 50.92 -21.74 -84.92
C VAL K 121 51.75 -22.11 -86.14
N SER K 122 51.53 -21.41 -87.24
CA SER K 122 52.18 -21.69 -88.52
C SER K 122 52.08 -20.43 -89.38
N SER K 123 52.35 -20.59 -90.67
CA SER K 123 52.19 -19.50 -91.62
C SER K 123 51.43 -19.97 -92.86
C1 NAG L . 17.87 11.15 -20.60
C2 NAG L . 19.10 10.26 -20.73
C3 NAG L . 19.83 10.18 -19.40
C4 NAG L . 20.16 11.57 -18.88
C5 NAG L . 18.89 12.42 -18.84
C6 NAG L . 19.18 13.86 -18.50
C7 NAG L . 18.54 8.66 -22.50
C8 NAG L . 18.19 7.24 -22.83
N2 NAG L . 18.74 8.93 -21.21
O3 NAG L . 21.03 9.43 -19.55
O4 NAG L . 20.68 11.48 -17.57
O5 NAG L . 18.26 12.43 -20.14
O6 NAG L . 19.51 14.62 -19.67
O7 NAG L . 18.64 9.52 -23.38
C1 NAG M . 29.82 7.30 -31.47
C2 NAG M . 29.15 5.93 -31.45
C3 NAG M . 30.15 4.85 -31.06
C4 NAG M . 31.39 4.92 -31.93
C5 NAG M . 31.97 6.33 -31.91
C6 NAG M . 33.16 6.53 -32.83
C7 NAG M . 26.91 6.63 -30.73
C8 NAG M . 25.86 6.48 -29.68
N2 NAG M . 28.02 5.91 -30.54
O3 NAG M . 29.53 3.58 -31.17
O4 NAG M . 32.37 4.02 -31.44
O5 NAG M . 30.96 7.27 -32.32
O6 NAG M . 32.81 7.30 -33.98
O7 NAG M . 26.76 7.34 -31.71
C1 NAG N . -19.71 11.63 -43.22
C2 NAG N . -20.75 12.34 -42.36
C3 NAG N . -22.04 11.55 -42.34
C4 NAG N . -22.52 11.29 -43.76
C5 NAG N . -21.41 10.62 -44.57
C6 NAG N . -21.76 10.44 -46.02
C7 NAG N . -19.30 13.44 -40.73
C8 NAG N . -18.90 13.53 -39.28
N2 NAG N . -20.25 12.55 -41.01
O3 NAG N . -23.02 12.31 -41.62
O4 NAG N . -23.66 10.43 -43.73
O5 NAG N . -20.23 11.43 -44.53
O6 NAG N . -21.40 11.58 -46.78
O7 NAG N . -18.77 14.13 -41.58
C1 NAG O . -64.59 48.82 19.34
C2 NAG O . -65.03 48.33 20.70
C3 NAG O . -64.79 49.39 21.75
C4 NAG O . -63.35 49.87 21.71
C5 NAG O . -63.01 50.32 20.30
C6 NAG O . -61.56 50.69 20.14
C7 NAG O . -66.99 47.14 19.77
C8 NAG O . -68.45 46.88 19.94
N2 NAG O . -66.44 47.96 20.67
O3 NAG O . -65.08 48.86 23.02
O4 NAG O . -63.17 50.97 22.59
O5 NAG O . -63.25 49.23 19.39
O6 NAG O . -61.09 50.26 18.87
O7 NAG O . -66.34 46.64 18.85
C1 NAG P . -26.41 53.39 -0.34
C2 NAG P . -27.88 53.20 -0.70
C3 NAG P . -28.76 53.50 0.51
C4 NAG P . -28.30 52.65 1.70
C5 NAG P . -26.81 52.85 1.95
C6 NAG P . -26.27 51.93 3.02
C7 NAG P . -29.46 54.00 -2.42
C8 NAG P . -29.65 54.95 -3.57
N2 NAG P . -28.26 54.05 -1.82
O3 NAG P . -30.12 53.20 0.23
O4 NAG P . -29.03 53.04 2.86
O5 NAG P . -26.08 52.55 0.75
O6 NAG P . -27.24 50.94 3.38
O7 NAG P . -30.33 53.22 -2.06
C1 NAG Q . -33.19 31.27 -26.22
C2 NAG Q . -32.36 30.30 -27.06
C3 NAG Q . -33.04 28.95 -27.19
C4 NAG Q . -33.39 28.41 -25.82
C5 NAG Q . -34.24 29.43 -25.06
C6 NAG Q . -34.51 29.00 -23.64
C7 NAG Q . -30.92 30.48 -29.02
C8 NAG Q . -30.71 31.14 -30.36
N2 NAG Q . -32.02 30.86 -28.35
O3 NAG Q . -32.14 28.06 -27.83
O4 NAG Q . -34.14 27.22 -25.96
O5 NAG Q . -33.52 30.66 -24.96
O6 NAG Q . -33.28 28.86 -22.93
O7 NAG Q . -30.13 29.65 -28.57
C1 NAG R . -61.72 49.30 2.74
C2 NAG R . -61.17 48.80 1.41
C3 NAG R . -59.64 48.82 1.42
C4 NAG R . -59.14 50.20 1.79
C5 NAG R . -59.76 50.65 3.10
C6 NAG R . -59.38 52.07 3.46
C7 NAG R . -62.93 47.14 0.92
C8 NAG R . -63.22 45.72 0.60
N2 NAG R . -61.65 47.45 1.11
O3 NAG R . -59.15 48.45 0.14
O4 NAG R . -57.73 50.20 1.92
O5 NAG R . -61.19 50.61 3.00
O6 NAG R . -58.24 52.46 2.70
O7 NAG R . -63.82 47.99 0.99
C1 NAG S . -84.47 48.61 21.31
C2 NAG S . -83.67 49.83 21.67
C3 NAG S . -83.74 50.11 23.15
C4 NAG S . -85.19 50.20 23.60
C5 NAG S . -85.95 48.96 23.15
C6 NAG S . -87.43 49.06 23.40
C7 NAG S . -81.76 50.51 20.32
C8 NAG S . -80.32 50.26 19.99
N2 NAG S . -82.28 49.70 21.24
O3 NAG S . -83.07 51.33 23.43
O4 NAG S . -85.26 50.33 25.01
O5 NAG S . -85.80 48.78 21.73
O6 NAG S . -88.07 49.66 22.29
O7 NAG S . -82.41 51.36 19.76
C1 NAG T . -81.92 47.81 0.17
C2 NAG T . -81.54 48.68 -1.01
C3 NAG T . -82.77 49.26 -1.67
C4 NAG T . -83.76 48.17 -2.01
C5 NAG T . -84.08 47.41 -0.74
C6 NAG T . -85.04 46.27 -0.99
C7 NAG T . -79.33 49.65 -0.76
C8 NAG T . -78.55 50.84 -0.32
N2 NAG T . -80.64 49.74 -0.62
O3 NAG T . -82.37 49.93 -2.87
O4 NAG T . -84.96 48.75 -2.52
O5 NAG T . -82.88 46.85 -0.22
O6 NAG T . -86.17 46.73 -1.72
O7 NAG T . -78.80 48.65 -1.20
C1 NAG U . -11.87 41.48 8.60
C2 NAG U . -13.09 41.35 9.50
C3 NAG U . -13.80 42.70 9.63
C4 NAG U . -12.83 43.77 10.06
C5 NAG U . -11.65 43.81 9.11
C6 NAG U . -10.58 44.78 9.56
C7 NAG U . -14.76 40.38 7.96
C8 NAG U . -15.64 39.20 7.71
N2 NAG U . -14.01 40.31 9.07
O3 NAG U . -14.88 42.58 10.55
O4 NAG U . -13.48 45.05 10.09
O5 NAG U . -11.03 42.52 9.06
O6 NAG U . -10.90 45.36 10.81
O7 NAG U . -14.71 41.34 7.20
C1 NAG V . -65.12 49.87 14.92
C2 NAG V . -65.75 50.15 16.28
C3 NAG V . -65.05 51.31 16.96
C4 NAG V . -63.55 51.05 17.01
C5 NAG V . -63.01 50.73 15.64
C6 NAG V . -61.58 50.27 15.67
C7 NAG V . -68.05 49.69 16.89
C8 NAG V . -69.49 50.03 16.67
N2 NAG V . -67.17 50.38 16.17
O3 NAG V . -65.56 51.46 18.27
O4 NAG V . -62.87 52.15 17.58
O5 NAG V . -63.74 49.63 15.07
O6 NAG V . -61.35 49.42 16.80
O7 NAG V . -67.70 48.84 17.69
C1 NAG W . -62.87 18.55 -27.61
C2 NAG W . -64.27 18.79 -28.16
C3 NAG W . -64.29 18.58 -29.66
C4 NAG W . -63.22 19.42 -30.34
C5 NAG W . -61.88 19.13 -29.70
C6 NAG W . -60.77 20.00 -30.26
C7 NAG W . -66.54 17.99 -27.70
C8 NAG W . -67.37 16.98 -26.98
N2 NAG W . -65.22 17.90 -27.51
O3 NAG W . -65.57 18.95 -30.14
O4 NAG W . -63.14 19.12 -31.72
O5 NAG W . -61.95 19.38 -28.29
O6 NAG W . -60.98 20.23 -31.65
O7 NAG W . -67.04 18.84 -28.40
C1 NAG X . 16.40 -4.83 37.80
C2 NAG X . 17.38 -5.74 37.08
C3 NAG X . 17.54 -7.06 37.84
C4 NAG X . 17.92 -6.78 39.29
C5 NAG X . 16.92 -5.82 39.93
C6 NAG X . 17.29 -5.42 41.34
C7 NAG X . 17.48 -5.36 34.65
C8 NAG X . 16.93 -5.77 33.31
N2 NAG X . 16.97 -6.00 35.71
O3 NAG X . 18.55 -7.84 37.22
O4 NAG X . 17.93 -7.99 40.02
O5 NAG X . 16.84 -4.62 39.15
O6 NAG X . 18.52 -6.03 41.74
O7 NAG X . 18.33 -4.49 34.76
C1 NAG Y . 32.34 -1.73 42.92
C2 NAG Y . 31.84 -1.58 41.49
C3 NAG Y . 32.85 -0.82 40.64
C4 NAG Y . 33.21 0.51 41.30
C5 NAG Y . 33.66 0.27 42.75
C6 NAG Y . 33.89 1.56 43.51
C7 NAG Y . 30.60 -3.00 39.93
C8 NAG Y . 30.38 -4.40 39.44
N2 NAG Y . 31.51 -2.87 40.89
O3 NAG Y . 32.33 -0.58 39.34
O4 NAG Y . 34.25 1.16 40.58
O5 NAG Y . 32.63 -0.44 43.46
O6 NAG Y . 32.83 2.49 43.32
O7 NAG Y . 30.00 -2.04 39.46
C1 NAG Z . -9.77 34.23 36.31
C2 NAG Z . -8.82 33.19 36.85
C3 NAG Z . -7.96 33.77 37.97
C4 NAG Z . -7.28 35.04 37.50
C5 NAG Z . -8.30 36.00 36.94
C6 NAG Z . -7.68 37.25 36.36
C7 NAG Z . -8.92 30.88 37.67
C8 NAG Z . -9.82 29.77 38.12
N2 NAG Z . -9.53 32.01 37.32
O3 NAG Z . -6.96 32.82 38.34
O4 NAG Z . -6.60 35.65 38.60
O5 NAG Z . -9.04 35.37 35.89
O6 NAG Z . -7.80 38.35 37.26
O7 NAG Z . -7.71 30.76 37.64
C1 NAG AA . -44.96 -8.95 50.97
C2 NAG AA . -46.23 -8.19 51.34
C3 NAG AA . -47.44 -8.84 50.69
C4 NAG AA . -47.23 -8.96 49.19
C5 NAG AA . -45.91 -9.66 48.89
C6 NAG AA . -45.58 -9.69 47.41
C7 NAG AA . -47.17 -7.13 53.33
C8 NAG AA . -47.25 -7.13 54.82
N2 NAG AA . -46.41 -8.08 52.78
O3 NAG AA . -48.60 -8.06 50.94
O4 NAG AA . -48.29 -9.70 48.60
O5 NAG AA . -44.83 -8.98 49.54
O6 NAG AA . -46.17 -8.58 46.75
O7 NAG AA . -47.78 -6.30 52.65
C1 NAG BA . -5.54 -43.19 29.04
C2 NAG BA . -5.40 -44.66 29.45
C3 NAG BA . -6.64 -45.11 30.20
C4 NAG BA . -6.95 -44.19 31.36
C5 NAG BA . -7.02 -42.74 30.86
C6 NAG BA . -7.27 -41.72 31.95
C7 NAG BA . -4.98 -46.77 28.27
C8 NAG BA . -4.83 -47.43 26.93
N2 NAG BA . -5.21 -45.46 28.25
O3 NAG BA . -6.42 -46.43 30.70
O4 NAG BA . -8.20 -44.53 31.94
O5 NAG BA . -5.80 -42.39 30.19
O6 NAG BA . -8.43 -40.97 31.64
O7 NAG BA . -4.88 -47.39 29.32
C1 NAG CA . -31.31 20.54 43.43
C2 NAG CA . -30.21 21.12 42.51
C3 NAG CA . -30.37 22.63 42.38
C4 NAG CA . -31.77 22.99 41.94
C5 NAG CA . -32.77 22.39 42.91
C6 NAG CA . -34.22 22.63 42.50
C7 NAG CA . -27.87 20.50 42.17
C8 NAG CA . -26.57 20.16 42.83
N2 NAG CA . -28.89 20.78 42.99
O3 NAG CA . -29.43 23.10 41.42
O4 NAG CA . -31.92 24.40 41.93
O5 NAG CA . -32.60 20.96 42.96
O6 NAG CA . -34.32 23.03 41.14
O7 NAG CA . -27.99 20.51 40.95
C1 NAG DA . -74.36 7.63 38.77
C2 NAG DA . -73.14 8.30 39.38
C3 NAG DA . -72.15 7.26 39.87
C4 NAG DA . -72.85 6.30 40.82
C5 NAG DA . -74.08 5.72 40.16
C6 NAG DA . -74.90 4.89 41.11
C7 NAG DA . -72.59 10.54 38.60
C8 NAG DA . -71.88 11.37 37.59
N2 NAG DA . -72.51 9.22 38.45
O3 NAG DA . -71.09 7.92 40.53
O4 NAG DA . -71.96 5.24 41.16
O5 NAG DA . -74.94 6.78 39.71
O6 NAG DA . -75.71 5.74 41.92
O7 NAG DA . -73.23 11.05 39.52
C1 NAG EA . -99.41 3.82 26.42
C2 NAG EA . -99.48 2.58 27.31
C3 NAG EA . -100.37 1.54 26.67
C4 NAG EA . -101.74 2.14 26.37
C5 NAG EA . -101.58 3.40 25.53
C6 NAG EA . -102.88 4.11 25.30
C7 NAG EA . -97.24 2.65 28.27
C8 NAG EA . -95.93 1.95 28.42
N2 NAG EA . -98.16 2.03 27.53
O3 NAG EA . -100.52 0.43 27.57
O4 NAG EA . -102.55 1.19 25.66
O5 NAG EA . -100.70 4.32 26.21
O6 NAG EA . -103.97 3.22 25.47
O7 NAG EA . -97.47 3.73 28.81
C1 NAG FA . -89.53 20.45 35.97
C2 NAG FA . -88.61 20.54 37.18
C3 NAG FA . -89.32 21.22 38.34
C4 NAG FA . -89.91 22.55 37.92
C5 NAG FA . -90.82 22.31 36.74
C6 NAG FA . -91.45 23.59 36.23
C7 NAG FA . -87.25 19.02 38.53
C8 NAG FA . -86.93 17.60 38.85
N2 NAG FA . -88.16 19.22 37.58
O3 NAG FA . -88.39 21.43 39.40
O4 NAG FA . -90.64 23.14 38.98
O5 NAG FA . -90.07 21.73 35.67
O6 NAG FA . -91.94 24.37 37.32
O7 NAG FA . -86.69 19.94 39.10
C1 NAG GA . -30.65 -20.32 38.81
C2 NAG GA . -31.77 -20.73 37.86
C3 NAG GA . -32.64 -21.81 38.50
C4 NAG GA . -31.79 -22.97 38.99
C5 NAG GA . -30.71 -22.44 39.91
C6 NAG GA . -29.75 -23.53 40.33
C7 NAG GA . -33.40 -18.93 38.28
C8 NAG GA . -34.16 -17.80 37.68
N2 NAG GA . -32.58 -19.60 37.46
O3 NAG GA . -33.59 -22.26 37.54
O4 NAG GA . -32.60 -23.90 39.69
O5 NAG GA . -29.92 -21.46 39.23
O6 NAG GA . -28.88 -23.87 39.25
O7 NAG GA . -33.50 -19.22 39.47
C1 NAG HA . -80.83 -1.72 34.34
C2 NAG HA . -82.04 -1.96 33.46
C3 NAG HA . -82.56 -3.38 33.67
C4 NAG HA . -81.44 -4.38 33.48
C5 NAG HA . -80.24 -4.03 34.35
C6 NAG HA . -79.05 -4.90 34.03
C7 NAG HA . -84.01 -0.71 32.77
C8 NAG HA . -85.00 0.34 33.15
N2 NAG HA . -83.08 -0.99 33.68
O3 NAG HA . -83.56 -3.63 32.69
O4 NAG HA . -81.88 -5.69 33.80
O5 NAG HA . -79.83 -2.69 34.07
O6 NAG HA . -78.87 -4.98 32.62
O7 NAG HA . -84.05 -1.29 31.70
C1 NAG IA . -51.00 41.49 28.69
C2 NAG IA . -51.95 42.67 28.69
C3 NAG IA . -51.19 43.95 29.01
C4 NAG IA . -50.42 43.80 30.31
C5 NAG IA . -49.54 42.57 30.24
C6 NAG IA . -48.79 42.31 31.53
C7 NAG IA . -53.68 43.61 27.26
C8 NAG IA . -54.27 43.65 25.89
N2 NAG IA . -52.63 42.81 27.42
O3 NAG IA . -52.14 45.00 29.13
O4 NAG IA . -49.58 44.93 30.54
O5 NAG IA . -50.34 41.42 29.95
O6 NAG IA . -48.19 43.49 32.02
O7 NAG IA . -54.12 44.27 28.17
C1 NAG JA . -81.10 -4.54 30.21
C2 NAG JA . -82.47 -4.84 29.67
C3 NAG JA . -83.16 -5.88 30.53
C4 NAG JA . -82.30 -7.12 30.67
C5 NAG JA . -80.93 -6.70 31.19
C6 NAG JA . -79.95 -7.83 31.30
C7 NAG JA . -84.42 -3.53 28.94
C8 NAG JA . -85.08 -2.18 28.96
N2 NAG JA . -83.25 -3.62 29.59
O3 NAG JA . -84.39 -6.24 29.91
O4 NAG JA . -82.87 -8.03 31.60
O5 NAG JA . -80.36 -5.72 30.32
O6 NAG JA . -78.87 -7.43 32.14
O7 NAG JA . -84.92 -4.49 28.38
C1 NAG KA . -79.21 13.52 -24.25
C2 NAG KA . -79.15 15.00 -24.51
C3 NAG KA . -79.46 15.28 -25.98
C4 NAG KA . -78.53 14.48 -26.88
C5 NAG KA . -78.62 13.01 -26.51
C6 NAG KA . -77.65 12.16 -27.27
C7 NAG KA . -80.53 15.40 -22.47
C8 NAG KA . -81.45 16.39 -21.83
N2 NAG KA . -80.07 15.75 -23.68
O3 NAG KA . -79.29 16.67 -26.23
O4 NAG KA . -78.89 14.66 -28.25
O5 NAG KA . -78.33 12.84 -25.12
O6 NAG KA . -76.67 11.61 -26.40
O7 NAG KA . -80.22 14.34 -21.90
C1 NAG LA . -52.86 -18.81 -29.84
C2 NAG LA . -54.09 -19.57 -29.36
C3 NAG LA . -55.34 -19.06 -30.07
C4 NAG LA . -55.47 -17.56 -29.91
C5 NAG LA . -54.18 -16.88 -30.37
C6 NAG LA . -54.18 -15.39 -30.14
C7 NAG LA . -54.51 -21.92 -28.76
C8 NAG LA . -54.25 -23.35 -29.10
N2 NAG LA . -53.93 -21.01 -29.55
O3 NAG LA . -56.49 -19.69 -29.52
O4 NAG LA . -56.55 -17.08 -30.69
O5 NAG LA . -53.06 -17.41 -29.64
O6 NAG LA . -53.66 -14.72 -31.28
O7 NAG LA . -55.24 -21.60 -27.83
C1 NAG MA . -51.79 -31.49 3.52
C2 NAG MA . -50.27 -31.64 3.39
C3 NAG MA . -49.55 -30.95 4.53
C4 NAG MA . -50.02 -29.51 4.67
C5 NAG MA . -51.53 -29.47 4.80
C6 NAG MA . -52.06 -28.06 4.82
C7 NAG MA . -48.65 -33.41 2.89
C8 NAG MA . -48.39 -34.87 2.83
N2 NAG MA . -49.87 -33.03 3.28
O3 NAG MA . -48.15 -30.96 4.30
O4 NAG MA . -49.43 -28.90 5.80
O5 NAG MA . -52.13 -30.11 3.66
O6 NAG MA . -51.03 -27.13 4.49
O7 NAG MA . -47.77 -32.58 2.61
C1 NAG NA . -81.06 -0.90 -15.90
C2 NAG NA . -80.90 -2.00 -14.86
C3 NAG NA . -79.73 -2.89 -15.22
C4 NAG NA . -79.87 -3.42 -16.63
C5 NAG NA . -80.06 -2.27 -17.59
C6 NAG NA . -80.31 -2.75 -19.00
C7 NAG NA . -81.01 -2.16 -12.43
C8 NAG NA . -80.75 -1.47 -11.14
N2 NAG NA . -80.73 -1.45 -13.53
O3 NAG NA . -79.68 -3.98 -14.30
O4 NAG NA . -78.70 -4.15 -17.01
O5 NAG NA . -81.20 -1.48 -17.19
O6 NAG NA . -79.65 -3.98 -19.24
O7 NAG NA . -81.45 -3.30 -12.49
C1 NAG OA . -95.85 23.39 -17.33
C2 NAG OA . -96.02 22.98 -18.78
C3 NAG OA . -95.98 24.20 -19.68
C4 NAG OA . -97.01 25.21 -19.23
C5 NAG OA . -96.81 25.53 -17.75
C6 NAG OA . -97.90 26.41 -17.19
C7 NAG OA . -94.97 20.77 -18.68
C8 NAG OA . -93.88 19.90 -19.18
N2 NAG OA . -95.01 22.01 -19.17
O3 NAG OA . -96.24 23.81 -21.03
O4 NAG OA . -96.88 26.40 -20.00
O5 NAG OA . -96.85 24.32 -17.00
O6 NAG OA . -98.76 25.65 -16.34
O7 NAG OA . -95.79 20.39 -17.86
C1 NAG PA . -97.78 5.27 -5.53
C2 NAG PA . -97.63 3.89 -6.14
C3 NAG PA . -99.00 3.26 -6.37
C4 NAG PA . -99.83 3.28 -5.10
C5 NAG PA . -99.94 4.70 -4.61
C6 NAG PA . -100.74 4.83 -3.33
C7 NAG PA . -96.51 2.91 -8.07
C8 NAG PA . -95.86 3.16 -9.39
N2 NAG PA . -96.94 3.98 -7.41
O3 NAG PA . -98.81 1.92 -6.78
O4 NAG PA . -101.15 2.78 -5.35
O5 NAG PA . -98.62 5.21 -4.36
O6 NAG PA . -102.00 4.20 -3.49
O7 NAG PA . -96.65 1.78 -7.62
C1 NAG QA . -34.00 -14.30 -31.55
C2 NAG QA . -34.94 -13.10 -31.52
C3 NAG QA . -35.45 -12.78 -32.92
C4 NAG QA . -34.30 -12.62 -33.89
C5 NAG QA . -33.42 -13.86 -33.85
C6 NAG QA . -32.18 -13.72 -34.71
C7 NAG QA . -37.01 -14.23 -30.87
C8 NAG QA . -38.09 -14.32 -29.84
N2 NAG QA . -36.05 -13.32 -30.63
O3 NAG QA . -36.21 -11.58 -32.87
O4 NAG QA . -34.79 -12.46 -35.22
O5 NAG QA . -32.96 -14.08 -32.51
O6 NAG QA . -32.29 -12.58 -35.56
O7 NAG QA . -36.98 -14.97 -31.84
C1 NAG RA . -82.18 11.45 -22.34
C2 NAG RA . -82.38 12.49 -23.42
C3 NAG RA . -82.36 11.83 -24.80
C4 NAG RA . -81.09 11.01 -24.96
C5 NAG RA . -80.93 10.04 -23.80
C6 NAG RA . -79.58 9.38 -23.83
C7 NAG RA . -83.83 13.97 -22.10
C8 NAG RA . -85.12 14.72 -22.06
N2 NAG RA . -83.59 13.26 -23.22
O3 NAG RA . -82.40 12.86 -25.78
O4 NAG RA . -81.15 10.30 -26.19
O5 NAG RA . -80.97 10.77 -22.56
O6 NAG RA . -78.55 10.33 -23.60
O7 NAG RA . -83.03 13.98 -21.17
C1 NAG SA . -71.01 -16.52 22.28
C2 NAG SA . -72.31 -16.52 23.06
C3 NAG SA . -72.26 -17.56 24.15
C4 NAG SA . -71.91 -18.93 23.58
C5 NAG SA . -70.63 -18.83 22.79
C6 NAG SA . -70.24 -20.13 22.13
C7 NAG SA . -73.69 -14.89 24.22
C8 NAG SA . -73.77 -13.53 24.81
N2 NAG SA . -72.54 -15.22 23.65
O3 NAG SA . -73.54 -17.61 24.76
O4 NAG SA . -71.71 -19.88 24.62
O5 NAG SA . -70.77 -17.83 21.76
O6 NAG SA . -70.20 -21.16 23.12
O7 NAG SA . -74.62 -15.67 24.27
C1 NAG TA . 0.24 -44.78 -13.45
C2 NAG TA . 0.99 -43.49 -13.75
C3 NAG TA . 0.51 -42.90 -15.08
C4 NAG TA . 0.63 -43.94 -16.18
C5 NAG TA . -0.09 -45.21 -15.78
C6 NAG TA . 0.10 -46.33 -16.78
C7 NAG TA . 1.55 -42.57 -11.56
C8 NAG TA . 1.27 -41.49 -10.56
N2 NAG TA . 0.84 -42.52 -12.68
O3 NAG TA . 1.30 -41.77 -15.39
O4 NAG TA . 0.05 -43.43 -17.38
O5 NAG TA . 0.41 -45.70 -14.54
O6 NAG TA . 0.87 -45.87 -17.89
O7 NAG TA . 2.39 -43.44 -11.36
C1 NAG UA . 10.71 -57.03 -7.25
C2 NAG UA . 11.55 -55.76 -7.41
C3 NAG UA . 13.05 -56.10 -7.36
C4 NAG UA . 13.37 -56.91 -6.10
C5 NAG UA . 12.45 -58.13 -6.02
C6 NAG UA . 12.65 -58.94 -4.77
C7 NAG UA . 10.04 -54.63 -9.01
C8 NAG UA . 9.95 -54.00 -10.36
N2 NAG UA . 11.24 -55.10 -8.68
O3 NAG UA . 13.83 -54.92 -7.40
O4 NAG UA . 14.72 -57.34 -6.14
O5 NAG UA . 11.08 -57.71 -6.05
O6 NAG UA . 12.97 -58.12 -3.65
O7 NAG UA . 9.07 -54.71 -8.26
C1 NAG VA . -35.10 -43.72 19.10
C2 NAG VA . -34.28 -42.67 19.84
C3 NAG VA . -33.30 -43.34 20.79
C4 NAG VA . -34.02 -44.30 21.72
C5 NAG VA . -34.86 -45.28 20.90
C6 NAG VA . -35.72 -46.18 21.76
C7 NAG VA . -34.16 -40.97 18.07
C8 NAG VA . -33.26 -40.19 17.16
N2 NAG VA . -33.56 -41.83 18.89
O3 NAG VA . -32.65 -42.33 21.55
O4 NAG VA . -33.08 -45.03 22.49
O5 NAG VA . -35.76 -44.56 20.05
O6 NAG VA . -36.95 -45.56 22.08
O7 NAG VA . -35.38 -40.80 18.06
#